data_4IS4
#
_entry.id   4IS4
#
_cell.length_a   99.335
_cell.length_b   101.672
_cell.length_c   188.084
_cell.angle_alpha   90.00
_cell.angle_beta   103.69
_cell.angle_gamma   90.00
#
_symmetry.space_group_name_H-M   'P 1 21 1'
#
loop_
_entity.id
_entity.type
_entity.pdbx_description
1 polymer 'Glutamine synthetase'
2 water water
#
_entity_poly.entity_id   1
_entity_poly.type   'polypeptide(L)'
_entity_poly.pdbx_seq_one_letter_code
;MGSSHHHHHHSSGLVPRGSHASMSLLSDLINLNLSESSEKIIAEYIWVGGSGMDLRSKARTLPGPVSDPSKLPKWNYDGS
STNQAPGQDSEVILYPQAIFKDPFRQGNNILVICDVYTPAGEPLPTNKRYNAAKIFSHPDVAAEVPWYGIEQEYTLLQKD
TNWPLGWPIGGYPGPQGPYYCGIGADKAYGRDIVDAHYKACLYAGINISGINGEVMPGQWEFQVGPSVGISAGDEIWAAR
YILERITEIAGVVVSFDPKPIPGDWNGAGAHTNYSTKSMRENGGYEIIKKAIEKLGLRHKEHIAAYGEGNERRLTGKHET
ADINTFSWGVANRGASVRVGRDTEKDGKGYFEDRRPSSNMDPYVVTSMIAETTLLWKP
;
_entity_poly.pdbx_strand_id   A,B,C,D,E,F,G,H,I,J
#
# COMPACT_ATOMS: atom_id res chain seq x y z
N MET A 23 -0.31 -20.21 -13.10
CA MET A 23 -0.50 -19.36 -14.27
C MET A 23 0.17 -19.98 -15.49
N SER A 24 1.30 -20.63 -15.27
CA SER A 24 1.93 -21.42 -16.34
C SER A 24 1.15 -22.72 -16.44
N LEU A 25 0.53 -23.13 -15.34
CA LEU A 25 -0.32 -24.30 -15.33
C LEU A 25 -1.55 -24.01 -16.21
N LEU A 26 -2.06 -22.79 -16.10
CA LEU A 26 -3.24 -22.37 -16.86
C LEU A 26 -2.92 -22.20 -18.36
N SER A 27 -1.84 -21.52 -18.67
CA SER A 27 -1.48 -21.30 -20.06
C SER A 27 -1.11 -22.62 -20.78
N ASP A 28 -0.61 -23.61 -20.04
CA ASP A 28 -0.36 -24.92 -20.63
C ASP A 28 -1.66 -25.55 -21.14
N LEU A 29 -2.71 -25.45 -20.34
CA LEU A 29 -4.01 -25.98 -20.72
C LEU A 29 -4.58 -25.21 -21.92
N ILE A 30 -4.47 -23.88 -21.89
CA ILE A 30 -4.94 -23.03 -22.97
C ILE A 30 -4.24 -23.33 -24.31
N ASN A 31 -2.96 -23.70 -24.21
CA ASN A 31 -2.15 -23.93 -25.41
C ASN A 31 -2.03 -25.36 -25.86
N LEU A 32 -2.87 -26.24 -25.32
CA LEU A 32 -2.90 -27.64 -25.73
C LEU A 32 -3.13 -27.77 -27.25
N ASN A 33 -2.33 -28.62 -27.88
CA ASN A 33 -2.53 -28.96 -29.29
C ASN A 33 -3.51 -30.12 -29.43
N LEU A 34 -4.75 -29.79 -29.80
CA LEU A 34 -5.81 -30.78 -29.90
C LEU A 34 -5.60 -31.78 -31.04
N SER A 35 -4.81 -31.42 -32.05
CA SER A 35 -4.54 -32.32 -33.16
C SER A 35 -3.93 -33.63 -32.65
N GLU A 36 -3.29 -33.59 -31.49
CA GLU A 36 -2.66 -34.76 -30.89
C GLU A 36 -3.67 -35.66 -30.17
N SER A 37 -4.87 -35.13 -29.92
CA SER A 37 -5.87 -35.84 -29.13
C SER A 37 -7.11 -36.26 -29.92
N SER A 38 -7.39 -35.55 -31.02
CA SER A 38 -8.54 -35.85 -31.87
C SER A 38 -8.43 -35.16 -33.23
N GLU A 39 -9.50 -35.26 -34.00
CA GLU A 39 -9.60 -34.61 -35.30
C GLU A 39 -10.61 -33.48 -35.24
N LYS A 40 -11.29 -33.36 -34.10
CA LYS A 40 -12.28 -32.30 -33.88
C LYS A 40 -11.58 -30.94 -33.85
N ILE A 41 -12.28 -29.92 -34.32
CA ILE A 41 -11.76 -28.56 -34.24
C ILE A 41 -12.74 -27.68 -33.50
N ILE A 42 -12.28 -26.53 -33.07
CA ILE A 42 -13.14 -25.56 -32.41
C ILE A 42 -13.34 -24.37 -33.33
N ALA A 43 -14.60 -23.95 -33.49
CA ALA A 43 -14.89 -22.82 -34.35
C ALA A 43 -15.53 -21.70 -33.54
N GLU A 44 -14.90 -20.54 -33.55
CA GLU A 44 -15.43 -19.37 -32.83
C GLU A 44 -16.29 -18.57 -33.81
N TYR A 45 -17.60 -18.67 -33.65
CA TYR A 45 -18.55 -17.91 -34.49
C TYR A 45 -18.67 -16.47 -33.97
N ILE A 46 -18.38 -15.50 -34.83
CA ILE A 46 -18.30 -14.08 -34.47
C ILE A 46 -19.36 -13.27 -35.18
N TRP A 47 -20.00 -12.35 -34.47
CA TRP A 47 -20.98 -11.49 -35.11
C TRP A 47 -21.08 -10.08 -34.54
N VAL A 48 -21.69 -9.20 -35.31
CA VAL A 48 -21.92 -7.82 -34.89
C VAL A 48 -23.27 -7.72 -34.17
N GLY A 49 -23.22 -7.21 -32.94
CA GLY A 49 -24.41 -7.12 -32.09
C GLY A 49 -25.26 -5.92 -32.41
N GLY A 50 -26.23 -5.66 -31.53
CA GLY A 50 -27.25 -4.64 -31.74
C GLY A 50 -26.86 -3.17 -31.72
N SER A 51 -25.68 -2.84 -31.23
CA SER A 51 -25.25 -1.44 -31.26
C SER A 51 -24.56 -1.12 -32.57
N GLY A 52 -24.34 -2.14 -33.39
CA GLY A 52 -23.60 -1.95 -34.63
C GLY A 52 -22.08 -1.90 -34.45
N MET A 53 -21.60 -1.92 -33.20
CA MET A 53 -20.15 -1.91 -32.90
C MET A 53 -19.69 -2.99 -31.89
N ASP A 54 -20.64 -3.70 -31.29
CA ASP A 54 -20.28 -4.69 -30.28
C ASP A 54 -20.06 -6.07 -30.91
N LEU A 55 -18.82 -6.51 -30.90
CA LEU A 55 -18.54 -7.84 -31.40
C LEU A 55 -18.94 -8.83 -30.33
N ARG A 56 -19.58 -9.91 -30.76
CA ARG A 56 -19.93 -11.00 -29.88
C ARG A 56 -19.38 -12.29 -30.48
N SER A 57 -19.14 -13.29 -29.65
CA SER A 57 -18.78 -14.60 -30.15
C SER A 57 -18.99 -15.69 -29.13
N LYS A 58 -19.04 -16.91 -29.64
CA LYS A 58 -19.06 -18.12 -28.85
C LYS A 58 -18.53 -19.24 -29.72
N ALA A 59 -18.20 -20.37 -29.12
CA ALA A 59 -17.45 -21.41 -29.82
C ALA A 59 -18.13 -22.79 -29.80
N ARG A 60 -17.96 -23.56 -30.88
CA ARG A 60 -18.48 -24.93 -30.92
C ARG A 60 -17.45 -25.88 -31.51
N THR A 61 -17.64 -27.16 -31.21
CA THR A 61 -16.79 -28.23 -31.69
C THR A 61 -17.33 -28.79 -33.00
N LEU A 62 -16.47 -28.90 -34.00
CA LEU A 62 -16.83 -29.51 -35.29
C LEU A 62 -16.01 -30.78 -35.54
N PRO A 63 -16.56 -31.72 -36.33
CA PRO A 63 -15.98 -33.07 -36.49
C PRO A 63 -14.59 -33.08 -37.10
N GLY A 64 -14.28 -32.12 -37.96
CA GLY A 64 -12.99 -32.09 -38.63
C GLY A 64 -12.68 -30.71 -39.17
N PRO A 65 -11.49 -30.54 -39.75
CA PRO A 65 -11.01 -29.27 -40.32
C PRO A 65 -11.92 -28.74 -41.43
N VAL A 66 -12.07 -27.43 -41.52
CA VAL A 66 -12.91 -26.81 -42.55
C VAL A 66 -12.24 -25.55 -43.11
N SER A 67 -12.28 -25.43 -44.43
CA SER A 67 -11.72 -24.27 -45.14
C SER A 67 -12.76 -23.48 -45.94
N ASP A 68 -13.87 -24.15 -46.24
CA ASP A 68 -14.94 -23.57 -47.04
C ASP A 68 -16.07 -23.11 -46.09
N PRO A 69 -16.30 -21.79 -45.99
CA PRO A 69 -17.35 -21.26 -45.11
C PRO A 69 -18.72 -21.84 -45.41
N SER A 70 -18.98 -22.16 -46.68
CA SER A 70 -20.30 -22.66 -47.05
C SER A 70 -20.52 -24.09 -46.55
N LYS A 71 -19.47 -24.74 -46.06
CA LYS A 71 -19.62 -26.09 -45.54
C LYS A 71 -19.82 -26.10 -44.03
N LEU A 72 -19.71 -24.93 -43.39
CA LEU A 72 -19.97 -24.79 -41.95
C LEU A 72 -21.47 -24.76 -41.71
N PRO A 73 -21.92 -25.39 -40.62
CA PRO A 73 -23.34 -25.39 -40.26
C PRO A 73 -23.76 -24.01 -39.74
N LYS A 74 -25.02 -23.66 -39.96
CA LYS A 74 -25.57 -22.46 -39.34
C LYS A 74 -25.71 -22.68 -37.83
N TRP A 75 -25.82 -21.59 -37.09
CA TRP A 75 -25.96 -21.65 -35.66
C TRP A 75 -27.01 -20.62 -35.26
N ASN A 76 -27.12 -20.35 -33.98
CA ASN A 76 -28.09 -19.38 -33.53
C ASN A 76 -27.71 -18.79 -32.18
N TYR A 77 -28.40 -17.73 -31.78
CA TYR A 77 -28.18 -17.18 -30.45
C TYR A 77 -29.42 -16.43 -29.97
N ASP A 78 -29.36 -15.97 -28.73
CA ASP A 78 -30.48 -15.24 -28.13
C ASP A 78 -30.34 -13.76 -28.46
N GLY A 79 -31.12 -13.29 -29.43
CA GLY A 79 -31.06 -11.89 -29.85
C GLY A 79 -31.57 -10.89 -28.83
N SER A 80 -32.38 -11.34 -27.89
CA SER A 80 -32.88 -10.44 -26.86
C SER A 80 -31.77 -10.11 -25.86
N SER A 81 -30.66 -10.83 -25.97
CA SER A 81 -29.53 -10.60 -25.09
C SER A 81 -28.44 -9.75 -25.72
N THR A 82 -28.59 -9.43 -27.01
CA THR A 82 -27.65 -8.53 -27.67
C THR A 82 -28.36 -7.37 -28.34
N ASN A 83 -29.58 -7.08 -27.88
CA ASN A 83 -30.37 -5.98 -28.41
C ASN A 83 -30.67 -6.14 -29.90
N GLN A 84 -31.02 -7.36 -30.30
CA GLN A 84 -31.26 -7.70 -31.69
C GLN A 84 -32.54 -8.50 -31.95
N ALA A 85 -33.33 -8.74 -30.93
CA ALA A 85 -34.63 -9.35 -31.14
C ALA A 85 -35.56 -8.90 -30.02
N PRO A 86 -36.33 -7.83 -30.27
CA PRO A 86 -37.27 -7.27 -29.31
C PRO A 86 -38.57 -8.05 -29.37
N GLY A 87 -38.73 -8.69 -30.53
CA GLY A 87 -39.97 -9.33 -30.92
C GLY A 87 -40.12 -10.52 -30.03
N GLN A 88 -41.24 -11.21 -30.11
CA GLN A 88 -41.46 -12.31 -29.19
C GLN A 88 -40.56 -13.52 -29.43
N ASP A 89 -40.02 -13.60 -30.62
CA ASP A 89 -39.16 -14.72 -30.95
C ASP A 89 -37.74 -14.20 -30.91
N SER A 90 -37.03 -14.54 -29.85
CA SER A 90 -35.75 -13.93 -29.61
C SER A 90 -34.63 -14.64 -30.37
N GLU A 91 -34.94 -15.77 -30.99
CA GLU A 91 -33.91 -16.50 -31.72
C GLU A 91 -33.44 -15.74 -32.96
N VAL A 92 -32.12 -15.66 -33.10
CA VAL A 92 -31.48 -15.07 -34.26
C VAL A 92 -30.52 -16.13 -34.86
N ILE A 93 -30.46 -16.21 -36.18
CA ILE A 93 -29.66 -17.23 -36.88
C ILE A 93 -28.30 -16.69 -37.31
N LEU A 94 -27.25 -17.51 -37.18
CA LEU A 94 -25.91 -17.12 -37.64
C LEU A 94 -25.53 -17.78 -38.95
N TYR A 95 -25.20 -16.97 -39.96
CA TYR A 95 -24.68 -17.49 -41.24
C TYR A 95 -23.16 -17.31 -41.32
N PRO A 96 -22.40 -18.40 -41.32
CA PRO A 96 -20.95 -18.38 -41.57
C PRO A 96 -20.65 -17.76 -42.94
N GLN A 97 -19.67 -16.86 -43.03
CA GLN A 97 -19.36 -16.20 -44.28
C GLN A 97 -17.87 -16.20 -44.64
N ALA A 98 -17.02 -16.18 -43.61
CA ALA A 98 -15.58 -16.08 -43.80
C ALA A 98 -14.83 -16.82 -42.72
N ILE A 99 -13.76 -17.54 -43.12
CA ILE A 99 -12.95 -18.33 -42.18
C ILE A 99 -11.54 -17.74 -42.04
N PHE A 100 -11.06 -17.68 -40.81
CA PHE A 100 -9.69 -17.28 -40.58
C PHE A 100 -9.11 -18.27 -39.57
N LYS A 101 -7.79 -18.42 -39.53
CA LYS A 101 -7.18 -19.27 -38.50
C LYS A 101 -7.26 -18.58 -37.14
N ASP A 102 -7.56 -19.35 -36.08
CA ASP A 102 -7.69 -18.76 -34.73
C ASP A 102 -6.31 -18.67 -34.09
N PRO A 103 -5.81 -17.43 -33.90
CA PRO A 103 -4.45 -17.21 -33.34
C PRO A 103 -4.39 -17.47 -31.84
N PHE A 104 -5.55 -17.58 -31.19
CA PHE A 104 -5.60 -17.86 -29.77
C PHE A 104 -5.63 -19.35 -29.50
N ARG A 105 -6.52 -20.08 -30.18
CA ARG A 105 -6.58 -21.54 -29.98
C ARG A 105 -5.55 -22.28 -30.84
N GLN A 106 -5.11 -21.64 -31.94
CA GLN A 106 -4.08 -22.21 -32.81
C GLN A 106 -4.51 -23.53 -33.47
N GLY A 107 -3.52 -24.25 -34.02
CA GLY A 107 -3.77 -25.51 -34.69
C GLY A 107 -4.74 -25.34 -35.82
N ASN A 108 -5.68 -26.28 -35.94
CA ASN A 108 -6.71 -26.24 -36.96
C ASN A 108 -7.97 -25.54 -36.48
N ASN A 109 -7.89 -24.86 -35.33
CA ASN A 109 -9.05 -24.13 -34.83
C ASN A 109 -9.21 -22.84 -35.62
N ILE A 110 -10.45 -22.38 -35.77
CA ILE A 110 -10.74 -21.30 -36.70
C ILE A 110 -11.63 -20.19 -36.11
N LEU A 111 -11.54 -19.01 -36.71
CA LEU A 111 -12.49 -17.93 -36.51
C LEU A 111 -13.46 -17.93 -37.67
N VAL A 112 -14.73 -17.69 -37.36
CA VAL A 112 -15.76 -17.68 -38.37
C VAL A 112 -16.54 -16.37 -38.31
N ILE A 113 -16.35 -15.50 -39.30
CA ILE A 113 -17.14 -14.28 -39.39
C ILE A 113 -18.53 -14.63 -39.93
N CYS A 114 -19.57 -14.27 -39.18
CA CYS A 114 -20.95 -14.52 -39.59
C CYS A 114 -21.73 -13.22 -39.78
N ASP A 115 -22.84 -13.29 -40.53
CA ASP A 115 -23.86 -12.23 -40.48
C ASP A 115 -25.17 -12.86 -39.99
N VAL A 116 -26.18 -12.05 -39.68
CA VAL A 116 -27.29 -12.51 -38.83
C VAL A 116 -28.68 -12.28 -39.41
N TYR A 117 -29.57 -13.24 -39.18
CA TYR A 117 -30.86 -13.28 -39.86
C TYR A 117 -31.98 -13.70 -38.91
N THR A 118 -33.22 -13.37 -39.27
CA THR A 118 -34.36 -13.95 -38.56
C THR A 118 -34.47 -15.42 -38.95
N PRO A 119 -35.17 -16.21 -38.12
CA PRO A 119 -35.45 -17.61 -38.45
C PRO A 119 -36.12 -17.78 -39.81
N ALA A 120 -36.86 -16.75 -40.23
CA ALA A 120 -37.56 -16.78 -41.51
C ALA A 120 -36.61 -16.58 -42.71
N GLY A 121 -35.45 -15.99 -42.46
CA GLY A 121 -34.44 -15.83 -43.49
C GLY A 121 -34.13 -14.40 -43.91
N GLU A 122 -34.67 -13.42 -43.20
CA GLU A 122 -34.41 -12.02 -43.53
C GLU A 122 -33.24 -11.46 -42.72
N PRO A 123 -32.35 -10.69 -43.37
CA PRO A 123 -31.25 -10.07 -42.62
C PRO A 123 -31.79 -9.11 -41.57
N LEU A 124 -31.16 -9.07 -40.40
CA LEU A 124 -31.53 -8.11 -39.36
C LEU A 124 -31.16 -6.71 -39.84
N PRO A 125 -31.82 -5.69 -39.29
CA PRO A 125 -31.49 -4.28 -39.56
C PRO A 125 -30.01 -4.01 -39.28
N THR A 126 -29.43 -4.69 -38.30
CA THR A 126 -28.03 -4.48 -37.97
C THR A 126 -27.04 -5.34 -38.80
N ASN A 127 -27.58 -6.17 -39.68
CA ASN A 127 -26.75 -6.92 -40.62
C ASN A 127 -26.49 -6.02 -41.82
N LYS A 128 -25.27 -5.51 -41.92
CA LYS A 128 -24.92 -4.65 -43.04
C LYS A 128 -24.22 -5.44 -44.14
N ARG A 129 -23.81 -6.66 -43.84
CA ARG A 129 -23.10 -7.44 -44.84
C ARG A 129 -24.00 -7.77 -46.02
N TYR A 130 -25.26 -8.05 -45.73
CA TYR A 130 -26.18 -8.54 -46.74
C TYR A 130 -26.25 -7.60 -47.96
N ASN A 131 -26.56 -6.33 -47.75
CA ASN A 131 -26.64 -5.44 -48.89
C ASN A 131 -25.29 -5.25 -49.55
N ALA A 132 -24.23 -5.20 -48.75
CA ALA A 132 -22.90 -5.09 -49.29
C ALA A 132 -22.58 -6.26 -50.23
N ALA A 133 -22.94 -7.48 -49.83
CA ALA A 133 -22.68 -8.67 -50.62
C ALA A 133 -23.46 -8.64 -51.92
N LYS A 134 -24.69 -8.14 -51.84
CA LYS A 134 -25.54 -8.04 -53.00
C LYS A 134 -24.86 -7.10 -54.01
N ILE A 135 -24.30 -6.01 -53.52
CA ILE A 135 -23.56 -5.06 -54.36
C ILE A 135 -22.29 -5.69 -54.97
N PHE A 136 -21.48 -6.36 -54.15
CA PHE A 136 -20.24 -6.97 -54.67
C PHE A 136 -20.45 -8.19 -55.58
N SER A 137 -21.64 -8.80 -55.53
CA SER A 137 -21.97 -9.91 -56.41
C SER A 137 -22.50 -9.47 -57.79
N HIS A 138 -22.91 -8.21 -57.88
CA HIS A 138 -23.35 -7.64 -59.14
C HIS A 138 -22.22 -7.78 -60.16
N PRO A 139 -22.55 -8.24 -61.37
CA PRO A 139 -21.55 -8.45 -62.42
C PRO A 139 -20.74 -7.21 -62.76
N ASP A 140 -21.34 -6.03 -62.66
CA ASP A 140 -20.62 -4.82 -63.01
C ASP A 140 -19.58 -4.43 -61.94
N VAL A 141 -19.83 -4.83 -60.70
CA VAL A 141 -18.89 -4.55 -59.63
C VAL A 141 -17.79 -5.60 -59.64
N ALA A 142 -18.21 -6.86 -59.71
CA ALA A 142 -17.29 -7.98 -59.74
C ALA A 142 -16.32 -7.94 -60.93
N ALA A 143 -16.81 -7.52 -62.10
CA ALA A 143 -15.95 -7.45 -63.28
C ALA A 143 -14.85 -6.43 -63.06
N GLU A 144 -15.13 -5.49 -62.16
CA GLU A 144 -14.25 -4.36 -61.91
C GLU A 144 -13.18 -4.61 -60.83
N VAL A 145 -13.27 -5.74 -60.12
CA VAL A 145 -12.32 -6.12 -59.05
C VAL A 145 -11.95 -4.99 -58.06
N PRO A 146 -12.93 -4.50 -57.32
CA PRO A 146 -12.65 -3.40 -56.39
C PRO A 146 -11.72 -3.82 -55.25
N TRP A 147 -10.64 -3.08 -55.04
CA TRP A 147 -9.75 -3.32 -53.91
C TRP A 147 -9.95 -2.23 -52.88
N TYR A 148 -9.87 -2.59 -51.60
CA TYR A 148 -10.05 -1.64 -50.51
C TYR A 148 -8.89 -1.69 -49.56
N GLY A 149 -8.51 -0.51 -49.07
CA GLY A 149 -7.53 -0.37 -48.02
C GLY A 149 -8.14 0.45 -46.88
N ILE A 150 -8.23 -0.13 -45.69
CA ILE A 150 -8.86 0.54 -44.56
C ILE A 150 -7.84 0.85 -43.46
N GLU A 151 -7.88 2.08 -42.95
CA GLU A 151 -7.00 2.45 -41.85
C GLU A 151 -7.80 2.53 -40.55
N GLN A 152 -7.48 1.67 -39.59
CA GLN A 152 -8.24 1.61 -38.35
C GLN A 152 -7.45 2.23 -37.19
N GLU A 153 -7.88 3.41 -36.79
CA GLU A 153 -7.30 4.06 -35.63
C GLU A 153 -8.04 3.52 -34.42
N TYR A 154 -7.36 3.48 -33.27
CA TYR A 154 -8.00 3.07 -32.02
C TYR A 154 -7.22 3.62 -30.82
N THR A 155 -7.84 3.58 -29.65
CA THR A 155 -7.18 4.06 -28.43
C THR A 155 -7.21 3.03 -27.33
N LEU A 156 -6.05 2.83 -26.68
CA LEU A 156 -5.96 1.87 -25.57
C LEU A 156 -6.19 2.64 -24.28
N LEU A 157 -7.16 2.20 -23.48
CA LEU A 157 -7.53 2.94 -22.27
C LEU A 157 -7.24 2.12 -21.03
N GLN A 158 -6.71 2.77 -20.00
CA GLN A 158 -6.55 2.18 -18.68
C GLN A 158 -7.91 1.70 -18.18
N LYS A 159 -8.02 0.44 -17.76
CA LYS A 159 -9.33 -0.10 -17.39
C LYS A 159 -10.03 0.65 -16.27
N ASP A 160 -9.28 1.06 -15.26
CA ASP A 160 -9.90 1.70 -14.09
C ASP A 160 -10.25 3.19 -14.27
N THR A 161 -9.41 3.93 -14.98
CA THR A 161 -9.57 5.38 -15.06
C THR A 161 -10.29 5.82 -16.34
N ASN A 162 -10.29 4.95 -17.33
CA ASN A 162 -10.83 5.22 -18.66
C ASN A 162 -10.08 6.33 -19.40
N TRP A 163 -8.86 6.62 -18.97
CA TRP A 163 -8.00 7.54 -19.71
C TRP A 163 -6.98 6.70 -20.50
N PRO A 164 -6.41 7.25 -21.57
CA PRO A 164 -5.49 6.45 -22.38
C PRO A 164 -4.27 5.98 -21.60
N LEU A 165 -3.74 4.83 -22.00
CA LEU A 165 -2.44 4.40 -21.52
C LEU A 165 -1.44 5.54 -21.77
N GLY A 166 -0.64 5.85 -20.77
CA GLY A 166 0.37 6.89 -20.87
C GLY A 166 -0.11 8.34 -20.85
N TRP A 167 -1.38 8.55 -20.57
CA TRP A 167 -1.89 9.91 -20.45
C TRP A 167 -1.10 10.72 -19.42
N PRO A 168 -0.55 11.88 -19.83
CA PRO A 168 0.32 12.65 -18.92
C PRO A 168 -0.41 13.38 -17.78
N ILE A 169 0.25 13.38 -16.61
CA ILE A 169 -0.28 13.96 -15.38
C ILE A 169 -0.95 15.33 -15.53
N GLY A 170 -0.47 16.13 -16.47
CA GLY A 170 -1.00 17.47 -16.61
C GLY A 170 -2.07 17.60 -17.68
N GLY A 171 -2.32 16.52 -18.40
CA GLY A 171 -3.43 16.44 -19.35
C GLY A 171 -3.10 16.65 -20.82
N TYR A 172 -4.12 16.99 -21.60
CA TYR A 172 -4.06 17.06 -23.06
C TYR A 172 -2.81 17.76 -23.60
N PRO A 173 -1.93 17.00 -24.28
CA PRO A 173 -0.61 17.48 -24.70
C PRO A 173 -0.55 18.32 -25.99
N GLY A 174 -1.53 18.18 -26.89
CA GLY A 174 -1.51 18.90 -28.16
C GLY A 174 -1.21 17.98 -29.33
N PRO A 175 -1.34 18.46 -30.57
CA PRO A 175 -1.17 17.68 -31.81
C PRO A 175 0.29 17.46 -32.30
N GLN A 176 1.26 18.15 -31.72
CA GLN A 176 2.65 18.03 -32.13
C GLN A 176 3.39 17.49 -30.92
N GLY A 177 3.79 16.22 -30.96
CA GLY A 177 4.35 15.59 -29.79
C GLY A 177 5.23 14.39 -30.05
N PRO A 178 5.63 13.73 -28.95
CA PRO A 178 6.60 12.63 -29.06
C PRO A 178 6.00 11.25 -29.27
N TYR A 179 4.68 11.14 -29.25
CA TYR A 179 4.02 9.84 -29.30
C TYR A 179 3.91 9.23 -30.71
N TYR A 180 3.68 10.10 -31.71
CA TYR A 180 3.53 9.67 -33.09
C TYR A 180 4.75 8.89 -33.57
N CYS A 181 4.54 7.62 -33.89
CA CYS A 181 5.60 6.73 -34.33
C CYS A 181 6.78 6.74 -33.37
N GLY A 182 6.50 6.95 -32.07
CA GLY A 182 7.54 7.15 -31.07
C GLY A 182 8.13 5.84 -30.56
N ILE A 183 9.28 5.94 -29.90
CA ILE A 183 9.85 4.78 -29.24
C ILE A 183 10.26 5.16 -27.81
N GLY A 184 10.26 4.19 -26.90
CA GLY A 184 10.66 4.47 -25.54
C GLY A 184 9.54 4.37 -24.50
N ALA A 185 9.95 4.04 -23.28
CA ALA A 185 9.00 3.85 -22.19
C ALA A 185 8.10 5.07 -21.97
N ASP A 186 8.61 6.27 -22.26
CA ASP A 186 7.86 7.53 -22.04
C ASP A 186 7.07 8.03 -23.27
N LYS A 187 7.04 7.25 -24.35
CA LYS A 187 6.41 7.72 -25.58
C LYS A 187 5.44 6.71 -26.19
N ALA A 188 5.88 5.45 -26.27
CA ALA A 188 5.08 4.40 -26.86
C ALA A 188 4.41 3.58 -25.80
N TYR A 189 3.08 3.67 -25.76
CA TYR A 189 2.31 2.94 -24.78
C TYR A 189 1.42 1.86 -25.39
N GLY A 190 1.68 0.61 -25.02
CA GLY A 190 0.87 -0.51 -25.46
C GLY A 190 1.37 -1.28 -26.68
N ARG A 191 2.63 -1.10 -27.04
CA ARG A 191 3.21 -1.79 -28.20
C ARG A 191 3.12 -3.34 -28.14
N ASP A 192 3.14 -3.91 -26.93
CA ASP A 192 2.98 -5.36 -26.79
C ASP A 192 1.68 -5.83 -27.41
N ILE A 193 0.61 -5.09 -27.13
CA ILE A 193 -0.70 -5.35 -27.68
C ILE A 193 -0.67 -5.21 -29.22
N VAL A 194 -0.06 -4.12 -29.68
CA VAL A 194 0.03 -3.77 -31.09
C VAL A 194 0.83 -4.81 -31.91
N ASP A 195 2.01 -5.15 -31.42
CA ASP A 195 2.83 -6.15 -32.10
C ASP A 195 2.19 -7.54 -32.05
N ALA A 196 1.54 -7.88 -30.93
CA ALA A 196 0.82 -9.15 -30.83
C ALA A 196 -0.30 -9.23 -31.86
N HIS A 197 -1.00 -8.11 -32.03
CA HIS A 197 -2.11 -8.01 -32.95
C HIS A 197 -1.66 -8.14 -34.41
N TYR A 198 -0.55 -7.49 -34.73
CA TYR A 198 0.01 -7.54 -36.08
C TYR A 198 0.32 -9.00 -36.46
N LYS A 199 1.08 -9.72 -35.64
CA LYS A 199 1.40 -11.12 -35.93
C LYS A 199 0.16 -12.03 -35.89
N ALA A 200 -0.74 -11.77 -34.93
CA ALA A 200 -1.96 -12.58 -34.84
C ALA A 200 -2.82 -12.47 -36.09
N CYS A 201 -2.96 -11.25 -36.59
CA CYS A 201 -3.71 -11.01 -37.82
C CYS A 201 -3.06 -11.68 -39.05
N LEU A 202 -1.73 -11.58 -39.15
CA LEU A 202 -1.03 -12.24 -40.26
C LEU A 202 -1.26 -13.74 -40.21
N TYR A 203 -1.06 -14.30 -39.02
CA TYR A 203 -1.30 -15.71 -38.78
C TYR A 203 -2.73 -16.09 -39.13
N ALA A 204 -3.69 -15.21 -38.80
CA ALA A 204 -5.10 -15.53 -39.02
C ALA A 204 -5.44 -15.57 -40.52
N GLY A 205 -4.66 -14.89 -41.35
CA GLY A 205 -4.90 -14.83 -42.79
C GLY A 205 -5.51 -13.49 -43.20
N ILE A 206 -5.44 -12.50 -42.32
CA ILE A 206 -5.94 -11.17 -42.63
C ILE A 206 -4.84 -10.40 -43.35
N ASN A 207 -5.22 -9.64 -44.37
CA ASN A 207 -4.27 -8.83 -45.12
C ASN A 207 -3.88 -7.52 -44.46
N ILE A 208 -3.32 -7.61 -43.26
CA ILE A 208 -2.84 -6.46 -42.53
C ILE A 208 -1.54 -5.97 -43.15
N SER A 209 -1.49 -4.69 -43.48
CA SER A 209 -0.39 -4.18 -44.30
C SER A 209 0.57 -3.29 -43.52
N GLY A 210 0.20 -2.93 -42.30
CA GLY A 210 1.07 -2.13 -41.46
C GLY A 210 0.46 -1.59 -40.18
N ILE A 211 1.30 -0.97 -39.35
CA ILE A 211 0.86 -0.37 -38.09
C ILE A 211 1.68 0.87 -37.82
N ASN A 212 1.16 1.75 -36.99
CA ASN A 212 1.91 2.90 -36.49
C ASN A 212 1.33 3.48 -35.19
N GLY A 213 2.21 4.01 -34.35
CA GLY A 213 1.77 4.78 -33.20
C GLY A 213 1.16 6.11 -33.62
N GLU A 214 0.06 6.51 -32.99
CA GLU A 214 -0.58 7.78 -33.37
C GLU A 214 -0.21 8.94 -32.42
N VAL A 215 -0.82 10.09 -32.71
CA VAL A 215 -0.48 11.36 -32.10
C VAL A 215 -0.70 11.45 -30.56
N MET A 216 -1.76 10.82 -30.09
CA MET A 216 -2.10 10.80 -28.67
C MET A 216 -1.43 9.61 -27.96
N PRO A 217 -1.11 9.75 -26.66
CA PRO A 217 -0.55 8.59 -25.97
C PRO A 217 -1.53 7.42 -25.99
N GLY A 218 -1.03 6.20 -26.21
CA GLY A 218 -1.91 5.04 -26.24
C GLY A 218 -2.78 4.94 -27.47
N GLN A 219 -2.54 5.80 -28.46
CA GLN A 219 -3.34 5.80 -29.69
C GLN A 219 -2.53 5.18 -30.81
N TRP A 220 -3.16 4.27 -31.55
CA TRP A 220 -2.45 3.53 -32.58
C TRP A 220 -3.32 3.35 -33.80
N GLU A 221 -2.72 2.80 -34.84
CA GLU A 221 -3.43 2.48 -36.07
C GLU A 221 -2.91 1.18 -36.71
N PHE A 222 -3.82 0.43 -37.34
CA PHE A 222 -3.43 -0.61 -38.26
C PHE A 222 -4.14 -0.43 -39.61
N GLN A 223 -3.50 -0.91 -40.68
CA GLN A 223 -4.08 -0.88 -42.03
C GLN A 223 -4.33 -2.30 -42.52
N VAL A 224 -5.44 -2.50 -43.21
CA VAL A 224 -5.78 -3.77 -43.82
C VAL A 224 -5.98 -3.51 -45.30
N GLY A 225 -5.42 -4.38 -46.15
CA GLY A 225 -5.60 -4.22 -47.57
C GLY A 225 -4.32 -4.37 -48.36
N PRO A 226 -4.43 -4.39 -49.71
CA PRO A 226 -5.70 -4.33 -50.44
C PRO A 226 -6.44 -5.65 -50.33
N SER A 227 -7.74 -5.57 -50.17
CA SER A 227 -8.56 -6.75 -50.05
C SER A 227 -9.70 -6.56 -51.04
N VAL A 228 -10.08 -7.61 -51.76
CA VAL A 228 -11.09 -7.48 -52.81
C VAL A 228 -12.52 -7.53 -52.28
N GLY A 229 -13.30 -6.51 -52.62
CA GLY A 229 -14.74 -6.52 -52.37
C GLY A 229 -15.21 -6.82 -50.95
N ILE A 230 -16.08 -7.83 -50.82
CA ILE A 230 -16.73 -8.12 -49.55
C ILE A 230 -15.77 -8.61 -48.46
N SER A 231 -14.64 -9.16 -48.87
CA SER A 231 -13.69 -9.69 -47.90
C SER A 231 -13.00 -8.57 -47.12
N ALA A 232 -13.00 -7.35 -47.66
CA ALA A 232 -12.44 -6.20 -46.94
C ALA A 232 -13.17 -6.01 -45.62
N GLY A 233 -14.49 -6.02 -45.67
CA GLY A 233 -15.26 -5.90 -44.44
C GLY A 233 -15.09 -7.13 -43.56
N ASP A 234 -15.11 -8.34 -44.15
CA ASP A 234 -14.89 -9.54 -43.35
C ASP A 234 -13.54 -9.44 -42.61
N GLU A 235 -12.51 -8.96 -43.31
CA GLU A 235 -11.18 -8.87 -42.70
C GLU A 235 -11.11 -7.80 -41.62
N ILE A 236 -11.76 -6.68 -41.88
CA ILE A 236 -11.72 -5.57 -40.93
C ILE A 236 -12.38 -5.96 -39.62
N TRP A 237 -13.56 -6.56 -39.73
CA TRP A 237 -14.22 -7.05 -38.54
C TRP A 237 -13.40 -8.14 -37.83
N ALA A 238 -12.76 -9.04 -38.59
CA ALA A 238 -11.93 -10.06 -37.94
C ALA A 238 -10.76 -9.40 -37.22
N ALA A 239 -10.17 -8.38 -37.84
CA ALA A 239 -9.06 -7.66 -37.22
C ALA A 239 -9.47 -6.94 -35.95
N ARG A 240 -10.66 -6.36 -35.95
CA ARG A 240 -11.23 -5.71 -34.75
C ARG A 240 -11.45 -6.74 -33.65
N TYR A 241 -11.97 -7.92 -34.02
CA TYR A 241 -12.20 -9.00 -33.05
C TYR A 241 -10.89 -9.39 -32.39
N ILE A 242 -9.88 -9.66 -33.20
CA ILE A 242 -8.60 -10.08 -32.68
C ILE A 242 -8.00 -9.01 -31.74
N LEU A 243 -8.12 -7.74 -32.09
CA LEU A 243 -7.57 -6.67 -31.26
C LEU A 243 -8.18 -6.66 -29.86
N GLU A 244 -9.51 -6.75 -29.81
CA GLU A 244 -10.19 -6.64 -28.54
C GLU A 244 -10.00 -7.92 -27.70
N ARG A 245 -9.80 -9.05 -28.37
CA ARG A 245 -9.45 -10.26 -27.67
C ARG A 245 -8.04 -10.10 -27.07
N ILE A 246 -7.18 -9.38 -27.76
CA ILE A 246 -5.83 -9.16 -27.22
C ILE A 246 -5.80 -8.13 -26.08
N THR A 247 -6.57 -7.05 -26.21
CA THR A 247 -6.67 -6.08 -25.11
C THR A 247 -7.29 -6.72 -23.86
N GLU A 248 -8.21 -7.65 -24.06
CA GLU A 248 -8.79 -8.42 -22.96
C GLU A 248 -7.71 -9.20 -22.21
N ILE A 249 -6.84 -9.87 -22.96
CA ILE A 249 -5.73 -10.59 -22.35
C ILE A 249 -4.87 -9.63 -21.54
N ALA A 250 -4.61 -8.44 -22.11
CA ALA A 250 -3.72 -7.49 -21.47
C ALA A 250 -4.38 -6.70 -20.33
N GLY A 251 -5.68 -6.85 -20.11
CA GLY A 251 -6.36 -6.10 -19.06
C GLY A 251 -6.53 -4.62 -19.38
N VAL A 252 -6.66 -4.32 -20.66
CA VAL A 252 -6.74 -2.97 -21.17
C VAL A 252 -8.06 -2.83 -21.95
N VAL A 253 -8.66 -1.65 -21.95
CA VAL A 253 -9.89 -1.41 -22.71
C VAL A 253 -9.53 -0.80 -24.07
N VAL A 254 -10.25 -1.18 -25.12
CA VAL A 254 -10.01 -0.60 -26.44
C VAL A 254 -11.19 0.22 -26.91
N SER A 255 -10.93 1.38 -27.50
CA SER A 255 -12.00 2.17 -28.08
C SER A 255 -11.72 2.48 -29.54
N PHE A 256 -12.74 2.29 -30.37
CA PHE A 256 -12.71 2.68 -31.78
C PHE A 256 -13.52 3.96 -31.98
N ASP A 257 -13.92 4.57 -30.88
CA ASP A 257 -14.71 5.80 -30.92
C ASP A 257 -13.84 6.99 -31.35
N PRO A 258 -14.37 7.85 -32.25
CA PRO A 258 -13.67 9.07 -32.71
C PRO A 258 -13.23 10.00 -31.56
N LYS A 259 -13.95 9.98 -30.45
CA LYS A 259 -13.60 10.76 -29.27
C LYS A 259 -13.68 9.89 -28.03
N PRO A 260 -12.61 9.16 -27.73
CA PRO A 260 -12.78 8.20 -26.65
C PRO A 260 -12.66 8.88 -25.27
N ILE A 261 -12.30 10.17 -25.25
CA ILE A 261 -12.28 10.95 -24.00
C ILE A 261 -12.83 12.36 -24.26
N PRO A 262 -13.26 13.05 -23.19
CA PRO A 262 -13.70 14.45 -23.35
C PRO A 262 -12.54 15.38 -23.68
N GLY A 263 -12.86 16.63 -24.00
CA GLY A 263 -11.84 17.63 -24.23
C GLY A 263 -11.29 17.58 -25.64
N ASP A 264 -10.22 18.32 -25.87
CA ASP A 264 -9.56 18.27 -27.16
C ASP A 264 -8.94 16.87 -27.34
N TRP A 265 -8.84 16.47 -28.59
CA TRP A 265 -8.39 15.14 -28.94
C TRP A 265 -8.08 15.15 -30.42
N ASN A 266 -7.01 14.47 -30.79
CA ASN A 266 -6.69 14.27 -32.19
C ASN A 266 -6.94 12.83 -32.58
N GLY A 267 -8.04 12.63 -33.27
CA GLY A 267 -8.32 11.35 -33.86
C GLY A 267 -8.43 11.54 -35.36
N ALA A 268 -8.19 10.47 -36.10
CA ALA A 268 -8.39 10.51 -37.53
C ALA A 268 -9.79 10.00 -37.78
N GLY A 269 -9.87 8.70 -38.09
CA GLY A 269 -11.12 8.06 -38.38
C GLY A 269 -10.81 6.67 -38.88
N ALA A 270 -11.47 6.33 -39.99
CA ALA A 270 -11.16 5.11 -40.70
C ALA A 270 -11.14 5.39 -42.20
N HIS A 271 -9.99 5.86 -42.68
CA HIS A 271 -9.86 6.28 -44.06
C HIS A 271 -9.82 5.06 -44.96
N THR A 272 -10.47 5.18 -46.12
CA THR A 272 -10.61 4.02 -46.99
C THR A 272 -10.09 4.26 -48.38
N ASN A 273 -9.12 3.44 -48.76
CA ASN A 273 -8.53 3.45 -50.08
C ASN A 273 -9.31 2.56 -50.98
N TYR A 274 -9.46 2.97 -52.23
CA TYR A 274 -10.32 2.29 -53.20
C TYR A 274 -9.72 2.35 -54.61
N SER A 275 -9.74 1.23 -55.31
CA SER A 275 -9.34 1.20 -56.71
C SER A 275 -10.03 0.05 -57.44
N THR A 276 -10.29 0.27 -58.73
CA THR A 276 -10.83 -0.78 -59.59
C THR A 276 -9.67 -1.24 -60.46
N LYS A 277 -9.84 -2.39 -61.11
CA LYS A 277 -8.83 -2.89 -62.03
C LYS A 277 -8.44 -1.83 -63.06
N SER A 278 -9.43 -1.13 -63.61
CA SER A 278 -9.18 -0.08 -64.59
C SER A 278 -8.37 1.10 -64.04
N MET A 279 -8.66 1.52 -62.80
CA MET A 279 -7.95 2.64 -62.18
C MET A 279 -6.48 2.30 -61.96
N ARG A 280 -6.21 1.02 -61.71
CA ARG A 280 -4.85 0.57 -61.43
C ARG A 280 -4.02 0.41 -62.68
N GLU A 281 -4.67 0.44 -63.84
CA GLU A 281 -3.89 0.26 -65.05
C GLU A 281 -3.66 1.61 -65.73
N ASN A 282 -3.20 1.61 -66.97
CA ASN A 282 -2.89 2.87 -67.64
C ASN A 282 -4.16 3.53 -68.15
N GLY A 283 -4.29 4.84 -67.96
CA GLY A 283 -5.51 5.54 -68.29
C GLY A 283 -6.30 5.76 -67.01
N GLY A 284 -6.00 4.93 -66.02
CA GLY A 284 -6.65 4.99 -64.72
C GLY A 284 -6.97 6.31 -64.06
N TYR A 285 -6.10 7.32 -64.18
CA TYR A 285 -6.39 8.60 -63.53
C TYR A 285 -7.67 9.26 -64.00
N GLU A 286 -8.00 9.12 -65.28
CA GLU A 286 -9.21 9.74 -65.84
C GLU A 286 -10.44 9.05 -65.23
N ILE A 287 -10.33 7.74 -65.05
CA ILE A 287 -11.36 6.92 -64.40
C ILE A 287 -11.55 7.32 -62.94
N ILE A 288 -10.46 7.63 -62.27
CA ILE A 288 -10.51 8.07 -60.88
C ILE A 288 -11.27 9.37 -60.72
N LYS A 289 -10.99 10.33 -61.58
CA LYS A 289 -11.65 11.63 -61.53
C LYS A 289 -13.17 11.51 -61.71
N LYS A 290 -13.58 10.67 -62.65
CA LYS A 290 -15.00 10.46 -62.89
C LYS A 290 -15.68 9.82 -61.66
N ALA A 291 -15.02 8.86 -61.04
CA ALA A 291 -15.54 8.26 -59.81
C ALA A 291 -15.68 9.31 -58.69
N ILE A 292 -14.67 10.15 -58.54
CA ILE A 292 -14.69 11.22 -57.55
C ILE A 292 -15.86 12.19 -57.80
N GLU A 293 -16.10 12.50 -59.08
CA GLU A 293 -17.23 13.33 -59.43
C GLU A 293 -18.52 12.69 -58.94
N LYS A 294 -18.67 11.39 -59.20
CA LYS A 294 -19.86 10.66 -58.80
C LYS A 294 -20.05 10.65 -57.29
N LEU A 295 -18.94 10.48 -56.57
CA LEU A 295 -18.96 10.51 -55.11
C LEU A 295 -19.47 11.84 -54.60
N GLY A 296 -19.03 12.93 -55.24
CA GLY A 296 -19.41 14.26 -54.83
C GLY A 296 -20.91 14.51 -54.96
N LEU A 297 -21.51 14.00 -56.04
CA LEU A 297 -22.95 14.17 -56.28
C LEU A 297 -23.78 13.49 -55.18
N ARG A 298 -23.17 12.52 -54.48
CA ARG A 298 -23.85 11.73 -53.45
C ARG A 298 -23.53 12.18 -52.02
N HIS A 299 -22.29 12.65 -51.80
CA HIS A 299 -21.79 13.12 -50.50
C HIS A 299 -22.71 13.09 -49.26
N LYS A 300 -23.89 13.71 -49.35
CA LYS A 300 -24.83 13.69 -48.24
C LYS A 300 -25.31 12.29 -47.90
N GLU A 301 -25.70 11.52 -48.92
CA GLU A 301 -26.09 10.13 -48.67
C GLU A 301 -24.97 9.31 -47.98
N HIS A 302 -23.74 9.51 -48.43
CA HIS A 302 -22.59 8.84 -47.82
C HIS A 302 -22.28 9.33 -46.41
N ILE A 303 -22.32 10.64 -46.19
CA ILE A 303 -22.06 11.17 -44.86
C ILE A 303 -23.09 10.65 -43.85
N ALA A 304 -24.35 10.67 -44.24
CA ALA A 304 -25.43 10.19 -43.39
C ALA A 304 -25.27 8.72 -43.01
N ALA A 305 -24.70 7.94 -43.92
CA ALA A 305 -24.51 6.52 -43.68
C ALA A 305 -23.28 6.21 -42.82
N TYR A 306 -22.15 6.84 -43.16
CA TYR A 306 -20.86 6.47 -42.57
C TYR A 306 -20.80 6.58 -41.05
N ASN A 324 -19.21 17.37 -44.71
CA ASN A 324 -20.07 18.56 -44.68
C ASN A 324 -20.25 19.18 -46.06
N THR A 325 -19.18 19.77 -46.57
CA THR A 325 -19.12 20.19 -47.97
C THR A 325 -18.13 19.26 -48.69
N PHE A 326 -18.53 18.71 -49.83
CA PHE A 326 -17.62 17.82 -50.56
C PHE A 326 -16.45 18.56 -51.21
N SER A 327 -15.25 18.04 -51.00
CA SER A 327 -14.07 18.55 -51.67
C SER A 327 -13.05 17.43 -51.86
N TRP A 328 -12.08 17.65 -52.74
CA TRP A 328 -11.05 16.70 -52.99
C TRP A 328 -9.81 17.40 -53.50
N GLY A 329 -8.67 16.74 -53.40
CA GLY A 329 -7.41 17.29 -53.85
C GLY A 329 -6.37 16.21 -53.63
N VAL A 330 -5.10 16.57 -53.75
CA VAL A 330 -4.06 15.57 -53.60
C VAL A 330 -3.36 15.61 -52.24
N ALA A 331 -3.30 16.80 -51.63
CA ALA A 331 -2.55 16.93 -50.39
C ALA A 331 -3.09 18.04 -49.52
N ASN A 332 -4.37 18.34 -49.67
CA ASN A 332 -5.01 19.34 -48.83
C ASN A 332 -5.98 18.64 -47.90
N ARG A 333 -5.84 18.92 -46.61
CA ARG A 333 -6.79 18.46 -45.60
C ARG A 333 -7.71 19.64 -45.34
N GLY A 334 -8.91 19.39 -44.82
CA GLY A 334 -9.49 18.07 -44.73
C GLY A 334 -10.42 17.93 -45.90
N ALA A 335 -9.85 17.62 -47.05
CA ALA A 335 -10.62 17.24 -48.23
C ALA A 335 -11.44 16.00 -47.90
N SER A 336 -12.56 15.83 -48.59
CA SER A 336 -13.39 14.67 -48.36
C SER A 336 -12.72 13.45 -48.99
N VAL A 337 -12.01 13.71 -50.07
CA VAL A 337 -11.32 12.68 -50.86
C VAL A 337 -9.94 13.15 -51.28
N ARG A 338 -8.96 12.24 -51.22
CA ARG A 338 -7.58 12.56 -51.54
C ARG A 338 -7.08 11.57 -52.59
N VAL A 339 -6.35 12.08 -53.58
CA VAL A 339 -5.86 11.25 -54.66
C VAL A 339 -4.44 10.77 -54.40
N GLY A 340 -3.63 11.62 -53.78
CA GLY A 340 -2.26 11.23 -53.50
C GLY A 340 -1.34 11.57 -54.67
N ARG A 341 -0.16 12.05 -54.33
CA ARG A 341 0.83 12.46 -55.32
C ARG A 341 1.21 11.32 -56.28
N ASP A 342 1.48 10.13 -55.73
CA ASP A 342 1.88 8.96 -56.52
C ASP A 342 0.87 8.63 -57.62
N THR A 343 -0.42 8.71 -57.29
CA THR A 343 -1.46 8.43 -58.27
C THR A 343 -1.49 9.44 -59.43
N GLU A 344 -1.42 10.74 -59.09
CA GLU A 344 -1.38 11.80 -60.11
C GLU A 344 -0.16 11.64 -61.00
N LYS A 345 0.99 11.49 -60.35
CA LYS A 345 2.27 11.27 -61.01
C LYS A 345 2.20 10.14 -62.05
N ASP A 346 1.72 8.97 -61.61
CA ASP A 346 1.71 7.78 -62.44
C ASP A 346 0.57 7.75 -63.47
N GLY A 347 -0.45 8.58 -63.25
CA GLY A 347 -1.65 8.55 -64.07
C GLY A 347 -2.51 7.33 -63.81
N LYS A 348 -2.30 6.72 -62.66
CA LYS A 348 -3.04 5.52 -62.24
C LYS A 348 -2.75 5.27 -60.78
N GLY A 349 -3.60 4.48 -60.16
CA GLY A 349 -3.44 4.13 -58.77
C GLY A 349 -4.79 3.95 -58.10
N TYR A 350 -4.98 4.69 -57.02
CA TYR A 350 -6.20 4.63 -56.24
C TYR A 350 -6.54 5.98 -55.65
N PHE A 351 -7.62 6.04 -54.88
CA PHE A 351 -7.93 7.24 -54.12
C PHE A 351 -8.49 6.94 -52.72
N GLU A 352 -8.39 7.94 -51.85
CA GLU A 352 -8.73 7.77 -50.46
C GLU A 352 -10.02 8.50 -50.11
N ASP A 353 -10.91 7.84 -49.38
CA ASP A 353 -12.11 8.48 -48.89
C ASP A 353 -11.86 8.69 -47.40
N ARG A 354 -11.78 9.97 -47.03
CA ARG A 354 -11.32 10.35 -45.71
C ARG A 354 -12.51 10.70 -44.82
N ARG A 355 -13.71 10.46 -45.33
CA ARG A 355 -14.94 10.75 -44.60
C ARG A 355 -15.34 9.76 -43.49
N PRO A 356 -15.07 8.45 -43.63
CA PRO A 356 -15.61 7.60 -42.56
C PRO A 356 -14.88 7.77 -41.22
N SER A 357 -15.65 7.66 -40.15
CA SER A 357 -15.09 7.81 -38.82
C SER A 357 -14.62 6.45 -38.35
N SER A 358 -13.85 6.43 -37.27
CA SER A 358 -13.16 5.23 -36.84
C SER A 358 -14.07 4.08 -36.43
N ASN A 359 -15.33 4.37 -36.19
CA ASN A 359 -16.28 3.35 -35.76
C ASN A 359 -17.24 2.96 -36.89
N MET A 360 -16.87 3.29 -38.12
CA MET A 360 -17.70 2.96 -39.29
C MET A 360 -17.88 1.46 -39.50
N ASP A 361 -18.97 1.06 -40.15
CA ASP A 361 -19.12 -0.34 -40.57
C ASP A 361 -18.47 -0.46 -41.95
N PRO A 362 -17.37 -1.22 -42.07
CA PRO A 362 -16.69 -1.36 -43.37
C PRO A 362 -17.58 -1.89 -44.52
N TYR A 363 -18.59 -2.70 -44.20
CA TYR A 363 -19.52 -3.20 -45.21
C TYR A 363 -20.25 -2.04 -45.89
N VAL A 364 -20.70 -1.06 -45.09
CA VAL A 364 -21.41 0.10 -45.59
C VAL A 364 -20.48 0.96 -46.44
N VAL A 365 -19.35 1.36 -45.86
CA VAL A 365 -18.42 2.19 -46.60
C VAL A 365 -17.92 1.59 -47.91
N THR A 366 -17.39 0.36 -47.87
CA THR A 366 -16.83 -0.25 -49.05
C THR A 366 -17.88 -0.48 -50.14
N SER A 367 -19.06 -0.99 -49.76
CA SER A 367 -20.06 -1.28 -50.79
C SER A 367 -20.67 0.02 -51.38
N MET A 368 -20.86 1.05 -50.57
CA MET A 368 -21.40 2.32 -51.08
C MET A 368 -20.49 3.01 -52.09
N ILE A 369 -19.18 2.90 -51.89
CA ILE A 369 -18.23 3.44 -52.85
C ILE A 369 -18.35 2.73 -54.19
N ALA A 370 -18.45 1.40 -54.15
CA ALA A 370 -18.61 0.61 -55.36
C ALA A 370 -19.95 0.93 -56.04
N GLU A 371 -21.02 0.99 -55.26
CA GLU A 371 -22.35 1.25 -55.79
C GLU A 371 -22.46 2.62 -56.48
N THR A 372 -22.02 3.67 -55.78
CA THR A 372 -22.09 5.03 -56.31
C THR A 372 -21.25 5.22 -57.58
N THR A 373 -20.08 4.58 -57.65
CA THR A 373 -19.19 4.79 -58.77
C THR A 373 -19.39 3.79 -59.89
N LEU A 374 -20.12 2.71 -59.62
CA LEU A 374 -20.27 1.66 -60.63
C LEU A 374 -21.70 1.30 -61.03
N LEU A 375 -22.67 1.54 -60.16
CA LEU A 375 -24.03 1.07 -60.41
C LEU A 375 -25.05 2.20 -60.44
N TRP A 376 -24.82 3.23 -59.65
CA TRP A 376 -25.80 4.31 -59.51
C TRP A 376 -25.89 5.18 -60.75
N LYS A 377 -27.11 5.58 -61.10
CA LYS A 377 -27.37 6.43 -62.28
C LYS A 377 -28.11 7.68 -61.85
N PRO A 378 -27.42 8.84 -61.91
CA PRO A 378 -27.95 10.12 -61.45
C PRO A 378 -29.04 10.69 -62.35
N MET B 23 9.24 -20.59 -8.12
CA MET B 23 7.94 -21.18 -8.46
C MET B 23 7.96 -21.73 -9.89
N SER B 24 8.90 -21.24 -10.70
CA SER B 24 9.10 -21.82 -12.03
C SER B 24 9.82 -23.16 -11.84
N LEU B 25 10.53 -23.25 -10.72
CA LEU B 25 11.14 -24.50 -10.26
C LEU B 25 10.00 -25.46 -9.93
N LEU B 26 8.90 -24.89 -9.44
CA LEU B 26 7.72 -25.68 -9.06
C LEU B 26 6.95 -26.28 -10.23
N SER B 27 6.68 -25.47 -11.24
CA SER B 27 5.92 -25.95 -12.38
C SER B 27 6.69 -27.02 -13.14
N ASP B 28 8.02 -26.95 -13.06
CA ASP B 28 8.88 -27.96 -13.67
C ASP B 28 8.62 -29.30 -13.05
N LEU B 29 8.58 -29.31 -11.73
CA LEU B 29 8.34 -30.55 -11.00
C LEU B 29 6.93 -31.10 -11.29
N ILE B 30 5.95 -30.21 -11.30
CA ILE B 30 4.57 -30.60 -11.58
C ILE B 30 4.45 -31.15 -13.01
N ASN B 31 5.25 -30.62 -13.93
CA ASN B 31 5.17 -31.04 -15.32
C ASN B 31 6.16 -32.13 -15.78
N LEU B 32 6.83 -32.81 -14.85
CA LEU B 32 7.73 -33.90 -15.24
C LEU B 32 6.98 -34.98 -16.01
N ASN B 33 7.54 -35.37 -17.16
CA ASN B 33 6.98 -36.47 -17.94
C ASN B 33 7.57 -37.79 -17.45
N LEU B 34 6.76 -38.53 -16.70
CA LEU B 34 7.20 -39.79 -16.07
C LEU B 34 7.51 -40.90 -17.07
N SER B 35 6.97 -40.80 -18.29
CA SER B 35 7.20 -41.77 -19.36
C SER B 35 8.68 -41.95 -19.68
N GLU B 36 9.47 -40.95 -19.34
CA GLU B 36 10.91 -40.98 -19.53
C GLU B 36 11.58 -41.84 -18.45
N SER B 37 10.84 -42.16 -17.39
CA SER B 37 11.41 -42.87 -16.23
C SER B 37 10.90 -44.30 -15.97
N SER B 38 9.68 -44.61 -16.39
CA SER B 38 9.09 -45.93 -16.12
C SER B 38 7.79 -46.16 -16.90
N GLU B 39 7.06 -47.22 -16.52
CA GLU B 39 5.77 -47.52 -17.14
C GLU B 39 4.61 -47.18 -16.20
N LYS B 40 4.92 -46.75 -14.99
CA LYS B 40 3.89 -46.42 -14.02
C LYS B 40 3.03 -45.23 -14.45
N ILE B 41 1.74 -45.30 -14.13
CA ILE B 41 0.83 -44.17 -14.32
C ILE B 41 0.16 -43.81 -12.98
N ILE B 42 -0.36 -42.60 -12.93
CA ILE B 42 -1.07 -42.12 -11.77
C ILE B 42 -2.54 -42.04 -12.11
N ALA B 43 -3.39 -42.56 -11.22
CA ALA B 43 -4.83 -42.55 -11.44
C ALA B 43 -5.53 -41.72 -10.37
N GLU B 44 -6.25 -40.71 -10.80
CA GLU B 44 -7.03 -39.86 -9.90
C GLU B 44 -8.44 -40.45 -9.79
N TYR B 45 -8.74 -41.08 -8.66
CA TYR B 45 -10.08 -41.63 -8.45
C TYR B 45 -11.02 -40.52 -7.98
N ILE B 46 -12.13 -40.36 -8.68
CA ILE B 46 -13.05 -39.26 -8.44
C ILE B 46 -14.43 -39.79 -8.01
N TRP B 47 -15.05 -39.14 -7.03
CA TRP B 47 -16.41 -39.53 -6.62
C TRP B 47 -17.25 -38.38 -6.14
N VAL B 48 -18.55 -38.61 -6.10
CA VAL B 48 -19.50 -37.61 -5.58
C VAL B 48 -19.67 -37.79 -4.06
N GLY B 49 -19.43 -36.70 -3.32
CA GLY B 49 -19.49 -36.74 -1.87
C GLY B 49 -20.90 -36.70 -1.31
N GLY B 50 -21.01 -36.53 0.00
CA GLY B 50 -22.28 -36.65 0.70
C GLY B 50 -23.34 -35.58 0.46
N SER B 51 -22.97 -34.45 -0.11
CA SER B 51 -23.96 -33.39 -0.35
C SER B 51 -24.67 -33.60 -1.68
N GLY B 52 -24.17 -34.57 -2.45
CA GLY B 52 -24.67 -34.81 -3.78
C GLY B 52 -24.09 -33.84 -4.81
N MET B 53 -23.34 -32.85 -4.36
CA MET B 53 -22.75 -31.89 -5.28
C MET B 53 -21.25 -31.68 -5.09
N ASP B 54 -20.68 -32.23 -4.02
CA ASP B 54 -19.26 -32.03 -3.75
C ASP B 54 -18.40 -33.14 -4.34
N LEU B 55 -17.58 -32.80 -5.32
CA LEU B 55 -16.66 -33.77 -5.90
C LEU B 55 -15.46 -33.98 -5.01
N ARG B 56 -15.05 -35.23 -4.88
CA ARG B 56 -13.85 -35.55 -4.13
C ARG B 56 -12.91 -36.38 -4.99
N SER B 57 -11.62 -36.35 -4.66
CA SER B 57 -10.66 -37.22 -5.34
C SER B 57 -9.36 -37.43 -4.58
N LYS B 58 -8.65 -38.48 -4.97
CA LYS B 58 -7.29 -38.71 -4.50
C LYS B 58 -6.62 -39.61 -5.56
N ALA B 59 -5.30 -39.72 -5.48
CA ALA B 59 -4.56 -40.33 -6.58
C ALA B 59 -3.73 -41.52 -6.11
N ARG B 60 -3.58 -42.51 -6.97
CA ARG B 60 -2.73 -43.66 -6.65
C ARG B 60 -1.86 -44.08 -7.83
N THR B 61 -0.77 -44.77 -7.52
CA THR B 61 0.13 -45.25 -8.56
C THR B 61 -0.27 -46.66 -9.03
N LEU B 62 -0.36 -46.84 -10.35
CA LEU B 62 -0.64 -48.15 -10.94
C LEU B 62 0.54 -48.58 -11.80
N PRO B 63 0.73 -49.92 -11.95
CA PRO B 63 1.90 -50.50 -12.60
C PRO B 63 2.05 -50.13 -14.08
N GLY B 64 0.93 -49.95 -14.79
CA GLY B 64 0.99 -49.66 -16.20
C GLY B 64 -0.28 -49.05 -16.71
N PRO B 65 -0.29 -48.66 -17.99
CA PRO B 65 -1.44 -47.98 -18.62
C PRO B 65 -2.70 -48.84 -18.61
N VAL B 66 -3.86 -48.18 -18.46
CA VAL B 66 -5.14 -48.86 -18.41
C VAL B 66 -6.18 -48.04 -19.21
N SER B 67 -6.94 -48.72 -20.07
CA SER B 67 -7.99 -48.07 -20.85
C SER B 67 -9.38 -48.69 -20.55
N ASP B 68 -9.40 -49.91 -20.01
CA ASP B 68 -10.63 -50.59 -19.64
C ASP B 68 -10.83 -50.45 -18.12
N PRO B 69 -11.90 -49.73 -17.70
CA PRO B 69 -12.21 -49.43 -16.29
C PRO B 69 -12.37 -50.69 -15.43
N SER B 70 -12.87 -51.77 -16.02
CA SER B 70 -13.12 -53.02 -15.28
C SER B 70 -11.83 -53.72 -14.88
N LYS B 71 -10.73 -53.22 -15.44
CA LYS B 71 -9.39 -53.70 -15.12
C LYS B 71 -8.68 -52.87 -14.06
N LEU B 72 -9.31 -51.77 -13.65
CA LEU B 72 -8.81 -50.99 -12.52
C LEU B 72 -9.21 -51.63 -11.21
N PRO B 73 -8.31 -51.59 -10.20
CA PRO B 73 -8.66 -52.14 -8.89
C PRO B 73 -9.66 -51.24 -8.18
N LYS B 74 -10.53 -51.82 -7.36
CA LYS B 74 -11.41 -51.03 -6.53
C LYS B 74 -10.58 -50.30 -5.47
N TRP B 75 -11.15 -49.27 -4.85
CA TRP B 75 -10.44 -48.55 -3.80
C TRP B 75 -11.40 -48.22 -2.65
N ASN B 76 -10.95 -47.38 -1.74
CA ASN B 76 -11.81 -46.96 -0.65
C ASN B 76 -11.38 -45.63 -0.07
N TYR B 77 -12.22 -45.07 0.79
CA TYR B 77 -11.95 -43.86 1.54
C TYR B 77 -12.78 -43.83 2.82
N ASP B 78 -12.53 -42.83 3.65
CA ASP B 78 -13.27 -42.65 4.90
C ASP B 78 -14.56 -41.89 4.64
N GLY B 79 -15.68 -42.60 4.62
CA GLY B 79 -16.95 -41.95 4.34
C GLY B 79 -17.38 -40.98 5.42
N SER B 80 -16.84 -41.14 6.63
CA SER B 80 -17.18 -40.24 7.72
C SER B 80 -16.51 -38.89 7.56
N SER B 81 -15.60 -38.78 6.59
CA SER B 81 -14.96 -37.50 6.31
C SER B 81 -15.65 -36.79 5.16
N THR B 82 -16.60 -37.46 4.52
CA THR B 82 -17.36 -36.83 3.43
C THR B 82 -18.85 -36.95 3.66
N ASN B 83 -19.25 -37.19 4.92
CA ASN B 83 -20.65 -37.34 5.29
C ASN B 83 -21.34 -38.50 4.54
N GLN B 84 -20.67 -39.64 4.44
CA GLN B 84 -21.21 -40.77 3.69
C GLN B 84 -21.16 -42.11 4.42
N ALA B 85 -20.58 -42.11 5.62
CA ALA B 85 -20.65 -43.29 6.47
C ALA B 85 -20.48 -42.84 7.91
N PRO B 86 -21.60 -42.69 8.62
CA PRO B 86 -21.57 -42.24 10.01
C PRO B 86 -21.36 -43.38 11.00
N GLY B 87 -22.18 -44.42 10.93
CA GLY B 87 -22.18 -45.47 11.93
C GLY B 87 -20.99 -46.41 11.94
N GLN B 88 -20.37 -46.52 13.11
CA GLN B 88 -19.18 -47.34 13.42
C GLN B 88 -18.30 -47.97 12.31
N ASP B 89 -18.80 -48.05 11.08
CA ASP B 89 -17.98 -48.49 9.96
C ASP B 89 -17.89 -47.34 8.96
N SER B 90 -16.76 -46.63 8.98
CA SER B 90 -16.60 -45.40 8.20
C SER B 90 -16.10 -45.67 6.79
N GLU B 91 -15.72 -46.91 6.51
CA GLU B 91 -15.17 -47.29 5.21
C GLU B 91 -16.21 -47.29 4.08
N VAL B 92 -15.85 -46.68 2.96
CA VAL B 92 -16.71 -46.70 1.78
C VAL B 92 -15.88 -47.18 0.57
N ILE B 93 -16.47 -47.99 -0.29
CA ILE B 93 -15.73 -48.60 -1.41
C ILE B 93 -15.91 -47.85 -2.74
N LEU B 94 -14.81 -47.68 -3.47
CA LEU B 94 -14.85 -47.01 -4.75
C LEU B 94 -14.83 -47.99 -5.91
N TYR B 95 -15.84 -47.91 -6.77
CA TYR B 95 -15.89 -48.71 -8.00
C TYR B 95 -15.57 -47.86 -9.21
N PRO B 96 -14.41 -48.10 -9.85
CA PRO B 96 -14.09 -47.44 -11.13
C PRO B 96 -15.14 -47.72 -12.18
N GLN B 97 -15.59 -46.69 -12.90
CA GLN B 97 -16.60 -46.85 -13.94
C GLN B 97 -16.22 -46.26 -15.31
N ALA B 98 -15.47 -45.17 -15.31
CA ALA B 98 -15.10 -44.54 -16.58
C ALA B 98 -13.74 -43.87 -16.48
N ILE B 99 -12.96 -44.01 -17.55
CA ILE B 99 -11.61 -43.49 -17.61
C ILE B 99 -11.54 -42.32 -18.58
N PHE B 100 -10.79 -41.30 -18.17
CA PHE B 100 -10.48 -40.19 -19.05
C PHE B 100 -9.00 -39.88 -18.89
N LYS B 101 -8.40 -39.25 -19.90
CA LYS B 101 -7.03 -38.80 -19.77
C LYS B 101 -6.95 -37.60 -18.80
N ASP B 102 -5.89 -37.54 -17.99
CA ASP B 102 -5.75 -36.47 -17.01
C ASP B 102 -5.05 -35.26 -17.64
N PRO B 103 -5.78 -34.14 -17.79
CA PRO B 103 -5.18 -32.99 -18.48
C PRO B 103 -4.18 -32.27 -17.60
N PHE B 104 -4.22 -32.51 -16.28
CA PHE B 104 -3.29 -31.86 -15.36
C PHE B 104 -1.97 -32.61 -15.26
N ARG B 105 -2.01 -33.93 -15.08
CA ARG B 105 -0.76 -34.70 -14.98
C ARG B 105 -0.20 -35.10 -16.34
N GLN B 106 -1.07 -35.10 -17.35
CA GLN B 106 -0.67 -35.38 -18.73
C GLN B 106 -0.16 -36.81 -18.89
N GLY B 107 0.49 -37.08 -20.02
CA GLY B 107 1.04 -38.41 -20.30
C GLY B 107 0.02 -39.53 -20.27
N ASN B 108 0.36 -40.66 -19.66
CA ASN B 108 -0.55 -41.79 -19.57
C ASN B 108 -1.35 -41.79 -18.27
N ASN B 109 -1.29 -40.68 -17.55
CA ASN B 109 -2.02 -40.56 -16.31
C ASN B 109 -3.50 -40.34 -16.59
N ILE B 110 -4.36 -40.82 -15.70
CA ILE B 110 -5.79 -40.87 -15.99
C ILE B 110 -6.66 -40.32 -14.88
N LEU B 111 -7.85 -39.90 -15.25
CA LEU B 111 -8.91 -39.61 -14.31
C LEU B 111 -9.85 -40.81 -14.30
N VAL B 112 -10.34 -41.17 -13.13
CA VAL B 112 -11.24 -42.29 -13.04
C VAL B 112 -12.54 -41.92 -12.31
N ILE B 113 -13.65 -41.86 -13.05
CA ILE B 113 -14.95 -41.64 -12.44
C ILE B 113 -15.42 -42.92 -11.76
N CYS B 114 -15.69 -42.83 -10.45
CA CYS B 114 -16.16 -43.95 -9.65
C CYS B 114 -17.55 -43.71 -9.12
N ASP B 115 -18.22 -44.81 -8.75
CA ASP B 115 -19.39 -44.72 -7.91
C ASP B 115 -19.14 -45.45 -6.60
N VAL B 116 -20.04 -45.32 -5.66
CA VAL B 116 -19.64 -45.53 -4.28
C VAL B 116 -20.55 -46.53 -3.54
N TYR B 117 -19.94 -47.43 -2.74
CA TYR B 117 -20.66 -48.56 -2.17
C TYR B 117 -20.28 -48.86 -0.71
N THR B 118 -21.17 -49.54 0.00
CA THR B 118 -20.80 -50.06 1.32
C THR B 118 -19.83 -51.23 1.15
N PRO B 119 -19.05 -51.51 2.21
CA PRO B 119 -18.15 -52.68 2.21
C PRO B 119 -18.91 -53.96 1.91
N ALA B 120 -20.19 -54.02 2.29
CA ALA B 120 -21.02 -55.19 2.01
C ALA B 120 -21.45 -55.26 0.54
N GLY B 121 -21.41 -54.13 -0.17
CA GLY B 121 -21.72 -54.13 -1.59
C GLY B 121 -22.96 -53.39 -2.08
N GLU B 122 -23.60 -52.63 -1.18
CA GLU B 122 -24.75 -51.81 -1.54
C GLU B 122 -24.35 -50.39 -1.91
N PRO B 123 -24.97 -49.85 -2.98
CA PRO B 123 -24.70 -48.45 -3.36
C PRO B 123 -25.20 -47.52 -2.26
N LEU B 124 -24.45 -46.47 -1.98
CA LEU B 124 -24.88 -45.47 -1.01
C LEU B 124 -26.09 -44.69 -1.51
N PRO B 125 -26.84 -44.09 -0.58
CA PRO B 125 -27.95 -43.21 -0.93
C PRO B 125 -27.49 -42.10 -1.88
N THR B 126 -26.25 -41.64 -1.71
CA THR B 126 -25.74 -40.57 -2.55
C THR B 126 -25.11 -41.05 -3.87
N ASN B 127 -25.13 -42.37 -4.08
CA ASN B 127 -24.75 -42.96 -5.37
C ASN B 127 -25.96 -43.00 -6.29
N LYS B 128 -26.00 -42.12 -7.29
CA LYS B 128 -27.11 -42.10 -8.22
C LYS B 128 -26.82 -42.84 -9.51
N ARG B 129 -25.56 -43.16 -9.74
CA ARG B 129 -25.16 -43.85 -10.95
C ARG B 129 -25.74 -45.27 -11.02
N TYR B 130 -25.81 -45.95 -9.88
CA TYR B 130 -26.22 -47.34 -9.83
C TYR B 130 -27.54 -47.60 -10.55
N ASN B 131 -28.59 -46.88 -10.15
CA ASN B 131 -29.91 -47.07 -10.75
C ASN B 131 -29.92 -46.64 -12.21
N ALA B 132 -29.21 -45.55 -12.50
CA ALA B 132 -29.06 -45.08 -13.87
C ALA B 132 -28.40 -46.16 -14.73
N ALA B 133 -27.41 -46.85 -14.16
CA ALA B 133 -26.71 -47.90 -14.89
C ALA B 133 -27.61 -49.07 -15.25
N LYS B 134 -28.51 -49.42 -14.34
CA LYS B 134 -29.47 -50.49 -14.61
C LYS B 134 -30.40 -50.15 -15.78
N ILE B 135 -30.86 -48.90 -15.79
CA ILE B 135 -31.76 -48.43 -16.84
C ILE B 135 -31.09 -48.50 -18.22
N PHE B 136 -29.87 -47.98 -18.31
CA PHE B 136 -29.14 -48.01 -19.57
C PHE B 136 -28.65 -49.43 -19.93
N SER B 137 -28.67 -50.34 -18.96
CA SER B 137 -28.27 -51.72 -19.22
C SER B 137 -29.39 -52.58 -19.80
N HIS B 138 -30.63 -52.15 -19.61
CA HIS B 138 -31.78 -52.87 -20.15
C HIS B 138 -31.68 -52.98 -21.68
N PRO B 139 -31.90 -54.19 -22.20
CA PRO B 139 -31.78 -54.52 -23.63
C PRO B 139 -32.64 -53.62 -24.52
N ASP B 140 -33.80 -53.18 -24.03
CA ASP B 140 -34.68 -52.31 -24.81
C ASP B 140 -34.15 -50.88 -24.90
N VAL B 141 -33.41 -50.45 -23.89
CA VAL B 141 -32.84 -49.12 -23.92
C VAL B 141 -31.55 -49.11 -24.73
N ALA B 142 -30.67 -50.07 -24.45
CA ALA B 142 -29.39 -50.17 -25.15
C ALA B 142 -29.58 -50.27 -26.67
N ALA B 143 -30.63 -50.96 -27.10
CA ALA B 143 -30.96 -51.08 -28.53
C ALA B 143 -31.45 -49.76 -29.11
N GLU B 144 -31.97 -48.88 -28.25
CA GLU B 144 -32.49 -47.59 -28.72
C GLU B 144 -31.43 -46.49 -28.73
N VAL B 145 -30.25 -46.78 -28.18
CA VAL B 145 -29.11 -45.87 -28.16
C VAL B 145 -29.47 -44.42 -27.78
N PRO B 146 -29.92 -44.20 -26.54
CA PRO B 146 -30.31 -42.83 -26.17
C PRO B 146 -29.12 -41.88 -26.20
N TRP B 147 -29.29 -40.73 -26.85
CA TRP B 147 -28.28 -39.68 -26.89
C TRP B 147 -28.66 -38.51 -25.99
N TYR B 148 -27.67 -37.94 -25.33
CA TYR B 148 -27.89 -36.83 -24.42
C TYR B 148 -27.00 -35.65 -24.73
N GLY B 149 -27.58 -34.47 -24.60
CA GLY B 149 -26.85 -33.22 -24.68
C GLY B 149 -27.16 -32.41 -23.44
N ILE B 150 -26.15 -32.07 -22.67
CA ILE B 150 -26.38 -31.32 -21.43
C ILE B 150 -25.70 -29.96 -21.50
N GLU B 151 -26.40 -28.91 -21.07
CA GLU B 151 -25.84 -27.57 -21.02
C GLU B 151 -25.53 -27.17 -19.57
N GLN B 152 -24.27 -26.92 -19.23
CA GLN B 152 -23.91 -26.59 -17.86
C GLN B 152 -23.53 -25.13 -17.66
N GLU B 153 -24.43 -24.38 -17.05
CA GLU B 153 -24.14 -23.00 -16.72
C GLU B 153 -23.35 -22.97 -15.43
N TYR B 154 -22.48 -21.99 -15.25
CA TYR B 154 -21.77 -21.85 -13.98
C TYR B 154 -21.34 -20.42 -13.77
N THR B 155 -20.99 -20.08 -12.54
CA THR B 155 -20.55 -18.72 -12.23
C THR B 155 -19.20 -18.73 -11.53
N LEU B 156 -18.30 -17.86 -11.99
CA LEU B 156 -16.98 -17.70 -11.39
C LEU B 156 -17.05 -16.57 -10.36
N LEU B 157 -16.63 -16.87 -9.13
CA LEU B 157 -16.77 -15.95 -8.03
C LEU B 157 -15.40 -15.56 -7.48
N GLN B 158 -15.30 -14.28 -7.14
CA GLN B 158 -14.15 -13.74 -6.44
C GLN B 158 -13.97 -14.49 -5.12
N LYS B 159 -12.78 -14.98 -4.85
CA LYS B 159 -12.59 -15.77 -3.63
C LYS B 159 -12.87 -15.03 -2.31
N ASP B 160 -12.41 -13.79 -2.23
CA ASP B 160 -12.51 -13.07 -0.97
C ASP B 160 -13.89 -12.48 -0.72
N THR B 161 -14.54 -11.95 -1.76
CA THR B 161 -15.81 -11.27 -1.56
C THR B 161 -17.00 -12.16 -1.87
N ASN B 162 -16.77 -13.22 -2.63
CA ASN B 162 -17.85 -14.10 -3.10
C ASN B 162 -18.84 -13.43 -4.06
N TRP B 163 -18.44 -12.33 -4.72
CA TRP B 163 -19.27 -11.77 -5.80
C TRP B 163 -18.70 -12.22 -7.13
N PRO B 164 -19.53 -12.26 -8.19
CA PRO B 164 -18.98 -12.79 -9.45
C PRO B 164 -17.81 -11.95 -9.97
N LEU B 165 -16.88 -12.58 -10.67
CA LEU B 165 -15.85 -11.83 -11.39
C LEU B 165 -16.53 -10.77 -12.25
N GLY B 166 -16.00 -9.55 -12.21
CA GLY B 166 -16.50 -8.45 -13.02
C GLY B 166 -17.82 -7.82 -12.59
N TRP B 167 -18.33 -8.22 -11.42
CA TRP B 167 -19.56 -7.66 -10.86
C TRP B 167 -19.45 -6.15 -10.73
N PRO B 168 -20.39 -5.41 -11.32
CA PRO B 168 -20.33 -3.94 -11.36
C PRO B 168 -20.67 -3.35 -10.00
N ILE B 169 -19.98 -2.26 -9.66
CA ILE B 169 -20.17 -1.55 -8.39
C ILE B 169 -21.64 -1.35 -7.98
N GLY B 170 -22.53 -1.21 -8.97
CA GLY B 170 -23.93 -0.92 -8.70
C GLY B 170 -24.89 -2.08 -8.64
N GLY B 171 -24.42 -3.29 -8.91
CA GLY B 171 -25.25 -4.45 -8.70
C GLY B 171 -25.90 -5.01 -9.93
N TYR B 172 -27.01 -5.74 -9.73
CA TYR B 172 -27.69 -6.44 -10.82
C TYR B 172 -27.90 -5.60 -12.09
N PRO B 173 -27.21 -5.96 -13.18
CA PRO B 173 -27.19 -5.14 -14.39
C PRO B 173 -28.41 -5.30 -15.33
N GLY B 174 -29.14 -6.41 -15.23
CA GLY B 174 -30.29 -6.64 -16.08
C GLY B 174 -30.00 -7.69 -17.15
N PRO B 175 -31.05 -8.14 -17.87
CA PRO B 175 -30.92 -9.24 -18.84
C PRO B 175 -30.33 -8.82 -20.19
N GLN B 176 -30.17 -7.51 -20.38
CA GLN B 176 -29.65 -6.96 -21.61
C GLN B 176 -28.36 -6.19 -21.30
N GLY B 177 -27.24 -6.77 -21.70
CA GLY B 177 -25.95 -6.20 -21.36
C GLY B 177 -24.85 -6.63 -22.28
N PRO B 178 -23.61 -6.23 -21.96
CA PRO B 178 -22.47 -6.50 -22.84
C PRO B 178 -21.74 -7.79 -22.52
N TYR B 179 -22.16 -8.53 -21.50
CA TYR B 179 -21.42 -9.73 -21.07
C TYR B 179 -21.72 -10.96 -21.93
N TYR B 180 -22.97 -11.12 -22.32
CA TYR B 180 -23.40 -12.27 -23.13
C TYR B 180 -22.57 -12.35 -24.40
N CYS B 181 -21.82 -13.43 -24.54
CA CYS B 181 -20.94 -13.64 -25.68
C CYS B 181 -20.03 -12.43 -25.95
N GLY B 182 -19.69 -11.67 -24.91
CA GLY B 182 -18.93 -10.43 -25.06
C GLY B 182 -17.44 -10.68 -25.23
N ILE B 183 -16.70 -9.67 -25.69
CA ILE B 183 -15.24 -9.72 -25.75
C ILE B 183 -14.68 -8.43 -25.11
N GLY B 184 -13.48 -8.49 -24.55
CA GLY B 184 -12.87 -7.32 -23.93
C GLY B 184 -12.75 -7.40 -22.42
N ALA B 185 -11.75 -6.71 -21.88
CA ALA B 185 -11.47 -6.72 -20.45
C ALA B 185 -12.65 -6.28 -19.59
N ASP B 186 -13.49 -5.39 -20.14
CA ASP B 186 -14.64 -4.84 -19.42
C ASP B 186 -15.93 -5.64 -19.63
N LYS B 187 -15.86 -6.76 -20.34
CA LYS B 187 -17.06 -7.54 -20.65
C LYS B 187 -16.93 -9.05 -20.37
N ALA B 188 -15.82 -9.65 -20.78
CA ALA B 188 -15.63 -11.09 -20.57
C ALA B 188 -14.74 -11.32 -19.38
N TYR B 189 -15.27 -11.89 -18.29
CA TYR B 189 -14.44 -12.14 -17.12
C TYR B 189 -14.19 -13.62 -16.89
N GLY B 190 -12.93 -14.02 -16.94
CA GLY B 190 -12.56 -15.39 -16.66
C GLY B 190 -12.38 -16.32 -17.84
N ARG B 191 -12.20 -15.77 -19.04
CA ARG B 191 -12.06 -16.61 -20.25
C ARG B 191 -10.87 -17.60 -20.20
N ASP B 192 -9.81 -17.23 -19.49
CA ASP B 192 -8.63 -18.10 -19.35
C ASP B 192 -9.03 -19.45 -18.79
N ILE B 193 -9.85 -19.41 -17.73
CA ILE B 193 -10.44 -20.57 -17.14
C ILE B 193 -11.34 -21.32 -18.14
N VAL B 194 -12.21 -20.56 -18.80
CA VAL B 194 -13.14 -21.16 -19.74
C VAL B 194 -12.40 -21.84 -20.89
N ASP B 195 -11.43 -21.16 -21.49
CA ASP B 195 -10.67 -21.76 -22.58
C ASP B 195 -9.76 -22.91 -22.13
N ALA B 196 -9.17 -22.80 -20.94
CA ALA B 196 -8.36 -23.89 -20.41
C ALA B 196 -9.26 -25.12 -20.25
N HIS B 197 -10.49 -24.90 -19.77
CA HIS B 197 -11.43 -25.97 -19.55
C HIS B 197 -11.87 -26.66 -20.85
N TYR B 198 -12.16 -25.85 -21.87
CA TYR B 198 -12.58 -26.36 -23.16
C TYR B 198 -11.55 -27.36 -23.70
N LYS B 199 -10.30 -26.92 -23.78
CA LYS B 199 -9.22 -27.79 -24.25
C LYS B 199 -8.93 -28.96 -23.34
N ALA B 200 -9.01 -28.72 -22.03
CA ALA B 200 -8.74 -29.77 -21.04
C ALA B 200 -9.72 -30.92 -21.21
N CYS B 201 -10.99 -30.58 -21.38
CA CYS B 201 -12.04 -31.57 -21.60
C CYS B 201 -11.85 -32.37 -22.91
N LEU B 202 -11.53 -31.68 -24.01
CA LEU B 202 -11.28 -32.37 -25.30
C LEU B 202 -10.09 -33.33 -25.16
N TYR B 203 -9.01 -32.84 -24.58
CA TYR B 203 -7.86 -33.70 -24.31
C TYR B 203 -8.28 -34.93 -23.48
N ALA B 204 -9.18 -34.73 -22.52
CA ALA B 204 -9.57 -35.79 -21.61
C ALA B 204 -10.42 -36.86 -22.26
N GLY B 205 -11.15 -36.50 -23.33
CA GLY B 205 -12.01 -37.46 -24.01
C GLY B 205 -13.47 -37.20 -23.71
N ILE B 206 -13.75 -36.02 -23.19
CA ILE B 206 -15.12 -35.61 -22.94
C ILE B 206 -15.70 -34.99 -24.21
N ASN B 207 -16.93 -35.34 -24.55
CA ASN B 207 -17.51 -34.75 -25.77
C ASN B 207 -18.05 -33.35 -25.58
N ILE B 208 -17.18 -32.43 -25.17
CA ILE B 208 -17.60 -31.05 -24.98
C ILE B 208 -17.85 -30.42 -26.37
N SER B 209 -19.03 -29.87 -26.56
CA SER B 209 -19.46 -29.45 -27.90
C SER B 209 -19.45 -27.94 -28.08
N GLY B 210 -19.30 -27.18 -27.00
CA GLY B 210 -19.19 -25.75 -27.12
C GLY B 210 -19.24 -24.98 -25.82
N ILE B 211 -18.95 -23.67 -25.90
CA ILE B 211 -18.96 -22.76 -24.75
C ILE B 211 -19.50 -21.39 -25.15
N ASN B 212 -19.96 -20.63 -24.16
CA ASN B 212 -20.31 -19.22 -24.38
C ASN B 212 -20.37 -18.41 -23.10
N GLY B 213 -20.00 -17.15 -23.22
CA GLY B 213 -20.25 -16.20 -22.14
C GLY B 213 -21.74 -15.98 -22.01
N GLU B 214 -22.19 -15.93 -20.76
CA GLU B 214 -23.59 -15.73 -20.43
C GLU B 214 -23.90 -14.31 -20.02
N VAL B 215 -25.18 -14.07 -19.69
CA VAL B 215 -25.73 -12.74 -19.48
C VAL B 215 -25.12 -11.98 -18.29
N MET B 216 -24.80 -12.69 -17.21
CA MET B 216 -24.23 -12.05 -16.04
C MET B 216 -22.71 -12.02 -16.13
N PRO B 217 -22.08 -11.01 -15.53
CA PRO B 217 -20.62 -11.00 -15.55
C PRO B 217 -20.07 -12.22 -14.81
N GLY B 218 -19.05 -12.86 -15.37
CA GLY B 218 -18.43 -14.03 -14.75
C GLY B 218 -19.24 -15.30 -14.86
N GLN B 219 -20.32 -15.25 -15.62
CA GLN B 219 -21.21 -16.38 -15.79
C GLN B 219 -20.97 -16.97 -17.18
N TRP B 220 -20.85 -18.30 -17.23
CA TRP B 220 -20.49 -18.98 -18.46
C TRP B 220 -21.27 -20.26 -18.58
N GLU B 221 -21.17 -20.92 -19.73
CA GLU B 221 -21.82 -22.18 -19.97
C GLU B 221 -20.91 -23.08 -20.82
N PHE B 222 -20.92 -24.37 -20.55
CA PHE B 222 -20.38 -25.32 -21.53
C PHE B 222 -21.46 -26.34 -21.86
N GLN B 223 -21.41 -26.88 -23.07
CA GLN B 223 -22.34 -27.92 -23.49
C GLN B 223 -21.56 -29.22 -23.72
N VAL B 224 -22.17 -30.34 -23.39
CA VAL B 224 -21.58 -31.66 -23.62
C VAL B 224 -22.57 -32.52 -24.38
N GLY B 225 -22.11 -33.23 -25.40
CA GLY B 225 -23.00 -34.10 -26.14
C GLY B 225 -22.83 -34.01 -27.65
N PRO B 226 -23.46 -34.92 -28.40
CA PRO B 226 -24.29 -36.00 -27.88
C PRO B 226 -23.46 -37.11 -27.25
N SER B 227 -23.94 -37.63 -26.12
CA SER B 227 -23.23 -38.69 -25.40
C SER B 227 -24.19 -39.84 -25.15
N VAL B 228 -23.72 -41.06 -25.37
CA VAL B 228 -24.60 -42.23 -25.28
C VAL B 228 -24.79 -42.73 -23.84
N GLY B 229 -26.06 -42.84 -23.45
CA GLY B 229 -26.44 -43.48 -22.22
C GLY B 229 -25.74 -43.02 -20.96
N ILE B 230 -25.17 -43.97 -20.24
CA ILE B 230 -24.61 -43.72 -18.92
C ILE B 230 -23.39 -42.79 -18.96
N SER B 231 -22.71 -42.75 -20.10
CA SER B 231 -21.51 -41.94 -20.23
C SER B 231 -21.82 -40.44 -20.23
N ALA B 232 -23.08 -40.08 -20.48
CA ALA B 232 -23.51 -38.69 -20.40
C ALA B 232 -23.24 -38.18 -19.00
N GLY B 233 -23.65 -38.98 -18.02
CA GLY B 233 -23.43 -38.68 -16.62
C GLY B 233 -21.96 -38.74 -16.21
N ASP B 234 -21.26 -39.76 -16.69
CA ASP B 234 -19.83 -39.87 -16.41
C ASP B 234 -19.11 -38.62 -16.93
N GLU B 235 -19.43 -38.22 -18.16
CA GLU B 235 -18.76 -37.09 -18.79
C GLU B 235 -19.09 -35.77 -18.09
N ILE B 236 -20.34 -35.56 -17.73
CA ILE B 236 -20.75 -34.31 -17.05
C ILE B 236 -20.04 -34.16 -15.71
N TRP B 237 -20.01 -35.25 -14.94
CA TRP B 237 -19.28 -35.23 -13.67
C TRP B 237 -17.80 -34.98 -13.89
N ALA B 238 -17.20 -35.61 -14.90
CA ALA B 238 -15.78 -35.39 -15.18
C ALA B 238 -15.49 -33.95 -15.59
N ALA B 239 -16.38 -33.35 -16.36
CA ALA B 239 -16.25 -31.96 -16.81
C ALA B 239 -16.32 -30.96 -15.64
N ARG B 240 -17.20 -31.24 -14.70
CA ARG B 240 -17.30 -30.46 -13.48
C ARG B 240 -16.01 -30.56 -12.66
N TYR B 241 -15.44 -31.77 -12.60
CA TYR B 241 -14.21 -32.02 -11.87
C TYR B 241 -13.11 -31.16 -12.46
N ILE B 242 -12.96 -31.25 -13.76
CA ILE B 242 -11.90 -30.51 -14.44
C ILE B 242 -12.05 -29.00 -14.27
N LEU B 243 -13.28 -28.49 -14.36
CA LEU B 243 -13.52 -27.05 -14.21
C LEU B 243 -13.08 -26.59 -12.81
N GLU B 244 -13.48 -27.34 -11.80
CA GLU B 244 -13.18 -26.92 -10.44
C GLU B 244 -11.70 -27.12 -10.12
N ARG B 245 -11.04 -28.09 -10.74
CA ARG B 245 -9.58 -28.14 -10.60
C ARG B 245 -8.94 -26.92 -11.25
N ILE B 246 -9.53 -26.46 -12.35
CA ILE B 246 -9.00 -25.31 -13.05
C ILE B 246 -9.25 -23.97 -12.30
N THR B 247 -10.42 -23.81 -11.72
CA THR B 247 -10.64 -22.64 -10.91
C THR B 247 -9.73 -22.66 -9.66
N GLU B 248 -9.40 -23.87 -9.18
CA GLU B 248 -8.47 -24.00 -8.07
C GLU B 248 -7.11 -23.38 -8.46
N ILE B 249 -6.61 -23.71 -9.64
CA ILE B 249 -5.35 -23.14 -10.14
C ILE B 249 -5.41 -21.63 -10.21
N ALA B 250 -6.54 -21.12 -10.70
CA ALA B 250 -6.71 -19.69 -10.91
C ALA B 250 -7.02 -18.93 -9.62
N GLY B 251 -7.30 -19.63 -8.53
CA GLY B 251 -7.60 -18.95 -7.28
C GLY B 251 -8.97 -18.30 -7.28
N VAL B 252 -9.91 -18.94 -7.96
CA VAL B 252 -11.26 -18.42 -8.12
C VAL B 252 -12.24 -19.49 -7.62
N VAL B 253 -13.39 -19.08 -7.12
CA VAL B 253 -14.37 -20.06 -6.68
C VAL B 253 -15.37 -20.30 -7.81
N VAL B 254 -15.86 -21.55 -7.94
CA VAL B 254 -16.86 -21.83 -8.95
C VAL B 254 -18.17 -22.26 -8.30
N SER B 255 -19.28 -21.77 -8.85
CA SER B 255 -20.60 -22.19 -8.39
C SER B 255 -21.46 -22.69 -9.54
N PHE B 256 -22.09 -23.85 -9.34
CA PHE B 256 -23.06 -24.43 -10.27
C PHE B 256 -24.46 -24.19 -9.75
N ASP B 257 -24.57 -23.37 -8.71
CA ASP B 257 -25.85 -23.06 -8.08
C ASP B 257 -26.66 -22.14 -9.01
N PRO B 258 -27.93 -22.51 -9.28
CA PRO B 258 -28.80 -21.69 -10.12
C PRO B 258 -28.93 -20.25 -9.62
N LYS B 259 -28.71 -20.08 -8.32
CA LYS B 259 -28.78 -18.79 -7.66
C LYS B 259 -27.55 -18.59 -6.80
N PRO B 260 -26.43 -18.17 -7.41
CA PRO B 260 -25.18 -18.14 -6.65
C PRO B 260 -25.02 -16.91 -5.76
N ILE B 261 -25.89 -15.93 -5.88
CA ILE B 261 -25.80 -14.73 -5.06
C ILE B 261 -27.19 -14.25 -4.71
N PRO B 262 -27.31 -13.43 -3.64
CA PRO B 262 -28.62 -12.81 -3.33
C PRO B 262 -28.99 -11.78 -4.39
N GLY B 263 -30.22 -11.27 -4.34
CA GLY B 263 -30.66 -10.25 -5.28
C GLY B 263 -31.16 -10.82 -6.59
N ASP B 264 -31.41 -9.95 -7.56
CA ASP B 264 -31.80 -10.37 -8.90
C ASP B 264 -30.65 -11.08 -9.61
N TRP B 265 -31.01 -11.98 -10.51
CA TRP B 265 -30.01 -12.79 -11.18
C TRP B 265 -30.68 -13.50 -12.34
N ASN B 266 -29.99 -13.54 -13.48
CA ASN B 266 -30.47 -14.32 -14.61
C ASN B 266 -29.63 -15.57 -14.74
N GLY B 267 -30.21 -16.71 -14.37
CA GLY B 267 -29.55 -17.96 -14.63
C GLY B 267 -30.43 -18.80 -15.53
N ALA B 268 -29.81 -19.75 -16.23
CA ALA B 268 -30.54 -20.69 -17.06
C ALA B 268 -30.83 -21.92 -16.19
N GLY B 269 -29.97 -22.91 -16.30
CA GLY B 269 -30.11 -24.12 -15.52
C GLY B 269 -29.09 -25.13 -16.02
N ALA B 270 -29.59 -26.34 -16.26
CA ALA B 270 -28.87 -27.39 -16.96
C ALA B 270 -29.87 -28.07 -17.87
N HIS B 271 -30.07 -27.53 -19.07
CA HIS B 271 -31.07 -28.07 -19.99
C HIS B 271 -30.53 -29.32 -20.65
N THR B 272 -31.40 -30.29 -20.89
CA THR B 272 -30.97 -31.59 -21.41
C THR B 272 -31.68 -31.98 -22.70
N ASN B 273 -30.91 -32.21 -23.75
CA ASN B 273 -31.42 -32.65 -25.04
C ASN B 273 -31.38 -34.17 -25.17
N TYR B 274 -32.36 -34.75 -25.88
CA TYR B 274 -32.48 -36.21 -25.89
C TYR B 274 -32.99 -36.78 -27.21
N SER B 275 -32.35 -37.85 -27.69
CA SER B 275 -32.83 -38.54 -28.88
C SER B 275 -32.49 -40.02 -28.88
N THR B 276 -33.41 -40.82 -29.42
CA THR B 276 -33.21 -42.26 -29.56
C THR B 276 -32.90 -42.58 -31.00
N LYS B 277 -32.41 -43.79 -31.23
CA LYS B 277 -32.13 -44.27 -32.59
C LYS B 277 -33.36 -44.11 -33.48
N SER B 278 -34.54 -44.42 -32.95
CA SER B 278 -35.80 -44.31 -33.70
C SER B 278 -36.12 -42.88 -34.11
N MET B 279 -35.85 -41.92 -33.22
CA MET B 279 -36.08 -40.51 -33.48
C MET B 279 -35.13 -40.01 -34.57
N ARG B 280 -33.94 -40.59 -34.63
CA ARG B 280 -32.91 -40.12 -35.56
C ARG B 280 -33.15 -40.65 -36.98
N GLU B 281 -34.11 -41.55 -37.11
CA GLU B 281 -34.43 -42.21 -38.38
C GLU B 281 -35.60 -41.58 -39.10
N ASN B 282 -36.23 -42.37 -39.96
CA ASN B 282 -37.36 -41.91 -40.76
C ASN B 282 -38.61 -41.94 -39.89
N GLY B 283 -39.35 -40.84 -39.91
CA GLY B 283 -40.66 -40.77 -39.30
C GLY B 283 -40.44 -40.25 -37.89
N GLY B 284 -39.28 -40.60 -37.36
CA GLY B 284 -38.77 -40.22 -36.05
C GLY B 284 -39.57 -39.27 -35.19
N TYR B 285 -40.02 -38.17 -35.81
CA TYR B 285 -40.89 -37.17 -35.19
C TYR B 285 -42.05 -37.79 -34.42
N GLU B 286 -42.51 -38.93 -34.93
CA GLU B 286 -43.64 -39.64 -34.37
C GLU B 286 -43.33 -40.19 -32.98
N ILE B 287 -42.15 -40.78 -32.81
CA ILE B 287 -41.69 -41.25 -31.51
C ILE B 287 -41.50 -40.04 -30.59
N ILE B 288 -41.00 -38.96 -31.18
CA ILE B 288 -40.74 -37.71 -30.45
C ILE B 288 -42.03 -37.15 -29.88
N LYS B 289 -43.07 -37.17 -30.71
CA LYS B 289 -44.35 -36.68 -30.28
C LYS B 289 -44.71 -37.53 -29.08
N LYS B 290 -44.55 -38.85 -29.21
CA LYS B 290 -44.87 -39.79 -28.11
C LYS B 290 -44.01 -39.66 -26.87
N ALA B 291 -42.71 -39.47 -27.03
CA ALA B 291 -41.85 -39.33 -25.85
C ALA B 291 -42.25 -38.14 -24.97
N ILE B 292 -42.50 -37.00 -25.60
CA ILE B 292 -42.95 -35.81 -24.89
C ILE B 292 -44.28 -36.10 -24.17
N GLU B 293 -45.14 -36.86 -24.84
CA GLU B 293 -46.43 -37.26 -24.28
C GLU B 293 -46.23 -38.02 -22.99
N LYS B 294 -45.34 -38.99 -23.03
CA LYS B 294 -45.04 -39.83 -21.89
C LYS B 294 -44.46 -39.00 -20.75
N LEU B 295 -43.56 -38.09 -21.11
CA LEU B 295 -42.93 -37.17 -20.15
C LEU B 295 -43.97 -36.28 -19.50
N GLY B 296 -44.97 -35.87 -20.28
CA GLY B 296 -46.04 -35.01 -19.79
C GLY B 296 -46.82 -35.72 -18.71
N LEU B 297 -47.05 -37.01 -18.89
CA LEU B 297 -47.78 -37.82 -17.92
C LEU B 297 -46.99 -37.87 -16.60
N ARG B 298 -45.69 -37.62 -16.70
CA ARG B 298 -44.79 -37.70 -15.54
C ARG B 298 -44.46 -36.30 -15.03
N HIS B 299 -44.36 -35.37 -15.98
CA HIS B 299 -44.07 -33.93 -15.78
C HIS B 299 -43.84 -33.45 -14.34
N VAL B 337 -40.37 -28.42 -21.64
CA VAL B 337 -39.90 -29.18 -22.80
C VAL B 337 -40.01 -28.35 -24.09
N ARG B 338 -38.91 -28.33 -24.86
CA ARG B 338 -38.79 -27.49 -26.05
C ARG B 338 -38.17 -28.21 -27.26
N VAL B 339 -38.87 -28.16 -28.40
CA VAL B 339 -38.33 -28.70 -29.65
C VAL B 339 -37.87 -27.54 -30.55
N TYR B 350 -34.56 -34.37 -32.20
CA TYR B 350 -34.51 -34.57 -30.75
C TYR B 350 -35.38 -33.56 -30.03
N PHE B 351 -35.35 -33.59 -28.69
CA PHE B 351 -36.03 -32.57 -27.90
C PHE B 351 -35.32 -32.20 -26.60
N GLU B 352 -35.64 -31.01 -26.08
CA GLU B 352 -34.97 -30.42 -24.93
C GLU B 352 -35.82 -30.53 -23.67
N ASP B 353 -35.18 -30.84 -22.54
CA ASP B 353 -35.85 -30.84 -21.25
C ASP B 353 -35.22 -29.70 -20.44
N ARG B 354 -36.00 -28.68 -20.14
CA ARG B 354 -35.47 -27.44 -19.58
C ARG B 354 -35.68 -27.33 -18.08
N ARG B 355 -36.21 -28.40 -17.48
CA ARG B 355 -36.50 -28.38 -16.06
C ARG B 355 -35.33 -28.56 -15.08
N PRO B 356 -34.30 -29.35 -15.43
CA PRO B 356 -33.27 -29.56 -14.40
C PRO B 356 -32.47 -28.29 -14.11
N SER B 357 -32.05 -28.12 -12.85
CA SER B 357 -31.22 -26.97 -12.48
C SER B 357 -29.74 -27.31 -12.62
N SER B 358 -28.90 -26.29 -12.58
CA SER B 358 -27.48 -26.45 -12.88
C SER B 358 -26.71 -27.34 -11.89
N ASN B 359 -27.31 -27.58 -10.74
CA ASN B 359 -26.68 -28.38 -9.71
C ASN B 359 -27.29 -29.78 -9.52
N MET B 360 -28.17 -30.16 -10.44
CA MET B 360 -28.78 -31.49 -10.43
C MET B 360 -27.76 -32.59 -10.78
N ASP B 361 -28.06 -33.84 -10.43
CA ASP B 361 -27.21 -34.96 -10.81
C ASP B 361 -27.63 -35.47 -12.19
N PRO B 362 -26.74 -35.35 -13.18
CA PRO B 362 -27.02 -35.80 -14.55
C PRO B 362 -27.42 -37.28 -14.66
N TYR B 363 -26.94 -38.13 -13.74
CA TYR B 363 -27.32 -39.54 -13.74
C TYR B 363 -28.82 -39.69 -13.56
N VAL B 364 -29.38 -38.91 -12.65
CA VAL B 364 -30.80 -38.98 -12.35
C VAL B 364 -31.61 -38.51 -13.55
N VAL B 365 -31.30 -37.30 -14.02
CA VAL B 365 -32.00 -36.66 -15.13
C VAL B 365 -32.00 -37.52 -16.40
N THR B 366 -30.81 -37.94 -16.80
CA THR B 366 -30.65 -38.72 -18.03
C THR B 366 -31.35 -40.08 -18.01
N SER B 367 -31.21 -40.80 -16.90
CA SER B 367 -31.78 -42.14 -16.81
C SER B 367 -33.30 -42.12 -16.74
N MET B 368 -33.85 -41.14 -16.04
CA MET B 368 -35.29 -41.02 -15.91
C MET B 368 -35.97 -40.75 -17.25
N ILE B 369 -35.31 -39.98 -18.10
CA ILE B 369 -35.84 -39.72 -19.43
C ILE B 369 -35.91 -41.00 -20.27
N ALA B 370 -34.86 -41.82 -20.21
CA ALA B 370 -34.83 -43.08 -20.94
C ALA B 370 -35.95 -43.99 -20.43
N GLU B 371 -36.09 -44.03 -19.11
CA GLU B 371 -37.09 -44.87 -18.45
C GLU B 371 -38.51 -44.50 -18.86
N THR B 372 -38.81 -43.21 -18.74
CA THR B 372 -40.14 -42.69 -19.04
C THR B 372 -40.52 -42.88 -20.51
N THR B 373 -39.56 -42.76 -21.41
CA THR B 373 -39.85 -42.82 -22.84
C THR B 373 -39.69 -44.20 -23.45
N LEU B 374 -39.03 -45.11 -22.76
CA LEU B 374 -38.74 -46.42 -23.34
C LEU B 374 -39.24 -47.60 -22.51
N LEU B 375 -39.37 -47.43 -21.20
CA LEU B 375 -39.77 -48.54 -20.32
C LEU B 375 -41.15 -48.32 -19.68
N MET C 23 15.20 -13.83 -12.43
CA MET C 23 13.99 -14.64 -12.37
C MET C 23 14.12 -15.88 -13.26
N SER C 24 13.91 -15.72 -14.56
CA SER C 24 14.16 -16.79 -15.51
C SER C 24 15.67 -16.94 -15.76
N LEU C 25 16.43 -15.88 -15.56
CA LEU C 25 17.89 -15.96 -15.67
C LEU C 25 18.41 -16.91 -14.58
N LEU C 26 17.80 -16.84 -13.39
CA LEU C 26 18.26 -17.66 -12.29
C LEU C 26 17.94 -19.12 -12.51
N SER C 27 16.70 -19.38 -12.92
CA SER C 27 16.28 -20.74 -13.14
C SER C 27 17.01 -21.40 -14.33
N ASP C 28 17.48 -20.60 -15.29
CA ASP C 28 18.30 -21.15 -16.38
C ASP C 28 19.62 -21.72 -15.84
N LEU C 29 20.28 -20.98 -14.96
CA LEU C 29 21.52 -21.47 -14.36
C LEU C 29 21.27 -22.72 -13.52
N ILE C 30 20.20 -22.69 -12.73
CA ILE C 30 19.82 -23.80 -11.87
C ILE C 30 19.48 -25.05 -12.69
N ASN C 31 18.94 -24.83 -13.89
CA ASN C 31 18.52 -25.94 -14.75
C ASN C 31 19.54 -26.34 -15.80
N LEU C 32 20.77 -25.84 -15.69
CA LEU C 32 21.82 -26.23 -16.62
C LEU C 32 22.03 -27.75 -16.65
N ASN C 33 22.10 -28.30 -17.86
CA ASN C 33 22.40 -29.72 -18.07
C ASN C 33 23.92 -29.93 -18.17
N LEU C 34 24.49 -30.47 -17.09
CA LEU C 34 25.92 -30.69 -16.98
C LEU C 34 26.45 -31.79 -17.88
N SER C 35 25.55 -32.70 -18.29
CA SER C 35 25.91 -33.80 -19.19
C SER C 35 26.51 -33.28 -20.49
N GLU C 36 26.19 -32.02 -20.82
CA GLU C 36 26.71 -31.36 -22.02
C GLU C 36 28.14 -30.80 -21.86
N SER C 37 28.63 -30.69 -20.63
CA SER C 37 29.96 -30.12 -20.34
C SER C 37 31.01 -31.11 -19.83
N SER C 38 30.55 -32.17 -19.17
CA SER C 38 31.46 -33.15 -18.60
C SER C 38 30.74 -34.42 -18.15
N GLU C 39 31.48 -35.25 -17.43
CA GLU C 39 30.94 -36.49 -16.90
C GLU C 39 30.66 -36.41 -15.41
N LYS C 40 31.02 -35.27 -14.83
CA LYS C 40 30.84 -35.06 -13.39
C LYS C 40 29.38 -35.07 -12.99
N ILE C 41 29.13 -35.58 -11.78
CA ILE C 41 27.80 -35.52 -11.19
C ILE C 41 27.92 -34.85 -9.85
N ILE C 42 26.78 -34.37 -9.34
CA ILE C 42 26.71 -33.77 -8.03
C ILE C 42 25.93 -34.71 -7.11
N ALA C 43 26.44 -34.92 -5.91
CA ALA C 43 25.80 -35.79 -4.94
C ALA C 43 25.41 -35.02 -3.69
N GLU C 44 24.12 -35.04 -3.38
CA GLU C 44 23.60 -34.42 -2.18
C GLU C 44 23.58 -35.45 -1.05
N TYR C 45 24.53 -35.34 -0.13
CA TYR C 45 24.58 -36.22 1.03
C TYR C 45 23.57 -35.73 2.07
N ILE C 46 22.66 -36.63 2.45
CA ILE C 46 21.55 -36.33 3.36
C ILE C 46 21.65 -37.14 4.66
N TRP C 47 21.40 -36.50 5.80
CA TRP C 47 21.40 -37.21 7.08
C TRP C 47 20.39 -36.67 8.10
N VAL C 48 20.07 -37.49 9.10
CA VAL C 48 19.19 -37.05 10.18
C VAL C 48 20.02 -36.39 11.27
N GLY C 49 19.66 -35.17 11.62
CA GLY C 49 20.39 -34.41 12.63
C GLY C 49 20.01 -34.79 14.05
N GLY C 50 20.49 -34.01 15.02
CA GLY C 50 20.39 -34.31 16.44
C GLY C 50 19.03 -34.33 17.10
N SER C 51 18.01 -33.82 16.43
CA SER C 51 16.68 -33.88 17.00
C SER C 51 15.96 -35.18 16.62
N GLY C 52 16.54 -35.96 15.72
CA GLY C 52 15.86 -37.14 15.23
C GLY C 52 14.83 -36.84 14.14
N MET C 53 14.57 -35.56 13.88
CA MET C 53 13.60 -35.19 12.83
C MET C 53 14.09 -34.13 11.83
N ASP C 54 15.24 -33.51 12.11
CA ASP C 54 15.75 -32.44 11.23
C ASP C 54 16.69 -33.01 10.15
N LEU C 55 16.27 -32.96 8.89
CA LEU C 55 17.12 -33.43 7.82
C LEU C 55 18.17 -32.39 7.52
N ARG C 56 19.38 -32.86 7.25
CA ARG C 56 20.45 -31.98 6.82
C ARG C 56 21.04 -32.51 5.52
N SER C 57 21.64 -31.63 4.75
CA SER C 57 22.33 -32.06 3.55
C SER C 57 23.37 -31.07 3.08
N LYS C 58 24.28 -31.55 2.24
CA LYS C 58 25.21 -30.68 1.53
C LYS C 58 25.68 -31.48 0.31
N ALA C 59 26.35 -30.81 -0.62
CA ALA C 59 26.61 -31.44 -1.91
C ALA C 59 28.08 -31.46 -2.28
N ARG C 60 28.48 -32.53 -2.95
CA ARG C 60 29.83 -32.66 -3.43
C ARG C 60 29.84 -33.18 -4.87
N THR C 61 30.93 -32.87 -5.55
CA THR C 61 31.14 -33.26 -6.93
C THR C 61 31.88 -34.60 -6.99
N LEU C 62 31.35 -35.53 -7.79
CA LEU C 62 32.01 -36.82 -8.01
C LEU C 62 32.38 -36.91 -9.49
N PRO C 63 33.45 -37.64 -9.84
CA PRO C 63 34.00 -37.67 -11.20
C PRO C 63 33.05 -38.22 -12.27
N GLY C 64 32.17 -39.13 -11.90
CA GLY C 64 31.30 -39.75 -12.87
C GLY C 64 30.11 -40.35 -12.18
N PRO C 65 29.16 -40.89 -12.97
CA PRO C 65 27.93 -41.50 -12.44
C PRO C 65 28.21 -42.68 -11.52
N VAL C 66 27.35 -42.85 -10.52
CA VAL C 66 27.46 -43.93 -9.54
C VAL C 66 26.08 -44.48 -9.26
N SER C 67 25.95 -45.80 -9.25
CA SER C 67 24.66 -46.42 -8.93
C SER C 67 24.75 -47.30 -7.66
N ASP C 68 25.98 -47.68 -7.28
CA ASP C 68 26.19 -48.53 -6.10
C ASP C 68 26.62 -47.68 -4.89
N PRO C 69 25.75 -47.58 -3.88
CA PRO C 69 26.01 -46.74 -2.70
C PRO C 69 27.32 -47.08 -2.00
N SER C 70 27.72 -48.35 -2.02
CA SER C 70 28.94 -48.78 -1.36
C SER C 70 30.19 -48.30 -2.08
N LYS C 71 30.01 -47.74 -3.28
CA LYS C 71 31.13 -47.20 -4.06
C LYS C 71 31.31 -45.68 -3.87
N LEU C 72 30.36 -45.04 -3.20
CA LEU C 72 30.44 -43.63 -2.90
C LEU C 72 31.43 -43.44 -1.76
N PRO C 73 32.20 -42.35 -1.79
CA PRO C 73 33.16 -42.07 -0.72
C PRO C 73 32.45 -41.68 0.56
N LYS C 74 33.00 -42.04 1.72
CA LYS C 74 32.44 -41.53 2.95
C LYS C 74 32.74 -40.04 3.09
N TRP C 75 31.97 -39.35 3.93
CA TRP C 75 32.17 -37.91 4.10
C TRP C 75 32.09 -37.58 5.58
N ASN C 76 32.01 -36.29 5.88
CA ASN C 76 31.92 -35.83 7.27
C ASN C 76 31.28 -34.45 7.36
N TYR C 77 30.92 -34.07 8.59
CA TYR C 77 30.38 -32.74 8.89
C TYR C 77 30.62 -32.40 10.35
N ASP C 78 30.32 -31.17 10.74
CA ASP C 78 30.50 -30.73 12.12
C ASP C 78 29.27 -31.04 12.97
N GLY C 79 29.37 -32.08 13.78
CA GLY C 79 28.25 -32.50 14.62
C GLY C 79 27.91 -31.52 15.71
N SER C 80 28.85 -30.64 16.07
CA SER C 80 28.56 -29.66 17.09
C SER C 80 27.64 -28.59 16.53
N SER C 81 27.44 -28.59 15.22
CA SER C 81 26.55 -27.67 14.55
C SER C 81 25.16 -28.28 14.26
N THR C 82 25.01 -29.58 14.54
CA THR C 82 23.70 -30.23 14.36
C THR C 82 23.28 -30.95 15.64
N ASN C 83 23.87 -30.54 16.77
CA ASN C 83 23.59 -31.15 18.07
C ASN C 83 23.91 -32.66 18.11
N GLN C 84 25.05 -33.05 17.53
CA GLN C 84 25.40 -34.46 17.44
C GLN C 84 26.83 -34.76 17.87
N ALA C 85 27.57 -33.72 18.24
CA ALA C 85 28.88 -33.94 18.81
C ALA C 85 29.26 -32.78 19.74
N PRO C 86 28.98 -32.95 21.03
CA PRO C 86 29.28 -31.95 22.06
C PRO C 86 30.70 -32.07 22.63
N GLY C 87 31.34 -33.22 22.43
CA GLY C 87 32.65 -33.48 22.98
C GLY C 87 33.76 -32.72 22.26
N GLN C 88 35.00 -32.90 22.73
CA GLN C 88 36.16 -32.23 22.12
C GLN C 88 36.41 -32.64 20.67
N ASP C 89 35.72 -33.69 20.24
CA ASP C 89 35.79 -34.15 18.87
C ASP C 89 34.42 -33.94 18.19
N SER C 90 34.31 -32.87 17.43
CA SER C 90 33.03 -32.50 16.84
C SER C 90 32.76 -33.18 15.50
N GLU C 91 33.76 -33.85 14.94
CA GLU C 91 33.61 -34.50 13.63
C GLU C 91 32.70 -35.74 13.68
N VAL C 92 31.77 -35.83 12.73
CA VAL C 92 30.87 -36.99 12.57
C VAL C 92 31.02 -37.53 11.14
N ILE C 93 30.99 -38.85 10.96
CA ILE C 93 31.20 -39.45 9.66
C ILE C 93 29.89 -39.80 8.96
N LEU C 94 29.83 -39.56 7.65
CA LEU C 94 28.66 -39.88 6.82
C LEU C 94 28.91 -41.18 6.03
N TYR C 95 28.05 -42.18 6.21
CA TYR C 95 28.12 -43.41 5.42
C TYR C 95 26.99 -43.45 4.41
N PRO C 96 27.31 -43.30 3.11
CA PRO C 96 26.31 -43.47 2.04
C PRO C 96 25.60 -44.81 2.13
N GLN C 97 24.27 -44.85 2.03
CA GLN C 97 23.57 -46.13 2.11
C GLN C 97 22.57 -46.33 0.97
N ALA C 98 22.01 -45.25 0.46
CA ALA C 98 21.04 -45.35 -0.61
C ALA C 98 21.09 -44.14 -1.54
N ILE C 99 20.96 -44.43 -2.83
CA ILE C 99 21.05 -43.46 -3.91
C ILE C 99 19.69 -43.31 -4.56
N PHE C 100 19.31 -42.07 -4.83
CA PHE C 100 18.12 -41.74 -5.60
C PHE C 100 18.50 -40.65 -6.62
N LYS C 101 17.76 -40.55 -7.71
CA LYS C 101 18.00 -39.45 -8.64
C LYS C 101 17.51 -38.12 -8.02
N ASP C 102 18.27 -37.05 -8.24
CA ASP C 102 17.95 -35.73 -7.68
C ASP C 102 16.94 -34.99 -8.58
N PRO C 103 15.70 -34.77 -8.08
CA PRO C 103 14.68 -34.14 -8.92
C PRO C 103 14.93 -32.63 -9.07
N PHE C 104 15.80 -32.06 -8.23
CA PHE C 104 16.11 -30.62 -8.32
C PHE C 104 17.25 -30.34 -9.28
N ARG C 105 18.35 -31.08 -9.16
CA ARG C 105 19.46 -30.84 -10.05
C ARG C 105 19.33 -31.59 -11.39
N GLN C 106 18.50 -32.65 -11.40
CA GLN C 106 18.20 -33.43 -12.61
C GLN C 106 19.45 -34.13 -13.18
N GLY C 107 19.35 -34.59 -14.42
CA GLY C 107 20.46 -35.25 -15.09
C GLY C 107 20.97 -36.48 -14.35
N ASN C 108 22.28 -36.61 -14.24
CA ASN C 108 22.86 -37.75 -13.53
C ASN C 108 23.18 -37.39 -12.08
N ASN C 109 22.66 -36.26 -11.61
CA ASN C 109 22.91 -35.87 -10.23
C ASN C 109 22.05 -36.65 -9.25
N ILE C 110 22.55 -36.85 -8.04
CA ILE C 110 21.91 -37.78 -7.10
C ILE C 110 21.69 -37.28 -5.69
N LEU C 111 20.71 -37.91 -5.03
CA LEU C 111 20.51 -37.78 -3.60
C LEU C 111 21.12 -38.99 -2.94
N VAL C 112 21.78 -38.79 -1.82
CA VAL C 112 22.40 -39.88 -1.11
C VAL C 112 21.98 -39.90 0.35
N ILE C 113 21.17 -40.89 0.70
CA ILE C 113 20.79 -41.09 2.08
C ILE C 113 21.93 -41.75 2.84
N CYS C 114 22.37 -41.09 3.91
CA CYS C 114 23.45 -41.59 4.75
C CYS C 114 22.98 -41.89 6.17
N ASP C 115 23.75 -42.72 6.87
CA ASP C 115 23.61 -42.78 8.33
C ASP C 115 24.93 -42.35 8.93
N VAL C 116 24.93 -42.21 10.25
CA VAL C 116 25.92 -41.36 10.88
C VAL C 116 26.70 -42.00 12.03
N TYR C 117 28.02 -41.76 12.07
CA TYR C 117 28.92 -42.48 12.96
C TYR C 117 30.01 -41.58 13.56
N THR C 118 30.60 -42.03 14.67
CA THR C 118 31.81 -41.40 15.20
C THR C 118 32.97 -41.78 14.29
N PRO C 119 34.06 -40.99 14.34
CA PRO C 119 35.27 -41.34 13.60
C PRO C 119 35.78 -42.73 13.91
N ALA C 120 35.55 -43.22 15.12
CA ALA C 120 36.01 -44.54 15.50
C ALA C 120 35.15 -45.63 14.87
N GLY C 121 33.92 -45.28 14.50
CA GLY C 121 33.05 -46.21 13.80
C GLY C 121 31.81 -46.67 14.54
N GLU C 122 31.48 -46.02 15.65
CA GLU C 122 30.27 -46.38 16.37
C GLU C 122 29.12 -45.51 15.88
N PRO C 123 27.95 -46.13 15.63
CA PRO C 123 26.80 -45.33 15.21
C PRO C 123 26.40 -44.36 16.31
N LEU C 124 26.02 -43.14 15.94
CA LEU C 124 25.54 -42.18 16.94
C LEU C 124 24.20 -42.65 17.50
N PRO C 125 23.84 -42.21 18.71
CA PRO C 125 22.54 -42.55 19.30
C PRO C 125 21.39 -42.18 18.38
N THR C 126 21.56 -41.12 17.60
CA THR C 126 20.51 -40.66 16.70
C THR C 126 20.53 -41.40 15.36
N ASN C 127 21.48 -42.31 15.18
CA ASN C 127 21.46 -43.18 14.00
C ASN C 127 20.59 -44.39 14.33
N LYS C 128 19.39 -44.42 13.75
CA LYS C 128 18.48 -45.52 13.98
C LYS C 128 18.56 -46.57 12.90
N ARG C 129 19.22 -46.21 11.79
CA ARG C 129 19.36 -47.11 10.65
C ARG C 129 20.22 -48.31 10.99
N TYR C 130 21.27 -48.07 11.78
CA TYR C 130 22.26 -49.11 12.09
C TYR C 130 21.59 -50.37 12.66
N ASN C 131 20.78 -50.20 13.70
CA ASN C 131 20.10 -51.33 14.32
C ASN C 131 19.03 -51.95 13.39
N ALA C 132 18.32 -51.11 12.66
CA ALA C 132 17.36 -51.59 11.67
C ALA C 132 18.05 -52.46 10.61
N ALA C 133 19.24 -52.03 10.19
CA ALA C 133 20.00 -52.79 9.20
C ALA C 133 20.41 -54.18 9.72
N LYS C 134 20.76 -54.25 11.00
CA LYS C 134 21.05 -55.55 11.60
C LYS C 134 19.81 -56.43 11.55
N ILE C 135 18.65 -55.86 11.85
CA ILE C 135 17.41 -56.63 11.76
C ILE C 135 17.08 -57.10 10.33
N PHE C 136 17.14 -56.21 9.34
CA PHE C 136 16.82 -56.61 7.98
C PHE C 136 17.88 -57.50 7.33
N SER C 137 19.12 -57.50 7.86
CA SER C 137 20.19 -58.34 7.33
C SER C 137 20.15 -59.77 7.88
N HIS C 138 19.46 -59.93 9.01
CA HIS C 138 19.33 -61.24 9.62
C HIS C 138 18.70 -62.21 8.64
N PRO C 139 19.32 -63.39 8.44
CA PRO C 139 18.89 -64.36 7.44
C PRO C 139 17.42 -64.75 7.59
N ASP C 140 16.95 -64.79 8.84
CA ASP C 140 15.56 -65.17 9.09
C ASP C 140 14.61 -64.07 8.69
N VAL C 141 15.08 -62.82 8.72
CA VAL C 141 14.26 -61.70 8.28
C VAL C 141 14.35 -61.55 6.75
N ALA C 142 15.56 -61.57 6.22
CA ALA C 142 15.81 -61.40 4.79
C ALA C 142 15.10 -62.45 3.93
N ALA C 143 15.07 -63.68 4.41
CA ALA C 143 14.44 -64.76 3.66
C ALA C 143 12.94 -64.55 3.57
N GLU C 144 12.42 -63.76 4.51
CA GLU C 144 11.00 -63.50 4.60
C GLU C 144 10.55 -62.26 3.80
N VAL C 145 11.50 -61.54 3.21
CA VAL C 145 11.24 -60.38 2.34
C VAL C 145 10.16 -59.42 2.83
N PRO C 146 10.40 -58.77 3.98
CA PRO C 146 9.33 -57.92 4.52
C PRO C 146 9.01 -56.68 3.65
N TRP C 147 7.73 -56.51 3.33
CA TRP C 147 7.27 -55.33 2.60
C TRP C 147 6.58 -54.37 3.57
N TYR C 148 6.77 -53.09 3.34
CA TYR C 148 6.17 -52.06 4.19
C TYR C 148 5.38 -51.06 3.35
N GLY C 149 4.26 -50.62 3.89
CA GLY C 149 3.51 -49.54 3.30
C GLY C 149 3.34 -48.47 4.36
N ILE C 150 3.93 -47.30 4.12
CA ILE C 150 3.94 -46.24 5.10
C ILE C 150 3.06 -45.07 4.64
N GLU C 151 2.22 -44.57 5.54
CA GLU C 151 1.36 -43.40 5.28
C GLU C 151 1.91 -42.24 6.04
N GLN C 152 2.39 -41.22 5.33
CA GLN C 152 2.99 -40.04 5.96
C GLN C 152 2.09 -38.81 5.84
N GLU C 153 1.45 -38.40 6.94
CA GLU C 153 0.65 -37.18 6.90
C GLU C 153 1.57 -35.98 7.16
N TYR C 154 1.16 -34.81 6.67
CA TYR C 154 1.89 -33.58 6.95
C TYR C 154 1.00 -32.35 6.82
N THR C 155 1.47 -31.23 7.37
CA THR C 155 0.73 -29.99 7.32
C THR C 155 1.59 -28.88 6.72
N LEU C 156 1.00 -28.16 5.79
CA LEU C 156 1.65 -27.02 5.16
C LEU C 156 1.25 -25.79 5.97
N LEU C 157 2.24 -25.05 6.43
CA LEU C 157 1.97 -23.93 7.30
C LEU C 157 2.46 -22.66 6.66
N GLN C 158 1.66 -21.62 6.77
CA GLN C 158 2.04 -20.27 6.37
C GLN C 158 3.31 -19.85 7.11
N LYS C 159 4.31 -19.38 6.37
CA LYS C 159 5.60 -19.05 6.96
C LYS C 159 5.54 -18.01 8.07
N ASP C 160 4.75 -16.97 7.89
CA ASP C 160 4.75 -15.88 8.88
C ASP C 160 3.87 -16.17 10.11
N THR C 161 2.72 -16.80 9.92
CA THR C 161 1.79 -16.97 11.02
C THR C 161 1.94 -18.32 11.69
N ASN C 162 2.50 -19.29 10.99
CA ASN C 162 2.57 -20.65 11.51
C ASN C 162 1.19 -21.29 11.72
N TRP C 163 0.18 -20.81 10.99
CA TRP C 163 -1.11 -21.50 10.91
C TRP C 163 -1.21 -22.19 9.55
N PRO C 164 -2.02 -23.26 9.46
CA PRO C 164 -2.07 -24.04 8.20
C PRO C 164 -2.57 -23.20 7.04
N LEU C 165 -2.10 -23.50 5.83
CA LEU C 165 -2.66 -22.86 4.64
C LEU C 165 -4.18 -23.04 4.63
N GLY C 166 -4.91 -21.96 4.36
CA GLY C 166 -6.37 -22.03 4.31
C GLY C 166 -7.04 -22.15 5.68
N TRP C 167 -6.26 -21.97 6.75
CA TRP C 167 -6.84 -21.96 8.09
C TRP C 167 -7.91 -20.87 8.17
N PRO C 168 -9.13 -21.24 8.57
CA PRO C 168 -10.28 -20.33 8.60
C PRO C 168 -10.19 -19.38 9.79
N ILE C 169 -10.61 -18.13 9.61
CA ILE C 169 -10.57 -17.14 10.67
C ILE C 169 -11.11 -17.62 12.05
N GLY C 170 -12.15 -18.44 12.02
CA GLY C 170 -12.77 -18.89 13.25
C GLY C 170 -12.09 -20.06 13.93
N GLY C 171 -11.10 -20.66 13.29
CA GLY C 171 -10.30 -21.67 13.94
C GLY C 171 -10.74 -23.08 13.62
N TYR C 172 -10.40 -24.02 14.49
CA TYR C 172 -10.66 -25.45 14.25
C TYR C 172 -12.08 -25.75 13.73
N PRO C 173 -12.18 -26.22 12.49
CA PRO C 173 -13.43 -26.41 11.74
C PRO C 173 -14.18 -27.69 12.08
N GLY C 174 -13.49 -28.66 12.68
CA GLY C 174 -14.15 -29.91 13.01
C GLY C 174 -13.68 -31.01 12.09
N PRO C 175 -14.10 -32.25 12.37
CA PRO C 175 -13.70 -33.43 11.60
C PRO C 175 -14.52 -33.60 10.33
N GLN C 176 -15.57 -32.82 10.18
CA GLN C 176 -16.48 -32.99 9.06
C GLN C 176 -16.46 -31.73 8.20
N GLY C 177 -15.77 -31.82 7.07
CA GLY C 177 -15.57 -30.67 6.24
C GLY C 177 -15.27 -30.99 4.79
N PRO C 178 -15.00 -29.93 4.02
CA PRO C 178 -14.84 -29.96 2.57
C PRO C 178 -13.40 -30.12 2.10
N TYR C 179 -12.45 -30.21 3.04
CA TYR C 179 -11.05 -30.25 2.67
C TYR C 179 -10.59 -31.66 2.32
N TYR C 180 -11.09 -32.64 3.06
CA TYR C 180 -10.73 -34.04 2.85
C TYR C 180 -10.96 -34.42 1.38
N CYS C 181 -9.87 -34.73 0.69
CA CYS C 181 -9.91 -35.08 -0.74
C CYS C 181 -10.68 -34.03 -1.57
N GLY C 182 -10.63 -32.77 -1.14
CA GLY C 182 -11.42 -31.73 -1.77
C GLY C 182 -10.80 -31.20 -3.04
N ILE C 183 -11.59 -30.48 -3.84
CA ILE C 183 -11.08 -29.77 -5.01
C ILE C 183 -11.64 -28.35 -4.96
N GLY C 184 -10.92 -27.40 -5.52
CA GLY C 184 -11.38 -26.01 -5.52
C GLY C 184 -10.55 -25.05 -4.68
N ALA C 185 -10.53 -23.78 -5.07
CA ALA C 185 -9.70 -22.76 -4.40
C ALA C 185 -9.98 -22.61 -2.90
N ASP C 186 -11.21 -22.90 -2.50
CA ASP C 186 -11.65 -22.76 -1.11
C ASP C 186 -11.53 -24.06 -0.28
N LYS C 187 -10.96 -25.11 -0.86
CA LYS C 187 -10.94 -26.41 -0.18
C LYS C 187 -9.57 -27.06 -0.15
N ALA C 188 -8.89 -27.09 -1.30
CA ALA C 188 -7.58 -27.73 -1.35
C ALA C 188 -6.49 -26.66 -1.25
N TYR C 189 -5.70 -26.70 -0.19
CA TYR C 189 -4.65 -25.71 -0.03
C TYR C 189 -3.27 -26.32 -0.15
N GLY C 190 -2.54 -25.88 -1.18
CA GLY C 190 -1.18 -26.33 -1.40
C GLY C 190 -1.02 -27.49 -2.37
N ARG C 191 -2.02 -27.78 -3.20
CA ARG C 191 -1.91 -28.91 -4.14
C ARG C 191 -0.69 -28.85 -5.08
N ASP C 192 -0.26 -27.66 -5.46
CA ASP C 192 0.93 -27.51 -6.31
C ASP C 192 2.15 -28.17 -5.67
N ILE C 193 2.33 -27.94 -4.37
CA ILE C 193 3.40 -28.59 -3.60
C ILE C 193 3.21 -30.11 -3.61
N VAL C 194 1.98 -30.54 -3.37
CA VAL C 194 1.65 -31.95 -3.26
C VAL C 194 1.92 -32.67 -4.57
N ASP C 195 1.43 -32.09 -5.68
CA ASP C 195 1.64 -32.70 -7.00
C ASP C 195 3.09 -32.67 -7.42
N ALA C 196 3.79 -31.60 -7.07
CA ALA C 196 5.22 -31.51 -7.37
C ALA C 196 5.97 -32.64 -6.65
N HIS C 197 5.56 -32.91 -5.40
CA HIS C 197 6.20 -33.91 -4.57
C HIS C 197 6.00 -35.31 -5.11
N TYR C 198 4.76 -35.59 -5.53
CA TYR C 198 4.40 -36.89 -6.12
C TYR C 198 5.31 -37.23 -7.33
N LYS C 199 5.40 -36.32 -8.30
CA LYS C 199 6.25 -36.55 -9.49
C LYS C 199 7.74 -36.56 -9.15
N ALA C 200 8.14 -35.68 -8.23
CA ALA C 200 9.55 -35.62 -7.82
C ALA C 200 9.99 -36.96 -7.24
N CYS C 201 9.12 -37.54 -6.40
CA CYS C 201 9.39 -38.82 -5.78
C CYS C 201 9.44 -39.97 -6.77
N LEU C 202 8.50 -40.02 -7.70
CA LEU C 202 8.53 -41.04 -8.76
C LEU C 202 9.80 -40.87 -9.57
N TYR C 203 10.11 -39.63 -9.94
CA TYR C 203 11.34 -39.37 -10.68
C TYR C 203 12.54 -39.87 -9.88
N ALA C 204 12.51 -39.68 -8.56
CA ALA C 204 13.70 -39.99 -7.76
C ALA C 204 13.97 -41.50 -7.66
N GLY C 205 12.91 -42.31 -7.82
CA GLY C 205 13.00 -43.76 -7.70
C GLY C 205 12.38 -44.27 -6.42
N ILE C 206 11.59 -43.43 -5.76
CA ILE C 206 10.86 -43.78 -4.55
C ILE C 206 9.52 -44.39 -4.92
N ASN C 207 9.13 -45.43 -4.20
CA ASN C 207 7.87 -46.12 -4.46
C ASN C 207 6.64 -45.44 -3.88
N ILE C 208 6.44 -44.18 -4.25
CA ILE C 208 5.28 -43.48 -3.76
C ILE C 208 4.06 -44.03 -4.52
N SER C 209 3.07 -44.44 -3.73
CA SER C 209 1.95 -45.21 -4.24
C SER C 209 0.66 -44.39 -4.29
N GLY C 210 0.67 -43.20 -3.70
CA GLY C 210 -0.50 -42.32 -3.75
C GLY C 210 -0.46 -41.11 -2.85
N ILE C 211 -1.44 -40.22 -3.00
CA ILE C 211 -1.58 -38.99 -2.20
C ILE C 211 -3.04 -38.70 -1.96
N ASN C 212 -3.31 -37.92 -0.92
CA ASN C 212 -4.66 -37.43 -0.69
C ASN C 212 -4.67 -36.22 0.23
N GLY C 213 -5.62 -35.33 -0.01
CA GLY C 213 -5.91 -34.25 0.92
C GLY C 213 -6.57 -34.75 2.19
N GLU C 214 -6.14 -34.23 3.32
CA GLU C 214 -6.68 -34.67 4.58
C GLU C 214 -7.76 -33.73 5.15
N VAL C 215 -8.24 -34.06 6.34
CA VAL C 215 -9.41 -33.44 6.93
C VAL C 215 -9.23 -31.94 7.23
N MET C 216 -8.04 -31.53 7.66
CA MET C 216 -7.72 -30.14 7.97
C MET C 216 -7.23 -29.37 6.75
N PRO C 217 -7.51 -28.06 6.71
CA PRO C 217 -6.96 -27.25 5.63
C PRO C 217 -5.45 -27.30 5.65
N GLY C 218 -4.85 -27.42 4.47
CA GLY C 218 -3.40 -27.47 4.31
C GLY C 218 -2.78 -28.80 4.74
N GLN C 219 -3.62 -29.78 5.08
CA GLN C 219 -3.11 -31.06 5.58
C GLN C 219 -3.21 -32.09 4.48
N TRP C 220 -2.18 -32.92 4.34
CA TRP C 220 -2.14 -33.90 3.26
C TRP C 220 -1.53 -35.23 3.69
N GLU C 221 -1.57 -36.20 2.79
CA GLU C 221 -0.93 -37.47 3.06
C GLU C 221 -0.30 -38.02 1.79
N PHE C 222 0.86 -38.66 1.93
CA PHE C 222 1.36 -39.50 0.85
C PHE C 222 1.64 -40.89 1.40
N GLN C 223 1.55 -41.90 0.53
CA GLN C 223 1.84 -43.26 0.95
C GLN C 223 3.05 -43.77 0.18
N VAL C 224 3.90 -44.54 0.84
CA VAL C 224 5.04 -45.15 0.17
C VAL C 224 4.97 -46.65 0.36
N GLY C 225 5.17 -47.40 -0.72
CA GLY C 225 5.17 -48.84 -0.64
C GLY C 225 4.41 -49.55 -1.75
N PRO C 226 4.55 -50.88 -1.81
CA PRO C 226 5.35 -51.69 -0.90
C PRO C 226 6.87 -51.53 -1.08
N SER C 227 7.62 -51.47 0.01
CA SER C 227 9.07 -51.34 -0.03
C SER C 227 9.68 -52.43 0.84
N VAL C 228 10.72 -53.08 0.34
CA VAL C 228 11.30 -54.21 1.06
C VAL C 228 12.33 -53.77 2.11
N GLY C 229 12.10 -54.23 3.34
CA GLY C 229 13.06 -54.11 4.42
C GLY C 229 13.60 -52.72 4.72
N ILE C 230 14.91 -52.58 4.70
CA ILE C 230 15.59 -51.35 5.08
C ILE C 230 15.32 -50.20 4.10
N SER C 231 14.93 -50.52 2.87
CA SER C 231 14.68 -49.47 1.90
C SER C 231 13.41 -48.66 2.20
N ALA C 232 12.50 -49.22 2.98
CA ALA C 232 11.29 -48.48 3.37
C ALA C 232 11.71 -47.21 4.12
N GLY C 233 12.62 -47.36 5.08
CA GLY C 233 13.08 -46.22 5.83
C GLY C 233 13.89 -45.26 4.98
N ASP C 234 14.79 -45.79 4.15
CA ASP C 234 15.56 -44.95 3.25
C ASP C 234 14.65 -44.11 2.34
N GLU C 235 13.60 -44.74 1.83
CA GLU C 235 12.68 -44.09 0.91
C GLU C 235 11.83 -43.03 1.61
N ILE C 236 11.37 -43.37 2.82
CA ILE C 236 10.56 -42.44 3.57
C ILE C 236 11.36 -41.19 3.89
N TRP C 237 12.60 -41.36 4.36
CA TRP C 237 13.47 -40.22 4.64
C TRP C 237 13.75 -39.41 3.38
N ALA C 238 13.98 -40.10 2.27
CA ALA C 238 14.21 -39.40 1.00
C ALA C 238 12.97 -38.61 0.60
N ALA C 239 11.80 -39.19 0.83
CA ALA C 239 10.56 -38.53 0.48
C ALA C 239 10.34 -37.28 1.33
N ARG C 240 10.65 -37.39 2.62
CA ARG C 240 10.55 -36.27 3.55
C ARG C 240 11.51 -35.14 3.16
N TYR C 241 12.72 -35.51 2.73
CA TYR C 241 13.70 -34.54 2.26
C TYR C 241 13.16 -33.79 1.05
N ILE C 242 12.67 -34.55 0.06
CA ILE C 242 12.17 -33.95 -1.17
C ILE C 242 10.99 -33.01 -0.89
N LEU C 243 10.09 -33.42 0.00
CA LEU C 243 8.93 -32.60 0.32
C LEU C 243 9.35 -31.23 0.93
N GLU C 244 10.29 -31.26 1.86
CA GLU C 244 10.71 -30.04 2.50
C GLU C 244 11.57 -29.16 1.59
N ARG C 245 12.30 -29.75 0.65
CA ARG C 245 12.98 -28.95 -0.36
C ARG C 245 11.96 -28.22 -1.26
N ILE C 246 10.84 -28.89 -1.54
CA ILE C 246 9.78 -28.28 -2.31
C ILE C 246 9.02 -27.17 -1.53
N THR C 247 8.73 -27.40 -0.25
CA THR C 247 8.08 -26.36 0.54
C THR C 247 9.04 -25.15 0.70
N GLU C 248 10.33 -25.45 0.73
CA GLU C 248 11.33 -24.39 0.76
C GLU C 248 11.18 -23.53 -0.50
N ILE C 249 11.03 -24.18 -1.66
CA ILE C 249 10.80 -23.47 -2.92
C ILE C 249 9.53 -22.65 -2.88
N ALA C 250 8.46 -23.23 -2.35
CA ALA C 250 7.17 -22.55 -2.36
C ALA C 250 7.05 -21.46 -1.28
N GLY C 251 8.06 -21.33 -0.41
CA GLY C 251 8.03 -20.34 0.66
C GLY C 251 7.09 -20.71 1.78
N VAL C 252 6.93 -22.00 2.01
CA VAL C 252 5.97 -22.51 2.98
C VAL C 252 6.68 -23.39 4.02
N VAL C 253 6.17 -23.46 5.25
CA VAL C 253 6.76 -24.36 6.24
C VAL C 253 6.01 -25.68 6.22
N VAL C 254 6.72 -26.79 6.40
CA VAL C 254 6.08 -28.10 6.47
C VAL C 254 6.24 -28.71 7.88
N SER C 255 5.20 -29.38 8.37
CA SER C 255 5.32 -30.11 9.64
C SER C 255 4.87 -31.57 9.56
N PHE C 256 5.67 -32.48 10.14
CA PHE C 256 5.30 -33.89 10.23
C PHE C 256 4.82 -34.25 11.64
N ASP C 257 4.62 -33.24 12.47
CA ASP C 257 4.14 -33.43 13.85
C ASP C 257 2.65 -33.75 13.84
N PRO C 258 2.24 -34.79 14.59
CA PRO C 258 0.82 -35.14 14.75
C PRO C 258 -0.05 -33.99 15.28
N LYS C 259 0.57 -33.05 15.98
CA LYS C 259 -0.14 -31.91 16.54
C LYS C 259 0.63 -30.62 16.20
N PRO C 260 0.49 -30.14 14.96
CA PRO C 260 1.38 -29.05 14.53
C PRO C 260 0.96 -27.65 14.98
N ILE C 261 -0.22 -27.49 15.56
CA ILE C 261 -0.70 -26.20 16.09
C ILE C 261 -1.43 -26.46 17.39
N PRO C 262 -1.60 -25.42 18.24
CA PRO C 262 -2.41 -25.63 19.45
C PRO C 262 -3.88 -25.82 19.12
N GLY C 263 -4.66 -26.20 20.13
CA GLY C 263 -6.09 -26.35 19.96
C GLY C 263 -6.47 -27.72 19.42
N ASP C 264 -7.74 -27.91 19.12
CA ASP C 264 -8.21 -29.17 18.56
C ASP C 264 -7.61 -29.34 17.17
N TRP C 265 -7.43 -30.60 16.79
CA TRP C 265 -6.74 -30.94 15.56
C TRP C 265 -6.99 -32.40 15.24
N ASN C 266 -7.24 -32.67 13.97
CA ASN C 266 -7.40 -34.04 13.53
C ASN C 266 -6.18 -34.48 12.75
N GLY C 267 -5.37 -35.33 13.37
CA GLY C 267 -4.29 -35.95 12.65
C GLY C 267 -4.51 -37.44 12.66
N ALA C 268 -3.93 -38.13 11.69
CA ALA C 268 -3.96 -39.57 11.69
C ALA C 268 -2.67 -39.96 12.40
N GLY C 269 -1.64 -40.23 11.60
CA GLY C 269 -0.34 -40.57 12.13
C GLY C 269 0.54 -41.03 10.99
N ALA C 270 1.22 -42.14 11.23
CA ALA C 270 1.95 -42.83 10.19
C ALA C 270 1.68 -44.32 10.41
N HIS C 271 0.56 -44.78 9.88
CA HIS C 271 0.13 -46.17 10.04
C HIS C 271 0.97 -46.98 9.10
N THR C 272 1.30 -48.19 9.51
CA THR C 272 2.23 -48.99 8.75
C THR C 272 1.65 -50.36 8.35
N ASN C 273 1.62 -50.63 7.06
CA ASN C 273 1.17 -51.90 6.50
C ASN C 273 2.37 -52.82 6.34
N TYR C 274 2.19 -54.11 6.57
CA TYR C 274 3.31 -55.03 6.60
C TYR C 274 2.93 -56.42 6.07
N SER C 275 3.79 -57.00 5.24
CA SER C 275 3.56 -58.36 4.80
C SER C 275 4.89 -59.04 4.52
N THR C 276 4.89 -60.35 4.77
CA THR C 276 6.03 -61.19 4.49
C THR C 276 5.76 -62.08 3.30
N LYS C 277 6.82 -62.64 2.77
CA LYS C 277 6.72 -63.62 1.71
C LYS C 277 5.72 -64.73 2.05
N SER C 278 5.78 -65.26 3.26
CA SER C 278 4.86 -66.32 3.70
C SER C 278 3.39 -65.88 3.77
N MET C 279 3.17 -64.64 4.23
CA MET C 279 1.83 -64.06 4.30
C MET C 279 1.27 -63.82 2.89
N ARG C 280 2.15 -63.46 1.96
CA ARG C 280 1.71 -63.11 0.61
C ARG C 280 1.41 -64.36 -0.22
N GLU C 281 1.74 -65.53 0.31
CA GLU C 281 1.50 -66.77 -0.41
C GLU C 281 0.20 -67.41 0.07
N ASN C 282 0.06 -68.71 -0.20
CA ASN C 282 -1.15 -69.42 0.16
C ASN C 282 -1.10 -69.83 1.63
N GLY C 283 -2.24 -69.66 2.30
CA GLY C 283 -2.43 -70.08 3.68
C GLY C 283 -2.22 -68.86 4.52
N GLY C 284 -1.33 -68.00 3.97
CA GLY C 284 -0.96 -66.70 4.48
C GLY C 284 -1.63 -66.17 5.73
N TYR C 285 -2.96 -66.18 5.70
CA TYR C 285 -3.79 -65.75 6.82
C TYR C 285 -3.38 -66.32 8.18
N GLU C 286 -2.95 -67.58 8.19
CA GLU C 286 -2.56 -68.22 9.43
C GLU C 286 -1.28 -67.60 9.94
N ILE C 287 -0.38 -67.32 9.01
CA ILE C 287 0.88 -66.65 9.31
C ILE C 287 0.59 -65.27 9.89
N ILE C 288 -0.42 -64.61 9.34
CA ILE C 288 -0.81 -63.28 9.80
C ILE C 288 -1.31 -63.24 11.25
N LYS C 289 -2.19 -64.17 11.62
CA LYS C 289 -2.75 -64.18 12.97
C LYS C 289 -1.63 -64.38 14.02
N LYS C 290 -0.66 -65.23 13.69
CA LYS C 290 0.50 -65.46 14.56
C LYS C 290 1.33 -64.20 14.77
N ALA C 291 1.58 -63.48 13.69
CA ALA C 291 2.33 -62.23 13.76
C ALA C 291 1.60 -61.20 14.64
N ILE C 292 0.30 -61.07 14.41
CA ILE C 292 -0.55 -60.20 15.22
C ILE C 292 -0.52 -60.61 16.70
N GLU C 293 -0.55 -61.92 16.94
CA GLU C 293 -0.48 -62.43 18.30
C GLU C 293 0.80 -61.95 18.97
N LYS C 294 1.92 -62.09 18.24
CA LYS C 294 3.23 -61.71 18.74
C LYS C 294 3.31 -60.21 19.02
N LEU C 295 2.73 -59.43 18.11
CA LEU C 295 2.69 -57.99 18.25
C LEU C 295 1.93 -57.65 19.53
N GLY C 296 0.85 -58.39 19.77
CA GLY C 296 0.02 -58.15 20.94
C GLY C 296 0.81 -58.41 22.20
N LEU C 297 1.63 -59.45 22.20
CA LEU C 297 2.43 -59.78 23.38
C LEU C 297 3.48 -58.71 23.74
N ARG C 298 3.87 -57.88 22.79
CA ARG C 298 4.94 -56.90 23.02
C ARG C 298 4.49 -55.46 23.29
N HIS C 299 3.57 -54.96 22.46
CA HIS C 299 3.11 -53.57 22.51
C HIS C 299 4.17 -52.50 22.85
N LYS C 300 4.94 -52.09 21.85
CA LYS C 300 5.93 -51.02 22.03
C LYS C 300 5.35 -49.60 21.97
N SER C 336 -4.78 -51.58 17.70
CA SER C 336 -3.37 -51.30 17.45
C SER C 336 -2.90 -51.97 16.16
N VAL C 337 -3.54 -53.08 15.84
CA VAL C 337 -3.21 -53.87 14.65
C VAL C 337 -4.48 -54.30 13.93
N ARG C 338 -4.52 -54.13 12.62
CA ARG C 338 -5.73 -54.43 11.86
C ARG C 338 -5.40 -55.23 10.60
N VAL C 339 -6.31 -56.12 10.23
CA VAL C 339 -6.17 -56.96 9.04
C VAL C 339 -6.89 -56.33 7.85
N TYR C 350 -1.89 -58.91 3.96
CA TYR C 350 -1.07 -58.14 4.88
C TYR C 350 -1.85 -57.65 6.09
N PHE C 351 -1.19 -56.89 6.96
CA PHE C 351 -1.88 -56.26 8.08
C PHE C 351 -1.32 -54.87 8.43
N GLU C 352 -2.15 -54.08 9.10
CA GLU C 352 -1.84 -52.70 9.39
C GLU C 352 -1.45 -52.53 10.85
N ASP C 353 -0.43 -51.73 11.09
CA ASP C 353 -0.04 -51.39 12.44
C ASP C 353 -0.34 -49.89 12.59
N ARG C 354 -1.30 -49.58 13.46
CA ARG C 354 -1.85 -48.22 13.52
C ARG C 354 -1.35 -47.35 14.68
N ARG C 355 -0.37 -47.86 15.41
CA ARG C 355 0.21 -47.14 16.57
C ARG C 355 1.21 -46.00 16.30
N PRO C 356 2.05 -46.10 15.24
CA PRO C 356 3.04 -45.02 15.07
C PRO C 356 2.45 -43.67 14.62
N SER C 357 3.07 -42.61 15.12
CA SER C 357 2.67 -41.24 14.79
C SER C 357 3.46 -40.71 13.59
N SER C 358 3.02 -39.57 13.06
CA SER C 358 3.57 -39.04 11.81
C SER C 358 5.05 -38.63 11.87
N ASN C 359 5.61 -38.50 13.07
CA ASN C 359 7.00 -38.08 13.24
C ASN C 359 7.96 -39.18 13.73
N MET C 360 7.51 -40.42 13.71
CA MET C 360 8.35 -41.56 14.13
C MET C 360 9.53 -41.75 13.19
N ASP C 361 10.57 -42.45 13.64
CA ASP C 361 11.62 -42.82 12.70
C ASP C 361 11.19 -44.13 12.05
N PRO C 362 10.95 -44.10 10.73
CA PRO C 362 10.54 -45.29 9.99
C PRO C 362 11.51 -46.48 10.16
N TYR C 363 12.79 -46.21 10.39
CA TYR C 363 13.76 -47.29 10.64
C TYR C 363 13.37 -48.08 11.89
N VAL C 364 12.97 -47.37 12.94
CA VAL C 364 12.57 -48.01 14.19
C VAL C 364 11.26 -48.77 13.98
N VAL C 365 10.25 -48.07 13.48
CA VAL C 365 8.91 -48.65 13.28
C VAL C 365 8.90 -49.91 12.43
N THR C 366 9.52 -49.84 11.26
CA THR C 366 9.53 -50.98 10.36
C THR C 366 10.32 -52.18 10.92
N SER C 367 11.50 -51.90 11.47
CA SER C 367 12.38 -52.96 11.96
C SER C 367 11.84 -53.63 13.22
N MET C 368 11.15 -52.87 14.06
CA MET C 368 10.56 -53.44 15.26
C MET C 368 9.48 -54.48 14.91
N ILE C 369 8.74 -54.20 13.86
CA ILE C 369 7.70 -55.12 13.40
C ILE C 369 8.28 -56.45 12.90
N ALA C 370 9.35 -56.39 12.11
CA ALA C 370 10.00 -57.61 11.64
C ALA C 370 10.59 -58.41 12.80
N GLU C 371 11.26 -57.71 13.72
CA GLU C 371 11.92 -58.33 14.86
C GLU C 371 10.89 -59.07 15.72
N THR C 372 9.82 -58.35 16.06
CA THR C 372 8.77 -58.92 16.87
C THR C 372 8.07 -60.11 16.18
N THR C 373 7.88 -60.06 14.85
CA THR C 373 7.11 -61.11 14.17
C THR C 373 7.96 -62.25 13.59
N LEU C 374 9.27 -62.06 13.49
CA LEU C 374 10.13 -63.05 12.86
C LEU C 374 11.26 -63.55 13.73
N LEU C 375 11.65 -62.76 14.72
CA LEU C 375 12.83 -63.12 15.51
C LEU C 375 12.56 -63.32 16.98
N TRP C 376 11.61 -62.57 17.52
CA TRP C 376 11.33 -62.57 18.95
C TRP C 376 10.66 -63.87 19.41
N LYS C 377 11.08 -64.35 20.59
CA LYS C 377 10.57 -65.59 21.17
C LYS C 377 10.03 -65.32 22.56
N PRO C 378 8.73 -65.53 22.77
CA PRO C 378 8.15 -65.21 24.08
C PRO C 378 8.58 -66.15 25.21
N MET D 23 8.83 -7.56 -20.70
CA MET D 23 8.48 -8.81 -20.02
C MET D 23 9.62 -9.82 -20.15
N SER D 24 9.25 -11.05 -20.51
CA SER D 24 10.20 -12.12 -20.83
C SER D 24 10.79 -11.88 -22.23
N LEU D 25 10.38 -10.77 -22.83
CA LEU D 25 10.90 -10.33 -24.11
C LEU D 25 12.39 -10.05 -23.91
N LEU D 26 12.72 -9.57 -22.72
CA LEU D 26 14.08 -9.20 -22.37
C LEU D 26 15.01 -10.42 -22.25
N SER D 27 14.55 -11.45 -21.54
CA SER D 27 15.39 -12.63 -21.35
C SER D 27 15.65 -13.34 -22.67
N ASP D 28 14.70 -13.25 -23.60
CA ASP D 28 14.88 -13.78 -24.96
C ASP D 28 16.04 -13.08 -25.69
N LEU D 29 16.12 -11.76 -25.54
CA LEU D 29 17.23 -11.02 -26.13
C LEU D 29 18.53 -11.44 -25.47
N ILE D 30 18.50 -11.51 -24.14
CA ILE D 30 19.67 -11.89 -23.35
C ILE D 30 20.17 -13.30 -23.69
N ASN D 31 19.23 -14.20 -24.02
CA ASN D 31 19.58 -15.59 -24.33
C ASN D 31 19.74 -15.95 -25.81
N LEU D 32 19.85 -14.95 -26.68
CA LEU D 32 20.10 -15.20 -28.10
C LEU D 32 21.37 -16.02 -28.29
N ASN D 33 21.27 -17.06 -29.12
CA ASN D 33 22.42 -17.87 -29.49
C ASN D 33 23.13 -17.26 -30.70
N LEU D 34 24.27 -16.61 -30.46
CA LEU D 34 24.98 -15.90 -31.54
C LEU D 34 25.53 -16.84 -32.60
N SER D 35 25.74 -18.11 -32.26
CA SER D 35 26.25 -19.10 -33.22
C SER D 35 25.34 -19.27 -34.43
N GLU D 36 24.07 -18.92 -34.25
CA GLU D 36 23.08 -19.02 -35.33
C GLU D 36 23.16 -17.85 -36.31
N SER D 37 23.85 -16.76 -35.93
CA SER D 37 23.94 -15.58 -36.79
C SER D 37 25.36 -15.27 -37.29
N SER D 38 26.39 -15.75 -36.58
CA SER D 38 27.79 -15.51 -36.97
C SER D 38 28.77 -16.40 -36.21
N GLU D 39 30.06 -16.09 -36.35
CA GLU D 39 31.13 -16.82 -35.66
C GLU D 39 31.74 -16.00 -34.52
N LYS D 40 31.29 -14.77 -34.38
CA LYS D 40 31.78 -13.85 -33.36
C LYS D 40 31.45 -14.35 -31.95
N ILE D 41 32.36 -14.11 -31.03
CA ILE D 41 32.09 -14.39 -29.63
C ILE D 41 32.29 -13.13 -28.83
N ILE D 42 31.74 -13.16 -27.62
CA ILE D 42 31.93 -12.08 -26.66
C ILE D 42 32.84 -12.57 -25.54
N ALA D 43 33.83 -11.75 -25.20
CA ALA D 43 34.77 -12.09 -24.16
C ALA D 43 34.65 -11.08 -23.03
N GLU D 44 34.34 -11.57 -21.83
CA GLU D 44 34.23 -10.71 -20.65
C GLU D 44 35.57 -10.65 -19.91
N TYR D 45 36.28 -9.54 -20.05
CA TYR D 45 37.59 -9.38 -19.39
C TYR D 45 37.41 -8.98 -17.93
N ILE D 46 37.97 -9.77 -17.02
CA ILE D 46 37.77 -9.61 -15.58
C ILE D 46 39.10 -9.28 -14.90
N TRP D 47 39.07 -8.36 -13.95
CA TRP D 47 40.27 -8.03 -13.19
C TRP D 47 39.93 -7.60 -11.77
N VAL D 48 40.95 -7.64 -10.91
CA VAL D 48 40.80 -7.20 -9.52
C VAL D 48 41.12 -5.71 -9.44
N GLY D 49 40.20 -4.94 -8.85
CA GLY D 49 40.34 -3.50 -8.77
C GLY D 49 41.26 -3.00 -7.66
N GLY D 50 41.21 -1.70 -7.39
CA GLY D 50 42.11 -1.02 -6.48
C GLY D 50 42.03 -1.30 -4.98
N SER D 51 40.94 -1.90 -4.54
CA SER D 51 40.80 -2.26 -3.14
C SER D 51 41.38 -3.64 -2.86
N GLY D 52 41.75 -4.35 -3.92
CA GLY D 52 42.23 -5.71 -3.78
C GLY D 52 41.10 -6.72 -3.61
N MET D 53 39.87 -6.24 -3.46
CA MET D 53 38.74 -7.15 -3.30
C MET D 53 37.58 -6.89 -4.28
N ASP D 54 37.64 -5.80 -5.04
CA ASP D 54 36.58 -5.45 -5.99
C ASP D 54 36.86 -5.97 -7.40
N LEU D 55 36.02 -6.88 -7.87
CA LEU D 55 36.14 -7.37 -9.24
C LEU D 55 35.54 -6.37 -10.21
N ARG D 56 36.20 -6.18 -11.33
CA ARG D 56 35.64 -5.31 -12.36
C ARG D 56 35.65 -6.08 -13.67
N SER D 57 34.77 -5.73 -14.60
CA SER D 57 34.80 -6.33 -15.93
C SER D 57 34.09 -5.52 -16.99
N LYS D 58 34.43 -5.83 -18.23
CA LYS D 58 33.72 -5.31 -19.39
C LYS D 58 33.95 -6.30 -20.51
N ALA D 59 33.17 -6.17 -21.58
CA ALA D 59 33.12 -7.22 -22.58
C ALA D 59 33.45 -6.65 -23.95
N ARG D 60 34.09 -7.46 -24.80
CA ARG D 60 34.44 -7.06 -26.15
C ARG D 60 34.08 -8.19 -27.12
N THR D 61 33.93 -7.83 -28.39
CA THR D 61 33.62 -8.77 -29.46
C THR D 61 34.90 -9.26 -30.11
N LEU D 62 35.04 -10.58 -30.24
CA LEU D 62 36.17 -11.19 -30.93
C LEU D 62 35.71 -11.95 -32.17
N PRO D 63 36.60 -12.11 -33.18
CA PRO D 63 36.25 -12.66 -34.51
C PRO D 63 35.74 -14.09 -34.48
N GLY D 64 36.25 -14.91 -33.57
CA GLY D 64 35.87 -16.31 -33.51
C GLY D 64 36.17 -16.94 -32.16
N PRO D 65 35.78 -18.22 -31.98
CA PRO D 65 35.99 -18.93 -30.72
C PRO D 65 37.47 -19.04 -30.34
N VAL D 66 37.74 -18.93 -29.04
CA VAL D 66 39.10 -19.00 -28.51
C VAL D 66 39.09 -19.81 -27.23
N SER D 67 40.05 -20.73 -27.09
CA SER D 67 40.20 -21.51 -25.86
C SER D 67 41.56 -21.30 -25.19
N ASP D 68 42.53 -20.80 -25.96
CA ASP D 68 43.90 -20.55 -25.51
C ASP D 68 44.07 -19.08 -25.14
N PRO D 69 44.29 -18.80 -23.84
CA PRO D 69 44.40 -17.41 -23.35
C PRO D 69 45.48 -16.62 -24.06
N SER D 70 46.56 -17.28 -24.47
CA SER D 70 47.69 -16.57 -25.07
C SER D 70 47.37 -16.03 -26.46
N LYS D 71 46.24 -16.46 -27.03
CA LYS D 71 45.80 -15.99 -28.35
C LYS D 71 44.83 -14.83 -28.24
N LEU D 72 44.42 -14.50 -27.02
CA LEU D 72 43.54 -13.34 -26.80
C LEU D 72 44.33 -12.05 -26.84
N PRO D 73 43.75 -11.00 -27.43
CA PRO D 73 44.43 -9.70 -27.47
C PRO D 73 44.44 -9.07 -26.08
N LYS D 74 45.46 -8.28 -25.79
CA LYS D 74 45.48 -7.47 -24.59
C LYS D 74 44.43 -6.38 -24.70
N TRP D 75 44.06 -5.78 -23.58
CA TRP D 75 43.10 -4.69 -23.57
C TRP D 75 43.57 -3.61 -22.61
N ASN D 76 42.69 -2.65 -22.30
CA ASN D 76 43.02 -1.58 -21.39
C ASN D 76 41.77 -1.04 -20.71
N TYR D 77 41.97 -0.22 -19.67
CA TYR D 77 40.87 0.46 -19.00
C TYR D 77 41.37 1.71 -18.28
N ASP D 78 40.45 2.49 -17.73
CA ASP D 78 40.81 3.70 -17.00
C ASP D 78 41.04 3.39 -15.51
N GLY D 79 42.30 3.32 -15.12
CA GLY D 79 42.64 3.02 -13.74
C GLY D 79 42.26 4.10 -12.73
N SER D 80 42.06 5.34 -13.19
CA SER D 80 41.67 6.43 -12.29
C SER D 80 40.21 6.29 -11.88
N SER D 81 39.50 5.36 -12.52
CA SER D 81 38.11 5.05 -12.18
C SER D 81 38.01 3.81 -11.31
N THR D 82 39.12 3.12 -11.09
CA THR D 82 39.11 1.95 -10.22
C THR D 82 40.18 2.07 -9.16
N ASN D 83 40.60 3.30 -8.89
CA ASN D 83 41.63 3.59 -7.89
C ASN D 83 42.95 2.83 -8.15
N GLN D 84 43.38 2.81 -9.42
CA GLN D 84 44.57 2.05 -9.79
C GLN D 84 45.55 2.84 -10.65
N ALA D 85 45.22 4.09 -10.93
CA ALA D 85 46.17 4.99 -11.58
C ALA D 85 45.82 6.43 -11.23
N PRO D 86 46.58 7.02 -10.29
CA PRO D 86 46.40 8.40 -9.84
C PRO D 86 47.10 9.43 -10.74
N GLY D 87 48.13 9.02 -11.46
CA GLY D 87 48.93 9.95 -12.25
C GLY D 87 48.20 10.43 -13.49
N GLN D 88 48.82 11.33 -14.25
CA GLN D 88 48.19 11.86 -15.46
C GLN D 88 47.94 10.82 -16.53
N ASP D 89 48.56 9.65 -16.40
CA ASP D 89 48.29 8.57 -17.34
C ASP D 89 47.56 7.49 -16.58
N SER D 90 46.25 7.50 -16.77
CA SER D 90 45.31 6.68 -16.05
C SER D 90 45.15 5.29 -16.69
N GLU D 91 45.78 5.11 -17.85
CA GLU D 91 45.65 3.87 -18.59
C GLU D 91 46.29 2.68 -17.89
N VAL D 92 45.53 1.59 -17.81
CA VAL D 92 46.04 0.34 -17.27
C VAL D 92 45.80 -0.77 -18.29
N ILE D 93 46.77 -1.67 -18.43
CA ILE D 93 46.69 -2.73 -19.43
C ILE D 93 46.19 -4.04 -18.84
N LEU D 94 45.32 -4.73 -19.59
CA LEU D 94 44.79 -6.03 -19.18
C LEU D 94 45.49 -7.21 -19.89
N TYR D 95 46.12 -8.10 -19.13
CA TYR D 95 46.73 -9.28 -19.74
C TYR D 95 45.84 -10.51 -19.49
N PRO D 96 45.28 -11.09 -20.56
CA PRO D 96 44.52 -12.35 -20.47
C PRO D 96 45.36 -13.50 -19.89
N GLN D 97 44.84 -14.25 -18.92
CA GLN D 97 45.62 -15.33 -18.31
C GLN D 97 44.87 -16.66 -18.27
N ALA D 98 43.55 -16.60 -18.12
CA ALA D 98 42.76 -17.81 -18.03
C ALA D 98 41.37 -17.63 -18.66
N ILE D 99 40.91 -18.66 -19.35
CA ILE D 99 39.62 -18.65 -20.02
C ILE D 99 38.67 -19.61 -19.33
N PHE D 100 37.42 -19.17 -19.17
CA PHE D 100 36.37 -20.04 -18.72
C PHE D 100 35.18 -19.78 -19.64
N LYS D 101 34.28 -20.76 -19.76
CA LYS D 101 33.06 -20.52 -20.50
C LYS D 101 32.15 -19.59 -19.68
N ASP D 102 31.52 -18.64 -20.36
CA ASP D 102 30.65 -17.68 -19.71
C ASP D 102 29.28 -18.28 -19.52
N PRO D 103 28.90 -18.53 -18.26
CA PRO D 103 27.62 -19.20 -18.03
C PRO D 103 26.42 -18.26 -18.23
N PHE D 104 26.68 -16.95 -18.29
CA PHE D 104 25.62 -15.95 -18.50
C PHE D 104 25.32 -15.73 -19.99
N ARG D 105 26.35 -15.55 -20.79
CA ARG D 105 26.14 -15.36 -22.22
C ARG D 105 26.01 -16.68 -22.95
N GLN D 106 26.54 -17.75 -22.35
CA GLN D 106 26.45 -19.10 -22.90
C GLN D 106 27.14 -19.24 -24.28
N GLY D 107 26.84 -20.35 -24.95
CA GLY D 107 27.42 -20.64 -26.25
C GLY D 107 28.93 -20.65 -26.17
N ASN D 108 29.57 -20.02 -27.16
CA ASN D 108 31.01 -19.93 -27.21
C ASN D 108 31.56 -18.64 -26.60
N ASN D 109 30.71 -17.92 -25.87
CA ASN D 109 31.15 -16.71 -25.20
C ASN D 109 31.95 -17.07 -23.96
N ILE D 110 32.91 -16.24 -23.59
CA ILE D 110 33.86 -16.61 -22.55
C ILE D 110 34.08 -15.55 -21.48
N LEU D 111 34.53 -16.03 -20.32
CA LEU D 111 35.08 -15.17 -19.26
C LEU D 111 36.59 -15.25 -19.35
N VAL D 112 37.25 -14.12 -19.15
CA VAL D 112 38.70 -14.04 -19.23
C VAL D 112 39.29 -13.40 -17.98
N ILE D 113 39.96 -14.19 -17.14
CA ILE D 113 40.64 -13.62 -15.98
C ILE D 113 41.94 -12.97 -16.41
N CYS D 114 42.08 -11.69 -16.10
CA CYS D 114 43.28 -10.96 -16.44
C CYS D 114 44.04 -10.55 -15.17
N ASP D 115 45.31 -10.25 -15.34
CA ASP D 115 46.04 -9.48 -14.36
C ASP D 115 46.44 -8.16 -15.00
N VAL D 116 46.96 -7.24 -14.19
CA VAL D 116 46.94 -5.84 -14.56
C VAL D 116 48.30 -5.11 -14.45
N TYR D 117 48.60 -4.25 -15.44
CA TYR D 117 49.94 -3.64 -15.60
C TYR D 117 49.91 -2.17 -16.04
N THR D 118 51.03 -1.48 -15.81
CA THR D 118 51.24 -0.14 -16.38
C THR D 118 51.52 -0.33 -17.87
N PRO D 119 51.27 0.72 -18.67
CA PRO D 119 51.63 0.63 -20.09
C PRO D 119 53.10 0.28 -20.32
N ALA D 120 53.98 0.69 -19.41
CA ALA D 120 55.40 0.40 -19.55
C ALA D 120 55.68 -1.07 -19.28
N GLY D 121 54.74 -1.74 -18.65
CA GLY D 121 54.82 -3.17 -18.49
C GLY D 121 55.06 -3.66 -17.09
N GLU D 122 54.98 -2.76 -16.12
CA GLU D 122 55.19 -3.15 -14.73
C GLU D 122 53.87 -3.51 -14.09
N PRO D 123 53.87 -4.60 -13.30
CA PRO D 123 52.64 -4.98 -12.59
C PRO D 123 52.27 -3.89 -11.59
N LEU D 124 50.97 -3.63 -11.48
CA LEU D 124 50.49 -2.68 -10.48
C LEU D 124 50.70 -3.30 -9.11
N PRO D 125 50.77 -2.45 -8.07
CA PRO D 125 50.84 -2.96 -6.70
C PRO D 125 49.69 -3.94 -6.40
N THR D 126 48.53 -3.72 -7.00
CA THR D 126 47.37 -4.56 -6.72
C THR D 126 47.29 -5.85 -7.54
N ASN D 127 48.25 -6.05 -8.44
CA ASN D 127 48.38 -7.31 -9.19
C ASN D 127 49.19 -8.30 -8.35
N LYS D 128 48.51 -9.27 -7.75
CA LYS D 128 49.16 -10.26 -6.90
C LYS D 128 49.46 -11.55 -7.68
N ARG D 129 48.89 -11.67 -8.88
CA ARG D 129 49.10 -12.86 -9.68
C ARG D 129 50.55 -12.95 -10.12
N TYR D 130 51.13 -11.78 -10.43
CA TYR D 130 52.44 -11.70 -11.04
C TYR D 130 53.50 -12.45 -10.25
N ASN D 131 53.65 -12.10 -8.98
CA ASN D 131 54.66 -12.77 -8.16
C ASN D 131 54.29 -14.23 -7.90
N ALA D 132 53.00 -14.51 -7.75
CA ALA D 132 52.55 -15.89 -7.59
C ALA D 132 52.94 -16.75 -8.79
N ALA D 133 52.80 -16.19 -9.99
CA ALA D 133 53.16 -16.91 -11.21
C ALA D 133 54.66 -17.19 -11.25
N LYS D 134 55.44 -16.24 -10.74
CA LYS D 134 56.88 -16.41 -10.63
C LYS D 134 57.21 -17.62 -9.77
N ILE D 135 56.55 -17.73 -8.64
CA ILE D 135 56.79 -18.83 -7.73
C ILE D 135 56.38 -20.16 -8.36
N PHE D 136 55.19 -20.19 -8.95
CA PHE D 136 54.68 -21.43 -9.52
C PHE D 136 55.39 -21.88 -10.80
N SER D 137 56.11 -20.96 -11.46
CA SER D 137 56.88 -21.31 -12.65
C SER D 137 58.26 -21.88 -12.32
N HIS D 138 58.72 -21.61 -11.10
CA HIS D 138 60.00 -22.13 -10.62
C HIS D 138 60.00 -23.66 -10.69
N PRO D 139 61.06 -24.24 -11.28
CA PRO D 139 61.19 -25.68 -11.53
C PRO D 139 61.07 -26.55 -10.28
N ASP D 140 61.54 -26.07 -9.14
CA ASP D 140 61.48 -26.88 -7.92
C ASP D 140 60.05 -26.92 -7.36
N VAL D 141 59.27 -25.90 -7.68
CA VAL D 141 57.87 -25.85 -7.28
C VAL D 141 57.02 -26.64 -8.28
N ALA D 142 57.21 -26.37 -9.56
CA ALA D 142 56.44 -27.05 -10.62
C ALA D 142 56.60 -28.57 -10.61
N ALA D 143 57.81 -29.04 -10.34
CA ALA D 143 58.10 -30.48 -10.32
C ALA D 143 57.38 -31.16 -9.17
N GLU D 144 57.03 -30.36 -8.17
CA GLU D 144 56.41 -30.86 -6.97
C GLU D 144 54.88 -30.89 -7.13
N VAL D 145 54.42 -30.32 -8.26
CA VAL D 145 53.00 -30.28 -8.64
C VAL D 145 52.01 -29.87 -7.53
N PRO D 146 52.08 -28.63 -7.05
CA PRO D 146 51.21 -28.21 -5.94
C PRO D 146 49.72 -28.16 -6.26
N TRP D 147 48.91 -28.81 -5.43
CA TRP D 147 47.45 -28.74 -5.52
C TRP D 147 46.88 -27.91 -4.35
N TYR D 148 45.80 -27.17 -4.63
CA TYR D 148 45.17 -26.34 -3.62
C TYR D 148 43.70 -26.65 -3.57
N GLY D 149 43.18 -26.61 -2.36
CA GLY D 149 41.75 -26.69 -2.11
C GLY D 149 41.36 -25.50 -1.28
N ILE D 150 40.46 -24.67 -1.81
CA ILE D 150 40.04 -23.47 -1.11
C ILE D 150 38.58 -23.56 -0.66
N GLU D 151 38.34 -23.15 0.58
CA GLU D 151 36.99 -23.08 1.12
C GLU D 151 36.58 -21.62 1.19
N GLN D 152 35.57 -21.23 0.42
CA GLN D 152 35.15 -19.83 0.38
C GLN D 152 33.79 -19.62 1.07
N GLU D 153 33.85 -18.99 2.23
CA GLU D 153 32.65 -18.65 2.95
C GLU D 153 32.17 -17.34 2.37
N TYR D 154 30.86 -17.13 2.41
CA TYR D 154 30.28 -15.85 1.99
C TYR D 154 28.92 -15.66 2.68
N THR D 155 28.42 -14.43 2.70
CA THR D 155 27.12 -14.12 3.30
C THR D 155 26.27 -13.38 2.30
N LEU D 156 25.00 -13.76 2.22
CA LEU D 156 24.03 -13.11 1.35
C LEU D 156 23.30 -12.04 2.16
N LEU D 157 23.33 -10.79 1.69
CA LEU D 157 22.75 -9.67 2.44
C LEU D 157 21.57 -9.02 1.73
N GLN D 158 20.52 -8.72 2.49
CA GLN D 158 19.42 -7.91 2.01
C GLN D 158 19.98 -6.60 1.50
N LYS D 159 19.57 -6.22 0.29
CA LYS D 159 20.12 -5.02 -0.33
C LYS D 159 19.90 -3.76 0.49
N ASP D 160 18.71 -3.61 1.05
CA ASP D 160 18.33 -2.38 1.74
C ASP D 160 18.85 -2.23 3.18
N THR D 161 18.84 -3.32 3.94
CA THR D 161 19.19 -3.28 5.35
C THR D 161 20.63 -3.68 5.62
N ASN D 162 21.22 -4.40 4.68
CA ASN D 162 22.55 -4.99 4.85
C ASN D 162 22.66 -6.02 5.98
N TRP D 163 21.54 -6.61 6.37
CA TRP D 163 21.57 -7.75 7.28
C TRP D 163 21.33 -9.02 6.47
N PRO D 164 21.79 -10.17 6.96
CA PRO D 164 21.71 -11.41 6.15
C PRO D 164 20.28 -11.83 5.81
N LEU D 165 20.11 -12.48 4.66
CA LEU D 165 18.84 -13.12 4.36
C LEU D 165 18.47 -14.05 5.52
N GLY D 166 17.21 -14.01 5.95
CA GLY D 166 16.71 -14.84 7.04
C GLY D 166 17.15 -14.40 8.43
N TRP D 167 17.78 -13.24 8.54
CA TRP D 167 18.19 -12.75 9.85
C TRP D 167 16.97 -12.63 10.77
N PRO D 168 17.01 -13.30 11.92
CA PRO D 168 15.88 -13.34 12.85
C PRO D 168 15.75 -12.01 13.60
N ILE D 169 14.51 -11.58 13.83
CA ILE D 169 14.18 -10.32 14.50
C ILE D 169 14.98 -10.01 15.76
N GLY D 170 15.30 -11.05 16.52
CA GLY D 170 16.00 -10.89 17.78
C GLY D 170 17.51 -10.84 17.66
N GLY D 171 18.04 -11.05 16.45
CA GLY D 171 19.46 -10.86 16.21
C GLY D 171 20.25 -12.15 16.32
N TYR D 172 21.55 -12.02 16.57
CA TYR D 172 22.47 -13.16 16.61
C TYR D 172 21.93 -14.37 17.39
N PRO D 173 21.67 -15.46 16.66
CA PRO D 173 20.99 -16.66 17.19
C PRO D 173 21.90 -17.63 17.94
N GLY D 174 23.20 -17.58 17.73
CA GLY D 174 24.14 -18.50 18.37
C GLY D 174 24.72 -19.53 17.41
N PRO D 175 25.71 -20.30 17.87
CA PRO D 175 26.46 -21.27 17.04
C PRO D 175 25.75 -22.61 16.82
N GLN D 176 24.66 -22.82 17.53
CA GLN D 176 23.91 -24.06 17.47
C GLN D 176 22.53 -23.73 16.93
N GLY D 177 22.28 -24.11 15.69
CA GLY D 177 21.03 -23.73 15.07
C GLY D 177 20.63 -24.62 13.94
N PRO D 178 19.52 -24.26 13.29
CA PRO D 178 18.95 -25.10 12.24
C PRO D 178 19.46 -24.73 10.85
N TYR D 179 20.30 -23.71 10.76
CA TYR D 179 20.73 -23.20 9.45
C TYR D 179 21.82 -24.05 8.79
N TYR D 180 22.73 -24.56 9.61
CA TYR D 180 23.84 -25.36 9.11
C TYR D 180 23.33 -26.55 8.32
N CYS D 181 23.64 -26.57 7.02
CA CYS D 181 23.19 -27.64 6.13
C CYS D 181 21.67 -27.89 6.22
N GLY D 182 20.90 -26.85 6.51
CA GLY D 182 19.47 -26.99 6.73
C GLY D 182 18.69 -27.04 5.44
N ILE D 183 17.42 -27.46 5.54
CA ILE D 183 16.47 -27.41 4.42
C ILE D 183 15.12 -26.82 4.87
N GLY D 184 14.40 -26.18 3.96
CA GLY D 184 13.11 -25.62 4.34
C GLY D 184 13.10 -24.09 4.35
N ALA D 185 11.91 -23.51 4.11
CA ALA D 185 11.76 -22.05 4.00
C ALA D 185 12.25 -21.27 5.22
N ASP D 186 12.17 -21.88 6.40
CA ASP D 186 12.58 -21.24 7.65
C ASP D 186 14.04 -21.51 8.03
N LYS D 187 14.81 -22.16 7.15
CA LYS D 187 16.19 -22.53 7.50
C LYS D 187 17.24 -22.16 6.44
N ALA D 188 16.95 -22.43 5.18
CA ALA D 188 17.90 -22.17 4.10
C ALA D 188 17.53 -20.92 3.37
N TYR D 189 18.38 -19.91 3.45
CA TYR D 189 18.10 -18.67 2.73
C TYR D 189 19.11 -18.43 1.61
N GLY D 190 18.60 -18.39 0.39
CA GLY D 190 19.39 -18.09 -0.78
C GLY D 190 19.85 -19.27 -1.59
N ARG D 191 19.22 -20.44 -1.41
CA ARG D 191 19.64 -21.66 -2.12
C ARG D 191 19.61 -21.53 -3.67
N ASP D 192 18.68 -20.72 -4.19
CA ASP D 192 18.64 -20.48 -5.62
C ASP D 192 19.93 -19.91 -6.16
N ILE D 193 20.45 -18.93 -5.43
CA ILE D 193 21.72 -18.32 -5.74
C ILE D 193 22.84 -19.35 -5.65
N VAL D 194 22.82 -20.13 -4.56
CA VAL D 194 23.85 -21.12 -4.30
C VAL D 194 23.87 -22.23 -5.35
N ASP D 195 22.71 -22.82 -5.63
CA ASP D 195 22.66 -23.90 -6.61
C ASP D 195 22.93 -23.39 -8.02
N ALA D 196 22.50 -22.16 -8.32
CA ALA D 196 22.81 -21.54 -9.62
C ALA D 196 24.30 -21.41 -9.75
N HIS D 197 24.96 -21.04 -8.64
CA HIS D 197 26.40 -20.84 -8.63
C HIS D 197 27.14 -22.15 -8.87
N TYR D 198 26.71 -23.22 -8.20
CA TYR D 198 27.32 -24.55 -8.34
C TYR D 198 27.32 -24.99 -9.83
N LYS D 199 26.15 -24.97 -10.45
CA LYS D 199 26.05 -25.33 -11.87
C LYS D 199 26.79 -24.36 -12.79
N ALA D 200 26.73 -23.07 -12.49
CA ALA D 200 27.42 -22.07 -13.30
C ALA D 200 28.93 -22.30 -13.34
N CYS D 201 29.53 -22.58 -12.18
CA CYS D 201 30.96 -22.85 -12.07
C CYS D 201 31.36 -24.14 -12.79
N LEU D 202 30.58 -25.20 -12.63
CA LEU D 202 30.90 -26.45 -13.34
C LEU D 202 30.86 -26.18 -14.84
N TYR D 203 29.80 -25.49 -15.28
CA TYR D 203 29.70 -25.12 -16.69
C TYR D 203 30.91 -24.31 -17.13
N ALA D 204 31.39 -23.41 -16.26
CA ALA D 204 32.47 -22.51 -16.65
C ALA D 204 33.81 -23.24 -16.82
N GLY D 205 33.97 -24.37 -16.15
CA GLY D 205 35.20 -25.15 -16.21
C GLY D 205 36.02 -25.04 -14.94
N ILE D 206 35.37 -24.55 -13.89
CA ILE D 206 35.98 -24.39 -12.57
C ILE D 206 35.81 -25.69 -11.77
N ASN D 207 36.85 -26.13 -11.06
CA ASN D 207 36.76 -27.35 -10.26
C ASN D 207 36.04 -27.13 -8.93
N ILE D 208 34.78 -26.74 -8.99
CA ILE D 208 34.06 -26.57 -7.75
C ILE D 208 33.74 -27.99 -7.24
N SER D 209 34.12 -28.25 -6.00
CA SER D 209 34.06 -29.62 -5.49
C SER D 209 32.91 -29.83 -4.50
N GLY D 210 32.28 -28.75 -4.05
CA GLY D 210 31.12 -28.84 -3.17
C GLY D 210 30.63 -27.54 -2.55
N ILE D 211 29.47 -27.61 -1.89
CA ILE D 211 28.85 -26.46 -1.23
C ILE D 211 28.15 -26.92 0.04
N ASN D 212 27.91 -25.99 0.94
CA ASN D 212 27.06 -26.28 2.09
C ASN D 212 26.54 -25.01 2.70
N GLY D 213 25.33 -25.09 3.25
CA GLY D 213 24.81 -24.01 4.07
C GLY D 213 25.57 -23.93 5.38
N GLU D 214 25.90 -22.73 5.82
CA GLU D 214 26.67 -22.55 7.06
C GLU D 214 25.83 -22.21 8.28
N VAL D 215 26.50 -21.98 9.41
CA VAL D 215 25.87 -21.84 10.72
C VAL D 215 24.93 -20.62 10.82
N MET D 216 25.31 -19.50 10.20
CA MET D 216 24.47 -18.30 10.23
C MET D 216 23.46 -18.29 9.10
N PRO D 217 22.31 -17.66 9.34
CA PRO D 217 21.34 -17.52 8.24
C PRO D 217 21.90 -16.72 7.06
N GLY D 218 21.63 -17.20 5.84
CA GLY D 218 22.10 -16.57 4.62
C GLY D 218 23.59 -16.77 4.37
N GLN D 219 24.21 -17.59 5.20
CA GLN D 219 25.64 -17.82 5.13
C GLN D 219 25.86 -19.20 4.48
N TRP D 220 26.81 -19.27 3.55
CA TRP D 220 27.07 -20.48 2.76
C TRP D 220 28.56 -20.67 2.53
N GLU D 221 28.94 -21.81 1.95
CA GLU D 221 30.32 -22.03 1.56
C GLU D 221 30.38 -22.83 0.31
N PHE D 222 31.34 -22.52 -0.55
CA PHE D 222 31.68 -23.41 -1.65
C PHE D 222 33.14 -23.79 -1.56
N GLN D 223 33.49 -24.98 -2.04
CA GLN D 223 34.89 -25.40 -2.05
C GLN D 223 35.39 -25.57 -3.49
N VAL D 224 36.62 -25.17 -3.76
CA VAL D 224 37.23 -25.33 -5.07
C VAL D 224 38.54 -26.10 -4.92
N GLY D 225 38.79 -27.04 -5.82
CA GLY D 225 40.01 -27.81 -5.78
C GLY D 225 39.75 -29.29 -6.01
N PRO D 226 40.82 -30.07 -6.17
CA PRO D 226 42.20 -29.59 -6.18
C PRO D 226 42.46 -28.84 -7.47
N SER D 227 43.19 -27.74 -7.38
CA SER D 227 43.55 -26.96 -8.55
C SER D 227 45.06 -26.79 -8.49
N VAL D 228 45.72 -26.96 -9.63
CA VAL D 228 47.19 -26.93 -9.68
C VAL D 228 47.78 -25.51 -9.82
N GLY D 229 48.72 -25.19 -8.94
CA GLY D 229 49.52 -23.98 -9.03
C GLY D 229 48.76 -22.68 -9.19
N ILE D 230 49.12 -21.93 -10.23
CA ILE D 230 48.57 -20.61 -10.45
C ILE D 230 47.08 -20.66 -10.81
N SER D 231 46.61 -21.80 -11.33
CA SER D 231 45.20 -21.90 -11.72
C SER D 231 44.24 -21.92 -10.53
N ALA D 232 44.74 -22.23 -9.32
CA ALA D 232 43.90 -22.17 -8.12
C ALA D 232 43.35 -20.75 -7.90
N GLY D 233 44.23 -19.76 -7.97
CA GLY D 233 43.83 -18.37 -7.82
C GLY D 233 42.95 -17.92 -8.97
N ASP D 234 43.29 -18.32 -10.19
CA ASP D 234 42.47 -18.00 -11.34
C ASP D 234 41.04 -18.52 -11.15
N GLU D 235 40.92 -19.75 -10.67
CA GLU D 235 39.61 -20.34 -10.54
C GLU D 235 38.78 -19.69 -9.46
N ILE D 236 39.42 -19.38 -8.34
CA ILE D 236 38.73 -18.78 -7.20
C ILE D 236 38.18 -17.40 -7.53
N TRP D 237 38.99 -16.57 -8.18
CA TRP D 237 38.52 -15.25 -8.61
C TRP D 237 37.36 -15.38 -9.59
N ALA D 238 37.46 -16.33 -10.53
CA ALA D 238 36.37 -16.58 -11.50
C ALA D 238 35.12 -17.00 -10.77
N ALA D 239 35.31 -17.81 -9.72
CA ALA D 239 34.21 -18.27 -8.90
C ALA D 239 33.57 -17.14 -8.13
N ARG D 240 34.38 -16.24 -7.60
CA ARG D 240 33.88 -15.05 -6.91
C ARG D 240 33.09 -14.15 -7.84
N TYR D 241 33.62 -13.98 -9.05
CA TYR D 241 32.98 -13.18 -10.09
C TYR D 241 31.60 -13.71 -10.43
N ILE D 242 31.56 -15.02 -10.71
CA ILE D 242 30.32 -15.66 -11.07
C ILE D 242 29.29 -15.52 -9.96
N LEU D 243 29.73 -15.73 -8.71
CA LEU D 243 28.80 -15.62 -7.57
C LEU D 243 28.17 -14.23 -7.48
N GLU D 244 29.00 -13.18 -7.59
CA GLU D 244 28.50 -11.82 -7.42
C GLU D 244 27.67 -11.36 -8.63
N ARG D 245 27.95 -11.90 -9.80
CA ARG D 245 27.08 -11.68 -10.96
C ARG D 245 25.69 -12.31 -10.72
N ILE D 246 25.67 -13.46 -10.06
CA ILE D 246 24.42 -14.15 -9.76
C ILE D 246 23.62 -13.44 -8.68
N THR D 247 24.29 -12.97 -7.64
CA THR D 247 23.62 -12.18 -6.61
C THR D 247 23.07 -10.86 -7.19
N GLU D 248 23.77 -10.31 -8.19
CA GLU D 248 23.29 -9.12 -8.89
C GLU D 248 21.94 -9.40 -9.54
N ILE D 249 21.83 -10.52 -10.24
CA ILE D 249 20.56 -10.92 -10.84
C ILE D 249 19.47 -11.07 -9.75
N ALA D 250 19.82 -11.66 -8.61
CA ALA D 250 18.82 -11.91 -7.58
C ALA D 250 18.45 -10.64 -6.74
N GLY D 251 19.15 -9.53 -6.95
CA GLY D 251 18.87 -8.33 -6.18
C GLY D 251 19.37 -8.44 -4.74
N VAL D 252 20.44 -9.21 -4.54
CA VAL D 252 20.97 -9.51 -3.22
C VAL D 252 22.42 -9.04 -3.16
N VAL D 253 22.90 -8.62 -1.99
CA VAL D 253 24.31 -8.23 -1.87
C VAL D 253 25.15 -9.39 -1.31
N VAL D 254 26.39 -9.53 -1.76
CA VAL D 254 27.24 -10.58 -1.22
C VAL D 254 28.47 -10.03 -0.49
N SER D 255 28.81 -10.68 0.62
CA SER D 255 30.05 -10.36 1.32
C SER D 255 30.93 -11.61 1.49
N PHE D 256 32.23 -11.47 1.21
CA PHE D 256 33.21 -12.53 1.46
C PHE D 256 33.98 -12.23 2.75
N ASP D 257 33.56 -11.18 3.46
CA ASP D 257 34.22 -10.83 4.70
C ASP D 257 33.88 -11.79 5.86
N PRO D 258 34.91 -12.22 6.62
CA PRO D 258 34.71 -13.06 7.80
C PRO D 258 33.75 -12.44 8.82
N LYS D 259 33.64 -11.12 8.84
CA LYS D 259 32.79 -10.39 9.78
C LYS D 259 31.95 -9.35 9.05
N PRO D 260 30.85 -9.78 8.40
CA PRO D 260 30.10 -8.92 7.48
C PRO D 260 29.07 -7.99 8.12
N ILE D 261 28.81 -8.15 9.40
CA ILE D 261 27.87 -7.30 10.10
C ILE D 261 28.43 -7.02 11.49
N PRO D 262 27.94 -5.98 12.17
CA PRO D 262 28.35 -5.75 13.57
C PRO D 262 27.79 -6.82 14.47
N GLY D 263 28.24 -6.86 15.71
CA GLY D 263 27.71 -7.80 16.69
C GLY D 263 28.35 -9.17 16.59
N ASP D 264 27.81 -10.12 17.33
CA ASP D 264 28.31 -11.48 17.29
C ASP D 264 28.04 -12.13 15.94
N TRP D 265 28.90 -13.08 15.57
CA TRP D 265 28.82 -13.71 14.26
C TRP D 265 29.74 -14.91 14.23
N ASN D 266 29.27 -16.01 13.64
CA ASN D 266 30.12 -17.17 13.42
C ASN D 266 30.55 -17.25 11.97
N GLY D 267 31.81 -16.91 11.73
CA GLY D 267 32.41 -17.09 10.43
C GLY D 267 33.60 -18.01 10.57
N ALA D 268 33.99 -18.63 9.47
CA ALA D 268 35.19 -19.45 9.46
C ALA D 268 36.32 -18.53 9.01
N GLY D 269 36.60 -18.55 7.71
CA GLY D 269 37.63 -17.73 7.14
C GLY D 269 37.80 -18.14 5.70
N ALA D 270 39.06 -18.32 5.33
CA ALA D 270 39.38 -18.89 4.04
C ALA D 270 40.50 -19.89 4.25
N HIS D 271 40.13 -21.11 4.61
CA HIS D 271 41.13 -22.15 4.85
C HIS D 271 41.61 -22.64 3.51
N THR D 272 42.91 -22.92 3.44
CA THR D 272 43.54 -23.34 2.21
C THR D 272 44.22 -24.68 2.43
N ASN D 273 43.77 -25.70 1.72
CA ASN D 273 44.41 -27.00 1.82
C ASN D 273 45.47 -27.17 0.74
N TYR D 274 46.56 -27.82 1.08
CA TYR D 274 47.72 -27.84 0.21
C TYR D 274 48.40 -29.17 0.23
N SER D 275 48.78 -29.64 -0.95
CA SER D 275 49.52 -30.88 -1.08
C SER D 275 50.42 -30.90 -2.29
N THR D 276 51.53 -31.61 -2.14
CA THR D 276 52.44 -31.82 -3.24
C THR D 276 52.20 -33.24 -3.72
N LYS D 277 52.68 -33.53 -4.93
CA LYS D 277 52.61 -34.87 -5.48
C LYS D 277 53.12 -35.91 -4.48
N SER D 278 54.24 -35.60 -3.83
CA SER D 278 54.79 -36.51 -2.83
C SER D 278 53.89 -36.67 -1.59
N MET D 279 53.29 -35.58 -1.13
CA MET D 279 52.42 -35.68 0.04
C MET D 279 51.15 -36.50 -0.16
N ARG D 280 50.53 -36.39 -1.33
CA ARG D 280 49.23 -37.04 -1.51
C ARG D 280 49.35 -38.51 -1.93
N GLU D 281 50.55 -38.94 -2.31
CA GLU D 281 50.73 -40.32 -2.72
C GLU D 281 51.45 -41.16 -1.62
N ASN D 282 52.72 -41.47 -1.84
CA ASN D 282 53.49 -42.31 -0.92
C ASN D 282 54.25 -41.61 0.23
N GLY D 283 54.45 -40.29 0.13
CA GLY D 283 55.26 -39.59 1.11
C GLY D 283 54.65 -39.57 2.51
N GLY D 284 53.33 -39.60 2.59
CA GLY D 284 52.63 -39.63 3.88
C GLY D 284 52.92 -38.49 4.85
N TYR D 285 52.44 -38.65 6.08
CA TYR D 285 52.66 -37.72 7.18
C TYR D 285 54.03 -37.06 7.32
N GLU D 286 55.09 -37.80 7.01
CA GLU D 286 56.45 -37.36 7.28
C GLU D 286 56.80 -36.15 6.38
N ILE D 287 56.45 -36.22 5.11
CA ILE D 287 56.60 -35.10 4.17
C ILE D 287 55.69 -33.91 4.52
N ILE D 288 54.48 -34.22 4.98
CA ILE D 288 53.52 -33.21 5.42
C ILE D 288 54.04 -32.44 6.63
N LYS D 289 54.60 -33.17 7.59
CA LYS D 289 55.13 -32.60 8.81
C LYS D 289 56.25 -31.57 8.57
N LYS D 290 57.17 -31.87 7.66
CA LYS D 290 58.26 -30.94 7.38
C LYS D 290 57.78 -29.60 6.82
N ALA D 291 56.81 -29.64 5.92
CA ALA D 291 56.22 -28.41 5.39
C ALA D 291 55.58 -27.56 6.51
N ILE D 292 54.89 -28.23 7.42
CA ILE D 292 54.31 -27.58 8.59
C ILE D 292 55.37 -26.90 9.47
N GLU D 293 56.51 -27.57 9.64
CA GLU D 293 57.63 -27.02 10.39
C GLU D 293 58.10 -25.72 9.74
N LYS D 294 58.25 -25.74 8.42
CA LYS D 294 58.73 -24.56 7.70
C LYS D 294 57.76 -23.37 7.81
N LEU D 295 56.46 -23.63 7.67
CA LEU D 295 55.46 -22.58 7.83
C LEU D 295 55.55 -22.01 9.24
N GLY D 296 55.74 -22.91 10.22
CA GLY D 296 55.79 -22.51 11.62
C GLY D 296 56.98 -21.62 11.93
N LEU D 297 58.12 -21.95 11.35
CA LEU D 297 59.34 -21.17 11.57
C LEU D 297 59.21 -19.74 11.01
N ARG D 298 58.29 -19.57 10.08
CA ARG D 298 58.13 -18.31 9.36
C ARG D 298 56.95 -17.48 9.88
N SER D 336 47.32 -22.28 12.92
CA SER D 336 47.34 -21.78 11.55
C SER D 336 47.64 -22.89 10.56
N VAL D 337 48.32 -23.93 11.02
CA VAL D 337 48.70 -25.03 10.15
C VAL D 337 48.38 -26.39 10.78
N ARG D 338 47.66 -27.24 10.06
CA ARG D 338 47.17 -28.53 10.57
C ARG D 338 47.28 -29.65 9.53
N VAL D 339 47.37 -30.91 9.96
CA VAL D 339 47.39 -32.04 9.01
C VAL D 339 45.97 -32.54 8.74
N GLY D 349 46.67 -37.49 1.55
CA GLY D 349 47.02 -36.65 2.69
C GLY D 349 47.53 -35.28 2.27
N TYR D 350 47.02 -34.25 2.93
CA TYR D 350 47.42 -32.88 2.64
C TYR D 350 47.40 -32.12 3.94
N PHE D 351 47.60 -30.81 3.91
CA PHE D 351 47.43 -30.11 5.17
C PHE D 351 46.69 -28.79 5.05
N GLU D 352 46.10 -28.39 6.17
CA GLU D 352 45.19 -27.25 6.18
C GLU D 352 45.90 -26.04 6.75
N ASP D 353 45.74 -24.92 6.05
CA ASP D 353 46.33 -23.68 6.48
C ASP D 353 45.22 -22.68 6.82
N MET D 360 41.79 -12.01 2.01
CA MET D 360 43.08 -11.82 1.35
C MET D 360 43.11 -12.52 -0.02
N ASP D 361 44.06 -12.15 -0.86
CA ASP D 361 44.14 -12.66 -2.24
C ASP D 361 44.72 -14.07 -2.30
N PRO D 362 43.93 -15.02 -2.82
CA PRO D 362 44.35 -16.42 -2.97
C PRO D 362 45.65 -16.59 -3.75
N TYR D 363 45.98 -15.68 -4.67
CA TYR D 363 47.26 -15.73 -5.34
C TYR D 363 48.35 -15.62 -4.29
N VAL D 364 48.16 -14.72 -3.32
CA VAL D 364 49.14 -14.54 -2.27
C VAL D 364 49.21 -15.76 -1.38
N VAL D 365 48.06 -16.17 -0.86
CA VAL D 365 47.99 -17.29 0.06
C VAL D 365 48.57 -18.59 -0.51
N THR D 366 48.11 -19.01 -1.68
CA THR D 366 48.54 -20.29 -2.26
C THR D 366 50.03 -20.32 -2.58
N SER D 367 50.52 -19.24 -3.17
CA SER D 367 51.90 -19.19 -3.60
C SER D 367 52.85 -19.09 -2.41
N MET D 368 52.43 -18.42 -1.34
CA MET D 368 53.26 -18.29 -0.16
C MET D 368 53.52 -19.63 0.47
N ILE D 369 52.50 -20.50 0.43
CA ILE D 369 52.63 -21.86 0.95
C ILE D 369 53.68 -22.65 0.16
N ALA D 370 53.63 -22.51 -1.16
CA ALA D 370 54.60 -23.16 -2.03
C ALA D 370 56.01 -22.64 -1.74
N GLU D 371 56.11 -21.32 -1.64
CA GLU D 371 57.39 -20.65 -1.45
C GLU D 371 58.06 -21.07 -0.15
N THR D 372 57.30 -20.94 0.94
CA THR D 372 57.82 -21.23 2.28
C THR D 372 58.25 -22.68 2.44
N THR D 373 57.50 -23.59 1.82
CA THR D 373 57.73 -25.02 1.98
C THR D 373 58.61 -25.66 0.92
N LEU D 374 58.88 -24.94 -0.17
CA LEU D 374 59.65 -25.53 -1.26
C LEU D 374 60.88 -24.72 -1.63
N LEU D 375 60.86 -23.41 -1.37
CA LEU D 375 61.91 -22.53 -1.84
C LEU D 375 62.65 -21.79 -0.74
N TRP D 376 61.94 -21.48 0.33
CA TRP D 376 62.48 -20.64 1.39
C TRP D 376 63.60 -21.34 2.14
N LYS D 377 64.64 -20.55 2.44
CA LYS D 377 65.83 -21.05 3.13
C LYS D 377 66.11 -20.21 4.36
N PRO D 378 65.91 -20.80 5.54
CA PRO D 378 66.09 -20.07 6.81
C PRO D 378 67.57 -19.78 7.09
N MET E 23 2.63 -11.61 -19.38
CA MET E 23 1.70 -12.58 -19.94
C MET E 23 2.37 -13.54 -20.92
N SER E 24 2.14 -14.84 -20.72
CA SER E 24 2.60 -15.83 -21.67
C SER E 24 1.72 -15.89 -22.91
N LEU E 25 0.45 -15.55 -22.78
CA LEU E 25 -0.43 -15.54 -23.94
C LEU E 25 0.00 -14.44 -24.89
N LEU E 26 0.40 -13.32 -24.31
CA LEU E 26 0.79 -12.16 -25.09
C LEU E 26 2.11 -12.37 -25.82
N SER E 27 3.11 -12.86 -25.09
CA SER E 27 4.43 -13.10 -25.66
C SER E 27 4.40 -14.23 -26.68
N ASP E 28 3.45 -15.15 -26.55
CA ASP E 28 3.24 -16.18 -27.56
C ASP E 28 2.82 -15.55 -28.89
N LEU E 29 1.91 -14.58 -28.85
CA LEU E 29 1.49 -13.88 -30.06
C LEU E 29 2.64 -13.04 -30.62
N ILE E 30 3.34 -12.34 -29.75
CA ILE E 30 4.49 -11.52 -30.14
C ILE E 30 5.61 -12.34 -30.75
N ASN E 31 5.79 -13.57 -30.25
CA ASN E 31 6.89 -14.38 -30.72
C ASN E 31 6.51 -15.38 -31.82
N LEU E 32 5.30 -15.22 -32.37
CA LEU E 32 4.86 -16.08 -33.48
C LEU E 32 5.86 -16.04 -34.63
N ASN E 33 6.21 -17.23 -35.13
CA ASN E 33 7.08 -17.35 -36.28
C ASN E 33 6.26 -17.34 -37.57
N LEU E 34 6.28 -16.21 -38.27
CA LEU E 34 5.47 -16.06 -39.48
C LEU E 34 5.93 -16.99 -40.60
N SER E 35 7.20 -17.40 -40.58
CA SER E 35 7.72 -18.32 -41.58
C SER E 35 6.92 -19.63 -41.61
N GLU E 36 6.23 -19.92 -40.50
CA GLU E 36 5.42 -21.12 -40.42
C GLU E 36 4.07 -20.94 -41.10
N SER E 37 3.67 -19.72 -41.38
CA SER E 37 2.35 -19.49 -41.98
C SER E 37 2.39 -18.89 -43.40
N SER E 38 3.50 -18.24 -43.77
CA SER E 38 3.65 -17.62 -45.11
C SER E 38 5.09 -17.15 -45.37
N GLU E 39 5.26 -16.39 -46.44
CA GLU E 39 6.57 -15.80 -46.76
C GLU E 39 6.64 -14.31 -46.51
N LYS E 40 5.53 -13.73 -46.09
CA LYS E 40 5.48 -12.29 -45.84
C LYS E 40 6.42 -11.93 -44.69
N ILE E 41 7.01 -10.75 -44.81
CA ILE E 41 7.84 -10.23 -43.74
C ILE E 41 7.31 -8.86 -43.32
N ILE E 42 7.75 -8.43 -42.14
CA ILE E 42 7.42 -7.13 -41.63
C ILE E 42 8.69 -6.28 -41.64
N ALA E 43 8.59 -5.05 -42.14
CA ALA E 43 9.73 -4.15 -42.18
C ALA E 43 9.42 -2.90 -41.37
N GLU E 44 10.26 -2.62 -40.35
CA GLU E 44 10.14 -1.43 -39.50
C GLU E 44 10.96 -0.27 -40.08
N TYR E 45 10.28 0.70 -40.69
CA TYR E 45 10.98 1.85 -41.26
C TYR E 45 11.31 2.86 -40.15
N ILE E 46 12.59 3.19 -40.03
CA ILE E 46 13.10 4.03 -38.96
C ILE E 46 13.68 5.33 -39.52
N TRP E 47 13.39 6.45 -38.87
CA TRP E 47 13.96 7.73 -39.29
C TRP E 47 14.21 8.67 -38.13
N VAL E 48 15.02 9.69 -38.38
CA VAL E 48 15.30 10.73 -37.40
C VAL E 48 14.26 11.85 -37.52
N GLY E 49 13.60 12.18 -36.41
CA GLY E 49 12.54 13.19 -36.35
C GLY E 49 13.05 14.62 -36.30
N GLY E 50 12.15 15.58 -36.05
CA GLY E 50 12.47 17.00 -36.12
C GLY E 50 13.43 17.63 -35.10
N SER E 51 13.72 16.94 -34.00
CA SER E 51 14.67 17.49 -33.02
C SER E 51 16.09 17.09 -33.36
N GLY E 52 16.25 16.21 -34.34
CA GLY E 52 17.56 15.68 -34.68
C GLY E 52 18.02 14.56 -33.77
N MET E 53 17.27 14.27 -32.71
CA MET E 53 17.65 13.19 -31.78
C MET E 53 16.55 12.19 -31.46
N ASP E 54 15.34 12.47 -31.92
CA ASP E 54 14.21 11.58 -31.68
C ASP E 54 14.02 10.57 -32.82
N LEU E 55 14.26 9.30 -32.55
CA LEU E 55 14.02 8.27 -33.54
C LEU E 55 12.54 7.99 -33.65
N ARG E 56 12.06 7.79 -34.88
CA ARG E 56 10.67 7.41 -35.09
C ARG E 56 10.65 6.14 -35.94
N SER E 57 9.57 5.36 -35.86
CA SER E 57 9.44 4.24 -36.77
C SER E 57 8.01 3.78 -36.88
N LYS E 58 7.74 3.00 -37.92
CA LYS E 58 6.46 2.30 -38.10
C LYS E 58 6.67 1.11 -39.04
N ALA E 59 5.70 0.19 -39.12
CA ALA E 59 5.97 -1.07 -39.77
C ALA E 59 4.99 -1.37 -40.90
N ARG E 60 5.48 -2.03 -41.94
CA ARG E 60 4.62 -2.45 -43.03
C ARG E 60 4.91 -3.89 -43.47
N THR E 61 3.93 -4.51 -44.11
CA THR E 61 4.07 -5.88 -44.61
C THR E 61 4.61 -5.90 -46.05
N LEU E 62 5.63 -6.72 -46.28
CA LEU E 62 6.18 -6.96 -47.61
C LEU E 62 6.01 -8.43 -48.00
N PRO E 63 5.91 -8.72 -49.31
CA PRO E 63 5.58 -10.04 -49.86
C PRO E 63 6.60 -11.14 -49.55
N GLY E 64 7.88 -10.77 -49.45
CA GLY E 64 8.93 -11.75 -49.23
C GLY E 64 10.20 -11.10 -48.70
N PRO E 65 11.20 -11.92 -48.34
CA PRO E 65 12.47 -11.45 -47.78
C PRO E 65 13.19 -10.51 -48.72
N VAL E 66 13.88 -9.54 -48.13
CA VAL E 66 14.62 -8.55 -48.89
C VAL E 66 15.94 -8.29 -48.20
N SER E 67 17.01 -8.22 -48.98
CA SER E 67 18.31 -7.93 -48.41
C SER E 67 18.92 -6.65 -48.99
N ASP E 68 18.44 -6.24 -50.17
CA ASP E 68 18.94 -5.08 -50.89
C ASP E 68 18.03 -3.89 -50.59
N PRO E 69 18.57 -2.89 -49.88
CA PRO E 69 17.76 -1.72 -49.48
C PRO E 69 17.15 -1.05 -50.69
N SER E 70 17.86 -1.08 -51.82
CA SER E 70 17.37 -0.39 -53.02
C SER E 70 16.15 -1.04 -53.64
N LYS E 71 15.79 -2.25 -53.18
CA LYS E 71 14.60 -2.91 -53.72
C LYS E 71 13.37 -2.67 -52.86
N LEU E 72 13.58 -2.04 -51.71
CA LEU E 72 12.46 -1.71 -50.82
C LEU E 72 11.64 -0.55 -51.36
N PRO E 73 10.32 -0.61 -51.19
CA PRO E 73 9.57 0.56 -51.65
C PRO E 73 9.82 1.75 -50.75
N LYS E 74 9.74 2.95 -51.34
CA LYS E 74 9.76 4.16 -50.56
C LYS E 74 8.46 4.20 -49.76
N TRP E 75 8.44 5.01 -48.72
CA TRP E 75 7.23 5.16 -47.92
C TRP E 75 7.05 6.65 -47.61
N ASN E 76 6.14 6.97 -46.68
CA ASN E 76 5.92 8.35 -46.32
C ASN E 76 5.33 8.47 -44.90
N TYR E 77 5.30 9.68 -44.35
CA TYR E 77 4.62 9.90 -43.07
C TYR E 77 4.19 11.36 -42.96
N ASP E 78 3.47 11.68 -41.89
CA ASP E 78 3.01 13.04 -41.67
C ASP E 78 4.09 13.82 -40.93
N GLY E 79 4.83 14.64 -41.66
CA GLY E 79 5.90 15.40 -41.06
C GLY E 79 5.40 16.44 -40.07
N SER E 80 4.12 16.79 -40.13
CA SER E 80 3.59 17.79 -39.19
C SER E 80 3.36 17.18 -37.80
N SER E 81 3.47 15.86 -37.70
CA SER E 81 3.37 15.19 -36.42
C SER E 81 4.74 14.91 -35.81
N THR E 82 5.80 15.18 -36.56
CA THR E 82 7.14 14.97 -36.02
C THR E 82 7.98 16.22 -36.15
N ASN E 83 7.31 17.36 -36.27
CA ASN E 83 7.98 18.66 -36.37
C ASN E 83 8.93 18.80 -37.57
N GLN E 84 8.49 18.29 -38.73
CA GLN E 84 9.34 18.26 -39.91
C GLN E 84 8.62 18.74 -41.18
N ALA E 85 7.37 19.12 -41.04
CA ALA E 85 6.64 19.70 -42.16
C ALA E 85 5.50 20.57 -41.65
N PRO E 86 5.04 21.54 -42.46
CA PRO E 86 3.91 22.34 -41.96
C PRO E 86 2.60 21.61 -42.19
N GLY E 87 1.52 22.00 -41.52
CA GLY E 87 0.30 21.24 -41.59
C GLY E 87 -0.35 21.30 -42.96
N GLN E 88 -0.30 22.48 -43.60
CA GLN E 88 -0.90 22.68 -44.94
C GLN E 88 -0.22 21.89 -46.06
N ASP E 89 0.98 21.37 -45.80
CA ASP E 89 1.69 20.55 -46.77
C ASP E 89 2.60 19.56 -46.04
N SER E 90 2.00 18.59 -45.37
CA SER E 90 2.75 17.80 -44.39
C SER E 90 3.49 16.52 -44.82
N GLU E 91 3.29 16.08 -46.05
CA GLU E 91 3.86 14.78 -46.43
C GLU E 91 5.38 14.78 -46.51
N VAL E 92 5.98 13.76 -45.92
CA VAL E 92 7.42 13.60 -46.00
C VAL E 92 7.70 12.20 -46.50
N ILE E 93 8.72 12.06 -47.36
CA ILE E 93 9.04 10.79 -48.00
C ILE E 93 10.19 10.08 -47.30
N LEU E 94 10.03 8.76 -47.14
CA LEU E 94 11.05 7.91 -46.54
C LEU E 94 11.80 7.11 -47.60
N TYR E 95 13.12 7.30 -47.67
CA TYR E 95 13.98 6.51 -48.57
C TYR E 95 14.72 5.42 -47.76
N PRO E 96 14.42 4.14 -48.02
CA PRO E 96 15.20 3.04 -47.44
C PRO E 96 16.67 3.14 -47.78
N GLN E 97 17.54 2.95 -46.78
CA GLN E 97 18.98 3.07 -47.03
C GLN E 97 19.80 1.92 -46.52
N ALA E 98 19.38 1.32 -45.41
CA ALA E 98 20.13 0.24 -44.79
C ALA E 98 19.20 -0.72 -44.06
N ILE E 99 19.51 -2.00 -44.19
CA ILE E 99 18.71 -3.08 -43.65
C ILE E 99 19.45 -3.82 -42.51
N PHE E 100 18.71 -4.14 -41.47
CA PHE E 100 19.22 -4.99 -40.41
C PHE E 100 18.12 -6.00 -40.04
N LYS E 101 18.53 -7.13 -39.51
CA LYS E 101 17.55 -8.07 -38.96
C LYS E 101 16.95 -7.45 -37.69
N ASP E 102 15.66 -7.65 -37.54
CA ASP E 102 14.89 -7.10 -36.43
C ASP E 102 14.96 -8.08 -35.24
N PRO E 103 15.64 -7.69 -34.15
CA PRO E 103 15.80 -8.65 -33.05
C PRO E 103 14.51 -8.81 -32.26
N PHE E 104 13.55 -7.92 -32.48
CA PHE E 104 12.27 -8.01 -31.77
C PHE E 104 11.26 -8.90 -32.51
N ARG E 105 11.09 -8.71 -33.81
CA ARG E 105 10.14 -9.57 -34.49
C ARG E 105 10.77 -10.89 -34.89
N GLN E 106 12.10 -10.90 -34.96
CA GLN E 106 12.88 -12.10 -35.30
C GLN E 106 12.57 -12.60 -36.71
N GLY E 107 13.00 -13.83 -36.99
CA GLY E 107 12.78 -14.47 -38.28
C GLY E 107 13.36 -13.67 -39.43
N ASN E 108 12.57 -13.52 -40.50
CA ASN E 108 12.95 -12.75 -41.67
C ASN E 108 12.48 -11.28 -41.61
N ASN E 109 12.03 -10.87 -40.44
CA ASN E 109 11.60 -9.50 -40.26
C ASN E 109 12.81 -8.55 -40.14
N ILE E 110 12.65 -7.30 -40.57
CA ILE E 110 13.80 -6.41 -40.67
C ILE E 110 13.59 -5.01 -40.10
N LEU E 111 14.71 -4.35 -39.80
CA LEU E 111 14.76 -2.93 -39.51
C LEU E 111 15.25 -2.23 -40.77
N VAL E 112 14.69 -1.06 -41.09
CA VAL E 112 15.12 -0.33 -42.25
C VAL E 112 15.47 1.11 -41.87
N ILE E 113 16.76 1.45 -41.88
CA ILE E 113 17.17 2.82 -41.63
C ILE E 113 16.86 3.64 -42.88
N CYS E 114 16.08 4.71 -42.70
CA CYS E 114 15.74 5.61 -43.79
C CYS E 114 16.27 7.03 -43.53
N ASP E 115 16.38 7.82 -44.59
CA ASP E 115 16.51 9.27 -44.48
C ASP E 115 15.32 9.92 -45.18
N VAL E 116 15.14 11.24 -45.00
CA VAL E 116 13.83 11.84 -45.30
C VAL E 116 13.88 13.03 -46.25
N TYR E 117 12.86 13.10 -47.11
CA TYR E 117 12.85 14.07 -48.20
C TYR E 117 11.46 14.69 -48.38
N THR E 118 11.42 15.86 -49.00
CA THR E 118 10.16 16.43 -49.46
C THR E 118 9.67 15.60 -50.64
N PRO E 119 8.36 15.66 -50.91
CA PRO E 119 7.86 14.99 -52.11
C PRO E 119 8.60 15.40 -53.39
N ALA E 120 9.15 16.63 -53.44
CA ALA E 120 9.89 17.04 -54.64
C ALA E 120 11.27 16.38 -54.74
N GLY E 121 11.80 15.86 -53.65
CA GLY E 121 13.05 15.13 -53.72
C GLY E 121 14.24 15.77 -53.02
N GLU E 122 14.00 16.82 -52.24
CA GLU E 122 15.07 17.47 -51.48
C GLU E 122 15.17 16.91 -50.07
N PRO E 123 16.39 16.70 -49.59
CA PRO E 123 16.55 16.23 -48.19
C PRO E 123 15.96 17.26 -47.21
N LEU E 124 15.31 16.83 -46.14
CA LEU E 124 14.83 17.78 -45.14
C LEU E 124 16.08 18.33 -44.43
N PRO E 125 15.97 19.54 -43.86
CA PRO E 125 17.10 20.13 -43.12
C PRO E 125 17.60 19.21 -42.02
N THR E 126 16.72 18.40 -41.44
CA THR E 126 17.09 17.46 -40.38
C THR E 126 17.61 16.11 -40.93
N ASN E 127 17.67 15.99 -42.26
CA ASN E 127 18.30 14.83 -42.91
C ASN E 127 19.79 15.12 -43.05
N LYS E 128 20.61 14.46 -42.24
CA LYS E 128 22.05 14.64 -42.32
C LYS E 128 22.73 13.56 -43.14
N ARG E 129 22.00 12.50 -43.47
CA ARG E 129 22.57 11.40 -44.23
C ARG E 129 22.92 11.85 -45.65
N TYR E 130 22.07 12.68 -46.23
CA TYR E 130 22.23 13.09 -47.62
C TYR E 130 23.61 13.69 -47.88
N ASN E 131 23.95 14.72 -47.10
CA ASN E 131 25.26 15.35 -47.30
C ASN E 131 26.44 14.45 -46.94
N ALA E 132 26.29 13.67 -45.87
CA ALA E 132 27.31 12.69 -45.50
C ALA E 132 27.53 11.67 -46.64
N ALA E 133 26.45 11.25 -47.29
CA ALA E 133 26.53 10.28 -48.40
C ALA E 133 27.30 10.84 -49.58
N LYS E 134 27.11 12.14 -49.85
CA LYS E 134 27.85 12.79 -50.94
C LYS E 134 29.35 12.76 -50.67
N ILE E 135 29.71 13.02 -49.41
CA ILE E 135 31.10 13.02 -49.00
C ILE E 135 31.71 11.64 -49.16
N PHE E 136 31.02 10.62 -48.64
CA PHE E 136 31.50 9.25 -48.71
C PHE E 136 31.45 8.67 -50.14
N SER E 137 30.65 9.29 -51.01
CA SER E 137 30.56 8.85 -52.40
C SER E 137 31.67 9.48 -53.24
N HIS E 138 32.21 10.59 -52.75
CA HIS E 138 33.28 11.29 -53.45
C HIS E 138 34.45 10.33 -53.67
N PRO E 139 34.96 10.28 -54.91
CA PRO E 139 36.04 9.36 -55.29
C PRO E 139 37.26 9.49 -54.40
N ASP E 140 37.55 10.70 -53.93
CA ASP E 140 38.71 10.89 -53.06
C ASP E 140 38.47 10.30 -51.67
N VAL E 141 37.20 10.18 -51.27
CA VAL E 141 36.86 9.53 -50.00
C VAL E 141 36.64 8.01 -50.14
N ALA E 142 35.82 7.62 -51.11
CA ALA E 142 35.46 6.21 -51.28
C ALA E 142 36.66 5.28 -51.47
N ALA E 143 37.65 5.75 -52.25
CA ALA E 143 38.87 4.97 -52.51
C ALA E 143 39.73 4.84 -51.24
N GLU E 144 39.49 5.73 -50.29
CA GLU E 144 40.27 5.78 -49.06
C GLU E 144 39.69 4.88 -47.95
N VAL E 145 38.51 4.32 -48.21
CA VAL E 145 37.82 3.40 -47.27
C VAL E 145 37.85 3.86 -45.79
N PRO E 146 37.23 5.01 -45.48
CA PRO E 146 37.33 5.48 -44.09
C PRO E 146 36.59 4.55 -43.12
N TRP E 147 37.28 4.14 -42.05
CA TRP E 147 36.69 3.33 -40.99
C TRP E 147 36.43 4.20 -39.77
N TYR E 148 35.32 3.92 -39.10
CA TYR E 148 34.93 4.67 -37.91
C TYR E 148 34.68 3.73 -36.75
N GLY E 149 35.09 4.18 -35.57
CA GLY E 149 34.78 3.53 -34.32
C GLY E 149 34.10 4.56 -33.42
N ILE E 150 32.86 4.29 -33.06
CA ILE E 150 32.09 5.24 -32.28
C ILE E 150 31.79 4.71 -30.88
N GLU E 151 31.99 5.57 -29.88
CA GLU E 151 31.69 5.24 -28.49
C GLU E 151 30.45 5.97 -28.09
N GLN E 152 29.41 5.21 -27.75
CA GLN E 152 28.15 5.79 -27.38
C GLN E 152 27.86 5.60 -25.89
N GLU E 153 27.99 6.69 -25.14
CA GLU E 153 27.65 6.69 -23.72
C GLU E 153 26.14 6.91 -23.58
N TYR E 154 25.54 6.35 -22.53
CA TYR E 154 24.14 6.59 -22.21
C TYR E 154 23.82 6.38 -20.72
N THR E 155 22.67 6.90 -20.30
CA THR E 155 22.24 6.81 -18.90
C THR E 155 20.84 6.23 -18.83
N LEU E 156 20.65 5.26 -17.95
CA LEU E 156 19.35 4.65 -17.77
C LEU E 156 18.69 5.40 -16.64
N LEU E 157 17.50 5.90 -16.91
CA LEU E 157 16.78 6.72 -15.94
C LEU E 157 15.49 6.09 -15.49
N GLN E 158 15.23 6.18 -14.19
CA GLN E 158 13.94 5.82 -13.61
C GLN E 158 12.85 6.62 -14.28
N LYS E 159 11.82 5.94 -14.79
CA LYS E 159 10.76 6.61 -15.55
C LYS E 159 10.03 7.71 -14.78
N ASP E 160 9.75 7.44 -13.51
CA ASP E 160 8.95 8.36 -12.69
C ASP E 160 9.73 9.55 -12.14
N THR E 161 10.99 9.34 -11.75
CA THR E 161 11.76 10.41 -11.12
C THR E 161 12.71 11.12 -12.07
N ASN E 162 13.03 10.48 -13.20
CA ASN E 162 14.05 10.98 -14.13
C ASN E 162 15.46 11.04 -13.53
N TRP E 163 15.70 10.29 -12.46
CA TRP E 163 17.04 10.13 -11.93
C TRP E 163 17.60 8.77 -12.37
N PRO E 164 18.92 8.64 -12.42
CA PRO E 164 19.53 7.39 -12.92
C PRO E 164 19.15 6.18 -12.07
N LEU E 165 19.08 4.99 -12.68
CA LEU E 165 18.94 3.74 -11.91
C LEU E 165 20.08 3.66 -10.87
N GLY E 166 19.75 3.29 -9.64
CA GLY E 166 20.76 3.18 -8.60
C GLY E 166 21.31 4.50 -8.06
N TRP E 167 20.72 5.62 -8.45
CA TRP E 167 21.15 6.92 -7.91
C TRP E 167 21.02 6.89 -6.40
N PRO E 168 22.12 7.18 -5.68
CA PRO E 168 22.15 7.01 -4.22
C PRO E 168 21.35 8.08 -3.47
N ILE E 169 20.66 7.68 -2.40
CA ILE E 169 19.83 8.56 -1.58
C ILE E 169 20.48 9.90 -1.21
N GLY E 170 21.78 9.91 -0.98
CA GLY E 170 22.43 11.14 -0.57
C GLY E 170 22.87 12.03 -1.72
N GLY E 171 22.73 11.53 -2.95
CA GLY E 171 22.98 12.32 -4.16
C GLY E 171 24.31 12.10 -4.86
N TYR E 172 24.74 13.07 -5.67
CA TYR E 172 25.96 12.97 -6.50
C TYR E 172 27.17 12.41 -5.76
N PRO E 173 27.62 11.21 -6.16
CA PRO E 173 28.67 10.46 -5.44
C PRO E 173 30.12 10.83 -5.76
N GLY E 174 30.40 11.42 -6.92
CA GLY E 174 31.77 11.73 -7.31
C GLY E 174 32.30 10.79 -8.39
N PRO E 175 33.48 11.08 -8.95
CA PRO E 175 34.09 10.37 -10.10
C PRO E 175 34.83 9.07 -9.77
N GLN E 176 35.01 8.79 -8.48
CA GLN E 176 35.75 7.61 -8.04
C GLN E 176 34.77 6.73 -7.28
N GLY E 177 34.37 5.63 -7.88
CA GLY E 177 33.34 4.83 -7.26
C GLY E 177 33.33 3.40 -7.69
N PRO E 178 32.34 2.66 -7.22
CA PRO E 178 32.28 1.22 -7.45
C PRO E 178 31.48 0.87 -8.70
N TYR E 179 30.93 1.86 -9.38
CA TYR E 179 30.04 1.59 -10.51
C TYR E 179 30.80 1.22 -11.79
N TYR E 180 31.91 1.90 -12.05
CA TYR E 180 32.68 1.70 -13.26
C TYR E 180 33.07 0.24 -13.47
N CYS E 181 32.58 -0.36 -14.54
CA CYS E 181 32.84 -1.78 -14.86
C CYS E 181 32.56 -2.70 -13.66
N GLY E 182 31.60 -2.30 -12.83
CA GLY E 182 31.32 -3.01 -11.58
C GLY E 182 30.43 -4.23 -11.73
N ILE E 183 30.39 -5.04 -10.67
CA ILE E 183 29.45 -6.18 -10.60
C ILE E 183 28.75 -6.16 -9.25
N GLY E 184 27.54 -6.71 -9.19
CA GLY E 184 26.80 -6.75 -7.93
C GLY E 184 25.56 -5.86 -7.92
N ALA E 185 24.58 -6.25 -7.11
CA ALA E 185 23.29 -5.57 -7.04
C ALA E 185 23.37 -4.08 -6.67
N ASP E 186 24.41 -3.72 -5.92
CA ASP E 186 24.62 -2.36 -5.42
C ASP E 186 25.56 -1.53 -6.30
N LYS E 187 25.99 -2.07 -7.43
CA LYS E 187 26.98 -1.37 -8.26
C LYS E 187 26.57 -1.29 -9.73
N ALA E 188 26.10 -2.40 -10.30
CA ALA E 188 25.71 -2.40 -11.70
C ALA E 188 24.21 -2.27 -11.81
N TYR E 189 23.73 -1.18 -12.38
CA TYR E 189 22.29 -0.99 -12.52
C TYR E 189 21.92 -1.01 -13.98
N GLY E 190 21.07 -1.97 -14.35
CA GLY E 190 20.54 -2.06 -15.70
C GLY E 190 21.28 -3.00 -16.64
N ARG E 191 22.10 -3.91 -16.11
CA ARG E 191 22.86 -4.84 -16.96
C ARG E 191 21.97 -5.69 -17.87
N ASP E 192 20.76 -6.00 -17.43
CA ASP E 192 19.86 -6.76 -18.29
C ASP E 192 19.60 -6.06 -19.62
N ILE E 193 19.34 -4.76 -19.53
CA ILE E 193 19.16 -3.93 -20.70
C ILE E 193 20.42 -3.95 -21.55
N VAL E 194 21.57 -3.77 -20.90
CA VAL E 194 22.84 -3.70 -21.59
C VAL E 194 23.19 -5.01 -22.34
N ASP E 195 23.05 -6.14 -21.67
CA ASP E 195 23.38 -7.42 -22.31
C ASP E 195 22.38 -7.79 -23.41
N ALA E 196 21.12 -7.44 -23.21
CA ALA E 196 20.09 -7.63 -24.22
C ALA E 196 20.46 -6.84 -25.45
N HIS E 197 20.94 -5.62 -25.22
CA HIS E 197 21.27 -4.75 -26.33
C HIS E 197 22.46 -5.29 -27.13
N TYR E 198 23.47 -5.75 -26.40
CA TYR E 198 24.68 -6.29 -27.00
C TYR E 198 24.31 -7.42 -27.97
N LYS E 199 23.58 -8.40 -27.48
CA LYS E 199 23.18 -9.54 -28.30
C LYS E 199 22.23 -9.15 -29.43
N ALA E 200 21.31 -8.23 -29.14
CA ALA E 200 20.34 -7.80 -30.14
C ALA E 200 21.04 -7.14 -31.34
N CYS E 201 22.02 -6.28 -31.05
CA CYS E 201 22.78 -5.62 -32.10
C CYS E 201 23.61 -6.61 -32.93
N LEU E 202 24.26 -7.55 -32.26
CA LEU E 202 25.02 -8.57 -32.98
C LEU E 202 24.06 -9.34 -33.90
N TYR E 203 22.93 -9.76 -33.36
CA TYR E 203 21.91 -10.44 -34.14
C TYR E 203 21.45 -9.58 -35.33
N ALA E 204 21.31 -8.28 -35.09
CA ALA E 204 20.79 -7.36 -36.10
C ALA E 204 21.77 -7.17 -37.27
N GLY E 205 23.06 -7.38 -37.00
CA GLY E 205 24.08 -7.19 -38.02
C GLY E 205 24.92 -5.93 -37.86
N ILE E 206 24.84 -5.33 -36.67
CA ILE E 206 25.62 -4.15 -36.32
C ILE E 206 27.00 -4.59 -35.78
N ASN E 207 28.05 -3.89 -36.18
CA ASN E 207 29.38 -4.23 -35.69
C ASN E 207 29.63 -3.71 -34.27
N ILE E 208 28.82 -4.13 -33.32
CA ILE E 208 29.03 -3.68 -31.96
C ILE E 208 30.29 -4.37 -31.40
N SER E 209 31.24 -3.57 -30.91
CA SER E 209 32.54 -4.12 -30.61
C SER E 209 32.78 -4.30 -29.11
N GLY E 210 31.88 -3.77 -28.27
CA GLY E 210 32.01 -3.95 -26.84
C GLY E 210 31.07 -3.09 -26.01
N ILE E 211 31.05 -3.32 -24.70
CA ILE E 211 30.23 -2.55 -23.76
C ILE E 211 31.01 -2.39 -22.45
N ASN E 212 30.67 -1.39 -21.64
CA ASN E 212 31.22 -1.29 -20.29
C ASN E 212 30.34 -0.44 -19.39
N GLY E 213 30.27 -0.80 -18.11
CA GLY E 213 29.63 0.04 -17.10
C GLY E 213 30.45 1.28 -16.88
N GLU E 214 29.77 2.43 -16.80
CA GLU E 214 30.49 3.70 -16.65
C GLU E 214 30.51 4.21 -15.21
N VAL E 215 31.13 5.38 -15.03
CA VAL E 215 31.46 5.93 -13.69
C VAL E 215 30.24 6.24 -12.82
N MET E 216 29.17 6.74 -13.44
CA MET E 216 27.94 7.05 -12.73
C MET E 216 27.00 5.84 -12.70
N PRO E 217 26.21 5.72 -11.65
CA PRO E 217 25.20 4.65 -11.60
C PRO E 217 24.20 4.78 -12.76
N GLY E 218 23.84 3.65 -13.36
CA GLY E 218 22.90 3.62 -14.46
C GLY E 218 23.51 4.11 -15.75
N GLN E 219 24.80 4.39 -15.72
CA GLN E 219 25.50 4.92 -16.90
C GLN E 219 26.33 3.83 -17.57
N TRP E 220 26.25 3.77 -18.90
CA TRP E 220 26.89 2.72 -19.67
C TRP E 220 27.48 3.23 -20.97
N GLU E 221 28.23 2.37 -21.66
CA GLU E 221 28.74 2.70 -22.98
C GLU E 221 28.76 1.44 -23.85
N PHE E 222 28.44 1.61 -25.13
CA PHE E 222 28.75 0.56 -26.10
C PHE E 222 29.60 1.16 -27.21
N GLN E 223 30.41 0.31 -27.82
CA GLN E 223 31.24 0.78 -28.92
C GLN E 223 30.83 0.08 -30.20
N VAL E 224 30.84 0.83 -31.30
CA VAL E 224 30.54 0.26 -32.61
C VAL E 224 31.70 0.52 -33.55
N GLY E 225 32.12 -0.50 -34.28
CA GLY E 225 33.18 -0.36 -35.24
C GLY E 225 34.15 -1.52 -35.27
N PRO E 226 35.05 -1.55 -36.25
CA PRO E 226 35.19 -0.52 -37.30
C PRO E 226 34.03 -0.59 -38.29
N SER E 227 33.52 0.57 -38.71
CA SER E 227 32.42 0.62 -39.67
C SER E 227 32.82 1.50 -40.85
N VAL E 228 32.51 1.05 -42.05
CA VAL E 228 32.94 1.73 -43.27
C VAL E 228 32.06 2.89 -43.66
N GLY E 229 32.63 4.08 -43.79
CA GLY E 229 31.93 5.22 -44.37
C GLY E 229 30.54 5.52 -43.83
N ILE E 230 29.57 5.58 -44.76
CA ILE E 230 28.20 5.98 -44.44
C ILE E 230 27.50 4.97 -43.54
N SER E 231 27.98 3.73 -43.57
CA SER E 231 27.35 2.69 -42.78
C SER E 231 27.62 2.87 -41.28
N ALA E 232 28.65 3.63 -40.94
CA ALA E 232 28.91 3.94 -39.54
C ALA E 232 27.70 4.68 -38.94
N GLY E 233 27.22 5.68 -39.66
CA GLY E 233 26.07 6.43 -39.20
C GLY E 233 24.79 5.60 -39.19
N ASP E 234 24.60 4.80 -40.25
CA ASP E 234 23.44 3.92 -40.31
C ASP E 234 23.42 2.99 -39.09
N GLU E 235 24.57 2.41 -38.78
CA GLU E 235 24.67 1.43 -37.71
C GLU E 235 24.46 2.04 -36.32
N ILE E 236 25.02 3.22 -36.11
CA ILE E 236 24.87 3.90 -34.81
C ILE E 236 23.41 4.22 -34.53
N TRP E 237 22.73 4.78 -35.54
CA TRP E 237 21.30 5.05 -35.40
C TRP E 237 20.50 3.78 -35.19
N ALA E 238 20.85 2.71 -35.91
CA ALA E 238 20.17 1.43 -35.71
C ALA E 238 20.38 0.89 -34.28
N ALA E 239 21.61 1.05 -33.77
CA ALA E 239 21.94 0.61 -32.41
C ALA E 239 21.20 1.45 -31.38
N ARG E 240 21.12 2.76 -31.60
CA ARG E 240 20.35 3.63 -30.70
C ARG E 240 18.88 3.23 -30.71
N TYR E 241 18.37 2.90 -31.89
CA TYR E 241 16.99 2.44 -32.00
C TYR E 241 16.75 1.22 -31.15
N ILE E 242 17.61 0.21 -31.34
CA ILE E 242 17.47 -1.04 -30.63
C ILE E 242 17.58 -0.83 -29.11
N LEU E 243 18.49 0.05 -28.70
CA LEU E 243 18.66 0.35 -27.27
C LEU E 243 17.36 0.93 -26.66
N GLU E 244 16.77 1.90 -27.33
CA GLU E 244 15.58 2.53 -26.75
C GLU E 244 14.33 1.64 -26.85
N ARG E 245 14.27 0.77 -27.85
CA ARG E 245 13.20 -0.21 -27.88
C ARG E 245 13.36 -1.14 -26.66
N ILE E 246 14.60 -1.44 -26.29
CA ILE E 246 14.84 -2.33 -25.16
C ILE E 246 14.50 -1.66 -23.81
N THR E 247 14.84 -0.38 -23.68
CA THR E 247 14.47 0.35 -22.46
C THR E 247 12.95 0.49 -22.35
N GLU E 248 12.29 0.57 -23.51
CA GLU E 248 10.83 0.60 -23.58
C GLU E 248 10.26 -0.67 -22.97
N ILE E 249 10.82 -1.81 -23.35
CA ILE E 249 10.38 -3.07 -22.77
C ILE E 249 10.56 -3.08 -21.25
N ALA E 250 11.71 -2.58 -20.80
CA ALA E 250 12.05 -2.61 -19.40
C ALA E 250 11.37 -1.52 -18.57
N GLY E 251 10.67 -0.58 -19.20
CA GLY E 251 10.01 0.49 -18.47
C GLY E 251 10.97 1.53 -17.91
N VAL E 252 12.06 1.75 -18.63
CA VAL E 252 13.14 2.62 -18.19
C VAL E 252 13.33 3.66 -19.30
N VAL E 253 13.73 4.88 -18.95
CA VAL E 253 13.96 5.94 -19.93
C VAL E 253 15.44 5.97 -20.28
N VAL E 254 15.79 6.26 -21.53
CA VAL E 254 17.18 6.36 -21.91
C VAL E 254 17.56 7.76 -22.35
N SER E 255 18.75 8.19 -21.97
CA SER E 255 19.30 9.46 -22.43
C SER E 255 20.69 9.30 -22.99
N PHE E 256 20.92 9.92 -24.14
CA PHE E 256 22.23 9.97 -24.77
C PHE E 256 22.83 11.36 -24.53
N ASP E 257 22.16 12.14 -23.70
CA ASP E 257 22.63 13.49 -23.38
C ASP E 257 23.83 13.41 -22.44
N PRO E 258 24.93 14.11 -22.81
CA PRO E 258 26.13 14.24 -21.97
C PRO E 258 25.82 14.81 -20.59
N LYS E 259 24.72 15.51 -20.45
CA LYS E 259 24.35 16.06 -19.16
C LYS E 259 22.89 15.68 -18.88
N PRO E 260 22.64 14.44 -18.46
CA PRO E 260 21.24 14.02 -18.43
C PRO E 260 20.47 14.50 -17.20
N ILE E 261 21.14 15.04 -16.20
CA ILE E 261 20.47 15.54 -15.01
C ILE E 261 21.15 16.83 -14.56
N PRO E 262 20.44 17.64 -13.76
CA PRO E 262 21.10 18.83 -13.21
C PRO E 262 22.21 18.43 -12.26
N GLY E 263 23.02 19.39 -11.85
CA GLY E 263 24.04 19.12 -10.86
C GLY E 263 25.29 18.51 -11.47
N ASP E 264 26.23 18.11 -10.63
CA ASP E 264 27.45 17.49 -11.10
C ASP E 264 27.17 16.14 -11.74
N TRP E 265 28.02 15.78 -12.69
CA TRP E 265 27.82 14.56 -13.45
C TRP E 265 29.12 14.28 -14.18
N ASN E 266 29.49 13.02 -14.24
CA ASN E 266 30.65 12.63 -15.00
C ASN E 266 30.21 11.96 -16.29
N GLY E 267 30.41 12.67 -17.38
CA GLY E 267 30.17 12.15 -18.71
C GLY E 267 31.50 12.10 -19.41
N ALA E 268 31.56 11.34 -20.50
CA ALA E 268 32.75 11.32 -21.32
C ALA E 268 32.58 12.43 -22.33
N GLY E 269 32.04 12.09 -23.48
CA GLY E 269 31.79 13.06 -24.52
C GLY E 269 31.31 12.28 -25.71
N ALA E 270 31.84 12.60 -26.88
CA ALA E 270 31.55 11.78 -28.04
C ALA E 270 32.84 11.59 -28.81
N HIS E 271 33.64 10.63 -28.35
CA HIS E 271 34.90 10.35 -29.01
C HIS E 271 34.66 9.44 -30.21
N THR E 272 35.37 9.72 -31.30
CA THR E 272 35.23 9.00 -32.55
C THR E 272 36.59 8.55 -33.07
N ASN E 273 36.73 7.25 -33.32
CA ASN E 273 37.97 6.73 -33.89
C ASN E 273 37.88 6.63 -35.41
N TYR E 274 39.00 6.92 -36.07
CA TYR E 274 38.99 7.07 -37.52
C TYR E 274 40.26 6.60 -38.19
N SER E 275 40.12 5.87 -39.30
CA SER E 275 41.30 5.46 -40.07
C SER E 275 40.96 5.31 -41.54
N THR E 276 41.96 5.60 -42.35
CA THR E 276 41.83 5.42 -43.78
C THR E 276 42.67 4.23 -44.22
N LYS E 277 42.40 3.76 -45.44
CA LYS E 277 43.19 2.70 -46.08
C LYS E 277 44.69 3.04 -46.04
N SER E 278 45.04 4.30 -46.30
CA SER E 278 46.44 4.74 -46.27
C SER E 278 47.05 4.66 -44.87
N MET E 279 46.27 5.02 -43.86
CA MET E 279 46.75 4.97 -42.47
C MET E 279 46.98 3.55 -42.01
N ARG E 280 46.18 2.63 -42.51
CA ARG E 280 46.22 1.26 -42.01
C ARG E 280 47.39 0.51 -42.62
N GLU E 281 48.10 1.16 -43.53
CA GLU E 281 49.25 0.55 -44.21
C GLU E 281 50.59 0.98 -43.61
N ILE E 287 51.49 8.76 -40.52
CA ILE E 287 50.43 8.84 -41.52
C ILE E 287 49.31 9.66 -40.92
N ILE E 288 49.11 9.44 -39.62
CA ILE E 288 48.15 10.07 -38.74
C ILE E 288 48.33 11.59 -38.58
N LYS E 289 49.60 12.01 -38.46
CA LYS E 289 49.95 13.40 -38.17
C LYS E 289 49.42 14.44 -39.15
N LYS E 290 49.42 14.17 -40.44
CA LYS E 290 48.90 15.14 -41.41
C LYS E 290 47.39 15.40 -41.16
N ALA E 291 46.66 14.33 -40.89
CA ALA E 291 45.22 14.42 -40.52
C ALA E 291 44.97 15.21 -39.23
N ILE E 292 45.76 14.93 -38.19
CA ILE E 292 45.68 15.66 -36.91
C ILE E 292 45.91 17.16 -37.10
N GLU E 293 46.87 17.50 -37.97
CA GLU E 293 47.16 18.87 -38.34
C GLU E 293 45.95 19.58 -38.96
N LYS E 294 45.32 18.89 -39.92
CA LYS E 294 44.17 19.41 -40.64
C LYS E 294 42.97 19.69 -39.72
N LEU E 295 42.70 18.74 -38.81
CA LEU E 295 41.63 18.88 -37.83
C LEU E 295 41.77 20.08 -36.88
N GLY E 296 43.00 20.36 -36.47
CA GLY E 296 43.25 21.47 -35.56
C GLY E 296 42.93 22.84 -36.14
N LEU E 297 43.27 23.05 -37.40
CA LEU E 297 43.02 24.33 -38.05
C LEU E 297 41.53 24.64 -38.14
N ARG E 298 40.70 23.60 -38.06
CA ARG E 298 39.24 23.73 -38.14
C ARG E 298 38.53 23.60 -36.79
N PHE E 351 43.32 7.20 -35.62
CA PHE E 351 43.37 8.17 -34.53
C PHE E 351 41.98 8.58 -33.99
N GLU E 352 41.98 9.11 -32.76
CA GLU E 352 40.75 9.42 -32.03
C GLU E 352 40.45 10.91 -32.01
N ASP E 353 39.18 11.27 -32.19
CA ASP E 353 38.74 12.64 -32.08
C ASP E 353 37.75 12.77 -30.92
N MET E 360 25.22 14.55 -30.80
CA MET E 360 25.45 15.04 -32.15
C MET E 360 25.11 13.90 -33.13
N ASP E 361 24.88 14.25 -34.39
CA ASP E 361 24.54 13.26 -35.39
C ASP E 361 25.79 12.62 -35.98
N PRO E 362 25.93 11.30 -35.80
CA PRO E 362 27.07 10.55 -36.31
C PRO E 362 27.28 10.70 -37.82
N TYR E 363 26.23 10.94 -38.61
CA TYR E 363 26.42 11.21 -40.05
C TYR E 363 27.27 12.45 -40.23
N VAL E 364 26.99 13.48 -39.42
CA VAL E 364 27.76 14.73 -39.47
C VAL E 364 29.18 14.53 -38.99
N VAL E 365 29.31 13.98 -37.78
CA VAL E 365 30.61 13.79 -37.18
C VAL E 365 31.52 12.97 -38.09
N THR E 366 31.05 11.80 -38.51
CA THR E 366 31.89 10.93 -39.33
C THR E 366 32.26 11.55 -40.69
N SER E 367 31.31 12.18 -41.37
CA SER E 367 31.58 12.74 -42.69
C SER E 367 32.45 14.00 -42.63
N MET E 368 32.26 14.84 -41.62
CA MET E 368 33.07 16.05 -41.51
C MET E 368 34.54 15.71 -41.29
N ILE E 369 34.81 14.64 -40.55
CA ILE E 369 36.18 14.18 -40.37
C ILE E 369 36.81 13.74 -41.71
N ALA E 370 36.06 12.99 -42.50
CA ALA E 370 36.55 12.55 -43.81
C ALA E 370 36.79 13.76 -44.69
N GLU E 371 35.83 14.68 -44.68
CA GLU E 371 35.90 15.89 -45.49
C GLU E 371 37.11 16.70 -45.05
N THR E 372 37.30 16.85 -43.74
CA THR E 372 38.41 17.62 -43.24
C THR E 372 39.75 17.10 -43.71
N THR E 373 39.89 15.79 -43.72
CA THR E 373 41.16 15.15 -43.97
C THR E 373 41.37 14.75 -45.42
N LEU E 374 40.30 14.79 -46.20
CA LEU E 374 40.37 14.28 -47.57
C LEU E 374 39.91 15.26 -48.68
N LEU E 375 39.05 16.21 -48.34
CA LEU E 375 38.41 17.10 -49.32
C LEU E 375 38.67 18.59 -49.06
N TRP E 376 38.91 18.92 -47.80
CA TRP E 376 38.99 20.32 -47.37
C TRP E 376 40.20 21.09 -47.91
N LYS E 377 39.95 22.37 -48.15
CA LYS E 377 40.87 23.37 -48.69
C LYS E 377 41.19 24.54 -47.76
N PRO E 378 42.40 24.55 -47.19
CA PRO E 378 42.82 25.65 -46.32
C PRO E 378 43.13 26.92 -47.13
N MET F 23 2.74 14.77 19.24
CA MET F 23 2.61 15.85 18.26
C MET F 23 1.66 16.94 18.73
N SER F 24 0.74 16.58 19.63
CA SER F 24 -0.12 17.56 20.27
C SER F 24 0.73 18.27 21.31
N LEU F 25 1.77 17.57 21.75
CA LEU F 25 2.79 18.11 22.64
C LEU F 25 3.54 19.23 21.92
N LEU F 26 3.72 19.08 20.60
CA LEU F 26 4.47 20.08 19.83
C LEU F 26 3.76 21.41 19.67
N SER F 27 2.49 21.38 19.27
CA SER F 27 1.74 22.61 19.04
C SER F 27 1.50 23.35 20.35
N ASP F 28 1.47 22.62 21.45
CA ASP F 28 1.34 23.23 22.77
C ASP F 28 2.55 24.13 23.01
N LEU F 29 3.74 23.64 22.68
CA LEU F 29 4.95 24.46 22.82
C LEU F 29 4.98 25.66 21.87
N ILE F 30 4.60 25.44 20.61
CA ILE F 30 4.57 26.51 19.62
C ILE F 30 3.61 27.63 20.05
N ASN F 31 2.52 27.22 20.70
CA ASN F 31 1.48 28.17 21.12
C ASN F 31 1.58 28.67 22.56
N LEU F 32 2.73 28.49 23.20
CA LEU F 32 2.94 29.05 24.54
C LEU F 32 2.79 30.59 24.58
N ASN F 33 2.07 31.08 25.61
CA ASN F 33 1.91 32.51 25.86
C ASN F 33 3.04 33.06 26.74
N LEU F 34 3.98 33.76 26.13
CA LEU F 34 5.15 34.31 26.81
C LEU F 34 4.83 35.43 27.82
N SER F 35 3.70 36.11 27.64
CA SER F 35 3.25 37.18 28.54
C SER F 35 3.07 36.70 29.97
N GLU F 36 2.88 35.39 30.12
CA GLU F 36 2.70 34.75 31.41
C GLU F 36 4.03 34.58 32.15
N SER F 37 5.14 34.68 31.42
CA SER F 37 6.47 34.44 32.00
C SER F 37 7.40 35.66 32.07
N SER F 38 7.20 36.63 31.17
CA SER F 38 8.01 37.85 31.13
C SER F 38 7.41 38.91 30.20
N GLU F 39 8.18 39.96 29.92
CA GLU F 39 7.74 41.03 29.02
C GLU F 39 8.46 41.01 27.67
N LYS F 40 9.44 40.13 27.51
CA LYS F 40 10.20 40.07 26.26
C LYS F 40 9.30 39.68 25.10
N ILE F 41 9.59 40.24 23.94
CA ILE F 41 8.86 39.88 22.71
C ILE F 41 9.79 39.34 21.65
N ILE F 42 9.24 38.66 20.66
CA ILE F 42 10.02 38.13 19.56
C ILE F 42 9.71 38.92 18.30
N ALA F 43 10.74 39.33 17.57
CA ALA F 43 10.52 40.08 16.34
C ALA F 43 11.04 39.30 15.13
N GLU F 44 10.14 39.04 14.18
CA GLU F 44 10.50 38.38 12.94
C GLU F 44 10.87 39.45 11.90
N TYR F 45 12.16 39.61 11.64
CA TYR F 45 12.60 40.59 10.65
C TYR F 45 12.50 40.01 9.23
N ILE F 46 11.80 40.71 8.34
CA ILE F 46 11.53 40.20 7.00
C ILE F 46 12.17 41.08 5.92
N TRP F 47 12.72 40.46 4.88
CA TRP F 47 13.28 41.23 3.75
C TRP F 47 13.14 40.51 2.42
N VAL F 48 13.31 41.28 1.34
CA VAL F 48 13.28 40.77 0.00
C VAL F 48 14.67 40.33 -0.43
N GLY F 49 14.81 39.08 -0.84
CA GLY F 49 16.11 38.54 -1.22
C GLY F 49 16.55 38.95 -2.62
N GLY F 50 17.61 38.29 -3.10
CA GLY F 50 18.27 38.64 -4.34
C GLY F 50 17.53 38.39 -5.64
N SER F 51 16.44 37.63 -5.61
CA SER F 51 15.68 37.39 -6.85
C SER F 51 14.63 38.47 -7.05
N GLY F 52 14.48 39.36 -6.07
CA GLY F 52 13.46 40.39 -6.13
C GLY F 52 12.08 39.88 -5.76
N MET F 53 11.95 38.57 -5.59
CA MET F 53 10.68 37.95 -5.25
C MET F 53 10.73 36.96 -4.07
N ASP F 54 11.93 36.66 -3.59
CA ASP F 54 12.08 35.68 -2.51
C ASP F 54 12.07 36.36 -1.14
N LEU F 55 11.06 36.11 -0.34
CA LEU F 55 11.02 36.66 1.01
C LEU F 55 11.94 35.88 1.94
N ARG F 56 12.67 36.59 2.79
CA ARG F 56 13.51 35.95 3.78
C ARG F 56 13.15 36.52 5.15
N SER F 57 13.40 35.74 6.20
CA SER F 57 13.20 36.24 7.56
C SER F 57 13.95 35.45 8.62
N LYS F 58 14.15 36.08 9.76
CA LYS F 58 14.67 35.40 10.93
C LYS F 58 14.23 36.22 12.12
N ALA F 59 14.38 35.66 13.32
CA ALA F 59 13.73 36.23 14.48
C ALA F 59 14.69 36.55 15.60
N ARG F 60 14.41 37.62 16.34
CA ARG F 60 15.22 37.97 17.51
C ARG F 60 14.34 38.36 18.72
N THR F 61 14.92 38.27 19.91
CA THR F 61 14.21 38.61 21.14
C THR F 61 14.42 40.08 21.49
N LEU F 62 13.34 40.80 21.78
CA LEU F 62 13.46 42.19 22.23
C LEU F 62 12.90 42.32 23.64
N PRO F 63 13.43 43.30 24.40
CA PRO F 63 13.14 43.43 25.84
C PRO F 63 11.67 43.65 26.13
N GLY F 64 10.97 44.33 25.23
CA GLY F 64 9.59 44.65 25.50
C GLY F 64 8.85 45.01 24.24
N PRO F 65 7.54 45.27 24.36
CA PRO F 65 6.61 45.59 23.27
C PRO F 65 7.06 46.84 22.51
N VAL F 66 6.85 46.86 21.20
CA VAL F 66 7.24 47.99 20.37
C VAL F 66 6.18 48.23 19.30
N SER F 67 5.80 49.50 19.11
CA SER F 67 4.85 49.85 18.06
C SER F 67 5.46 50.78 16.99
N ASP F 68 6.57 51.44 17.32
CA ASP F 68 7.26 52.37 16.42
C ASP F 68 8.49 51.71 15.79
N PRO F 69 8.46 51.51 14.45
CA PRO F 69 9.54 50.86 13.69
C PRO F 69 10.87 51.58 13.90
N SER F 70 10.81 52.90 14.11
CA SER F 70 12.03 53.67 14.30
C SER F 70 12.69 53.37 15.66
N LYS F 71 11.99 52.67 16.54
CA LYS F 71 12.55 52.30 17.84
C LYS F 71 13.18 50.92 17.86
N LEU F 72 13.03 50.19 16.75
CA LEU F 72 13.64 48.87 16.60
C LEU F 72 15.12 48.99 16.22
N PRO F 73 15.96 48.10 16.75
CA PRO F 73 17.36 48.12 16.34
C PRO F 73 17.51 47.64 14.91
N LYS F 74 18.51 48.15 14.20
CA LYS F 74 18.87 47.63 12.89
C LYS F 74 19.42 46.24 13.08
N TRP F 75 19.46 45.46 12.02
CA TRP F 75 20.00 44.11 12.11
C TRP F 75 20.86 43.85 10.89
N ASN F 76 21.27 42.60 10.67
CA ASN F 76 22.10 42.27 9.50
C ASN F 76 22.01 40.80 9.14
N TYR F 77 22.51 40.44 7.95
CA TYR F 77 22.58 39.04 7.54
C TYR F 77 23.66 38.86 6.47
N ASP F 78 23.90 37.61 6.09
CA ASP F 78 24.91 37.29 5.09
C ASP F 78 24.29 37.33 3.70
N GLY F 79 24.58 38.41 2.98
CA GLY F 79 24.01 38.58 1.66
C GLY F 79 24.51 37.59 0.64
N SER F 80 25.66 36.97 0.91
CA SER F 80 26.21 36.00 -0.02
C SER F 80 25.40 34.70 0.00
N SER F 81 24.49 34.59 0.97
CA SER F 81 23.60 33.45 1.08
C SER F 81 22.23 33.73 0.49
N THR F 82 21.99 34.97 0.08
CA THR F 82 20.72 35.34 -0.56
C THR F 82 20.95 36.07 -1.88
N ASN F 83 22.13 35.88 -2.48
CA ASN F 83 22.47 36.51 -3.75
C ASN F 83 22.40 38.05 -3.71
N GLN F 84 22.91 38.64 -2.63
CA GLN F 84 22.82 40.08 -2.44
C GLN F 84 24.15 40.71 -2.00
N ALA F 85 25.19 39.90 -1.94
CA ALA F 85 26.51 40.46 -1.68
C ALA F 85 27.60 39.58 -2.27
N PRO F 86 28.13 40.01 -3.42
CA PRO F 86 29.26 39.37 -4.10
C PRO F 86 30.60 39.87 -3.56
N GLY F 87 30.75 41.18 -3.48
CA GLY F 87 32.03 41.82 -3.20
C GLY F 87 32.68 41.78 -1.82
N GLN F 88 33.45 40.71 -1.60
CA GLN F 88 34.29 40.49 -0.41
C GLN F 88 33.72 40.81 0.99
N ASP F 89 32.69 41.66 1.03
CA ASP F 89 32.01 42.02 2.26
C ASP F 89 30.58 41.53 2.20
N SER F 90 30.30 40.41 2.84
CA SER F 90 29.02 39.76 2.66
C SER F 90 27.91 40.35 3.53
N GLU F 91 28.28 41.20 4.47
CA GLU F 91 27.29 41.74 5.38
C GLU F 91 26.33 42.71 4.70
N VAL F 92 25.04 42.53 4.97
CA VAL F 92 24.01 43.44 4.49
C VAL F 92 23.23 43.91 5.71
N ILE F 93 22.84 45.18 5.74
CA ILE F 93 22.16 45.76 6.90
C ILE F 93 20.64 45.79 6.71
N LEU F 94 19.91 45.47 7.78
CA LEU F 94 18.46 45.50 7.77
C LEU F 94 17.92 46.76 8.48
N TYR F 95 17.13 47.55 7.75
CA TYR F 95 16.44 48.71 8.35
C TYR F 95 14.97 48.40 8.55
N PRO F 96 14.52 48.33 9.81
CA PRO F 96 13.09 48.17 10.13
C PRO F 96 12.26 49.34 9.57
N GLN F 97 11.14 49.08 8.91
CA GLN F 97 10.32 50.14 8.35
C GLN F 97 8.85 50.06 8.75
N ALA F 98 8.34 48.85 8.94
CA ALA F 98 6.93 48.71 9.30
C ALA F 98 6.69 47.51 10.21
N ILE F 99 5.80 47.69 11.19
CA ILE F 99 5.52 46.64 12.16
C ILE F 99 4.11 46.09 11.95
N PHE F 100 3.97 44.77 12.06
CA PHE F 100 2.65 44.15 12.07
C PHE F 100 2.66 43.15 13.21
N LYS F 101 1.48 42.81 13.70
CA LYS F 101 1.35 41.77 14.71
C LYS F 101 1.63 40.39 14.08
N ASP F 102 2.34 39.50 14.79
CA ASP F 102 2.66 38.17 14.24
C ASP F 102 1.52 37.17 14.53
N PRO F 103 0.83 36.74 13.47
CA PRO F 103 -0.32 35.88 13.72
C PRO F 103 0.11 34.45 14.07
N PHE F 104 1.37 34.12 13.82
CA PHE F 104 1.88 32.78 14.10
C PHE F 104 2.34 32.65 15.55
N ARG F 105 3.10 33.62 16.04
CA ARG F 105 3.57 33.60 17.42
C ARG F 105 2.57 34.22 18.39
N GLN F 106 1.69 35.09 17.87
CA GLN F 106 0.63 35.71 18.67
C GLN F 106 1.16 36.60 19.78
N GLY F 107 0.28 36.94 20.73
CA GLY F 107 0.66 37.78 21.86
C GLY F 107 1.19 39.12 21.37
N ASN F 108 2.27 39.58 21.98
CA ASN F 108 2.90 40.83 21.57
C ASN F 108 4.05 40.61 20.58
N ASN F 109 4.18 39.42 20.03
CA ASN F 109 5.25 39.20 19.06
C ASN F 109 4.93 39.83 17.71
N ILE F 110 5.95 40.27 16.96
CA ILE F 110 5.69 41.10 15.78
C ILE F 110 6.40 40.69 14.49
N LEU F 111 5.84 41.11 13.37
CA LEU F 111 6.51 41.06 12.07
C LEU F 111 7.11 42.41 11.76
N VAL F 112 8.32 42.39 11.19
CA VAL F 112 9.01 43.61 10.86
C VAL F 112 9.44 43.61 9.39
N ILE F 113 8.78 44.43 8.60
CA ILE F 113 9.18 44.61 7.21
C ILE F 113 10.40 45.50 7.21
N CYS F 114 11.47 45.02 6.60
CA CYS F 114 12.69 45.78 6.49
C CYS F 114 13.03 46.04 5.01
N ASP F 115 13.89 47.03 4.77
CA ASP F 115 14.60 47.12 3.49
C ASP F 115 16.10 47.03 3.75
N VAL F 116 16.88 46.88 2.69
CA VAL F 116 18.25 46.40 2.85
C VAL F 116 19.32 47.32 2.27
N TYR F 117 20.43 47.46 3.00
CA TYR F 117 21.47 48.45 2.70
C TYR F 117 22.85 47.85 2.90
N THR F 118 23.86 48.43 2.26
CA THR F 118 25.24 48.06 2.54
C THR F 118 25.63 48.61 3.89
N PRO F 119 26.68 48.04 4.49
CA PRO F 119 27.22 48.62 5.73
C PRO F 119 27.53 50.11 5.55
N ALA F 120 27.82 50.53 4.33
CA ALA F 120 28.14 51.93 4.03
C ALA F 120 26.93 52.88 4.06
N GLY F 121 25.73 52.31 3.95
CA GLY F 121 24.51 53.09 4.08
C GLY F 121 23.74 53.27 2.78
N GLU F 122 24.18 52.59 1.73
CA GLU F 122 23.51 52.66 0.44
C GLU F 122 22.49 51.53 0.22
N PRO F 123 21.31 51.87 -0.33
CA PRO F 123 20.33 50.83 -0.64
C PRO F 123 20.88 49.87 -1.68
N LEU F 124 20.61 48.58 -1.49
CA LEU F 124 21.00 47.56 -2.45
C LEU F 124 20.18 47.74 -3.72
N PRO F 125 20.71 47.27 -4.86
CA PRO F 125 19.94 47.31 -6.10
C PRO F 125 18.58 46.60 -5.97
N THR F 126 18.51 45.53 -5.18
CA THR F 126 17.26 44.80 -5.04
C THR F 126 16.32 45.42 -3.98
N ASN F 127 16.77 46.50 -3.34
CA ASN F 127 15.94 47.30 -2.44
C ASN F 127 15.14 48.27 -3.28
N LYS F 128 13.84 48.05 -3.43
CA LYS F 128 13.03 48.98 -4.21
C LYS F 128 12.27 49.96 -3.32
N ARG F 129 12.28 49.72 -2.01
CA ARG F 129 11.55 50.59 -1.10
C ARG F 129 12.15 51.98 -1.01
N TYR F 130 13.49 52.07 -1.03
CA TYR F 130 14.19 53.35 -0.86
C TYR F 130 13.73 54.41 -1.87
N ASN F 131 13.81 54.08 -3.16
CA ASN F 131 13.42 55.05 -4.19
C ASN F 131 11.92 55.34 -4.17
N ALA F 132 11.13 54.30 -3.91
CA ALA F 132 9.69 54.48 -3.77
C ALA F 132 9.36 55.44 -2.62
N ALA F 133 10.10 55.30 -1.51
CA ALA F 133 9.92 56.15 -0.33
C ALA F 133 10.27 57.60 -0.62
N LYS F 134 11.31 57.78 -1.43
CA LYS F 134 11.73 59.11 -1.84
C LYS F 134 10.58 59.75 -2.61
N ILE F 135 9.95 58.97 -3.48
CA ILE F 135 8.82 59.46 -4.26
C ILE F 135 7.64 59.86 -3.36
N PHE F 136 7.28 58.99 -2.43
CA PHE F 136 6.15 59.26 -1.56
C PHE F 136 6.46 60.36 -0.52
N SER F 137 7.74 60.63 -0.30
CA SER F 137 8.14 61.67 0.65
C SER F 137 8.11 63.05 0.00
N HIS F 138 8.14 63.10 -1.32
CA HIS F 138 8.06 64.37 -2.06
C HIS F 138 6.78 65.11 -1.69
N PRO F 139 6.90 66.40 -1.38
CA PRO F 139 5.76 67.22 -0.93
C PRO F 139 4.60 67.20 -1.92
N ASP F 140 4.91 67.11 -3.21
CA ASP F 140 3.87 67.11 -4.24
C ASP F 140 3.07 65.81 -4.28
N VAL F 141 3.71 64.71 -3.89
CA VAL F 141 3.03 63.43 -3.84
C VAL F 141 2.25 63.32 -2.53
N ALA F 142 2.95 63.63 -1.44
CA ALA F 142 2.38 63.52 -0.10
C ALA F 142 1.11 64.35 0.04
N ALA F 143 1.07 65.51 -0.59
CA ALA F 143 -0.09 66.38 -0.55
C ALA F 143 -1.29 65.77 -1.26
N GLU F 144 -1.03 64.87 -2.19
CA GLU F 144 -2.09 64.25 -2.98
C GLU F 144 -2.64 62.98 -2.33
N VAL F 145 -2.02 62.57 -1.23
CA VAL F 145 -2.47 61.38 -0.48
C VAL F 145 -2.80 60.18 -1.37
N PRO F 146 -1.79 59.64 -2.06
CA PRO F 146 -2.11 58.53 -2.97
C PRO F 146 -2.60 57.30 -2.24
N TRP F 147 -3.74 56.79 -2.70
CA TRP F 147 -4.29 55.53 -2.19
C TRP F 147 -4.07 54.44 -3.23
N TYR F 148 -3.80 53.23 -2.78
CA TYR F 148 -3.56 52.09 -3.65
C TYR F 148 -4.46 50.93 -3.27
N GLY F 149 -4.94 50.23 -4.29
CA GLY F 149 -5.66 48.99 -4.09
C GLY F 149 -5.00 47.94 -4.93
N ILE F 150 -4.50 46.89 -4.30
CA ILE F 150 -3.80 45.85 -5.05
C ILE F 150 -4.58 44.53 -5.05
N GLU F 151 -4.64 43.90 -6.22
CA GLU F 151 -5.24 42.57 -6.37
C GLU F 151 -4.13 41.54 -6.57
N GLN F 152 -3.99 40.62 -5.62
CA GLN F 152 -2.94 39.63 -5.70
C GLN F 152 -3.51 38.25 -6.01
N GLU F 153 -3.29 37.80 -7.23
CA GLU F 153 -3.69 36.47 -7.60
C GLU F 153 -2.59 35.53 -7.19
N TYR F 154 -2.93 34.29 -6.87
CA TYR F 154 -1.92 33.27 -6.62
C TYR F 154 -2.46 31.87 -6.87
N THR F 155 -1.54 30.90 -7.00
CA THR F 155 -1.91 29.52 -7.25
C THR F 155 -1.30 28.59 -6.21
N LEU F 156 -2.13 27.69 -5.69
CA LEU F 156 -1.67 26.69 -4.74
C LEU F 156 -1.31 25.42 -5.53
N LEU F 157 -0.06 24.94 -5.36
CA LEU F 157 0.50 23.83 -6.12
C LEU F 157 0.85 22.60 -5.26
N GLN F 158 0.53 21.41 -5.74
CA GLN F 158 0.97 20.18 -5.07
C GLN F 158 2.47 20.17 -4.93
N LYS F 159 2.98 19.91 -3.73
CA LYS F 159 4.43 19.97 -3.49
C LYS F 159 5.22 19.02 -4.39
N ASP F 160 4.72 17.80 -4.57
CA ASP F 160 5.49 16.81 -5.33
C ASP F 160 5.36 16.94 -6.85
N THR F 161 4.15 17.21 -7.34
CA THR F 161 3.92 17.21 -8.79
C THR F 161 4.00 18.61 -9.37
N ASN F 162 3.84 19.61 -8.52
CA ASN F 162 3.83 21.00 -8.98
C ASN F 162 2.71 21.35 -9.93
N TRP F 163 1.63 20.58 -9.93
CA TRP F 163 0.42 20.96 -10.63
C TRP F 163 -0.52 21.54 -9.58
N PRO F 164 -1.49 22.37 -10.00
CA PRO F 164 -2.38 23.01 -9.01
C PRO F 164 -3.21 22.01 -8.22
N LEU F 165 -3.52 22.33 -6.96
CA LEU F 165 -4.48 21.57 -6.18
C LEU F 165 -5.76 21.42 -7.00
N GLY F 166 -6.29 20.19 -7.07
CA GLY F 166 -7.52 19.91 -7.79
C GLY F 166 -7.40 19.91 -9.31
N TRP F 167 -6.19 19.99 -9.83
CA TRP F 167 -6.01 19.95 -11.27
C TRP F 167 -6.66 18.71 -11.84
N PRO F 168 -7.54 18.86 -12.83
CA PRO F 168 -8.26 17.71 -13.41
C PRO F 168 -7.35 16.82 -14.29
N ILE F 169 -7.63 15.52 -14.27
CA ILE F 169 -6.88 14.55 -15.06
C ILE F 169 -6.72 14.95 -16.54
N GLY F 170 -7.76 15.54 -17.12
CA GLY F 170 -7.70 15.91 -18.52
C GLY F 170 -6.94 17.21 -18.76
N GLY F 171 -6.56 17.92 -17.69
CA GLY F 171 -5.70 19.08 -17.89
C GLY F 171 -6.53 20.35 -17.96
N TYR F 172 -5.99 21.37 -18.64
CA TYR F 172 -6.63 22.68 -18.73
C TYR F 172 -8.13 22.62 -19.04
N PRO F 173 -8.96 23.03 -18.08
CA PRO F 173 -10.42 22.90 -18.12
C PRO F 173 -11.17 23.98 -18.92
N GLY F 174 -10.55 25.13 -19.16
CA GLY F 174 -11.17 26.22 -19.88
C GLY F 174 -11.52 27.34 -18.91
N PRO F 175 -11.94 28.52 -19.42
CA PRO F 175 -12.24 29.74 -18.62
C PRO F 175 -13.64 29.75 -18.00
N GLN F 176 -14.44 28.77 -18.39
CA GLN F 176 -15.81 28.66 -17.95
C GLN F 176 -15.91 27.37 -17.14
N GLY F 177 -15.99 27.50 -15.83
CA GLY F 177 -15.97 26.33 -14.96
C GLY F 177 -16.55 26.56 -13.58
N PRO F 178 -16.51 25.52 -12.75
CA PRO F 178 -17.19 25.58 -11.46
C PRO F 178 -16.29 26.07 -10.35
N TYR F 179 -15.04 26.38 -10.65
CA TYR F 179 -14.05 26.75 -9.63
C TYR F 179 -14.19 28.21 -9.15
N TYR F 180 -14.47 29.08 -10.10
CA TYR F 180 -14.59 30.51 -9.81
C TYR F 180 -15.64 30.74 -8.71
N CYS F 181 -15.19 31.27 -7.58
CA CYS F 181 -16.09 31.48 -6.44
C CYS F 181 -16.88 30.21 -6.04
N GLY F 182 -16.30 29.04 -6.27
CA GLY F 182 -17.03 27.81 -6.03
C GLY F 182 -17.04 27.36 -4.58
N ILE F 183 -17.93 26.42 -4.27
CA ILE F 183 -17.98 25.76 -2.98
C ILE F 183 -18.08 24.24 -3.19
N GLY F 184 -17.57 23.45 -2.25
CA GLY F 184 -17.66 21.99 -2.39
C GLY F 184 -16.33 21.31 -2.64
N ALA F 185 -16.21 20.06 -2.21
CA ALA F 185 -14.94 19.32 -2.30
C ALA F 185 -14.39 19.21 -3.72
N ASP F 186 -15.30 19.22 -4.70
CA ASP F 186 -14.91 19.06 -6.10
C ASP F 186 -14.67 20.39 -6.81
N LYS F 187 -14.72 21.51 -6.08
CA LYS F 187 -14.62 22.80 -6.75
C LYS F 187 -13.62 23.75 -6.11
N ALA F 188 -13.68 23.89 -4.79
CA ALA F 188 -12.80 24.81 -4.05
C ALA F 188 -11.65 24.05 -3.46
N TYR F 189 -10.45 24.34 -3.91
CA TYR F 189 -9.27 23.65 -3.37
C TYR F 189 -8.33 24.56 -2.61
N GLY F 190 -8.13 24.27 -1.32
CA GLY F 190 -7.17 25.01 -0.52
C GLY F 190 -7.81 26.13 0.27
N ARG F 191 -9.14 26.10 0.44
CA ARG F 191 -9.83 27.12 1.19
C ARG F 191 -9.35 27.31 2.65
N ASP F 192 -8.93 26.23 3.31
CA ASP F 192 -8.43 26.35 4.68
C ASP F 192 -7.24 27.32 4.75
N ILE F 193 -6.36 27.21 3.77
CA ILE F 193 -5.24 28.13 3.61
C ILE F 193 -5.72 29.58 3.37
N VAL F 194 -6.67 29.72 2.46
CA VAL F 194 -7.16 31.04 2.07
C VAL F 194 -7.79 31.77 3.27
N ASP F 195 -8.66 31.05 3.97
CA ASP F 195 -9.36 31.58 5.13
C ASP F 195 -8.43 31.84 6.32
N ALA F 196 -7.42 30.99 6.48
CA ALA F 196 -6.38 31.19 7.51
C ALA F 196 -5.65 32.49 7.20
N HIS F 197 -5.35 32.69 5.92
CA HIS F 197 -4.62 33.86 5.48
C HIS F 197 -5.45 35.14 5.68
N TYR F 198 -6.74 35.08 5.34
CA TYR F 198 -7.63 36.22 5.52
C TYR F 198 -7.62 36.69 6.97
N LYS F 199 -7.89 35.77 7.89
CA LYS F 199 -7.90 36.15 9.30
C LYS F 199 -6.53 36.59 9.81
N ALA F 200 -5.49 35.93 9.31
CA ALA F 200 -4.13 36.21 9.73
C ALA F 200 -3.68 37.62 9.43
N CYS F 201 -4.00 38.09 8.23
CA CYS F 201 -3.69 39.44 7.78
C CYS F 201 -4.47 40.50 8.53
N LEU F 202 -5.76 40.25 8.74
CA LEU F 202 -6.57 41.20 9.52
C LEU F 202 -5.99 41.30 10.92
N TYR F 203 -5.72 40.16 11.55
CA TYR F 203 -5.07 40.16 12.85
C TYR F 203 -3.75 40.92 12.80
N ALA F 204 -3.01 40.76 11.70
CA ALA F 204 -1.69 41.35 11.63
C ALA F 204 -1.75 42.87 11.53
N GLY F 205 -2.86 43.38 10.99
CA GLY F 205 -3.04 44.82 10.79
C GLY F 205 -2.94 45.25 9.35
N ILE F 206 -3.00 44.30 8.43
CA ILE F 206 -2.96 44.59 7.00
C ILE F 206 -4.36 44.92 6.50
N ASN F 207 -4.49 45.91 5.62
CA ASN F 207 -5.82 46.22 5.10
C ASN F 207 -6.30 45.32 3.98
N ILE F 208 -6.41 44.03 4.30
CA ILE F 208 -6.93 43.06 3.36
C ILE F 208 -8.45 43.29 3.24
N SER F 209 -8.91 43.46 2.00
CA SER F 209 -10.27 43.93 1.81
C SER F 209 -11.23 42.86 1.31
N GLY F 210 -10.68 41.72 0.88
CA GLY F 210 -11.50 40.60 0.44
C GLY F 210 -10.71 39.49 -0.24
N ILE F 211 -11.39 38.39 -0.53
CA ILE F 211 -10.80 37.23 -1.22
C ILE F 211 -11.82 36.60 -2.15
N ASN F 212 -11.35 35.84 -3.12
CA ASN F 212 -12.24 35.04 -3.95
C ASN F 212 -11.49 33.88 -4.59
N GLY F 213 -12.19 32.75 -4.80
CA GLY F 213 -11.68 31.66 -5.62
C GLY F 213 -11.67 32.10 -7.09
N GLU F 214 -10.60 31.77 -7.79
CA GLU F 214 -10.47 32.17 -9.18
C GLU F 214 -10.82 31.06 -10.19
N VAL F 215 -10.67 31.36 -11.47
CA VAL F 215 -11.16 30.51 -12.56
C VAL F 215 -10.49 29.11 -12.62
N MET F 216 -9.20 29.00 -12.31
CA MET F 216 -8.51 27.71 -12.28
C MET F 216 -8.57 27.03 -10.89
N PRO F 217 -8.58 25.68 -10.87
CA PRO F 217 -8.51 24.97 -9.59
C PRO F 217 -7.25 25.32 -8.83
N GLY F 218 -7.39 25.49 -7.52
CA GLY F 218 -6.28 25.85 -6.66
C GLY F 218 -5.85 27.30 -6.81
N GLN F 219 -6.59 28.08 -7.61
CA GLN F 219 -6.24 29.47 -7.88
C GLN F 219 -7.17 30.43 -7.12
N TRP F 220 -6.58 31.46 -6.50
CA TRP F 220 -7.34 32.37 -5.65
C TRP F 220 -6.85 33.79 -5.79
N GLU F 221 -7.56 34.72 -5.15
CA GLU F 221 -7.11 36.09 -5.10
C GLU F 221 -7.46 36.73 -3.75
N PHE F 222 -6.57 37.59 -3.27
CA PHE F 222 -6.93 38.51 -2.17
C PHE F 222 -6.68 39.96 -2.62
N GLN F 223 -7.45 40.88 -2.07
CA GLN F 223 -7.29 42.30 -2.37
C GLN F 223 -6.83 43.05 -1.12
N VAL F 224 -5.96 44.03 -1.31
CA VAL F 224 -5.48 44.87 -0.21
C VAL F 224 -5.70 46.33 -0.55
N GLY F 225 -6.23 47.10 0.41
CA GLY F 225 -6.45 48.51 0.21
C GLY F 225 -7.79 49.05 0.68
N PRO F 226 -7.96 50.37 0.68
CA PRO F 226 -6.99 51.39 0.27
C PRO F 226 -5.86 51.52 1.28
N SER F 227 -4.65 51.69 0.78
CA SER F 227 -3.47 51.83 1.62
C SER F 227 -2.71 53.08 1.15
N VAL F 228 -2.25 53.89 2.10
CA VAL F 228 -1.62 55.15 1.77
C VAL F 228 -0.14 55.01 1.43
N GLY F 229 0.26 55.51 0.27
CA GLY F 229 1.66 55.66 -0.09
C GLY F 229 2.58 54.46 0.06
N ILE F 230 3.65 54.63 0.83
CA ILE F 230 4.64 53.58 0.95
C ILE F 230 4.07 52.38 1.71
N SER F 231 3.02 52.59 2.50
CA SER F 231 2.48 51.49 3.28
C SER F 231 1.77 50.43 2.41
N ALA F 232 1.39 50.78 1.19
CA ALA F 232 0.80 49.79 0.28
C ALA F 232 1.78 48.63 0.01
N GLY F 233 3.02 48.98 -0.29
CA GLY F 233 4.07 48.01 -0.54
C GLY F 233 4.44 47.24 0.69
N ASP F 234 4.55 47.94 1.82
CA ASP F 234 4.84 47.29 3.10
C ASP F 234 3.78 46.21 3.38
N GLU F 235 2.51 46.55 3.16
CA GLU F 235 1.41 45.63 3.46
C GLU F 235 1.40 44.45 2.48
N ILE F 236 1.68 44.74 1.21
CA ILE F 236 1.66 43.69 0.21
C ILE F 236 2.70 42.63 0.49
N TRP F 237 3.92 43.08 0.79
CA TRP F 237 4.98 42.15 1.11
C TRP F 237 4.65 41.36 2.36
N ALA F 238 4.05 42.02 3.35
CA ALA F 238 3.62 41.36 4.59
C ALA F 238 2.54 40.31 4.33
N ALA F 239 1.63 40.63 3.42
CA ALA F 239 0.56 39.70 3.05
C ALA F 239 1.11 38.47 2.36
N ARG F 240 2.08 38.70 1.48
CA ARG F 240 2.76 37.62 0.78
C ARG F 240 3.53 36.73 1.72
N TYR F 241 4.17 37.33 2.71
CA TYR F 241 4.92 36.60 3.74
C TYR F 241 3.99 35.68 4.51
N ILE F 242 2.89 36.26 5.00
CA ILE F 242 1.94 35.48 5.77
C ILE F 242 1.36 34.31 4.96
N LEU F 243 1.05 34.56 3.69
CA LEU F 243 0.48 33.54 2.83
C LEU F 243 1.46 32.37 2.68
N GLU F 244 2.73 32.67 2.42
CA GLU F 244 3.68 31.61 2.15
C GLU F 244 4.07 30.86 3.45
N ARG F 245 4.02 31.57 4.59
CA ARG F 245 4.21 30.90 5.86
C ARG F 245 3.08 29.89 6.08
N ILE F 246 1.89 30.25 5.65
CA ILE F 246 0.73 29.39 5.82
C ILE F 246 0.75 28.17 4.89
N THR F 247 1.16 28.37 3.64
CA THR F 247 1.29 27.25 2.74
C THR F 247 2.39 26.32 3.22
N GLU F 248 3.40 26.88 3.87
CA GLU F 248 4.45 26.07 4.47
C GLU F 248 3.85 25.10 5.48
N ILE F 249 2.99 25.60 6.35
CA ILE F 249 2.34 24.76 7.33
C ILE F 249 1.52 23.68 6.65
N ALA F 250 0.85 24.05 5.58
CA ALA F 250 -0.08 23.15 4.91
C ALA F 250 0.63 22.14 4.01
N GLY F 251 1.95 22.31 3.83
CA GLY F 251 2.75 21.44 2.98
C GLY F 251 2.46 21.66 1.50
N VAL F 252 2.13 22.88 1.16
CA VAL F 252 1.73 23.20 -0.21
C VAL F 252 2.68 24.27 -0.76
N VAL F 253 2.90 24.28 -2.07
CA VAL F 253 3.76 25.33 -2.65
C VAL F 253 2.89 26.47 -3.16
N VAL F 254 3.35 27.71 -3.04
CA VAL F 254 2.58 28.85 -3.57
C VAL F 254 3.32 29.53 -4.71
N SER F 255 2.57 29.91 -5.73
CA SER F 255 3.14 30.71 -6.82
C SER F 255 2.37 32.02 -7.09
N PHE F 256 3.10 33.11 -7.22
CA PHE F 256 2.50 34.40 -7.60
C PHE F 256 2.76 34.70 -9.08
N ASP F 257 3.28 33.71 -9.79
CA ASP F 257 3.54 33.86 -11.23
C ASP F 257 2.21 33.79 -12.02
N PRO F 258 1.96 34.78 -12.88
CA PRO F 258 0.78 34.81 -13.76
C PRO F 258 0.65 33.56 -14.62
N LYS F 259 1.77 32.89 -14.89
CA LYS F 259 1.78 31.68 -15.68
C LYS F 259 2.57 30.61 -14.89
N PRO F 260 1.93 29.99 -13.89
CA PRO F 260 2.63 29.12 -12.94
C PRO F 260 2.83 27.68 -13.42
N ILE F 261 2.22 27.31 -14.54
CA ILE F 261 2.39 25.97 -15.10
C ILE F 261 2.44 26.07 -16.61
N PRO F 262 3.01 25.06 -17.30
CA PRO F 262 2.96 25.08 -18.78
C PRO F 262 1.55 24.81 -19.31
N GLY F 263 1.35 25.01 -20.60
CA GLY F 263 0.06 24.74 -21.22
C GLY F 263 -0.89 25.92 -21.02
N ASP F 264 -2.15 25.75 -21.42
CA ASP F 264 -3.14 26.80 -21.25
C ASP F 264 -3.40 27.08 -19.77
N TRP F 265 -3.77 28.32 -19.51
CA TRP F 265 -3.96 28.80 -18.17
C TRP F 265 -4.66 30.13 -18.24
N ASN F 266 -5.61 30.36 -17.35
CA ASN F 266 -6.21 31.67 -17.23
C ASN F 266 -5.70 32.30 -15.94
N GLY F 267 -4.80 33.26 -16.08
CA GLY F 267 -4.39 34.03 -14.93
C GLY F 267 -4.79 35.45 -15.24
N ALA F 268 -4.91 36.28 -14.22
CA ALA F 268 -5.14 37.69 -14.43
C ALA F 268 -3.77 38.34 -14.38
N GLY F 269 -3.40 38.82 -13.20
CA GLY F 269 -2.11 39.45 -13.01
C GLY F 269 -2.02 40.07 -11.64
N ALA F 270 -1.53 41.30 -11.60
CA ALA F 270 -1.55 42.10 -10.39
C ALA F 270 -1.97 43.50 -10.77
N HIS F 271 -3.28 43.70 -10.84
CA HIS F 271 -3.85 44.98 -11.22
C HIS F 271 -3.82 45.92 -10.02
N THR F 272 -3.57 47.20 -10.28
CA THR F 272 -3.42 48.19 -9.21
C THR F 272 -4.39 49.35 -9.37
N ASN F 273 -5.20 49.58 -8.34
CA ASN F 273 -6.09 50.74 -8.30
C ASN F 273 -5.40 51.89 -7.60
N TYR F 274 -5.66 53.11 -8.08
CA TYR F 274 -4.94 54.29 -7.63
C TYR F 274 -5.84 55.51 -7.63
N SER F 275 -5.76 56.29 -6.56
CA SER F 275 -6.49 57.55 -6.50
C SER F 275 -5.78 58.58 -5.66
N THR F 276 -5.90 59.83 -6.06
CA THR F 276 -5.35 60.95 -5.30
C THR F 276 -6.47 61.69 -4.60
N LYS F 277 -6.09 62.54 -3.65
CA LYS F 277 -7.01 63.44 -2.96
C LYS F 277 -7.86 64.24 -3.97
N SER F 278 -7.23 64.73 -5.03
CA SER F 278 -7.94 65.49 -6.06
C SER F 278 -9.00 64.66 -6.78
N MET F 279 -8.69 63.39 -7.01
CA MET F 279 -9.64 62.49 -7.66
C MET F 279 -10.83 62.20 -6.76
N ARG F 280 -10.55 62.14 -5.45
CA ARG F 280 -11.57 61.77 -4.49
C ARG F 280 -12.46 62.94 -4.11
N GLU F 281 -12.08 64.14 -4.53
CA GLU F 281 -12.86 65.34 -4.22
C GLU F 281 -13.69 65.78 -5.42
N ASN F 282 -13.97 67.08 -5.46
CA ASN F 282 -14.82 67.63 -6.49
C ASN F 282 -14.03 67.74 -7.79
N GLY F 283 -14.66 67.34 -8.89
CA GLY F 283 -14.05 67.45 -10.21
C GLY F 283 -12.90 66.48 -10.42
N GLY F 284 -13.07 65.26 -9.94
CA GLY F 284 -12.07 64.22 -10.12
C GLY F 284 -11.96 63.81 -11.58
N TYR F 285 -13.10 63.82 -12.26
CA TYR F 285 -13.22 63.47 -13.69
C TYR F 285 -12.08 63.98 -14.57
N GLU F 286 -11.69 65.23 -14.36
CA GLU F 286 -10.62 65.86 -15.12
C GLU F 286 -9.26 65.36 -14.66
N ILE F 287 -9.09 65.27 -13.36
CA ILE F 287 -7.83 64.80 -12.78
C ILE F 287 -7.58 63.35 -13.21
N ILE F 288 -8.64 62.55 -13.25
CA ILE F 288 -8.54 61.14 -13.65
C ILE F 288 -8.12 60.94 -15.10
N LYS F 289 -8.76 61.64 -16.03
CA LYS F 289 -8.40 61.49 -17.44
C LYS F 289 -6.97 61.98 -17.68
N LYS F 290 -6.62 63.11 -17.06
CA LYS F 290 -5.28 63.68 -17.19
C LYS F 290 -4.22 62.73 -16.65
N ALA F 291 -4.51 62.10 -15.51
CA ALA F 291 -3.62 61.11 -14.93
C ALA F 291 -3.39 59.95 -15.90
N ILE F 292 -4.49 59.45 -16.48
CA ILE F 292 -4.43 58.43 -17.51
C ILE F 292 -3.63 58.86 -18.73
N GLU F 293 -3.81 60.11 -19.13
CA GLU F 293 -3.09 60.63 -20.28
C GLU F 293 -1.57 60.58 -20.06
N LYS F 294 -1.11 61.03 -18.90
CA LYS F 294 0.34 61.01 -18.61
C LYS F 294 0.92 59.59 -18.54
N LEU F 295 0.16 58.64 -17.97
CA LEU F 295 0.61 57.25 -17.92
C LEU F 295 0.77 56.73 -19.35
N GLY F 296 -0.19 57.10 -20.20
CA GLY F 296 -0.17 56.71 -21.60
C GLY F 296 0.97 57.36 -22.36
N LEU F 297 1.21 58.63 -22.06
CA LEU F 297 2.25 59.43 -22.70
C LEU F 297 3.65 58.91 -22.44
N ARG F 298 3.79 58.07 -21.41
CA ARG F 298 5.10 57.61 -20.98
C ARG F 298 5.45 56.26 -21.59
N HIS F 299 4.46 55.37 -21.66
CA HIS F 299 4.57 54.01 -22.20
C HIS F 299 5.92 53.56 -22.74
N SER F 336 -3.65 49.79 -21.03
CA SER F 336 -3.32 49.14 -19.75
C SER F 336 -3.94 49.91 -18.59
N VAL F 337 -4.70 50.95 -18.89
CA VAL F 337 -5.29 51.79 -17.86
C VAL F 337 -6.77 52.09 -18.11
N ARG F 338 -7.61 51.86 -17.10
CA ARG F 338 -9.06 51.99 -17.24
C ARG F 338 -9.71 52.65 -16.02
N VAL F 339 -10.82 53.35 -16.21
CA VAL F 339 -11.55 53.96 -15.10
C VAL F 339 -12.63 53.01 -14.58
N GLY F 349 -14.79 56.94 -9.46
CA GLY F 349 -14.06 56.76 -8.21
C GLY F 349 -12.56 56.91 -8.42
N TYR F 350 -11.95 55.89 -8.99
CA TYR F 350 -10.51 55.87 -9.26
C TYR F 350 -10.25 55.11 -10.55
N PHE F 351 -9.01 54.71 -10.78
CA PHE F 351 -8.73 53.91 -11.96
C PHE F 351 -7.77 52.74 -11.74
N GLU F 352 -7.85 51.77 -12.64
CA GLU F 352 -7.10 50.52 -12.50
C GLU F 352 -5.92 50.49 -13.47
N ASP F 353 -4.78 50.03 -12.96
CA ASP F 353 -3.57 49.91 -13.75
C ASP F 353 -3.10 48.46 -13.92
N ARG F 354 -2.97 48.02 -15.16
CA ARG F 354 -2.59 46.64 -15.47
C ARG F 354 -1.11 46.57 -15.80
N ASN F 359 3.74 40.34 -11.47
CA ASN F 359 4.71 39.75 -10.56
C ASN F 359 5.82 40.74 -10.15
N MET F 360 5.66 41.98 -10.59
CA MET F 360 6.59 43.05 -10.27
C MET F 360 6.48 43.45 -8.80
N ASP F 361 7.48 44.19 -8.32
CA ASP F 361 7.53 44.66 -6.94
C ASP F 361 6.58 45.83 -6.73
N PRO F 362 5.60 45.69 -5.81
CA PRO F 362 4.60 46.72 -5.50
C PRO F 362 5.18 48.09 -5.12
N TYR F 363 6.37 48.14 -4.54
CA TYR F 363 7.03 49.41 -4.27
C TYR F 363 7.24 50.14 -5.59
N VAL F 364 7.69 49.39 -6.59
CA VAL F 364 7.95 49.98 -7.90
C VAL F 364 6.66 50.41 -8.57
N VAL F 365 5.71 49.48 -8.68
CA VAL F 365 4.42 49.74 -9.35
C VAL F 365 3.67 50.93 -8.74
N THR F 366 3.50 50.92 -7.43
CA THR F 366 2.76 52.00 -6.78
C THR F 366 3.45 53.35 -6.92
N SER F 367 4.77 53.40 -6.73
CA SER F 367 5.48 54.68 -6.76
C SER F 367 5.60 55.21 -8.19
N MET F 368 5.74 54.33 -9.17
CA MET F 368 5.82 54.76 -10.57
C MET F 368 4.54 55.44 -10.99
N ILE F 369 3.42 54.95 -10.50
CA ILE F 369 2.15 55.58 -10.81
C ILE F 369 2.07 56.99 -10.21
N ALA F 370 2.50 57.13 -8.96
CA ALA F 370 2.48 58.45 -8.32
C ALA F 370 3.42 59.43 -9.02
N GLU F 371 4.63 58.97 -9.31
CA GLU F 371 5.63 59.82 -9.95
C GLU F 371 5.21 60.28 -11.32
N THR F 372 4.79 59.34 -12.16
CA THR F 372 4.39 59.64 -13.53
C THR F 372 3.22 60.63 -13.57
N THR F 373 2.32 60.52 -12.59
CA THR F 373 1.13 61.37 -12.59
C THR F 373 1.28 62.66 -11.76
N LEU F 374 2.32 62.76 -10.94
CA LEU F 374 2.43 63.89 -10.03
C LEU F 374 3.74 64.67 -10.10
N LEU F 375 4.81 64.04 -10.54
CA LEU F 375 6.12 64.68 -10.52
C LEU F 375 6.68 64.82 -11.91
N TRP F 376 6.34 63.89 -12.78
CA TRP F 376 6.89 63.88 -14.12
C TRP F 376 6.26 65.01 -14.93
N LYS F 377 7.08 65.75 -15.67
CA LYS F 377 6.55 66.84 -16.49
C LYS F 377 7.05 66.69 -17.92
N PRO F 378 6.15 66.34 -18.86
CA PRO F 378 6.56 66.10 -20.24
C PRO F 378 6.94 67.38 -20.98
N MET G 23 -4.33 20.89 10.07
CA MET G 23 -3.29 21.19 11.05
C MET G 23 -3.89 21.86 12.28
N SER G 24 -3.19 21.78 13.41
CA SER G 24 -3.60 22.53 14.59
C SER G 24 -3.15 23.99 14.47
N LEU G 25 -2.03 24.22 13.80
CA LEU G 25 -1.58 25.58 13.53
C LEU G 25 -2.53 26.29 12.56
N LEU G 26 -3.04 25.53 11.59
CA LEU G 26 -3.94 26.08 10.58
C LEU G 26 -5.32 26.40 11.16
N SER G 27 -5.86 25.47 11.93
CA SER G 27 -7.18 25.69 12.51
C SER G 27 -7.16 26.83 13.51
N ASP G 28 -6.03 27.07 14.17
CA ASP G 28 -5.92 28.21 15.07
C ASP G 28 -6.07 29.53 14.30
N LEU G 29 -5.42 29.63 13.14
CA LEU G 29 -5.51 30.82 12.31
C LEU G 29 -6.94 30.98 11.79
N ILE G 30 -7.55 29.88 11.36
CA ILE G 30 -8.92 29.93 10.89
C ILE G 30 -9.93 30.35 11.99
N ASN G 31 -9.65 29.95 13.23
CA ASN G 31 -10.58 30.24 14.31
C ASN G 31 -10.21 31.50 15.11
N LEU G 32 -9.32 32.32 14.56
CA LEU G 32 -9.00 33.60 15.19
C LEU G 32 -10.27 34.44 15.37
N ASN G 33 -10.43 34.95 16.59
CA ASN G 33 -11.50 35.88 16.93
C ASN G 33 -11.08 37.32 16.64
N LEU G 34 -11.61 37.87 15.56
CA LEU G 34 -11.23 39.22 15.14
C LEU G 34 -11.71 40.32 16.11
N SER G 35 -12.76 40.06 16.88
CA SER G 35 -13.26 41.08 17.82
C SER G 35 -12.20 41.50 18.81
N GLU G 36 -11.22 40.63 19.05
CA GLU G 36 -10.16 40.93 20.00
C GLU G 36 -9.08 41.84 19.41
N SER G 37 -9.04 41.99 18.09
CA SER G 37 -8.00 42.78 17.43
C SER G 37 -8.52 44.03 16.70
N SER G 38 -9.80 44.03 16.34
CA SER G 38 -10.41 45.18 15.69
C SER G 38 -11.94 45.11 15.66
N GLU G 39 -12.57 46.02 14.92
CA GLU G 39 -14.00 46.00 14.74
C GLU G 39 -14.43 45.55 13.35
N LYS G 40 -13.45 45.33 12.48
CA LYS G 40 -13.77 44.93 11.12
C LYS G 40 -14.41 43.55 11.12
N ILE G 41 -15.34 43.35 10.19
CA ILE G 41 -15.94 42.05 9.99
C ILE G 41 -15.74 41.58 8.55
N ILE G 42 -15.94 40.29 8.33
CA ILE G 42 -15.87 39.69 7.01
C ILE G 42 -17.28 39.30 6.61
N ALA G 43 -17.67 39.62 5.37
CA ALA G 43 -18.99 39.31 4.84
C ALA G 43 -18.85 38.40 3.63
N GLU G 44 -19.48 37.24 3.67
CA GLU G 44 -19.47 36.29 2.57
C GLU G 44 -20.71 36.48 1.68
N TYR G 45 -20.54 37.10 0.51
CA TYR G 45 -21.65 37.33 -0.44
C TYR G 45 -21.92 36.09 -1.25
N ILE G 46 -23.16 35.63 -1.21
CA ILE G 46 -23.57 34.36 -1.80
C ILE G 46 -24.60 34.57 -2.91
N TRP G 47 -24.48 33.83 -4.02
CA TRP G 47 -25.49 33.91 -5.07
C TRP G 47 -25.67 32.62 -5.87
N VAL G 48 -26.77 32.55 -6.59
CA VAL G 48 -27.06 31.43 -7.46
C VAL G 48 -26.42 31.66 -8.85
N GLY G 49 -25.62 30.71 -9.30
CA GLY G 49 -24.91 30.79 -10.58
C GLY G 49 -25.75 30.45 -11.80
N GLY G 50 -25.09 30.31 -12.95
CA GLY G 50 -25.77 30.15 -14.23
C GLY G 50 -26.56 28.87 -14.47
N SER G 51 -26.35 27.85 -13.65
CA SER G 51 -27.10 26.60 -13.79
C SER G 51 -28.40 26.65 -13.00
N GLY G 52 -28.59 27.69 -12.19
CA GLY G 52 -29.77 27.73 -11.33
C GLY G 52 -29.61 26.86 -10.08
N MET G 53 -28.52 26.11 -10.02
CA MET G 53 -28.23 25.25 -8.87
C MET G 53 -26.81 25.37 -8.27
N ASP G 54 -25.93 26.10 -8.93
CA ASP G 54 -24.55 26.20 -8.44
C ASP G 54 -24.41 27.43 -7.56
N LEU G 55 -24.19 27.22 -6.26
CA LEU G 55 -23.99 28.37 -5.39
C LEU G 55 -22.57 28.89 -5.56
N ARG G 56 -22.43 30.20 -5.59
CA ARG G 56 -21.12 30.82 -5.66
C ARG G 56 -20.99 31.81 -4.53
N SER G 57 -19.76 32.07 -4.10
CA SER G 57 -19.54 33.11 -3.10
C SER G 57 -18.12 33.62 -3.04
N LYS G 58 -17.95 34.78 -2.42
CA LYS G 58 -16.63 35.33 -2.11
C LYS G 58 -16.79 36.31 -0.95
N ALA G 59 -15.68 36.74 -0.37
CA ALA G 59 -15.79 37.49 0.89
C ALA G 59 -15.14 38.87 0.84
N ARG G 60 -15.71 39.83 1.58
CA ARG G 60 -15.11 41.16 1.72
C ARG G 60 -15.12 41.65 3.18
N THR G 61 -14.22 42.60 3.46
CA THR G 61 -14.12 43.20 4.78
C THR G 61 -15.00 44.45 4.90
N LEU G 62 -15.76 44.56 5.98
CA LEU G 62 -16.55 45.78 6.26
C LEU G 62 -16.05 46.44 7.54
N PRO G 63 -16.25 47.77 7.67
CA PRO G 63 -15.71 48.54 8.79
C PRO G 63 -16.23 48.07 10.16
N GLY G 64 -17.45 47.56 10.19
CA GLY G 64 -18.04 47.16 11.47
C GLY G 64 -19.21 46.22 11.30
N PRO G 65 -19.75 45.73 12.42
CA PRO G 65 -20.86 44.78 12.42
C PRO G 65 -22.10 45.34 11.71
N VAL G 66 -22.84 44.48 11.01
CA VAL G 66 -24.06 44.86 10.30
C VAL G 66 -25.13 43.78 10.44
N SER G 67 -26.35 44.19 10.74
CA SER G 67 -27.50 43.30 10.85
C SER G 67 -28.60 43.62 9.82
N ASP G 68 -28.56 44.83 9.26
CA ASP G 68 -29.56 45.28 8.30
C ASP G 68 -28.99 45.12 6.88
N PRO G 69 -29.59 44.21 6.09
CA PRO G 69 -29.10 43.94 4.74
C PRO G 69 -29.08 45.20 3.88
N SER G 70 -30.04 46.10 4.09
CA SER G 70 -30.14 47.28 3.24
C SER G 70 -29.01 48.28 3.51
N LYS G 71 -28.24 48.05 4.57
CA LYS G 71 -27.11 48.90 4.88
C LYS G 71 -25.83 48.33 4.30
N LEU G 72 -25.92 47.12 3.74
CA LEU G 72 -24.76 46.50 3.10
C LEU G 72 -24.53 47.12 1.73
N PRO G 73 -23.25 47.33 1.37
CA PRO G 73 -22.95 47.87 0.05
C PRO G 73 -23.19 46.81 -1.02
N LYS G 74 -23.61 47.25 -2.20
CA LYS G 74 -23.72 46.34 -3.32
C LYS G 74 -22.31 45.90 -3.76
N TRP G 75 -22.24 44.80 -4.49
CA TRP G 75 -20.97 44.31 -4.96
C TRP G 75 -21.11 43.86 -6.41
N ASN G 76 -20.10 43.18 -6.93
CA ASN G 76 -20.14 42.69 -8.31
C ASN G 76 -19.21 41.50 -8.49
N TYR G 77 -19.32 40.83 -9.62
CA TYR G 77 -18.41 39.74 -9.97
C TYR G 77 -18.39 39.60 -11.47
N ASP G 78 -17.53 38.73 -11.97
CA ASP G 78 -17.42 38.47 -13.41
C ASP G 78 -18.42 37.41 -13.82
N GLY G 79 -19.51 37.85 -14.44
CA GLY G 79 -20.57 36.96 -14.85
C GLY G 79 -20.20 35.99 -15.96
N SER G 80 -19.14 36.31 -16.71
CA SER G 80 -18.72 35.40 -17.78
C SER G 80 -18.01 34.18 -17.20
N SER G 81 -17.70 34.22 -15.90
CA SER G 81 -17.04 33.11 -15.23
C SER G 81 -18.04 32.19 -14.54
N THR G 82 -19.30 32.58 -14.52
CA THR G 82 -20.34 31.77 -13.88
C THR G 82 -21.51 31.52 -14.82
N ASN G 83 -21.23 31.63 -16.12
CA ASN G 83 -22.22 31.40 -17.15
C ASN G 83 -23.45 32.33 -17.00
N GLN G 84 -23.17 33.59 -16.67
CA GLN G 84 -24.25 34.56 -16.44
C GLN G 84 -24.08 35.90 -17.15
N ALA G 85 -23.01 36.04 -17.93
CA ALA G 85 -22.87 37.22 -18.79
C ALA G 85 -22.01 36.88 -19.99
N PRO G 86 -22.67 36.59 -21.12
CA PRO G 86 -22.02 36.25 -22.39
C PRO G 86 -21.63 37.45 -23.23
N GLY G 87 -22.26 38.59 -22.98
CA GLY G 87 -22.05 39.78 -23.79
C GLY G 87 -20.71 40.44 -23.52
N GLN G 88 -20.44 41.51 -24.26
CA GLN G 88 -19.19 42.25 -24.14
C GLN G 88 -18.97 42.90 -22.79
N ASP G 89 -20.04 42.92 -22.00
CA ASP G 89 -20.01 43.39 -20.63
C ASP G 89 -20.27 42.23 -19.69
N SER G 90 -19.21 41.73 -19.08
CA SER G 90 -19.32 40.54 -18.24
C SER G 90 -19.70 40.88 -16.78
N GLU G 91 -19.72 42.17 -16.43
CA GLU G 91 -19.99 42.57 -15.05
C GLU G 91 -21.44 42.28 -14.64
N VAL G 92 -21.59 41.69 -13.46
CA VAL G 92 -22.89 41.41 -12.88
C VAL G 92 -22.95 42.00 -11.47
N ILE G 93 -24.07 42.61 -11.11
CA ILE G 93 -24.17 43.30 -9.81
C ILE G 93 -24.83 42.42 -8.73
N LEU G 94 -24.28 42.44 -7.52
CA LEU G 94 -24.83 41.70 -6.38
C LEU G 94 -25.62 42.61 -5.43
N TYR G 95 -26.89 42.29 -5.21
CA TYR G 95 -27.71 43.01 -4.24
C TYR G 95 -27.87 42.18 -2.97
N PRO G 96 -27.31 42.64 -1.83
CA PRO G 96 -27.54 42.00 -0.52
C PRO G 96 -29.03 41.97 -0.18
N GLN G 97 -29.54 40.83 0.27
CA GLN G 97 -30.97 40.70 0.57
C GLN G 97 -31.28 40.14 1.97
N ALA G 98 -30.41 39.28 2.46
CA ALA G 98 -30.61 38.61 3.74
C ALA G 98 -29.30 38.33 4.45
N ILE G 99 -29.27 38.54 5.77
CA ILE G 99 -28.07 38.32 6.56
C ILE G 99 -28.24 37.13 7.50
N PHE G 100 -27.20 36.32 7.59
CA PHE G 100 -27.11 35.23 8.56
C PHE G 100 -25.73 35.24 9.19
N LYS G 101 -25.62 34.70 10.41
CA LYS G 101 -24.31 34.57 11.01
C LYS G 101 -23.51 33.47 10.34
N ASP G 102 -22.23 33.72 10.15
CA ASP G 102 -21.34 32.78 9.50
C ASP G 102 -20.83 31.74 10.51
N PRO G 103 -21.26 30.48 10.38
CA PRO G 103 -20.86 29.45 11.37
C PRO G 103 -19.41 29.00 11.18
N PHE G 104 -18.80 29.33 10.05
CA PHE G 104 -17.42 28.97 9.79
C PHE G 104 -16.47 30.03 10.31
N ARG G 105 -16.76 31.29 10.01
CA ARG G 105 -15.88 32.35 10.48
C ARG G 105 -16.20 32.79 11.92
N GLN G 106 -17.41 32.50 12.39
CA GLN G 106 -17.83 32.80 13.76
C GLN G 106 -17.80 34.31 14.07
N GLY G 107 -17.90 34.66 15.35
CA GLY G 107 -17.91 36.05 15.80
C GLY G 107 -19.01 36.86 15.15
N ASN G 108 -18.68 38.07 14.72
CA ASN G 108 -19.60 38.96 14.01
C ASN G 108 -19.50 38.85 12.49
N ASN G 109 -18.82 37.82 12.01
CA ASN G 109 -18.72 37.61 10.57
C ASN G 109 -20.04 37.06 10.03
N ILE G 110 -20.37 37.38 8.78
CA ILE G 110 -21.70 37.06 8.28
C ILE G 110 -21.77 36.41 6.88
N LEU G 111 -22.89 35.75 6.63
CA LEU G 111 -23.26 35.30 5.31
C LEU G 111 -24.27 36.27 4.74
N VAL G 112 -24.15 36.58 3.46
CA VAL G 112 -25.07 37.49 2.83
C VAL G 112 -25.66 36.84 1.59
N ILE G 113 -26.94 36.50 1.65
CA ILE G 113 -27.66 36.01 0.47
C ILE G 113 -27.97 37.20 -0.45
N CYS G 114 -27.52 37.10 -1.70
CA CYS G 114 -27.79 38.14 -2.68
C CYS G 114 -28.62 37.61 -3.85
N ASP G 115 -29.24 38.53 -4.58
CA ASP G 115 -29.75 38.19 -5.90
C ASP G 115 -29.00 39.05 -6.92
N VAL G 116 -29.22 38.77 -8.19
CA VAL G 116 -28.24 39.17 -9.17
C VAL G 116 -28.84 39.97 -10.36
N TYR G 117 -28.12 41.02 -10.78
CA TYR G 117 -28.67 41.98 -11.74
C TYR G 117 -27.62 42.41 -12.76
N THR G 118 -28.07 42.92 -13.92
CA THR G 118 -27.21 43.60 -14.88
C THR G 118 -26.81 44.96 -14.32
N PRO G 119 -25.70 45.53 -14.84
CA PRO G 119 -25.27 46.88 -14.44
C PRO G 119 -26.34 47.95 -14.59
N ALA G 120 -27.23 47.78 -15.57
CA ALA G 120 -28.30 48.73 -15.83
C ALA G 120 -29.42 48.65 -14.81
N GLY G 121 -29.51 47.52 -14.10
CA GLY G 121 -30.49 47.33 -13.04
C GLY G 121 -31.53 46.25 -13.30
N GLU G 122 -31.34 45.46 -14.34
CA GLU G 122 -32.27 44.38 -14.68
C GLU G 122 -31.88 43.06 -14.01
N PRO G 123 -32.87 42.36 -13.42
CA PRO G 123 -32.58 41.07 -12.80
C PRO G 123 -32.16 40.08 -13.86
N LEU G 124 -31.14 39.27 -13.58
CA LEU G 124 -30.73 38.25 -14.54
C LEU G 124 -31.81 37.18 -14.64
N PRO G 125 -31.87 36.48 -15.78
CA PRO G 125 -32.82 35.37 -15.96
C PRO G 125 -32.69 34.33 -14.87
N THR G 126 -31.48 34.11 -14.37
CA THR G 126 -31.26 33.11 -13.32
C THR G 126 -31.57 33.65 -11.92
N ASN G 127 -31.97 34.92 -11.86
CA ASN G 127 -32.46 35.54 -10.65
C ASN G 127 -33.95 35.26 -10.51
N LYS G 128 -34.31 34.34 -9.63
CA LYS G 128 -35.71 34.02 -9.40
C LYS G 128 -36.27 34.77 -8.21
N ARG G 129 -35.37 35.36 -7.41
CA ARG G 129 -35.81 36.05 -6.20
C ARG G 129 -36.65 37.26 -6.55
N TYR G 130 -36.27 37.94 -7.63
CA TYR G 130 -36.91 39.18 -8.01
C TYR G 130 -38.41 39.03 -8.13
N ASN G 131 -38.84 38.09 -8.95
CA ASN G 131 -40.26 37.92 -9.16
C ASN G 131 -40.96 37.42 -7.91
N ALA G 132 -40.28 36.53 -7.19
CA ALA G 132 -40.79 36.03 -5.91
C ALA G 132 -41.01 37.16 -4.93
N ALA G 133 -40.06 38.10 -4.89
CA ALA G 133 -40.18 39.26 -4.02
C ALA G 133 -41.38 40.14 -4.39
N LYS G 134 -41.66 40.28 -5.68
CA LYS G 134 -42.84 41.05 -6.10
C LYS G 134 -44.12 40.43 -5.57
N ILE G 135 -44.18 39.11 -5.64
CA ILE G 135 -45.33 38.39 -5.13
C ILE G 135 -45.49 38.51 -3.61
N PHE G 136 -44.42 38.27 -2.86
CA PHE G 136 -44.51 38.33 -1.40
C PHE G 136 -44.70 39.75 -0.86
N SER G 137 -44.37 40.77 -1.68
CA SER G 137 -44.57 42.18 -1.32
C SER G 137 -45.97 42.72 -1.61
N HIS G 138 -46.72 42.00 -2.43
CA HIS G 138 -48.10 42.37 -2.69
C HIS G 138 -48.84 42.41 -1.35
N PRO G 139 -49.58 43.50 -1.10
CA PRO G 139 -50.25 43.74 0.19
C PRO G 139 -51.20 42.60 0.62
N ASP G 140 -51.86 41.99 -0.35
CA ASP G 140 -52.82 40.92 -0.09
C ASP G 140 -52.13 39.58 0.23
N VAL G 141 -50.90 39.41 -0.25
CA VAL G 141 -50.09 38.24 0.08
C VAL G 141 -49.41 38.49 1.43
N ALA G 142 -48.81 39.67 1.56
CA ALA G 142 -48.09 40.08 2.77
C ALA G 142 -48.97 40.04 4.02
N ALA G 143 -50.22 40.43 3.85
CA ALA G 143 -51.20 40.42 4.93
C ALA G 143 -51.61 39.00 5.34
N GLU G 144 -51.42 38.03 4.45
CA GLU G 144 -51.83 36.65 4.74
C GLU G 144 -50.74 35.86 5.45
N VAL G 145 -49.58 36.49 5.61
CA VAL G 145 -48.44 35.91 6.31
C VAL G 145 -48.18 34.45 5.90
N PRO G 146 -47.83 34.24 4.62
CA PRO G 146 -47.62 32.85 4.18
C PRO G 146 -46.41 32.21 4.88
N TRP G 147 -46.63 31.03 5.46
CA TRP G 147 -45.57 30.25 6.08
C TRP G 147 -45.22 29.07 5.18
N TYR G 148 -43.95 28.75 5.12
CA TYR G 148 -43.47 27.66 4.30
C TYR G 148 -42.64 26.70 5.09
N GLY G 149 -42.81 25.41 4.80
CA GLY G 149 -41.94 24.36 5.32
C GLY G 149 -41.39 23.57 4.15
N ILE G 150 -40.08 23.56 3.97
CA ILE G 150 -39.46 22.88 2.84
C ILE G 150 -38.69 21.63 3.30
N GLU G 151 -38.84 20.52 2.57
CA GLU G 151 -38.09 19.29 2.87
C GLU G 151 -36.97 19.11 1.84
N GLN G 152 -35.74 19.19 2.29
CA GLN G 152 -34.59 19.09 1.38
C GLN G 152 -33.85 17.78 1.55
N GLU G 153 -34.01 16.90 0.57
CA GLU G 153 -33.30 15.64 0.55
C GLU G 153 -31.96 15.85 -0.12
N TYR G 154 -30.95 15.07 0.27
CA TYR G 154 -29.66 15.15 -0.40
C TYR G 154 -28.91 13.83 -0.24
N THR G 155 -27.90 13.63 -1.07
CA THR G 155 -27.11 12.41 -1.00
C THR G 155 -25.64 12.77 -0.86
N LEU G 156 -24.96 12.11 0.08
CA LEU G 156 -23.53 12.29 0.27
C LEU G 156 -22.79 11.26 -0.57
N LEU G 157 -21.85 11.74 -1.39
CA LEU G 157 -21.15 10.90 -2.35
C LEU G 157 -19.66 10.87 -2.12
N GLN G 158 -19.08 9.68 -2.24
CA GLN G 158 -17.62 9.52 -2.27
C GLN G 158 -17.02 10.35 -3.39
N LYS G 159 -16.02 11.15 -3.06
CA LYS G 159 -15.40 12.07 -4.03
C LYS G 159 -14.80 11.33 -5.22
N ASP G 160 -14.14 10.21 -4.97
CA ASP G 160 -13.47 9.51 -6.05
C ASP G 160 -14.39 8.63 -6.91
N THR G 161 -15.34 7.95 -6.27
CA THR G 161 -16.16 6.96 -6.97
C THR G 161 -17.51 7.47 -7.44
N ASN G 162 -17.99 8.55 -6.82
CA ASN G 162 -19.33 9.05 -7.06
C ASN G 162 -20.48 8.13 -6.67
N TRP G 163 -20.21 7.18 -5.79
CA TRP G 163 -21.28 6.40 -5.22
C TRP G 163 -21.58 6.93 -3.81
N PRO G 164 -22.81 6.73 -3.32
CA PRO G 164 -23.16 7.25 -1.98
C PRO G 164 -22.25 6.66 -0.91
N LEU G 165 -22.00 7.39 0.18
CA LEU G 165 -21.32 6.83 1.35
C LEU G 165 -22.04 5.57 1.77
N GLY G 166 -21.29 4.51 2.07
CA GLY G 166 -21.89 3.28 2.56
C GLY G 166 -22.59 2.43 1.51
N TRP G 167 -22.43 2.77 0.24
CA TRP G 167 -23.03 2.00 -0.83
C TRP G 167 -22.56 0.56 -0.71
N PRO G 168 -23.50 -0.39 -0.65
CA PRO G 168 -23.00 -1.74 -0.38
C PRO G 168 -22.39 -2.42 -1.61
N ILE G 169 -21.22 -3.01 -1.46
CA ILE G 169 -20.57 -3.78 -2.52
C ILE G 169 -21.54 -4.81 -3.10
N GLY G 170 -22.09 -4.55 -4.27
CA GLY G 170 -23.07 -5.48 -4.82
C GLY G 170 -24.38 -4.82 -5.18
N GLY G 171 -24.50 -3.54 -4.81
CA GLY G 171 -25.56 -2.67 -5.31
C GLY G 171 -26.86 -2.32 -4.62
N TYR G 172 -27.78 -1.84 -5.44
CA TYR G 172 -29.07 -1.27 -5.01
C TYR G 172 -29.82 -2.07 -3.95
N PRO G 173 -29.93 -1.51 -2.74
CA PRO G 173 -30.49 -2.28 -1.63
C PRO G 173 -32.02 -2.34 -1.56
N GLY G 174 -32.74 -1.35 -2.08
CA GLY G 174 -34.18 -1.38 -2.01
C GLY G 174 -34.82 -0.43 -1.00
N PRO G 175 -36.16 -0.34 -1.03
CA PRO G 175 -36.91 0.62 -0.20
C PRO G 175 -37.13 0.18 1.26
N GLN G 176 -36.84 -1.09 1.56
CA GLN G 176 -37.02 -1.60 2.90
C GLN G 176 -35.66 -2.03 3.42
N GLY G 177 -35.07 -1.24 4.31
CA GLY G 177 -33.71 -1.49 4.74
C GLY G 177 -33.38 -0.86 6.07
N PRO G 178 -32.11 -0.95 6.46
CA PRO G 178 -31.69 -0.48 7.80
C PRO G 178 -31.22 0.99 7.82
N TYR G 179 -31.18 1.67 6.68
CA TYR G 179 -30.59 3.01 6.64
C TYR G 179 -31.53 4.12 7.10
N TYR G 180 -32.80 3.99 6.76
CA TYR G 180 -33.82 4.98 7.12
C TYR G 180 -33.85 5.22 8.64
N CYS G 181 -33.52 6.43 9.07
CA CYS G 181 -33.45 6.75 10.49
C CYS G 181 -32.61 5.76 11.29
N GLY G 182 -31.57 5.18 10.66
CA GLY G 182 -30.77 4.16 11.31
C GLY G 182 -29.69 4.68 12.26
N ILE G 183 -29.16 3.79 13.09
CA ILE G 183 -28.00 4.08 13.93
C ILE G 183 -26.98 2.98 13.77
N GLY G 184 -25.70 3.30 13.95
CA GLY G 184 -24.65 2.32 13.81
C GLY G 184 -23.74 2.52 12.62
N ALA G 185 -22.50 2.05 12.75
CA ALA G 185 -21.47 2.18 11.73
C ALA G 185 -21.88 1.55 10.41
N ASP G 186 -22.73 0.53 10.45
CA ASP G 186 -23.13 -0.18 9.23
C ASP G 186 -24.43 0.34 8.60
N LYS G 187 -24.97 1.40 9.16
CA LYS G 187 -26.28 1.90 8.73
C LYS G 187 -26.33 3.41 8.45
N ALA G 188 -25.78 4.20 9.36
CA ALA G 188 -25.80 5.65 9.21
C ALA G 188 -24.46 6.15 8.69
N TYR G 189 -24.45 6.66 7.46
CA TYR G 189 -23.21 7.13 6.88
C TYR G 189 -23.23 8.65 6.68
N GLY G 190 -22.32 9.33 7.35
CA GLY G 190 -22.19 10.77 7.19
C GLY G 190 -22.88 11.59 8.27
N ARG G 191 -23.19 10.99 9.42
CA ARG G 191 -23.91 11.74 10.47
C ARG G 191 -23.16 12.97 10.95
N ASP G 192 -21.84 12.90 10.96
CA ASP G 192 -21.02 14.04 11.37
C ASP G 192 -21.33 15.29 10.52
N ILE G 193 -21.43 15.11 9.21
CA ILE G 193 -21.80 16.19 8.31
C ILE G 193 -23.18 16.71 8.66
N VAL G 194 -24.10 15.76 8.86
CA VAL G 194 -25.48 16.09 9.14
C VAL G 194 -25.66 16.85 10.45
N ASP G 195 -25.06 16.35 11.52
CA ASP G 195 -25.19 17.02 12.81
C ASP G 195 -24.44 18.36 12.80
N ALA G 196 -23.32 18.42 12.09
CA ALA G 196 -22.60 19.70 11.98
C ALA G 196 -23.50 20.72 11.31
N HIS G 197 -24.20 20.28 10.26
CA HIS G 197 -25.07 21.15 9.48
C HIS G 197 -26.25 21.68 10.29
N TYR G 198 -26.87 20.80 11.07
CA TYR G 198 -28.02 21.13 11.90
C TYR G 198 -27.65 22.26 12.84
N LYS G 199 -26.56 22.08 13.59
CA LYS G 199 -26.10 23.13 14.48
C LYS G 199 -25.63 24.42 13.74
N ALA G 200 -24.96 24.25 12.60
CA ALA G 200 -24.48 25.38 11.84
C ALA G 200 -25.64 26.26 11.41
N CYS G 201 -26.72 25.61 10.99
CA CYS G 201 -27.91 26.35 10.57
C CYS G 201 -28.61 27.08 11.70
N LEU G 202 -28.75 26.42 12.85
CA LEU G 202 -29.40 27.07 14.01
C LEU G 202 -28.59 28.29 14.41
N TYR G 203 -27.29 28.10 14.54
CA TYR G 203 -26.38 29.19 14.84
C TYR G 203 -26.49 30.32 13.80
N ALA G 204 -26.66 29.99 12.52
CA ALA G 204 -26.66 31.02 11.46
C ALA G 204 -27.92 31.88 11.54
N GLY G 205 -28.98 31.29 12.09
CA GLY G 205 -30.28 31.95 12.22
C GLY G 205 -31.33 31.40 11.26
N ILE G 206 -31.05 30.23 10.69
CA ILE G 206 -32.00 29.58 9.80
C ILE G 206 -32.99 28.80 10.65
N ASN G 207 -34.26 28.82 10.27
CA ASN G 207 -35.24 28.05 11.01
C ASN G 207 -35.24 26.58 10.68
N ILE G 208 -34.12 25.90 10.85
CA ILE G 208 -34.11 24.48 10.54
C ILE G 208 -34.90 23.73 11.62
N SER G 209 -35.86 22.94 11.16
CA SER G 209 -36.86 22.36 12.07
C SER G 209 -36.62 20.88 12.35
N GLY G 210 -35.74 20.24 11.60
CA GLY G 210 -35.43 18.84 11.83
C GLY G 210 -34.57 18.18 10.78
N ILE G 211 -34.14 16.95 11.06
CA ILE G 211 -33.35 16.14 10.12
C ILE G 211 -33.72 14.67 10.27
N ASN G 212 -33.43 13.89 9.24
CA ASN G 212 -33.54 12.42 9.35
C ASN G 212 -32.70 11.70 8.29
N GLY G 213 -32.18 10.53 8.65
CA GLY G 213 -31.54 9.63 7.71
C GLY G 213 -32.56 9.06 6.76
N GLU G 214 -32.23 8.99 5.47
CA GLU G 214 -33.18 8.50 4.47
C GLU G 214 -32.94 7.05 4.04
N VAL G 215 -33.76 6.57 3.10
CA VAL G 215 -33.86 5.14 2.74
C VAL G 215 -32.56 4.55 2.15
N MET G 216 -31.85 5.35 1.37
CA MET G 216 -30.61 4.94 0.74
C MET G 216 -29.41 5.26 1.63
N PRO G 217 -28.34 4.46 1.54
CA PRO G 217 -27.15 4.82 2.31
C PRO G 217 -26.60 6.18 1.90
N GLY G 218 -26.18 6.95 2.89
CA GLY G 218 -25.64 8.27 2.62
C GLY G 218 -26.68 9.30 2.27
N GLN G 219 -27.96 8.94 2.36
CA GLN G 219 -29.02 9.83 1.94
C GLN G 219 -29.70 10.42 3.17
N TRP G 220 -29.95 11.73 3.15
CA TRP G 220 -30.48 12.42 4.33
C TRP G 220 -31.49 13.46 3.92
N GLU G 221 -32.17 14.03 4.90
CA GLU G 221 -33.10 15.11 4.67
C GLU G 221 -32.98 16.11 5.82
N PHE G 222 -33.10 17.40 5.51
CA PHE G 222 -33.37 18.40 6.54
C PHE G 222 -34.62 19.18 6.13
N GLN G 223 -35.38 19.66 7.12
CA GLN G 223 -36.59 20.45 6.88
C GLN G 223 -36.39 21.88 7.38
N VAL G 224 -36.92 22.85 6.66
CA VAL G 224 -36.82 24.24 7.11
C VAL G 224 -38.20 24.85 7.20
N GLY G 225 -38.45 25.55 8.30
CA GLY G 225 -39.74 26.20 8.49
C GLY G 225 -40.26 26.07 9.92
N PRO G 226 -41.35 26.77 10.23
CA PRO G 226 -42.06 27.67 9.30
C PRO G 226 -41.28 28.97 9.04
N SER G 227 -41.24 29.38 7.78
CA SER G 227 -40.53 30.60 7.41
C SER G 227 -41.50 31.49 6.63
N VAL G 228 -41.50 32.78 6.95
CA VAL G 228 -42.49 33.66 6.32
C VAL G 228 -42.02 34.14 4.95
N GLY G 229 -42.86 33.94 3.94
CA GLY G 229 -42.68 34.52 2.62
C GLY G 229 -41.33 34.35 1.94
N ILE G 230 -40.74 35.47 1.55
CA ILE G 230 -39.50 35.47 0.76
C ILE G 230 -38.32 34.90 1.55
N SER G 231 -38.40 34.92 2.88
CA SER G 231 -37.30 34.40 3.69
C SER G 231 -37.19 32.87 3.65
N ALA G 232 -38.27 32.19 3.29
CA ALA G 232 -38.20 30.74 3.13
C ALA G 232 -37.15 30.42 2.05
N GLY G 233 -37.21 31.13 0.93
CA GLY G 233 -36.25 30.94 -0.14
C GLY G 233 -34.84 31.34 0.25
N ASP G 234 -34.70 32.48 0.94
CA ASP G 234 -33.39 32.91 1.45
C ASP G 234 -32.74 31.87 2.37
N GLU G 235 -33.55 31.30 3.26
CA GLU G 235 -33.07 30.34 4.25
C GLU G 235 -32.63 29.02 3.62
N ILE G 236 -33.44 28.53 2.68
CA ILE G 236 -33.14 27.27 2.01
C ILE G 236 -31.82 27.37 1.24
N TRP G 237 -31.66 28.47 0.51
CA TRP G 237 -30.40 28.71 -0.20
C TRP G 237 -29.25 28.83 0.79
N ALA G 238 -29.49 29.52 1.90
CA ALA G 238 -28.48 29.63 2.96
C ALA G 238 -28.16 28.24 3.54
N ALA G 239 -29.19 27.40 3.70
CA ALA G 239 -28.97 26.07 4.22
C ALA G 239 -28.17 25.18 3.25
N ARG G 240 -28.47 25.26 1.97
CA ARG G 240 -27.71 24.52 0.95
C ARG G 240 -26.24 24.96 0.91
N TYR G 241 -26.03 26.26 1.04
CA TYR G 241 -24.69 26.82 1.05
C TYR G 241 -23.87 26.22 2.17
N ILE G 242 -24.43 26.30 3.37
CA ILE G 242 -23.77 25.78 4.56
C ILE G 242 -23.48 24.28 4.47
N LEU G 243 -24.45 23.54 3.94
CA LEU G 243 -24.30 22.10 3.78
C LEU G 243 -23.09 21.77 2.90
N GLU G 244 -22.98 22.48 1.77
CA GLU G 244 -21.93 22.15 0.82
C GLU G 244 -20.59 22.65 1.29
N ARG G 245 -20.58 23.74 2.04
CA ARG G 245 -19.35 24.18 2.68
C ARG G 245 -18.89 23.12 3.67
N ILE G 246 -19.85 22.48 4.34
CA ILE G 246 -19.49 21.43 5.29
C ILE G 246 -19.02 20.14 4.58
N THR G 247 -19.67 19.77 3.48
CA THR G 247 -19.21 18.59 2.74
C THR G 247 -17.80 18.85 2.19
N GLU G 248 -17.55 20.11 1.84
CA GLU G 248 -16.23 20.54 1.38
C GLU G 248 -15.19 20.27 2.47
N ILE G 249 -15.51 20.62 3.71
CA ILE G 249 -14.58 20.36 4.81
C ILE G 249 -14.31 18.86 4.96
N ALA G 250 -15.38 18.08 4.84
CA ALA G 250 -15.30 16.65 5.04
C ALA G 250 -14.73 15.90 3.84
N GLY G 251 -14.56 16.57 2.71
CA GLY G 251 -14.02 15.93 1.52
C GLY G 251 -14.98 14.99 0.83
N VAL G 252 -16.27 15.32 0.91
CA VAL G 252 -17.32 14.51 0.35
C VAL G 252 -18.09 15.38 -0.64
N VAL G 253 -18.67 14.77 -1.67
CA VAL G 253 -19.45 15.52 -2.64
C VAL G 253 -20.90 15.46 -2.20
N VAL G 254 -21.65 16.54 -2.37
CA VAL G 254 -23.08 16.53 -2.03
C VAL G 254 -23.88 16.70 -3.33
N SER G 255 -24.99 16.00 -3.43
CA SER G 255 -25.92 16.18 -4.55
C SER G 255 -27.34 16.42 -4.05
N PHE G 256 -28.02 17.40 -4.64
CA PHE G 256 -29.43 17.64 -4.34
C PHE G 256 -30.31 17.08 -5.45
N ASP G 257 -29.71 16.33 -6.35
CA ASP G 257 -30.45 15.76 -7.48
C ASP G 257 -31.36 14.62 -7.01
N PRO G 258 -32.62 14.62 -7.45
CA PRO G 258 -33.52 13.51 -7.11
C PRO G 258 -33.01 12.14 -7.58
N LYS G 259 -32.18 12.13 -8.61
CA LYS G 259 -31.64 10.88 -9.12
C LYS G 259 -30.12 11.03 -9.29
N PRO G 260 -29.36 10.91 -8.19
CA PRO G 260 -27.94 11.29 -8.22
C PRO G 260 -27.00 10.21 -8.77
N ILE G 261 -27.50 9.00 -8.98
CA ILE G 261 -26.71 7.91 -9.56
C ILE G 261 -27.63 7.13 -10.51
N PRO G 262 -27.05 6.33 -11.42
CA PRO G 262 -27.87 5.45 -12.27
C PRO G 262 -28.51 4.29 -11.51
N GLY G 263 -29.41 3.59 -12.20
CA GLY G 263 -30.07 2.42 -11.64
C GLY G 263 -31.26 2.80 -10.79
N ASP G 264 -31.84 1.84 -10.09
CA ASP G 264 -32.93 2.17 -9.18
C ASP G 264 -32.41 3.02 -8.03
N TRP G 265 -33.31 3.85 -7.50
CA TRP G 265 -32.99 4.82 -6.47
C TRP G 265 -34.30 5.25 -5.85
N ASN G 266 -34.31 5.33 -4.54
CA ASN G 266 -35.45 5.84 -3.80
C ASN G 266 -35.14 7.24 -3.30
N GLY G 267 -35.78 8.21 -3.93
CA GLY G 267 -35.71 9.59 -3.48
C GLY G 267 -37.10 9.99 -3.09
N ALA G 268 -37.22 11.08 -2.33
CA ALA G 268 -38.51 11.64 -2.00
C ALA G 268 -38.85 12.66 -3.09
N GLY G 269 -38.53 13.92 -2.83
CA GLY G 269 -38.73 14.98 -3.78
C GLY G 269 -38.43 16.27 -3.05
N ALA G 270 -39.27 17.27 -3.26
CA ALA G 270 -39.17 18.49 -2.46
C ALA G 270 -40.59 18.91 -2.14
N HIS G 271 -41.13 18.32 -1.09
CA HIS G 271 -42.50 18.60 -0.69
C HIS G 271 -42.48 19.92 0.09
N THR G 272 -43.50 20.74 -0.13
CA THR G 272 -43.57 22.06 0.48
C THR G 272 -44.87 22.22 1.23
N ASN G 273 -44.75 22.47 2.52
CA ASN G 273 -45.90 22.73 3.35
C ASN G 273 -46.17 24.24 3.39
N TYR G 274 -47.44 24.60 3.41
CA TYR G 274 -47.86 25.99 3.24
C TYR G 274 -49.11 26.31 4.05
N SER G 275 -49.10 27.47 4.69
CA SER G 275 -50.29 27.93 5.42
C SER G 275 -50.35 29.46 5.48
N THR G 276 -51.57 29.98 5.49
CA THR G 276 -51.76 31.42 5.66
C THR G 276 -52.27 31.73 7.05
N LYS G 277 -52.18 33.01 7.43
CA LYS G 277 -52.77 33.51 8.67
C LYS G 277 -54.23 33.07 8.79
N SER G 278 -54.96 33.14 7.69
CA SER G 278 -56.36 32.70 7.68
C SER G 278 -56.50 31.19 7.89
N MET G 279 -55.61 30.41 7.30
CA MET G 279 -55.67 28.96 7.47
C MET G 279 -55.35 28.56 8.90
N ARG G 280 -54.43 29.28 9.53
CA ARG G 280 -53.98 28.91 10.86
C ARG G 280 -54.94 29.40 11.94
N GLU G 281 -55.86 30.28 11.56
CA GLU G 281 -56.86 30.79 12.47
C GLU G 281 -58.20 30.15 12.17
N ASN G 282 -58.42 28.96 12.73
CA ASN G 282 -59.62 28.17 12.47
C ASN G 282 -60.80 28.57 13.38
N GLY G 283 -61.85 29.16 12.80
CA GLY G 283 -61.77 29.86 11.54
C GLY G 283 -61.81 29.08 10.24
N GLY G 284 -60.89 29.45 9.35
CA GLY G 284 -60.77 28.88 8.02
C GLY G 284 -60.14 27.50 7.83
N TYR G 285 -60.90 26.48 8.20
CA TYR G 285 -60.48 25.11 7.95
C TYR G 285 -60.80 24.87 6.48
N GLU G 286 -61.87 25.54 6.06
CA GLU G 286 -62.44 25.47 4.72
C GLU G 286 -61.51 26.10 3.69
N ILE G 287 -60.86 27.18 4.12
CA ILE G 287 -59.93 27.95 3.28
C ILE G 287 -58.82 27.09 2.70
N ILE G 288 -58.36 26.11 3.48
CA ILE G 288 -57.32 25.21 3.00
C ILE G 288 -57.78 24.44 1.77
N LYS G 289 -59.02 23.96 1.81
CA LYS G 289 -59.57 23.20 0.70
C LYS G 289 -59.66 23.98 -0.62
N LYS G 290 -60.12 25.23 -0.57
CA LYS G 290 -60.21 26.03 -1.79
C LYS G 290 -58.86 26.34 -2.42
N ALA G 291 -57.85 26.58 -1.59
CA ALA G 291 -56.49 26.76 -2.09
C ALA G 291 -56.08 25.52 -2.87
N ILE G 292 -56.39 24.34 -2.31
CA ILE G 292 -56.15 23.06 -2.99
C ILE G 292 -56.89 22.99 -4.33
N GLU G 293 -58.12 23.50 -4.34
CA GLU G 293 -58.90 23.56 -5.57
C GLU G 293 -58.16 24.35 -6.62
N LYS G 294 -57.64 25.50 -6.20
CA LYS G 294 -56.91 26.39 -7.09
C LYS G 294 -55.63 25.77 -7.64
N LEU G 295 -54.91 25.04 -6.79
CA LEU G 295 -53.69 24.36 -7.23
C LEU G 295 -53.99 23.35 -8.35
N GLY G 296 -55.08 22.61 -8.20
CA GLY G 296 -55.47 21.61 -9.18
C GLY G 296 -55.86 22.25 -10.50
N LEU G 297 -56.52 23.40 -10.40
CA LEU G 297 -56.98 24.16 -11.56
C LEU G 297 -55.89 24.70 -12.50
N ARG G 298 -54.63 24.75 -12.05
CA ARG G 298 -53.61 25.40 -12.87
C ARG G 298 -52.77 24.50 -13.79
N HIS G 299 -52.34 23.35 -13.27
CA HIS G 299 -51.47 22.38 -13.99
C HIS G 299 -51.05 22.70 -15.43
N SER G 336 -51.01 15.05 -5.54
CA SER G 336 -49.99 16.10 -5.47
C SER G 336 -50.18 17.02 -4.28
N VAL G 337 -51.41 17.13 -3.79
CA VAL G 337 -51.69 18.02 -2.66
C VAL G 337 -52.59 17.38 -1.60
N ARG G 338 -52.17 17.48 -0.34
CA ARG G 338 -52.85 16.86 0.78
C ARG G 338 -52.91 17.80 1.98
N VAL G 339 -53.94 17.68 2.82
CA VAL G 339 -54.04 18.50 4.04
C VAL G 339 -53.42 17.81 5.25
N GLY G 349 -55.02 23.78 9.87
CA GLY G 349 -53.67 23.25 9.76
C GLY G 349 -52.94 23.87 8.57
N TYR G 350 -52.37 23.02 7.72
CA TYR G 350 -51.67 23.46 6.53
C TYR G 350 -51.85 22.38 5.47
N PHE G 351 -51.19 22.54 4.32
CA PHE G 351 -51.20 21.48 3.32
C PHE G 351 -49.88 21.33 2.58
N GLU G 352 -49.68 20.15 2.00
CA GLU G 352 -48.41 19.80 1.36
C GLU G 352 -48.53 19.83 -0.15
N ASP G 353 -47.50 20.31 -0.83
CA ASP G 353 -47.51 20.26 -2.29
C ASP G 353 -46.47 19.21 -2.72
N ARG G 354 -46.86 18.14 -3.42
CA ARG G 354 -45.91 17.04 -3.66
C ARG G 354 -45.23 17.04 -5.04
N ARG G 355 -45.37 18.11 -5.82
CA ARG G 355 -44.78 18.16 -7.17
C ARG G 355 -43.28 18.53 -7.40
N PRO G 356 -42.71 19.45 -6.59
CA PRO G 356 -41.32 19.83 -6.86
C PRO G 356 -40.28 18.74 -6.56
N SER G 357 -39.21 18.72 -7.35
CA SER G 357 -38.11 17.77 -7.16
C SER G 357 -37.05 18.41 -6.27
N SER G 358 -36.09 17.62 -5.79
CA SER G 358 -35.14 18.11 -4.78
C SER G 358 -34.19 19.24 -5.21
N ASN G 359 -34.09 19.52 -6.51
CA ASN G 359 -33.19 20.58 -6.98
C ASN G 359 -33.88 21.85 -7.54
N MET G 360 -35.21 21.91 -7.42
CA MET G 360 -35.96 23.06 -7.94
C MET G 360 -35.62 24.33 -7.14
N ASP G 361 -35.88 25.51 -7.70
CA ASP G 361 -35.61 26.76 -6.99
C ASP G 361 -36.77 27.09 -6.07
N PRO G 362 -36.52 27.12 -4.75
CA PRO G 362 -37.49 27.43 -3.69
C PRO G 362 -38.18 28.81 -3.86
N TYR G 363 -37.50 29.80 -4.42
CA TYR G 363 -38.14 31.10 -4.68
C TYR G 363 -39.30 30.90 -5.65
N VAL G 364 -39.10 30.07 -6.66
CA VAL G 364 -40.18 29.84 -7.62
C VAL G 364 -41.31 29.08 -6.95
N VAL G 365 -40.96 27.93 -6.34
CA VAL G 365 -41.97 27.07 -5.73
C VAL G 365 -42.82 27.80 -4.71
N THR G 366 -42.18 28.47 -3.76
CA THR G 366 -42.94 29.13 -2.69
C THR G 366 -43.86 30.25 -3.23
N SER G 367 -43.36 31.07 -4.15
CA SER G 367 -44.13 32.21 -4.66
C SER G 367 -45.28 31.80 -5.58
N MET G 368 -45.09 30.71 -6.32
CA MET G 368 -46.15 30.20 -7.20
C MET G 368 -47.35 29.72 -6.39
N ILE G 369 -47.08 29.11 -5.24
CA ILE G 369 -48.16 28.65 -4.38
C ILE G 369 -48.95 29.85 -3.83
N ALA G 370 -48.24 30.88 -3.39
CA ALA G 370 -48.90 32.08 -2.88
C ALA G 370 -49.71 32.77 -3.98
N GLU G 371 -49.12 32.89 -5.17
CA GLU G 371 -49.78 33.57 -6.28
C GLU G 371 -51.07 32.85 -6.62
N THR G 372 -50.95 31.54 -6.82
CA THR G 372 -52.08 30.72 -7.22
C THR G 372 -53.21 30.72 -6.18
N THR G 373 -52.88 30.79 -4.90
CA THR G 373 -53.90 30.70 -3.86
C THR G 373 -54.42 32.04 -3.40
N LEU G 374 -53.72 33.12 -3.75
CA LEU G 374 -54.12 34.44 -3.26
C LEU G 374 -54.42 35.47 -4.35
N LEU G 375 -53.82 35.30 -5.53
CA LEU G 375 -53.90 36.35 -6.56
C LEU G 375 -54.53 35.90 -7.87
N TRP G 376 -54.39 34.62 -8.21
CA TRP G 376 -54.88 34.12 -9.49
C TRP G 376 -56.39 33.94 -9.62
N LYS G 377 -56.93 34.36 -10.76
CA LYS G 377 -58.33 34.15 -11.09
C LYS G 377 -58.48 33.62 -12.50
N PRO G 378 -58.98 32.40 -12.62
CA PRO G 378 -59.16 31.67 -13.89
C PRO G 378 -60.21 32.30 -14.80
N MET H 23 -12.54 17.87 9.85
CA MET H 23 -11.46 17.55 10.79
C MET H 23 -11.75 18.11 12.18
N SER H 24 -10.95 19.09 12.58
CA SER H 24 -11.19 19.87 13.79
C SER H 24 -12.28 20.91 13.55
N LEU H 25 -12.40 21.34 12.29
CA LEU H 25 -13.45 22.25 11.88
C LEU H 25 -14.82 21.57 12.01
N LEU H 26 -14.87 20.27 11.72
CA LEU H 26 -16.14 19.56 11.77
C LEU H 26 -16.66 19.40 13.22
N SER H 27 -15.78 19.01 14.14
CA SER H 27 -16.20 18.82 15.52
C SER H 27 -16.60 20.14 16.20
N ASP H 28 -16.05 21.27 15.75
CA ASP H 28 -16.43 22.57 16.28
C ASP H 28 -17.90 22.86 16.00
N LEU H 29 -18.35 22.57 14.78
CA LEU H 29 -19.75 22.75 14.42
C LEU H 29 -20.67 21.79 15.17
N ILE H 30 -20.27 20.54 15.28
CA ILE H 30 -21.03 19.54 16.02
C ILE H 30 -21.13 19.90 17.50
N ASN H 31 -20.08 20.54 18.02
CA ASN H 31 -20.07 20.85 19.45
C ASN H 31 -20.50 22.26 19.81
N LEU H 32 -21.07 22.98 18.85
CA LEU H 32 -21.61 24.31 19.12
C LEU H 32 -22.66 24.27 20.24
N ASN H 33 -22.52 25.21 21.18
CA ASN H 33 -23.51 25.38 22.25
C ASN H 33 -24.60 26.35 21.82
N LEU H 34 -25.76 25.80 21.48
CA LEU H 34 -26.88 26.60 20.96
C LEU H 34 -27.46 27.61 21.96
N SER H 35 -27.22 27.39 23.26
CA SER H 35 -27.70 28.31 24.29
C SER H 35 -27.15 29.71 24.06
N GLU H 36 -26.03 29.80 23.34
CA GLU H 36 -25.39 31.07 23.05
C GLU H 36 -26.11 31.82 21.92
N SER H 37 -26.94 31.11 21.18
CA SER H 37 -27.62 31.71 20.03
C SER H 37 -29.15 31.80 20.16
N SER H 38 -29.74 30.97 21.01
CA SER H 38 -31.21 30.98 21.19
C SER H 38 -31.62 30.15 22.39
N GLU H 39 -32.92 29.93 22.51
CA GLU H 39 -33.44 29.09 23.57
C GLU H 39 -34.03 27.78 23.03
N LYS H 40 -33.92 27.62 21.71
CA LYS H 40 -34.39 26.43 21.02
C LYS H 40 -33.58 25.19 21.41
N ILE H 41 -34.23 24.04 21.45
CA ILE H 41 -33.54 22.78 21.71
C ILE H 41 -33.78 21.76 20.61
N ILE H 42 -32.91 20.75 20.54
CA ILE H 42 -33.08 19.68 19.57
C ILE H 42 -33.50 18.42 20.30
N ALA H 43 -34.52 17.74 19.78
CA ALA H 43 -35.02 16.52 20.39
C ALA H 43 -34.89 15.33 19.45
N GLU H 44 -34.16 14.32 19.90
CA GLU H 44 -33.97 13.09 19.13
C GLU H 44 -35.04 12.07 19.54
N TYR H 45 -36.03 11.89 18.66
CA TYR H 45 -37.10 10.91 18.88
C TYR H 45 -36.63 9.52 18.53
N ILE H 46 -36.76 8.58 19.48
CA ILE H 46 -36.21 7.23 19.32
C ILE H 46 -37.34 6.20 19.37
N TRP H 47 -37.26 5.19 18.52
CA TRP H 47 -38.26 4.12 18.57
C TRP H 47 -37.70 2.76 18.14
N VAL H 48 -38.42 1.70 18.49
CA VAL H 48 -38.04 0.35 18.11
C VAL H 48 -38.66 0.02 16.74
N GLY H 49 -37.80 -0.40 15.81
CA GLY H 49 -38.25 -0.69 14.46
C GLY H 49 -38.95 -2.04 14.30
N GLY H 50 -39.19 -2.42 13.05
CA GLY H 50 -40.01 -3.59 12.73
C GLY H 50 -39.48 -4.98 13.04
N SER H 51 -38.19 -5.11 13.31
CA SER H 51 -37.61 -6.41 13.65
C SER H 51 -37.70 -6.62 15.16
N GLY H 52 -38.12 -5.59 15.87
CA GLY H 52 -38.19 -5.63 17.33
C GLY H 52 -36.88 -5.38 18.03
N MET H 53 -35.80 -5.26 17.27
CA MET H 53 -34.46 -5.03 17.81
C MET H 53 -33.69 -3.86 17.17
N ASP H 54 -34.27 -3.27 16.13
CA ASP H 54 -33.59 -2.19 15.44
C ASP H 54 -34.00 -0.83 16.00
N LEU H 55 -33.06 -0.10 16.59
CA LEU H 55 -33.39 1.24 17.03
C LEU H 55 -33.36 2.22 15.85
N ARG H 56 -34.35 3.11 15.78
CA ARG H 56 -34.39 4.16 14.77
C ARG H 56 -34.55 5.49 15.49
N SER H 57 -34.12 6.56 14.85
CA SER H 57 -34.34 7.88 15.42
C SER H 57 -34.23 9.01 14.40
N LYS H 58 -34.78 10.17 14.76
CA LYS H 58 -34.58 11.38 13.99
C LYS H 58 -34.82 12.60 14.89
N ALA H 59 -34.43 13.79 14.44
CA ALA H 59 -34.40 14.92 15.36
C ALA H 59 -35.21 16.12 14.86
N ARG H 60 -35.83 16.84 15.79
CA ARG H 60 -36.59 18.03 15.44
C ARG H 60 -36.29 19.17 16.40
N THR H 61 -36.56 20.39 15.95
CA THR H 61 -36.35 21.59 16.74
C THR H 61 -37.59 21.97 17.52
N LEU H 62 -37.40 22.22 18.82
CA LEU H 62 -38.45 22.70 19.71
C LEU H 62 -38.07 24.08 20.26
N PRO H 63 -39.10 24.90 20.59
CA PRO H 63 -38.94 26.31 20.99
C PRO H 63 -38.14 26.52 22.28
N GLY H 64 -38.24 25.60 23.21
CA GLY H 64 -37.54 25.78 24.48
C GLY H 64 -37.40 24.47 25.21
N PRO H 65 -36.67 24.49 26.34
CA PRO H 65 -36.41 23.29 27.14
C PRO H 65 -37.68 22.62 27.63
N VAL H 66 -37.63 21.29 27.70
CA VAL H 66 -38.76 20.47 28.12
C VAL H 66 -38.24 19.37 29.01
N SER H 67 -38.91 19.17 30.15
CA SER H 67 -38.53 18.14 31.10
C SER H 67 -39.64 17.10 31.24
N ASP H 68 -40.86 17.49 30.89
CA ASP H 68 -42.03 16.63 30.99
C ASP H 68 -42.37 16.03 29.62
N PRO H 69 -42.28 14.70 29.49
CA PRO H 69 -42.56 14.00 28.22
C PRO H 69 -43.97 14.31 27.72
N SER H 70 -44.90 14.53 28.64
CA SER H 70 -46.31 14.74 28.30
C SER H 70 -46.55 16.09 27.62
N LYS H 71 -45.55 16.96 27.65
CA LYS H 71 -45.64 18.26 27.01
C LYS H 71 -45.00 18.27 25.61
N LEU H 72 -44.34 17.18 25.25
CA LEU H 72 -43.73 17.05 23.93
C LEU H 72 -44.79 16.74 22.88
N PRO H 73 -44.64 17.33 21.67
CA PRO H 73 -45.58 17.01 20.59
C PRO H 73 -45.37 15.59 20.07
N LYS H 74 -46.45 14.96 19.65
CA LYS H 74 -46.36 13.66 19.00
C LYS H 74 -45.69 13.85 17.64
N TRP H 75 -45.19 12.77 17.05
CA TRP H 75 -44.60 12.90 15.72
C TRP H 75 -45.01 11.72 14.84
N ASN H 76 -44.38 11.59 13.70
CA ASN H 76 -44.69 10.49 12.80
C ASN H 76 -43.52 10.14 11.90
N TYR H 77 -43.60 8.99 11.26
CA TYR H 77 -42.59 8.57 10.30
C TYR H 77 -43.19 7.55 9.33
N ASP H 78 -42.42 7.18 8.33
CA ASP H 78 -42.87 6.23 7.32
C ASP H 78 -42.59 4.80 7.78
N GLY H 79 -43.63 4.11 8.23
CA GLY H 79 -43.52 2.76 8.73
C GLY H 79 -43.18 1.72 7.67
N SER H 80 -43.44 2.03 6.41
CA SER H 80 -43.10 1.10 5.34
C SER H 80 -41.59 1.10 5.11
N SER H 81 -40.90 2.04 5.73
CA SER H 81 -39.45 2.12 5.63
C SER H 81 -38.75 1.46 6.81
N THR H 82 -39.50 1.03 7.83
CA THR H 82 -38.93 0.34 8.99
C THR H 82 -39.65 -0.98 9.20
N ASN H 83 -40.29 -1.47 8.15
CA ASN H 83 -41.02 -2.73 8.18
C ASN H 83 -42.13 -2.73 9.25
N GLN H 84 -42.87 -1.63 9.34
CA GLN H 84 -43.92 -1.47 10.36
C GLN H 84 -45.27 -0.97 9.84
N ALA H 85 -45.39 -0.75 8.54
CA ALA H 85 -46.67 -0.42 7.91
C ALA H 85 -46.64 -0.81 6.43
N PRO H 86 -47.32 -1.91 6.08
CA PRO H 86 -47.40 -2.46 4.73
C PRO H 86 -48.47 -1.80 3.85
N GLY H 87 -49.68 -1.66 4.35
CA GLY H 87 -50.83 -1.23 3.58
C GLY H 87 -50.77 0.20 3.06
N GLN H 88 -51.85 0.65 2.42
CA GLN H 88 -51.89 1.96 1.76
C GLN H 88 -51.59 3.15 2.65
N ASP H 89 -51.63 2.94 3.97
CA ASP H 89 -51.28 4.03 4.88
C ASP H 89 -50.01 3.66 5.64
N SER H 90 -48.89 4.20 5.19
CA SER H 90 -47.60 3.85 5.74
C SER H 90 -47.26 4.69 6.98
N GLU H 91 -48.09 5.68 7.26
CA GLU H 91 -47.82 6.59 8.37
C GLU H 91 -47.93 5.91 9.75
N VAL H 92 -46.95 6.14 10.60
CA VAL H 92 -47.00 5.64 11.98
C VAL H 92 -46.78 6.80 12.95
N ILE H 93 -47.50 6.80 14.06
CA ILE H 93 -47.43 7.92 14.99
C ILE H 93 -46.45 7.61 16.15
N LEU H 94 -45.66 8.61 16.52
CA LEU H 94 -44.74 8.48 17.64
C LEU H 94 -45.29 9.21 18.88
N TYR H 95 -45.45 8.48 19.98
CA TYR H 95 -45.83 9.07 21.27
C TYR H 95 -44.59 9.17 22.16
N PRO H 96 -44.15 10.40 22.47
CA PRO H 96 -43.05 10.62 23.42
C PRO H 96 -43.37 10.00 24.78
N GLN H 97 -42.44 9.28 25.39
CA GLN H 97 -42.71 8.66 26.69
C GLN H 97 -41.69 9.00 27.80
N ALA H 98 -40.42 9.18 27.42
CA ALA H 98 -39.37 9.43 28.42
C ALA H 98 -38.28 10.34 27.86
N ILE H 99 -37.77 11.23 28.70
CA ILE H 99 -36.75 12.18 28.30
C ILE H 99 -35.43 11.86 28.98
N PHE H 100 -34.34 11.94 28.24
CA PHE H 100 -32.99 11.86 28.81
C PHE H 100 -32.22 12.97 28.18
N LYS H 101 -31.16 13.45 28.84
CA LYS H 101 -30.32 14.46 28.19
C LYS H 101 -29.52 13.82 27.05
N ASP H 102 -29.34 14.55 25.95
CA ASP H 102 -28.59 14.02 24.80
C ASP H 102 -27.10 14.23 25.02
N PRO H 103 -26.36 13.14 25.23
CA PRO H 103 -24.93 13.24 25.55
C PRO H 103 -24.09 13.62 24.33
N PHE H 104 -24.67 13.49 23.16
CA PHE H 104 -23.99 13.83 21.91
C PHE H 104 -24.16 15.31 21.56
N ARG H 105 -25.38 15.83 21.64
CA ARG H 105 -25.58 17.23 21.31
C ARG H 105 -25.31 18.16 22.49
N GLN H 106 -25.37 17.61 23.70
CA GLN H 106 -25.09 18.32 24.96
C GLN H 106 -26.09 19.44 25.22
N GLY H 107 -25.76 20.29 26.20
CA GLY H 107 -26.61 21.43 26.55
C GLY H 107 -28.02 21.04 26.95
N ASN H 108 -28.99 21.76 26.42
CA ASN H 108 -30.38 21.48 26.74
C ASN H 108 -31.05 20.55 25.73
N ASN H 109 -30.24 19.94 24.86
CA ASN H 109 -30.79 18.98 23.89
C ASN H 109 -31.10 17.62 24.53
N ILE H 110 -32.12 16.93 24.01
CA ILE H 110 -32.62 15.72 24.64
C ILE H 110 -32.83 14.52 23.73
N LEU H 111 -32.82 13.35 24.36
CA LEU H 111 -33.26 12.09 23.76
C LEU H 111 -34.67 11.84 24.25
N VAL H 112 -35.52 11.36 23.36
CA VAL H 112 -36.91 11.08 23.65
C VAL H 112 -37.25 9.64 23.29
N ILE H 113 -37.47 8.79 24.27
CA ILE H 113 -37.92 7.43 23.98
C ILE H 113 -39.39 7.46 23.65
N CYS H 114 -39.74 6.94 22.47
CA CYS H 114 -41.14 6.87 22.03
C CYS H 114 -41.63 5.42 21.85
N ASP H 115 -42.94 5.25 21.88
CA ASP H 115 -43.55 4.03 21.35
C ASP H 115 -44.48 4.39 20.20
N VAL H 116 -44.96 3.38 19.47
CA VAL H 116 -45.52 3.61 18.13
C VAL H 116 -46.94 3.08 17.92
N TYR H 117 -47.73 3.85 17.17
CA TYR H 117 -49.16 3.62 17.00
C TYR H 117 -49.57 3.85 15.56
N THR H 118 -50.71 3.27 15.20
CA THR H 118 -51.35 3.59 13.93
C THR H 118 -51.95 4.99 14.06
N PRO H 119 -52.20 5.65 12.91
CA PRO H 119 -52.90 6.94 12.95
C PRO H 119 -54.24 6.85 13.70
N ALA H 120 -54.86 5.68 13.69
CA ALA H 120 -56.14 5.49 14.37
C ALA H 120 -55.98 5.45 15.88
N GLY H 121 -54.76 5.15 16.35
CA GLY H 121 -54.50 5.21 17.78
C GLY H 121 -54.24 3.86 18.40
N GLU H 122 -54.10 2.84 17.59
CA GLU H 122 -53.82 1.50 18.09
C GLU H 122 -52.31 1.27 18.12
N PRO H 123 -51.82 0.66 19.21
CA PRO H 123 -50.40 0.33 19.28
C PRO H 123 -50.03 -0.66 18.20
N LEU H 124 -48.85 -0.50 17.60
CA LEU H 124 -48.35 -1.44 16.63
C LEU H 124 -47.99 -2.76 17.33
N PRO H 125 -48.03 -3.88 16.58
CA PRO H 125 -47.59 -5.17 17.11
C PRO H 125 -46.17 -5.13 17.67
N THR H 126 -45.31 -4.31 17.09
CA THR H 126 -43.93 -4.25 17.56
C THR H 126 -43.77 -3.31 18.76
N ASN H 127 -44.87 -2.69 19.18
CA ASN H 127 -44.90 -1.87 20.39
C ASN H 127 -45.16 -2.74 21.59
N LYS H 128 -44.12 -2.99 22.39
CA LYS H 128 -44.25 -3.81 23.59
C LYS H 128 -44.45 -2.96 24.84
N ARG H 129 -44.17 -1.66 24.70
CA ARG H 129 -44.30 -0.74 25.82
C ARG H 129 -45.76 -0.56 26.25
N TYR H 130 -46.67 -0.59 25.28
CA TYR H 130 -48.09 -0.34 25.56
C TYR H 130 -48.64 -1.23 26.66
N ASN H 131 -48.49 -2.55 26.50
CA ASN H 131 -48.99 -3.48 27.51
C ASN H 131 -48.24 -3.41 28.83
N ALA H 132 -46.92 -3.25 28.77
CA ALA H 132 -46.14 -3.13 29.99
C ALA H 132 -46.64 -1.94 30.82
N ALA H 133 -46.95 -0.84 30.14
CA ALA H 133 -47.44 0.37 30.77
C ALA H 133 -48.77 0.15 31.46
N LYS H 134 -49.64 -0.67 30.86
CA LYS H 134 -50.91 -1.03 31.48
C LYS H 134 -50.65 -1.78 32.78
N ILE H 135 -49.68 -2.69 32.74
CA ILE H 135 -49.31 -3.46 33.91
C ILE H 135 -48.74 -2.59 35.04
N PHE H 136 -47.79 -1.71 34.72
CA PHE H 136 -47.18 -0.87 35.75
C PHE H 136 -48.10 0.23 36.27
N SER H 137 -49.13 0.56 35.51
CA SER H 137 -50.12 1.56 35.93
C SER H 137 -51.20 0.95 36.79
N HIS H 138 -51.34 -0.37 36.73
CA HIS H 138 -52.31 -1.06 37.56
C HIS H 138 -52.01 -0.77 39.03
N PRO H 139 -53.03 -0.39 39.80
CA PRO H 139 -52.87 0.03 41.20
C PRO H 139 -52.16 -0.99 42.08
N ASP H 140 -52.37 -2.28 41.84
CA ASP H 140 -51.74 -3.34 42.64
C ASP H 140 -50.27 -3.49 42.30
N VAL H 141 -49.89 -3.11 41.09
CA VAL H 141 -48.49 -3.14 40.70
C VAL H 141 -47.78 -1.86 41.15
N ALA H 142 -48.41 -0.73 40.84
CA ALA H 142 -47.89 0.60 41.14
C ALA H 142 -47.63 0.82 42.63
N ALA H 143 -48.50 0.26 43.46
CA ALA H 143 -48.34 0.39 44.90
C ALA H 143 -47.11 -0.37 45.40
N GLU H 144 -46.70 -1.36 44.63
CA GLU H 144 -45.61 -2.21 45.04
C GLU H 144 -44.22 -1.72 44.54
N VAL H 145 -44.23 -0.63 43.76
CA VAL H 145 -42.99 0.00 43.30
C VAL H 145 -41.96 -1.02 42.80
N PRO H 146 -42.27 -1.74 41.70
CA PRO H 146 -41.34 -2.78 41.27
C PRO H 146 -40.01 -2.17 40.80
N TRP H 147 -38.90 -2.69 41.33
CA TRP H 147 -37.57 -2.27 40.90
C TRP H 147 -36.93 -3.36 40.03
N TYR H 148 -36.18 -2.92 39.02
CA TYR H 148 -35.54 -3.86 38.12
C TYR H 148 -34.06 -3.56 37.99
N GLY H 149 -33.28 -4.62 37.88
CA GLY H 149 -31.86 -4.55 37.56
C GLY H 149 -31.58 -5.40 36.34
N ILE H 150 -31.09 -4.77 35.28
CA ILE H 150 -30.86 -5.50 34.05
C ILE H 150 -29.38 -5.57 33.66
N GLU H 151 -28.90 -6.75 33.29
CA GLU H 151 -27.53 -6.92 32.80
C GLU H 151 -27.53 -7.09 31.27
N GLN H 152 -26.92 -6.15 30.56
CA GLN H 152 -26.87 -6.17 29.09
C GLN H 152 -25.48 -6.54 28.55
N GLU H 153 -25.36 -7.74 28.01
CA GLU H 153 -24.13 -8.18 27.36
C GLU H 153 -24.13 -7.75 25.92
N TYR H 154 -22.95 -7.47 25.36
CA TYR H 154 -22.83 -7.16 23.96
C TYR H 154 -21.43 -7.47 23.43
N THR H 155 -21.31 -7.52 22.11
CA THR H 155 -20.05 -7.78 21.43
C THR H 155 -19.73 -6.70 20.43
N LEU H 156 -18.50 -6.22 20.47
CA LEU H 156 -18.02 -5.24 19.53
C LEU H 156 -17.36 -5.98 18.35
N LEU H 157 -17.83 -5.69 17.16
CA LEU H 157 -17.40 -6.45 15.98
C LEU H 157 -16.69 -5.55 14.99
N GLN H 158 -15.61 -6.07 14.42
CA GLN H 158 -14.92 -5.44 13.29
C GLN H 158 -15.91 -5.21 12.15
N LYS H 159 -15.98 -3.99 11.66
CA LYS H 159 -16.96 -3.65 10.63
C LYS H 159 -16.79 -4.46 9.35
N ASP H 160 -15.55 -4.65 8.93
CA ASP H 160 -15.26 -5.30 7.66
C ASP H 160 -15.36 -6.83 7.75
N THR H 161 -14.92 -7.40 8.86
CA THR H 161 -14.83 -8.86 8.96
C THR H 161 -16.00 -9.49 9.70
N ASN H 162 -16.69 -8.69 10.50
CA ASN H 162 -17.76 -9.15 11.39
C ASN H 162 -17.32 -10.14 12.46
N TRP H 163 -16.02 -10.15 12.76
CA TRP H 163 -15.46 -10.89 13.89
C TRP H 163 -15.20 -9.92 15.04
N PRO H 164 -15.19 -10.42 16.29
CA PRO H 164 -15.03 -9.50 17.40
C PRO H 164 -13.68 -8.82 17.36
N LEU H 165 -13.63 -7.58 17.85
CA LEU H 165 -12.37 -6.89 18.07
C LEU H 165 -11.49 -7.81 18.92
N GLY H 166 -10.22 -7.92 18.54
CA GLY H 166 -9.25 -8.72 19.26
C GLY H 166 -9.37 -10.22 19.07
N TRP H 167 -10.23 -10.65 18.15
CA TRP H 167 -10.35 -12.07 17.84
C TRP H 167 -8.99 -12.60 17.41
N PRO H 168 -8.50 -13.64 18.09
CA PRO H 168 -7.15 -14.15 17.82
C PRO H 168 -7.05 -15.01 16.55
N ILE H 169 -5.94 -14.83 15.84
CA ILE H 169 -5.59 -15.64 14.67
C ILE H 169 -5.63 -17.14 14.97
N GLY H 170 -6.79 -17.78 14.88
CA GLY H 170 -6.83 -19.21 15.18
C GLY H 170 -8.10 -19.65 15.90
N GLY H 171 -8.91 -18.68 16.31
CA GLY H 171 -10.27 -18.93 16.77
C GLY H 171 -10.61 -19.06 18.24
N TYR H 172 -11.78 -19.63 18.50
CA TYR H 172 -12.39 -19.68 19.84
C TYR H 172 -11.43 -20.07 20.97
N PRO H 173 -11.14 -19.11 21.86
CA PRO H 173 -10.12 -19.30 22.90
C PRO H 173 -10.58 -20.09 24.13
N GLY H 174 -11.89 -20.13 24.40
CA GLY H 174 -12.39 -20.85 25.56
C GLY H 174 -12.89 -19.95 26.69
N PRO H 175 -13.52 -20.56 27.71
CA PRO H 175 -14.15 -19.87 28.83
C PRO H 175 -13.14 -19.40 29.89
N GLN H 176 -11.89 -19.80 29.69
CA GLN H 176 -10.80 -19.44 30.60
C GLN H 176 -9.78 -18.60 29.82
N GLY H 177 -9.72 -17.29 30.09
CA GLY H 177 -8.82 -16.41 29.34
C GLY H 177 -8.45 -15.09 29.99
N PRO H 178 -7.67 -14.27 29.27
CA PRO H 178 -7.16 -13.02 29.84
C PRO H 178 -8.09 -11.84 29.58
N TYR H 179 -9.20 -12.09 28.90
CA TYR H 179 -10.11 -11.02 28.50
C TYR H 179 -11.11 -10.57 29.58
N TYR H 180 -11.65 -11.53 30.33
CA TYR H 180 -12.61 -11.23 31.39
C TYR H 180 -12.00 -10.24 32.39
N CYS H 181 -12.59 -9.04 32.46
CA CYS H 181 -12.09 -7.98 33.34
C CYS H 181 -10.58 -7.68 33.16
N GLY H 182 -10.07 -7.88 31.95
CA GLY H 182 -8.64 -7.70 31.70
C GLY H 182 -8.22 -6.25 31.47
N ILE H 183 -6.92 -5.99 31.52
CA ILE H 183 -6.37 -4.69 31.15
C ILE H 183 -5.20 -4.89 30.19
N GLY H 184 -4.92 -3.90 29.34
CA GLY H 184 -3.82 -4.03 28.41
C GLY H 184 -4.23 -4.18 26.95
N ALA H 185 -3.34 -3.72 26.06
CA ALA H 185 -3.61 -3.70 24.62
C ALA H 185 -3.95 -5.08 24.04
N ASP H 186 -3.40 -6.14 24.64
CA ASP H 186 -3.61 -7.51 24.16
C ASP H 186 -4.80 -8.21 24.84
N LYS H 187 -5.56 -7.50 25.66
CA LYS H 187 -6.60 -8.16 26.42
C LYS H 187 -7.94 -7.45 26.41
N ALA H 188 -7.92 -6.14 26.60
CA ALA H 188 -9.13 -5.35 26.63
C ALA H 188 -9.33 -4.70 25.29
N TYR H 189 -10.37 -5.10 24.54
CA TYR H 189 -10.63 -4.50 23.22
C TYR H 189 -11.92 -3.67 23.21
N GLY H 190 -11.75 -2.37 22.95
CA GLY H 190 -12.87 -1.46 22.83
C GLY H 190 -13.24 -0.68 24.07
N ARG H 191 -12.34 -0.64 25.06
CA ARG H 191 -12.64 0.04 26.32
C ARG H 191 -13.05 1.50 26.16
N ASP H 192 -12.47 2.17 25.16
CA ASP H 192 -12.78 3.56 24.92
C ASP H 192 -14.29 3.76 24.64
N ILE H 193 -14.86 2.81 23.91
CA ILE H 193 -16.31 2.76 23.66
C ILE H 193 -17.10 2.54 24.96
N VAL H 194 -16.66 1.57 25.74
CA VAL H 194 -17.30 1.19 26.99
C VAL H 194 -17.28 2.36 28.00
N ASP H 195 -16.12 2.98 28.18
CA ASP H 195 -16.03 4.11 29.11
C ASP H 195 -16.80 5.34 28.63
N ALA H 196 -16.82 5.57 27.31
CA ALA H 196 -17.60 6.68 26.75
C ALA H 196 -19.07 6.46 27.05
N HIS H 197 -19.51 5.21 26.91
CA HIS H 197 -20.90 4.80 27.12
C HIS H 197 -21.33 4.95 28.57
N TYR H 198 -20.45 4.51 29.48
CA TYR H 198 -20.70 4.58 30.90
C TYR H 198 -20.98 6.03 31.29
N LYS H 199 -20.04 6.91 30.97
CA LYS H 199 -20.21 8.33 31.29
C LYS H 199 -21.38 8.96 30.52
N ALA H 200 -21.56 8.56 29.26
CA ALA H 200 -22.66 9.07 28.45
C ALA H 200 -24.02 8.75 29.07
N CYS H 201 -24.18 7.51 29.53
CA CYS H 201 -25.44 7.08 30.17
C CYS H 201 -25.69 7.82 31.49
N LEU H 202 -24.64 7.99 32.29
CA LEU H 202 -24.78 8.75 33.54
C LEU H 202 -25.20 10.18 33.26
N TYR H 203 -24.54 10.81 32.28
CA TYR H 203 -24.88 12.16 31.88
C TYR H 203 -26.33 12.23 31.45
N ALA H 204 -26.79 11.20 30.74
CA ALA H 204 -28.14 11.22 30.18
C ALA H 204 -29.22 11.10 31.24
N GLY H 205 -28.87 10.51 32.38
CA GLY H 205 -29.84 10.30 33.43
C GLY H 205 -30.27 8.85 33.52
N ILE H 206 -29.51 7.95 32.92
CA ILE H 206 -29.78 6.53 32.98
C ILE H 206 -29.14 5.94 34.24
N ASN H 207 -29.85 5.06 34.94
CA ASN H 207 -29.28 4.49 36.15
C ASN H 207 -28.28 3.37 35.87
N ILE H 208 -27.20 3.67 35.17
CA ILE H 208 -26.19 2.64 34.90
C ILE H 208 -25.34 2.37 36.14
N SER H 209 -25.31 1.09 36.53
CA SER H 209 -24.79 0.73 37.83
C SER H 209 -23.39 0.09 37.80
N GLY H 210 -22.92 -0.28 36.61
CA GLY H 210 -21.59 -0.80 36.48
C GLY H 210 -21.29 -1.36 35.10
N ILE H 211 -20.02 -1.71 34.86
CA ILE H 211 -19.60 -2.33 33.59
C ILE H 211 -18.51 -3.36 33.85
N ASN H 212 -18.33 -4.29 32.93
CA ASN H 212 -17.18 -5.18 33.00
C ASN H 212 -16.84 -5.80 31.66
N GLY H 213 -15.56 -6.03 31.44
CA GLY H 213 -15.11 -6.82 30.30
C GLY H 213 -15.51 -8.27 30.49
N GLU H 214 -16.01 -8.89 29.43
CA GLU H 214 -16.44 -10.28 29.50
C GLU H 214 -15.43 -11.30 28.94
N VAL H 215 -15.83 -12.57 28.95
CA VAL H 215 -14.94 -13.71 28.67
C VAL H 215 -14.34 -13.73 27.25
N MET H 216 -15.12 -13.32 26.26
CA MET H 216 -14.66 -13.29 24.88
C MET H 216 -14.01 -11.94 24.56
N PRO H 217 -13.03 -11.95 23.64
CA PRO H 217 -12.47 -10.66 23.21
C PRO H 217 -13.50 -9.74 22.60
N GLY H 218 -13.43 -8.46 22.94
CA GLY H 218 -14.36 -7.48 22.40
C GLY H 218 -15.74 -7.60 23.01
N GLN H 219 -15.89 -8.46 24.02
CA GLN H 219 -17.20 -8.68 24.66
C GLN H 219 -17.25 -7.97 26.02
N TRP H 220 -18.36 -7.29 26.29
CA TRP H 220 -18.49 -6.48 27.51
C TRP H 220 -19.92 -6.61 28.05
N GLU H 221 -20.16 -6.03 29.21
CA GLU H 221 -21.50 -5.98 29.82
C GLU H 221 -21.69 -4.63 30.51
N PHE H 222 -22.92 -4.12 30.48
CA PHE H 222 -23.30 -3.06 31.40
C PHE H 222 -24.56 -3.46 32.15
N GLN H 223 -24.70 -2.92 33.36
CA GLN H 223 -25.88 -3.18 34.19
C GLN H 223 -26.65 -1.88 34.38
N VAL H 224 -27.98 -1.94 34.38
CA VAL H 224 -28.81 -0.78 34.66
C VAL H 224 -29.74 -1.07 35.82
N GLY H 225 -29.88 -0.13 36.74
CA GLY H 225 -30.78 -0.30 37.86
C GLY H 225 -30.19 0.16 39.18
N PRO H 226 -31.00 0.20 40.24
CA PRO H 226 -32.43 -0.16 40.19
C PRO H 226 -33.26 0.90 39.47
N SER H 227 -34.20 0.43 38.66
CA SER H 227 -35.07 1.30 37.89
C SER H 227 -36.52 0.91 38.16
N VAL H 228 -37.38 1.90 38.41
CA VAL H 228 -38.74 1.60 38.81
C VAL H 228 -39.66 1.40 37.61
N GLY H 229 -40.37 0.26 37.60
CA GLY H 229 -41.43 -0.01 36.66
C GLY H 229 -41.12 0.17 35.19
N ILE H 230 -41.92 0.99 34.52
CA ILE H 230 -41.81 1.15 33.08
C ILE H 230 -40.51 1.85 32.68
N SER H 231 -39.92 2.61 33.59
CA SER H 231 -38.69 3.33 33.27
C SER H 231 -37.48 2.40 33.13
N ALA H 232 -37.59 1.18 33.64
CA ALA H 232 -36.52 0.20 33.41
C ALA H 232 -36.38 -0.08 31.91
N GLY H 233 -37.49 -0.37 31.24
CA GLY H 233 -37.46 -0.61 29.81
C GLY H 233 -37.06 0.64 29.03
N ASP H 234 -37.62 1.80 29.40
CA ASP H 234 -37.23 3.04 28.74
C ASP H 234 -35.70 3.25 28.85
N GLU H 235 -35.15 3.02 30.03
CA GLU H 235 -33.71 3.23 30.26
C GLU H 235 -32.82 2.25 29.51
N ILE H 236 -33.21 0.99 29.45
CA ILE H 236 -32.38 0.01 28.73
C ILE H 236 -32.34 0.33 27.22
N TRP H 237 -33.49 0.66 26.65
CA TRP H 237 -33.53 1.05 25.26
C TRP H 237 -32.68 2.29 24.98
N ALA H 238 -32.76 3.27 25.89
CA ALA H 238 -31.96 4.50 25.75
C ALA H 238 -30.47 4.20 25.84
N ALA H 239 -30.11 3.29 26.74
CA ALA H 239 -28.70 2.87 26.90
C ALA H 239 -28.19 2.10 25.67
N ARG H 240 -29.04 1.25 25.09
CA ARG H 240 -28.71 0.55 23.84
C ARG H 240 -28.54 1.54 22.69
N TYR H 241 -29.43 2.54 22.64
CA TYR H 241 -29.34 3.61 21.65
C TYR H 241 -28.00 4.35 21.76
N ILE H 242 -27.68 4.78 22.98
CA ILE H 242 -26.45 5.51 23.21
C ILE H 242 -25.22 4.66 22.81
N LEU H 243 -25.25 3.38 23.16
CA LEU H 243 -24.14 2.48 22.86
C LEU H 243 -23.91 2.39 21.35
N GLU H 244 -24.98 2.22 20.58
CA GLU H 244 -24.82 2.02 19.15
C GLU H 244 -24.45 3.33 18.45
N ARG H 245 -24.90 4.46 19.00
CA ARG H 245 -24.45 5.74 18.48
C ARG H 245 -22.93 5.88 18.68
N ILE H 246 -22.43 5.36 19.79
CA ILE H 246 -21.00 5.42 20.11
C ILE H 246 -20.13 4.47 19.27
N THR H 247 -20.64 3.27 19.01
CA THR H 247 -19.95 2.34 18.14
C THR H 247 -19.94 2.90 16.73
N GLU H 248 -21.00 3.60 16.39
CA GLU H 248 -21.05 4.30 15.10
C GLU H 248 -19.90 5.30 14.99
N ILE H 249 -19.71 6.11 16.02
CA ILE H 249 -18.62 7.09 16.02
C ILE H 249 -17.28 6.39 15.86
N ALA H 250 -17.15 5.25 16.53
CA ALA H 250 -15.91 4.49 16.52
C ALA H 250 -15.72 3.66 15.23
N GLY H 251 -16.74 3.57 14.38
CA GLY H 251 -16.58 2.76 13.16
C GLY H 251 -16.54 1.26 13.48
N VAL H 252 -17.26 0.86 14.53
CA VAL H 252 -17.29 -0.50 15.00
C VAL H 252 -18.75 -0.96 14.99
N VAL H 253 -19.02 -2.25 14.77
CA VAL H 253 -20.39 -2.76 14.79
C VAL H 253 -20.70 -3.34 16.17
N VAL H 254 -21.95 -3.20 16.63
CA VAL H 254 -22.32 -3.80 17.93
C VAL H 254 -23.37 -4.90 17.75
N SER H 255 -23.27 -5.95 18.55
CA SER H 255 -24.30 -6.98 18.55
C SER H 255 -24.79 -7.28 19.96
N PHE H 256 -26.10 -7.34 20.13
CA PHE H 256 -26.72 -7.75 21.39
C PHE H 256 -27.21 -9.19 21.30
N ASP H 257 -26.87 -9.86 20.21
CA ASP H 257 -27.24 -11.26 20.02
C ASP H 257 -26.38 -12.13 20.94
N PRO H 258 -27.02 -13.03 21.71
CA PRO H 258 -26.33 -14.02 22.57
C PRO H 258 -25.35 -14.90 21.79
N LYS H 259 -25.52 -14.99 20.47
CA LYS H 259 -24.62 -15.78 19.65
C LYS H 259 -24.22 -14.96 18.43
N PRO H 260 -23.26 -14.04 18.60
CA PRO H 260 -23.07 -13.10 17.49
C PRO H 260 -22.18 -13.63 16.36
N ILE H 261 -21.55 -14.78 16.53
CA ILE H 261 -20.71 -15.38 15.50
C ILE H 261 -20.96 -16.88 15.53
N PRO H 262 -20.63 -17.58 14.42
CA PRO H 262 -20.70 -19.06 14.44
C PRO H 262 -19.63 -19.65 15.34
N GLY H 263 -19.71 -20.96 15.54
CA GLY H 263 -18.71 -21.67 16.32
C GLY H 263 -19.02 -21.55 17.80
N ASP H 264 -18.11 -22.06 18.64
CA ASP H 264 -18.29 -21.93 20.06
C ASP H 264 -18.16 -20.47 20.50
N TRP H 265 -18.85 -20.17 21.59
CA TRP H 265 -18.97 -18.82 22.08
C TRP H 265 -19.51 -18.86 23.49
N ASN H 266 -18.96 -17.99 24.34
CA ASN H 266 -19.46 -17.84 25.68
C ASN H 266 -20.23 -16.54 25.80
N GLY H 267 -21.55 -16.67 25.88
CA GLY H 267 -22.40 -15.53 26.17
C GLY H 267 -23.14 -15.78 27.47
N ALA H 268 -23.60 -14.70 28.09
CA ALA H 268 -24.43 -14.83 29.28
C ALA H 268 -25.88 -14.82 28.81
N GLY H 269 -26.49 -13.65 28.85
CA GLY H 269 -27.84 -13.46 28.39
C GLY H 269 -28.32 -12.07 28.73
N ALA H 270 -29.54 -12.00 29.24
CA ALA H 270 -30.09 -10.76 29.80
C ALA H 270 -30.81 -11.15 31.07
N HIS H 271 -30.04 -11.25 32.15
CA HIS H 271 -30.57 -11.67 33.44
C HIS H 271 -31.24 -10.46 34.06
N THR H 272 -32.36 -10.65 34.75
CA THR H 272 -33.10 -9.52 35.28
C THR H 272 -33.32 -9.63 36.78
N ASN H 273 -32.89 -8.62 37.52
CA ASN H 273 -33.11 -8.58 38.95
C ASN H 273 -34.41 -7.84 39.27
N TYR H 274 -35.11 -8.29 40.30
CA TYR H 274 -36.44 -7.78 40.56
C TYR H 274 -36.67 -7.70 42.06
N SER H 275 -37.24 -6.60 42.50
CA SER H 275 -37.63 -6.44 43.90
C SER H 275 -38.86 -5.59 43.99
N THR H 276 -39.69 -5.91 44.96
CA THR H 276 -40.88 -5.16 45.24
C THR H 276 -40.70 -4.40 46.55
N LYS H 277 -41.53 -3.37 46.80
CA LYS H 277 -41.44 -2.60 48.05
C LYS H 277 -41.48 -3.44 49.33
N SER H 278 -42.35 -4.45 49.33
CA SER H 278 -42.50 -5.36 50.45
C SER H 278 -41.21 -6.15 50.68
N MET H 279 -40.51 -6.50 49.59
CA MET H 279 -39.23 -7.21 49.69
C MET H 279 -38.18 -6.35 50.39
N ARG H 280 -38.28 -5.05 50.18
CA ARG H 280 -37.35 -4.05 50.72
C ARG H 280 -37.72 -3.59 52.14
N GLU H 281 -38.83 -4.10 52.66
CA GLU H 281 -39.34 -3.67 53.96
C GLU H 281 -38.80 -4.47 55.13
N ASN H 282 -39.25 -5.71 55.23
CA ASN H 282 -38.93 -6.53 56.39
C ASN H 282 -37.53 -7.18 56.40
N GLY H 283 -37.01 -7.70 55.29
CA GLY H 283 -37.68 -7.86 54.01
C GLY H 283 -38.68 -9.00 54.04
N GLY H 284 -38.42 -9.95 54.94
CA GLY H 284 -39.26 -11.11 55.14
C GLY H 284 -38.82 -12.32 54.36
N TYR H 285 -38.36 -12.10 53.12
CA TYR H 285 -37.87 -13.17 52.23
C TYR H 285 -39.01 -14.04 51.73
N GLU H 286 -40.07 -14.13 52.53
CA GLU H 286 -41.24 -14.93 52.23
C GLU H 286 -41.97 -14.34 51.03
N ILE H 287 -42.01 -13.02 50.96
CA ILE H 287 -42.61 -12.33 49.82
C ILE H 287 -41.81 -12.71 48.57
N ILE H 288 -40.49 -12.85 48.73
CA ILE H 288 -39.61 -13.31 47.67
C ILE H 288 -39.94 -14.75 47.27
N LYS H 289 -40.13 -15.60 48.27
CA LYS H 289 -40.45 -17.02 48.05
C LYS H 289 -41.71 -17.15 47.23
N LYS H 290 -42.68 -16.31 47.58
CA LYS H 290 -43.97 -16.28 46.91
C LYS H 290 -43.87 -15.88 45.44
N ALA H 291 -43.08 -14.84 45.16
CA ALA H 291 -42.84 -14.39 43.79
C ALA H 291 -42.18 -15.47 42.96
N ILE H 292 -41.12 -16.04 43.52
CA ILE H 292 -40.40 -17.13 42.87
C ILE H 292 -41.34 -18.30 42.60
N GLU H 293 -42.20 -18.59 43.57
CA GLU H 293 -43.17 -19.67 43.44
C GLU H 293 -44.08 -19.48 42.24
N LYS H 294 -44.67 -18.28 42.12
CA LYS H 294 -45.56 -17.95 41.01
C LYS H 294 -44.86 -17.98 39.65
N LEU H 295 -43.61 -17.53 39.60
CA LEU H 295 -42.83 -17.58 38.36
C LEU H 295 -42.72 -19.04 37.92
N GLY H 296 -42.50 -19.92 38.90
CA GLY H 296 -42.36 -21.33 38.63
C GLY H 296 -43.66 -21.93 38.12
N LEU H 297 -44.77 -21.46 38.69
CA LEU H 297 -46.09 -21.93 38.30
C LEU H 297 -46.49 -21.66 36.84
N ARG H 298 -45.87 -20.68 36.20
CA ARG H 298 -46.26 -20.40 34.83
C ARG H 298 -45.21 -20.92 33.85
N HIS H 299 -43.93 -20.73 34.21
CA HIS H 299 -42.75 -21.04 33.38
C HIS H 299 -42.99 -21.59 31.98
N TYR H 350 -33.24 -8.64 47.11
CA TYR H 350 -33.91 -9.00 45.86
C TYR H 350 -33.45 -10.35 45.29
N PHE H 351 -33.93 -10.68 44.09
CA PHE H 351 -33.55 -11.93 43.42
C PHE H 351 -33.34 -11.83 41.92
N GLU H 352 -32.63 -12.81 41.35
CA GLU H 352 -32.24 -12.78 39.95
C GLU H 352 -33.13 -13.70 39.13
N ASP H 353 -33.52 -13.20 37.97
CA ASP H 353 -34.28 -13.97 36.99
C ASP H 353 -33.44 -14.16 35.74
N ARG H 354 -33.17 -15.42 35.42
CA ARG H 354 -32.25 -15.81 34.35
C ARG H 354 -33.01 -16.22 33.11
N ASN H 359 -31.02 -10.18 24.12
CA ASN H 359 -31.57 -9.21 23.18
C ASN H 359 -33.11 -9.10 23.18
N MET H 360 -33.77 -9.74 24.14
CA MET H 360 -35.24 -9.66 24.22
C MET H 360 -35.67 -8.24 24.60
N ASP H 361 -36.95 -7.93 24.41
CA ASP H 361 -37.46 -6.61 24.73
C ASP H 361 -37.72 -6.51 26.24
N PRO H 362 -36.98 -5.62 26.91
CA PRO H 362 -37.05 -5.37 28.36
C PRO H 362 -38.45 -5.03 28.84
N TYR H 363 -39.25 -4.43 27.97
CA TYR H 363 -40.63 -4.13 28.30
C TYR H 363 -41.37 -5.43 28.60
N VAL H 364 -41.10 -6.46 27.80
CA VAL H 364 -41.76 -7.74 27.96
C VAL H 364 -41.29 -8.43 29.23
N VAL H 365 -39.97 -8.58 29.38
CA VAL H 365 -39.41 -9.29 30.52
C VAL H 365 -39.85 -8.68 31.85
N THR H 366 -39.66 -7.37 31.99
CA THR H 366 -39.97 -6.67 33.22
C THR H 366 -41.46 -6.69 33.57
N SER H 367 -42.31 -6.47 32.57
CA SER H 367 -43.74 -6.42 32.83
C SER H 367 -44.33 -7.77 33.15
N MET H 368 -43.79 -8.81 32.53
CA MET H 368 -44.28 -10.17 32.80
C MET H 368 -43.99 -10.64 34.22
N ILE H 369 -42.83 -10.25 34.74
CA ILE H 369 -42.50 -10.58 36.11
C ILE H 369 -43.48 -9.89 37.06
N ALA H 370 -43.77 -8.63 36.79
CA ALA H 370 -44.69 -7.85 37.61
C ALA H 370 -46.09 -8.45 37.56
N GLU H 371 -46.54 -8.77 36.35
CA GLU H 371 -47.87 -9.33 36.16
C GLU H 371 -48.01 -10.65 36.88
N THR H 372 -47.04 -11.52 36.65
CA THR H 372 -47.06 -12.87 37.22
C THR H 372 -47.06 -12.89 38.75
N THR H 373 -46.30 -11.98 39.35
CA THR H 373 -46.12 -11.97 40.81
C THR H 373 -47.08 -11.06 41.55
N LEU H 374 -47.79 -10.21 40.83
CA LEU H 374 -48.65 -9.20 41.47
C LEU H 374 -50.10 -9.24 41.02
N LEU H 375 -50.35 -9.76 39.82
CA LEU H 375 -51.68 -9.73 39.25
C LEU H 375 -52.19 -11.13 38.96
N TRP H 376 -51.27 -12.01 38.58
CA TRP H 376 -51.66 -13.36 38.20
C TRP H 376 -52.08 -14.17 39.41
N LYS H 377 -53.15 -14.94 39.26
CA LYS H 377 -53.65 -15.79 40.35
C LYS H 377 -53.80 -17.24 39.90
N PRO H 378 -53.00 -18.13 40.50
CA PRO H 378 -52.94 -19.55 40.15
C PRO H 378 -54.19 -20.33 40.53
N MET I 23 -13.39 9.52 17.36
CA MET I 23 -12.98 10.85 16.96
C MET I 23 -12.68 11.70 18.20
N SER I 24 -12.83 13.01 18.06
CA SER I 24 -12.75 13.93 19.19
C SER I 24 -14.03 13.80 19.98
N LEU I 25 -15.06 13.32 19.28
CA LEU I 25 -16.37 13.06 19.87
C LEU I 25 -16.24 11.99 20.95
N LEU I 26 -15.36 11.01 20.73
CA LEU I 26 -15.19 9.92 21.68
C LEU I 26 -14.50 10.35 22.97
N SER I 27 -13.39 11.09 22.85
CA SER I 27 -12.65 11.52 24.05
C SER I 27 -13.47 12.51 24.88
N ASP I 28 -14.34 13.27 24.24
CA ASP I 28 -15.25 14.19 24.92
C ASP I 28 -16.20 13.43 25.84
N LEU I 29 -16.74 12.32 25.37
CA LEU I 29 -17.60 11.48 26.20
C LEU I 29 -16.81 10.84 27.35
N ILE I 30 -15.61 10.34 27.05
CA ILE I 30 -14.77 9.72 28.07
C ILE I 30 -14.38 10.74 29.15
N ASN I 31 -14.21 11.99 28.74
CA ASN I 31 -13.79 13.02 29.69
C ASN I 31 -14.94 13.85 30.29
N LEU I 32 -16.18 13.40 30.14
CA LEU I 32 -17.30 14.07 30.80
C LEU I 32 -17.11 14.13 32.33
N ASN I 33 -17.33 15.34 32.86
CA ASN I 33 -17.29 15.62 34.30
C ASN I 33 -18.64 15.39 34.96
N LEU I 34 -18.74 14.26 35.66
CA LEU I 34 -19.99 13.84 36.30
C LEU I 34 -20.40 14.73 37.47
N SER I 35 -19.44 15.44 38.06
CA SER I 35 -19.73 16.34 39.18
C SER I 35 -20.71 17.45 38.77
N GLU I 36 -20.78 17.74 37.49
CA GLU I 36 -21.69 18.77 37.00
C GLU I 36 -23.12 18.25 36.83
N SER I 37 -23.31 16.94 36.84
CA SER I 37 -24.64 16.36 36.65
C SER I 37 -25.17 15.61 37.88
N SER I 38 -24.26 15.18 38.78
CA SER I 38 -24.68 14.46 40.00
C SER I 38 -23.62 14.31 41.07
N GLU I 39 -23.97 13.51 42.06
CA GLU I 39 -23.10 13.16 43.17
C GLU I 39 -22.56 11.74 43.06
N LYS I 40 -23.06 11.00 42.09
CA LYS I 40 -22.61 9.62 41.90
C LYS I 40 -21.15 9.59 41.47
N ILE I 41 -20.43 8.58 41.94
CA ILE I 41 -19.06 8.37 41.52
C ILE I 41 -18.92 6.98 40.94
N ILE I 42 -17.84 6.77 40.21
CA ILE I 42 -17.53 5.45 39.68
C ILE I 42 -16.30 4.89 40.40
N ALA I 43 -16.37 3.62 40.82
CA ALA I 43 -15.25 2.97 41.50
C ALA I 43 -14.77 1.75 40.73
N GLU I 44 -13.48 1.76 40.35
CA GLU I 44 -12.87 0.66 39.64
C GLU I 44 -12.26 -0.31 40.65
N TYR I 45 -12.92 -1.44 40.86
CA TYR I 45 -12.43 -2.47 41.79
C TYR I 45 -11.39 -3.31 41.06
N ILE I 46 -10.20 -3.38 41.63
CA ILE I 46 -9.01 -4.00 41.07
C ILE I 46 -8.57 -5.21 41.89
N TRP I 47 -8.17 -6.29 41.23
CA TRP I 47 -7.65 -7.44 41.98
C TRP I 47 -6.58 -8.20 41.20
N VAL I 48 -5.81 -9.01 41.92
CA VAL I 48 -4.83 -9.87 41.29
C VAL I 48 -5.47 -11.21 40.92
N GLY I 49 -5.32 -11.60 39.65
CA GLY I 49 -5.93 -12.83 39.12
C GLY I 49 -5.17 -14.09 39.45
N GLY I 50 -5.56 -15.19 38.82
CA GLY I 50 -5.06 -16.51 39.15
C GLY I 50 -3.60 -16.85 38.86
N SER I 51 -2.93 -16.04 38.05
CA SER I 51 -1.53 -16.26 37.72
C SER I 51 -0.61 -15.60 38.73
N GLY I 52 -1.20 -14.80 39.61
CA GLY I 52 -0.44 -14.02 40.57
C GLY I 52 0.16 -12.75 39.99
N MET I 53 0.02 -12.55 38.67
CA MET I 53 0.56 -11.37 37.99
C MET I 53 -0.43 -10.65 37.05
N ASP I 54 -1.60 -11.23 36.83
CA ASP I 54 -2.61 -10.64 35.92
C ASP I 54 -3.56 -9.77 36.72
N LEU I 55 -3.51 -8.47 36.49
CA LEU I 55 -4.45 -7.56 37.16
C LEU I 55 -5.81 -7.61 36.50
N ARG I 56 -6.85 -7.58 37.29
CA ARG I 56 -8.20 -7.55 36.75
C ARG I 56 -8.97 -6.38 37.35
N SER I 57 -9.97 -5.88 36.63
CA SER I 57 -10.85 -4.87 37.22
C SER I 57 -12.19 -4.72 36.51
N LYS I 58 -13.13 -4.12 37.25
CA LYS I 58 -14.42 -3.72 36.70
C LYS I 58 -14.95 -2.58 37.57
N ALA I 59 -15.98 -1.91 37.08
CA ALA I 59 -16.39 -0.65 37.71
C ALA I 59 -17.87 -0.64 38.11
N ARG I 60 -18.17 0.07 39.20
CA ARG I 60 -19.54 0.22 39.67
C ARG I 60 -19.82 1.65 40.08
N THR I 61 -21.10 2.00 40.06
CA THR I 61 -21.57 3.33 40.48
C THR I 61 -21.89 3.31 41.97
N LEU I 62 -21.38 4.30 42.71
CA LEU I 62 -21.72 4.43 44.15
C LEU I 62 -22.47 5.75 44.34
N PRO I 63 -23.30 5.83 45.39
CA PRO I 63 -24.19 6.98 45.56
C PRO I 63 -23.45 8.29 45.75
N GLY I 64 -22.27 8.24 46.38
CA GLY I 64 -21.53 9.45 46.70
C GLY I 64 -20.05 9.19 46.97
N PRO I 65 -19.28 10.28 47.20
CA PRO I 65 -17.82 10.24 47.42
C PRO I 65 -17.39 9.37 48.59
N VAL I 66 -16.27 8.68 48.43
CA VAL I 66 -15.77 7.82 49.50
C VAL I 66 -14.24 7.92 49.58
N SER I 67 -13.73 8.07 50.79
CA SER I 67 -12.28 8.11 51.02
C SER I 67 -11.83 6.96 51.95
N ASP I 68 -12.76 6.39 52.71
CA ASP I 68 -12.43 5.32 53.64
C ASP I 68 -12.79 3.97 53.05
N PRO I 69 -11.78 3.12 52.75
CA PRO I 69 -12.00 1.84 52.07
C PRO I 69 -12.97 0.96 52.83
N SER I 70 -12.96 1.03 54.15
CA SER I 70 -13.80 0.15 54.95
C SER I 70 -15.27 0.56 54.81
N LYS I 71 -15.51 1.72 54.19
CA LYS I 71 -16.89 2.16 53.97
C LYS I 71 -17.40 1.72 52.61
N LEU I 72 -16.52 1.19 51.78
CA LEU I 72 -16.91 0.68 50.48
C LEU I 72 -17.58 -0.69 50.65
N PRO I 73 -18.61 -0.96 49.85
CA PRO I 73 -19.25 -2.27 49.92
C PRO I 73 -18.34 -3.32 49.27
N LYS I 74 -18.39 -4.54 49.78
CA LYS I 74 -17.71 -5.67 49.15
C LYS I 74 -18.38 -5.98 47.84
N TRP I 75 -17.67 -6.71 46.99
CA TRP I 75 -18.21 -7.08 45.69
C TRP I 75 -17.88 -8.54 45.41
N ASN I 76 -18.11 -8.99 44.19
CA ASN I 76 -17.81 -10.38 43.83
C ASN I 76 -17.52 -10.52 42.32
N TYR I 77 -16.99 -11.66 41.92
CA TYR I 77 -16.80 -11.93 40.49
C TYR I 77 -16.75 -13.44 40.25
N ASP I 78 -16.71 -13.83 38.98
CA ASP I 78 -16.65 -15.26 38.61
C ASP I 78 -15.20 -15.71 38.57
N GLY I 79 -14.78 -16.40 39.61
CA GLY I 79 -13.40 -16.83 39.74
C GLY I 79 -12.98 -17.88 38.74
N SER I 80 -13.94 -18.58 38.16
CA SER I 80 -13.60 -19.59 37.16
C SER I 80 -13.19 -18.94 35.84
N SER I 81 -13.41 -17.63 35.74
CA SER I 81 -13.03 -16.89 34.55
C SER I 81 -11.67 -16.23 34.71
N THR I 82 -11.09 -16.29 35.91
CA THR I 82 -9.76 -15.74 36.16
C THR I 82 -8.83 -16.77 36.77
N ASN I 83 -9.14 -18.05 36.57
CA ASN I 83 -8.34 -19.15 37.08
C ASN I 83 -8.22 -19.16 38.63
N GLN I 84 -9.33 -18.88 39.31
CA GLN I 84 -9.32 -18.76 40.76
C GLN I 84 -10.42 -19.54 41.47
N ALA I 85 -11.23 -20.27 40.72
CA ALA I 85 -12.22 -21.14 41.30
C ALA I 85 -12.53 -22.28 40.35
N PRO I 86 -11.96 -23.46 40.65
CA PRO I 86 -12.06 -24.75 39.94
C PRO I 86 -13.34 -25.50 40.31
N GLY I 87 -13.65 -25.61 41.59
CA GLY I 87 -14.77 -26.43 42.02
C GLY I 87 -16.10 -25.83 41.61
N GLN I 88 -17.17 -26.55 41.92
CA GLN I 88 -18.52 -26.18 41.49
C GLN I 88 -19.03 -24.82 42.03
N ASP I 89 -18.36 -24.25 43.02
CA ASP I 89 -18.78 -22.93 43.51
C ASP I 89 -17.74 -21.91 43.06
N SER I 90 -18.05 -21.20 41.99
CA SER I 90 -17.09 -20.31 41.36
C SER I 90 -17.04 -18.86 41.88
N GLU I 91 -18.00 -18.47 42.72
CA GLU I 91 -18.06 -17.08 43.20
C GLU I 91 -16.89 -16.73 44.13
N VAL I 92 -16.29 -15.57 43.90
CA VAL I 92 -15.21 -15.07 44.74
C VAL I 92 -15.55 -13.67 45.25
N ILE I 93 -15.22 -13.37 46.51
CA ILE I 93 -15.57 -12.09 47.12
C ILE I 93 -14.42 -11.09 47.05
N LEU I 94 -14.74 -9.84 46.76
CA LEU I 94 -13.78 -8.74 46.73
C LEU I 94 -13.87 -7.84 47.98
N TYR I 95 -12.76 -7.73 48.71
CA TYR I 95 -12.67 -6.84 49.87
C TYR I 95 -11.89 -5.58 49.49
N PRO I 96 -12.55 -4.40 49.49
CA PRO I 96 -11.87 -3.12 49.33
C PRO I 96 -10.82 -2.90 50.42
N GLN I 97 -9.62 -2.50 50.02
CA GLN I 97 -8.55 -2.30 50.99
C GLN I 97 -7.86 -0.94 50.89
N ALA I 98 -7.77 -0.39 49.68
CA ALA I 98 -7.12 0.91 49.47
C ALA I 98 -7.74 1.68 48.30
N ILE I 99 -7.88 2.99 48.50
CA ILE I 99 -8.49 3.88 47.54
C ILE I 99 -7.45 4.84 46.97
N PHE I 100 -7.53 5.07 45.66
CA PHE I 100 -6.73 6.08 44.99
C PHE I 100 -7.67 6.84 44.03
N LYS I 101 -7.31 8.06 43.65
CA LYS I 101 -8.08 8.78 42.64
C LYS I 101 -7.89 8.14 41.27
N ASP I 102 -8.95 8.11 40.46
CA ASP I 102 -8.85 7.49 39.14
C ASP I 102 -8.31 8.50 38.14
N PRO I 103 -7.09 8.30 37.65
CA PRO I 103 -6.55 9.33 36.78
C PRO I 103 -7.22 9.26 35.38
N PHE I 104 -7.92 8.17 35.10
CA PHE I 104 -8.58 8.05 33.81
C PHE I 104 -9.97 8.64 33.80
N ARG I 105 -10.79 8.34 34.82
CA ARG I 105 -12.13 8.90 34.86
C ARG I 105 -12.14 10.29 35.48
N GLN I 106 -11.09 10.61 36.24
CA GLN I 106 -10.93 11.93 36.87
C GLN I 106 -12.04 12.22 37.86
N GLY I 107 -12.17 13.50 38.24
CA GLY I 107 -13.21 13.95 39.16
C GLY I 107 -13.16 13.24 40.51
N ASN I 108 -14.32 12.83 41.00
CA ASN I 108 -14.35 12.09 42.27
C ASN I 108 -14.37 10.60 42.07
N ASN I 109 -14.09 10.16 40.86
CA ASN I 109 -14.07 8.73 40.60
C ASN I 109 -12.80 8.10 41.15
N ILE I 110 -12.87 6.82 41.55
CA ILE I 110 -11.75 6.22 42.27
C ILE I 110 -11.28 4.86 41.76
N LEU I 111 -10.03 4.53 42.09
CA LEU I 111 -9.50 3.16 41.96
C LEU I 111 -9.55 2.49 43.33
N VAL I 112 -9.92 1.22 43.37
CA VAL I 112 -10.02 0.50 44.63
C VAL I 112 -9.19 -0.78 44.58
N ILE I 113 -8.08 -0.82 45.31
CA ILE I 113 -7.32 -2.04 45.42
C ILE I 113 -8.04 -2.99 46.39
N CYS I 114 -8.36 -4.19 45.90
CA CYS I 114 -9.02 -5.22 46.69
C CYS I 114 -8.15 -6.45 46.88
N ASP I 115 -8.45 -7.24 47.91
CA ASP I 115 -7.93 -8.60 47.96
C ASP I 115 -9.11 -9.55 47.94
N VAL I 116 -8.83 -10.83 47.81
CA VAL I 116 -9.82 -11.76 47.30
C VAL I 116 -10.08 -12.99 48.21
N TYR I 117 -11.36 -13.38 48.35
CA TYR I 117 -11.79 -14.39 49.34
C TYR I 117 -12.87 -15.37 48.86
N THR I 118 -12.98 -16.53 49.54
CA THR I 118 -14.11 -17.43 49.32
C THR I 118 -15.33 -16.82 50.02
N PRO I 119 -16.53 -17.20 49.58
CA PRO I 119 -17.75 -16.77 50.28
C PRO I 119 -17.74 -17.11 51.77
N ALA I 120 -17.07 -18.18 52.20
CA ALA I 120 -17.04 -18.52 53.61
C ALA I 120 -16.10 -17.57 54.36
N GLY I 121 -15.21 -16.88 53.64
CA GLY I 121 -14.35 -15.87 54.25
C GLY I 121 -12.86 -16.21 54.31
N GLU I 122 -12.45 -17.26 53.62
CA GLU I 122 -11.04 -17.64 53.60
C GLU I 122 -10.34 -16.96 52.43
N PRO I 123 -9.13 -16.47 52.67
CA PRO I 123 -8.38 -15.88 51.57
C PRO I 123 -8.07 -16.93 50.52
N LEU I 124 -8.13 -16.58 49.23
CA LEU I 124 -7.69 -17.51 48.20
C LEU I 124 -6.18 -17.67 48.28
N PRO I 125 -5.64 -18.80 47.80
CA PRO I 125 -4.20 -19.01 47.68
C PRO I 125 -3.45 -17.89 46.94
N THR I 126 -4.09 -17.25 45.97
CA THR I 126 -3.44 -16.18 45.20
C THR I 126 -3.56 -14.80 45.86
N ASN I 127 -4.23 -14.76 47.01
CA ASN I 127 -4.31 -13.55 47.82
C ASN I 127 -3.08 -13.50 48.73
N LYS I 128 -2.10 -12.67 48.39
CA LYS I 128 -0.90 -12.56 49.21
C LYS I 128 -1.02 -11.40 50.18
N ARG I 129 -2.04 -10.56 50.01
CA ARG I 129 -2.19 -9.42 50.87
C ARG I 129 -2.51 -9.84 52.32
N TYR I 130 -3.34 -10.88 52.45
CA TYR I 130 -3.84 -11.34 53.75
C TYR I 130 -2.72 -11.64 54.76
N ASN I 131 -1.81 -12.53 54.39
CA ASN I 131 -0.70 -12.89 55.25
C ASN I 131 0.25 -11.70 55.41
N ALA I 132 0.47 -10.94 54.35
CA ALA I 132 1.26 -9.72 54.48
C ALA I 132 0.64 -8.78 55.52
N ALA I 133 -0.69 -8.70 55.52
CA ALA I 133 -1.40 -7.83 56.48
C ALA I 133 -1.21 -8.30 57.89
N LYS I 134 -1.21 -9.61 58.08
CA LYS I 134 -1.01 -10.22 59.41
C LYS I 134 0.35 -9.84 59.98
N ILE I 135 1.38 -9.88 59.13
CA ILE I 135 2.72 -9.48 59.54
C ILE I 135 2.80 -8.00 59.91
N PHE I 136 2.25 -7.13 59.06
CA PHE I 136 2.30 -5.70 59.33
C PHE I 136 1.40 -5.26 60.50
N SER I 137 0.42 -6.10 60.87
CA SER I 137 -0.45 -5.82 62.01
C SER I 137 0.17 -6.25 63.33
N HIS I 138 1.17 -7.12 63.26
CA HIS I 138 1.86 -7.57 64.45
C HIS I 138 2.40 -6.33 65.17
N PRO I 139 2.11 -6.21 66.49
CA PRO I 139 2.46 -5.03 67.29
C PRO I 139 3.95 -4.68 67.24
N ASP I 140 4.81 -5.69 67.13
CA ASP I 140 6.24 -5.45 67.06
C ASP I 140 6.67 -4.91 65.68
N VAL I 141 5.92 -5.25 64.63
CA VAL I 141 6.26 -4.72 63.30
C VAL I 141 5.69 -3.31 63.20
N ALA I 142 4.41 -3.18 63.58
CA ALA I 142 3.70 -1.90 63.54
C ALA I 142 4.42 -0.80 64.32
N ALA I 143 5.05 -1.18 65.43
CA ALA I 143 5.80 -0.23 66.26
C ALA I 143 7.07 0.24 65.57
N GLU I 144 7.59 -0.54 64.63
CA GLU I 144 8.83 -0.18 63.98
C GLU I 144 8.57 0.69 62.75
N VAL I 145 7.29 0.86 62.41
CA VAL I 145 6.87 1.69 61.27
C VAL I 145 7.76 1.45 60.03
N PRO I 146 7.72 0.23 59.48
CA PRO I 146 8.61 -0.12 58.35
C PRO I 146 8.30 0.69 57.08
N TRP I 147 9.33 1.29 56.50
CA TRP I 147 9.20 2.03 55.23
C TRP I 147 9.80 1.23 54.08
N TYR I 148 9.18 1.31 52.91
CA TYR I 148 9.69 0.58 51.76
C TYR I 148 9.87 1.52 50.57
N GLY I 149 10.93 1.26 49.81
CA GLY I 149 11.15 1.93 48.55
C GLY I 149 11.32 0.84 47.52
N ILE I 150 10.42 0.80 46.55
CA ILE I 150 10.45 -0.27 45.57
C ILE I 150 10.80 0.28 44.18
N GLU I 151 11.69 -0.42 43.49
CA GLU I 151 12.10 -0.09 42.13
C GLU I 151 11.45 -1.09 41.18
N GLN I 152 10.58 -0.62 40.30
CA GLN I 152 9.87 -1.47 39.37
C GLN I 152 10.31 -1.26 37.93
N GLU I 153 11.09 -2.19 37.38
CA GLU I 153 11.49 -2.13 35.99
C GLU I 153 10.39 -2.73 35.13
N TYR I 154 10.32 -2.28 33.89
CA TYR I 154 9.38 -2.83 32.92
C TYR I 154 9.88 -2.60 31.49
N THR I 155 9.29 -3.32 30.55
CA THR I 155 9.66 -3.21 29.13
C THR I 155 8.40 -2.98 28.31
N LEU I 156 8.46 -2.04 27.38
CA LEU I 156 7.35 -1.78 26.49
C LEU I 156 7.59 -2.60 25.22
N LEU I 157 6.62 -3.40 24.84
CA LEU I 157 6.80 -4.31 23.72
C LEU I 157 5.82 -3.93 22.61
N GLN I 158 6.33 -3.96 21.38
CA GLN I 158 5.52 -3.77 20.19
C GLN I 158 4.40 -4.81 20.23
N LYS I 159 3.15 -4.39 20.05
CA LYS I 159 2.05 -5.33 20.18
C LYS I 159 2.11 -6.52 19.20
N ASP I 160 2.49 -6.28 17.95
CA ASP I 160 2.46 -7.32 16.93
C ASP I 160 3.66 -8.27 16.97
N THR I 161 4.84 -7.76 17.28
CA THR I 161 6.06 -8.57 17.25
C THR I 161 6.48 -9.12 18.62
N ASN I 162 6.02 -8.46 19.67
CA ASN I 162 6.42 -8.79 21.03
C ASN I 162 7.92 -8.58 21.32
N TRP I 163 8.56 -7.76 20.48
CA TRP I 163 9.92 -7.28 20.77
C TRP I 163 9.82 -5.84 21.28
N PRO I 164 10.85 -5.37 22.02
CA PRO I 164 10.80 -4.04 22.65
C PRO I 164 10.66 -2.88 21.67
N LEU I 165 9.99 -1.81 22.08
CA LEU I 165 9.98 -0.59 21.29
C LEU I 165 11.43 -0.21 21.04
N GLY I 166 11.75 0.12 19.79
CA GLY I 166 13.09 0.53 19.40
C GLY I 166 14.14 -0.56 19.31
N TRP I 167 13.72 -1.82 19.42
CA TRP I 167 14.66 -2.94 19.30
C TRP I 167 15.36 -2.81 17.96
N PRO I 168 16.69 -2.79 17.99
CA PRO I 168 17.46 -2.52 16.78
C PRO I 168 17.54 -3.71 15.81
N ILE I 169 17.36 -3.42 14.52
CA ILE I 169 17.41 -4.42 13.45
C ILE I 169 18.71 -5.25 13.44
N GLY I 170 18.98 -5.97 14.52
CA GLY I 170 20.21 -6.74 14.62
C GLY I 170 20.40 -7.38 15.98
N GLY I 171 19.52 -7.04 16.92
CA GLY I 171 19.43 -7.71 18.20
C GLY I 171 20.13 -7.09 19.38
N TYR I 172 20.35 -7.92 20.40
CA TYR I 172 20.91 -7.49 21.67
C TYR I 172 22.16 -6.58 21.55
N PRO I 173 22.02 -5.30 21.92
CA PRO I 173 23.01 -4.23 21.73
C PRO I 173 24.11 -4.21 22.80
N GLY I 174 23.85 -4.80 23.96
CA GLY I 174 24.85 -4.81 25.03
C GLY I 174 24.51 -3.92 26.20
N PRO I 175 25.32 -3.98 27.26
CA PRO I 175 25.08 -3.22 28.49
C PRO I 175 25.54 -1.75 28.42
N GLN I 176 26.24 -1.42 27.34
CA GLN I 176 26.79 -0.09 27.13
C GLN I 176 26.18 0.52 25.86
N GLY I 177 25.26 1.47 26.02
CA GLY I 177 24.55 2.04 24.90
C GLY I 177 23.95 3.42 25.17
N PRO I 178 23.19 3.93 24.21
CA PRO I 178 22.68 5.32 24.31
C PRO I 178 21.31 5.40 24.97
N TYR I 179 20.73 4.26 25.33
CA TYR I 179 19.35 4.22 25.83
C TYR I 179 19.16 4.64 27.31
N TYR I 180 20.10 4.22 28.15
CA TYR I 180 20.05 4.52 29.59
C TYR I 180 19.98 6.01 29.82
N CYS I 181 18.88 6.47 30.43
CA CYS I 181 18.64 7.90 30.69
C CYS I 181 18.83 8.74 29.42
N GLY I 182 18.54 8.15 28.28
CA GLY I 182 18.82 8.81 27.00
C GLY I 182 17.74 9.78 26.59
N ILE I 183 18.07 10.66 25.64
CA ILE I 183 17.07 11.53 25.02
C ILE I 183 17.23 11.48 23.50
N GLY I 184 16.16 11.76 22.76
CA GLY I 184 16.19 11.71 21.30
C GLY I 184 15.36 10.59 20.67
N ALA I 185 14.91 10.83 19.44
CA ALA I 185 14.04 9.88 18.76
C ALA I 185 14.69 8.50 18.62
N ASP I 186 16.00 8.47 18.55
CA ASP I 186 16.75 7.24 18.34
C ASP I 186 17.21 6.56 19.64
N LYS I 187 16.80 7.09 20.80
CA LYS I 187 17.31 6.55 22.06
C LYS I 187 16.22 6.24 23.09
N ALA I 188 15.29 7.19 23.28
CA ALA I 188 14.22 6.99 24.26
C ALA I 188 12.95 6.55 23.56
N TYR I 189 12.52 5.33 23.82
CA TYR I 189 11.31 4.81 23.18
C TYR I 189 10.18 4.65 24.19
N GLY I 190 9.10 5.39 24.00
CA GLY I 190 7.93 5.25 24.83
C GLY I 190 7.83 6.25 25.96
N ARG I 191 8.57 7.35 25.87
CA ARG I 191 8.55 8.35 26.93
C ARG I 191 7.15 8.91 27.21
N ASP I 192 6.29 9.00 26.19
CA ASP I 192 4.92 9.47 26.39
C ASP I 192 4.18 8.63 27.42
N ILE I 193 4.31 7.33 27.30
CA ILE I 193 3.74 6.40 28.27
C ILE I 193 4.35 6.63 29.66
N VAL I 194 5.66 6.76 29.72
CA VAL I 194 6.36 6.94 30.99
C VAL I 194 5.96 8.24 31.68
N ASP I 195 5.97 9.35 30.94
CA ASP I 195 5.59 10.63 31.53
C ASP I 195 4.11 10.70 31.88
N ALA I 196 3.23 10.08 31.10
CA ALA I 196 1.81 10.00 31.48
C ALA I 196 1.64 9.23 32.81
N HIS I 197 2.40 8.14 32.95
CA HIS I 197 2.31 7.28 34.11
C HIS I 197 2.72 8.00 35.39
N TYR I 198 3.84 8.71 35.30
CA TYR I 198 4.41 9.46 36.41
C TYR I 198 3.34 10.40 36.97
N LYS I 199 2.79 11.23 36.10
CA LYS I 199 1.76 12.16 36.54
C LYS I 199 0.47 11.46 36.97
N ALA I 200 0.05 10.41 36.26
CA ALA I 200 -1.17 9.68 36.63
C ALA I 200 -1.03 9.09 38.04
N CYS I 201 0.15 8.55 38.36
CA CYS I 201 0.43 8.04 39.70
C CYS I 201 0.43 9.15 40.79
N LEU I 202 1.06 10.29 40.50
CA LEU I 202 1.02 11.38 41.47
C LEU I 202 -0.41 11.83 41.73
N TYR I 203 -1.15 12.07 40.66
CA TYR I 203 -2.56 12.46 40.75
C TYR I 203 -3.35 11.42 41.56
N ALA I 204 -3.03 10.15 41.40
CA ALA I 204 -3.79 9.09 42.04
C ALA I 204 -3.55 9.07 43.56
N GLY I 205 -2.39 9.56 44.01
CA GLY I 205 -2.05 9.55 45.43
C GLY I 205 -1.00 8.50 45.77
N ILE I 206 -0.36 7.96 44.74
CA ILE I 206 0.74 7.00 44.90
C ILE I 206 2.05 7.75 45.11
N ASN I 207 2.87 7.30 46.05
CA ASN I 207 4.15 7.95 46.28
C ASN I 207 5.25 7.54 45.29
N ILE I 208 5.00 7.83 44.02
CA ILE I 208 6.00 7.57 43.02
C ILE I 208 7.10 8.62 43.20
N SER I 209 8.33 8.14 43.34
CA SER I 209 9.41 9.02 43.74
C SER I 209 10.39 9.32 42.60
N GLY I 210 10.25 8.59 41.49
CA GLY I 210 11.07 8.86 40.33
C GLY I 210 10.94 7.86 39.19
N ILE I 211 11.57 8.19 38.06
CA ILE I 211 11.57 7.34 36.87
C ILE I 211 12.89 7.45 36.15
N ASN I 212 13.22 6.45 35.33
CA ASN I 212 14.38 6.55 34.44
C ASN I 212 14.35 5.58 33.28
N GLY I 213 14.90 6.01 32.15
CA GLY I 213 15.13 5.12 31.01
C GLY I 213 16.22 4.13 31.38
N GLU I 214 16.02 2.87 31.03
CA GLU I 214 16.98 1.81 31.35
C GLU I 214 17.86 1.44 30.17
N VAL I 215 18.72 0.45 30.41
CA VAL I 215 19.78 0.08 29.50
C VAL I 215 19.28 -0.46 28.16
N MET I 216 18.20 -1.21 28.17
CA MET I 216 17.66 -1.77 26.94
C MET I 216 16.66 -0.80 26.31
N PRO I 217 16.57 -0.79 24.96
CA PRO I 217 15.57 0.05 24.32
C PRO I 217 14.15 -0.33 24.76
N GLY I 218 13.30 0.67 25.01
CA GLY I 218 11.95 0.43 25.49
C GLY I 218 11.85 0.00 26.95
N GLN I 219 12.98 -0.02 27.65
CA GLN I 219 13.02 -0.48 29.04
C GLN I 219 13.13 0.70 29.98
N TRP I 220 12.30 0.69 31.03
CA TRP I 220 12.20 1.81 31.92
C TRP I 220 12.06 1.35 33.35
N GLU I 221 12.11 2.30 34.27
CA GLU I 221 11.89 1.97 35.66
C GLU I 221 11.16 3.10 36.34
N PHE I 222 10.29 2.76 37.29
CA PHE I 222 9.81 3.75 38.25
C PHE I 222 10.07 3.29 39.68
N GLN I 223 10.23 4.25 40.58
CA GLN I 223 10.45 3.97 41.99
C GLN I 223 9.27 4.48 42.83
N VAL I 224 8.89 3.71 43.84
CA VAL I 224 7.82 4.10 44.75
C VAL I 224 8.28 4.06 46.20
N GLY I 225 8.00 5.12 46.94
CA GLY I 225 8.39 5.16 48.33
C GLY I 225 8.99 6.46 48.80
N PRO I 226 9.18 6.61 50.13
CA PRO I 226 8.86 5.62 51.17
C PRO I 226 7.37 5.38 51.37
N SER I 227 6.99 4.12 51.53
CA SER I 227 5.61 3.76 51.79
C SER I 227 5.56 2.83 52.99
N VAL I 228 4.59 3.07 53.88
CA VAL I 228 4.50 2.35 55.15
C VAL I 228 3.80 1.01 55.03
N GLY I 229 4.47 -0.04 55.51
CA GLY I 229 3.84 -1.34 55.68
C GLY I 229 3.06 -1.88 54.48
N ILE I 230 1.81 -2.23 54.74
CA ILE I 230 0.93 -2.87 53.77
C ILE I 230 0.65 -1.94 52.58
N SER I 231 0.81 -0.63 52.77
CA SER I 231 0.57 0.32 51.67
C SER I 231 1.61 0.28 50.58
N ALA I 232 2.80 -0.24 50.86
CA ALA I 232 3.80 -0.36 49.81
C ALA I 232 3.27 -1.23 48.69
N GLY I 233 2.73 -2.37 49.09
CA GLY I 233 2.20 -3.34 48.16
C GLY I 233 0.98 -2.81 47.46
N ASP I 234 0.09 -2.15 48.22
CA ASP I 234 -1.11 -1.53 47.63
C ASP I 234 -0.74 -0.53 46.54
N GLU I 235 0.27 0.29 46.80
CA GLU I 235 0.69 1.33 45.88
C GLU I 235 1.34 0.75 44.63
N ILE I 236 2.19 -0.25 44.84
CA ILE I 236 2.89 -0.88 43.71
C ILE I 236 1.89 -1.53 42.77
N TRP I 237 0.92 -2.25 43.32
CA TRP I 237 -0.14 -2.83 42.51
C TRP I 237 -0.98 -1.74 41.81
N ALA I 238 -1.30 -0.66 42.53
CA ALA I 238 -2.03 0.42 41.88
C ALA I 238 -1.21 1.04 40.75
N ALA I 239 0.09 1.22 40.96
CA ALA I 239 0.95 1.80 39.93
C ALA I 239 1.05 0.89 38.71
N ARG I 240 1.14 -0.42 38.93
CA ARG I 240 1.21 -1.39 37.83
C ARG I 240 -0.07 -1.37 37.03
N TYR I 241 -1.19 -1.27 37.75
CA TYR I 241 -2.50 -1.18 37.14
C TYR I 241 -2.57 0.03 36.21
N ILE I 242 -2.18 1.18 36.73
CA ILE I 242 -2.20 2.42 35.96
C ILE I 242 -1.28 2.35 34.74
N LEU I 243 -0.11 1.76 34.90
CA LEU I 243 0.82 1.64 33.80
C LEU I 243 0.22 0.81 32.64
N GLU I 244 -0.36 -0.34 32.97
CA GLU I 244 -0.85 -1.22 31.92
C GLU I 244 -2.11 -0.65 31.25
N ARG I 245 -2.89 0.12 32.00
CA ARG I 245 -3.99 0.88 31.41
C ARG I 245 -3.46 1.96 30.45
N ILE I 246 -2.31 2.54 30.75
CA ILE I 246 -1.78 3.55 29.85
C ILE I 246 -1.20 2.92 28.58
N THR I 247 -0.50 1.79 28.73
CA THR I 247 0.02 1.08 27.58
C THR I 247 -1.11 0.56 26.72
N GLU I 248 -2.24 0.22 27.36
CA GLU I 248 -3.43 -0.16 26.63
C GLU I 248 -3.87 1.00 25.70
N ILE I 249 -3.91 2.22 26.23
CA ILE I 249 -4.28 3.39 25.43
C ILE I 249 -3.31 3.54 24.27
N ALA I 250 -2.04 3.31 24.55
CA ALA I 250 -0.99 3.52 23.56
C ALA I 250 -0.87 2.38 22.54
N GLY I 251 -1.62 1.29 22.72
CA GLY I 251 -1.57 0.17 21.79
C GLY I 251 -0.26 -0.61 21.90
N VAL I 252 0.28 -0.65 23.11
CA VAL I 252 1.59 -1.22 23.39
C VAL I 252 1.38 -2.32 24.45
N VAL I 253 2.20 -3.37 24.42
CA VAL I 253 2.13 -4.43 25.44
C VAL I 253 3.19 -4.09 26.50
N VAL I 254 2.88 -4.36 27.77
CA VAL I 254 3.86 -4.12 28.82
C VAL I 254 4.26 -5.42 29.53
N SER I 255 5.54 -5.56 29.86
CA SER I 255 5.98 -6.70 30.65
C SER I 255 6.75 -6.32 31.92
N PHE I 256 6.42 -6.95 33.05
CA PHE I 256 7.16 -6.74 34.27
C PHE I 256 8.15 -7.85 34.54
N ASP I 257 8.30 -8.75 33.57
CA ASP I 257 9.22 -9.89 33.68
C ASP I 257 10.66 -9.41 33.48
N PRO I 258 11.55 -9.75 34.42
CA PRO I 258 12.99 -9.44 34.32
C PRO I 258 13.62 -9.99 33.04
N LYS I 259 13.00 -10.99 32.43
CA LYS I 259 13.52 -11.55 31.20
C LYS I 259 12.33 -11.61 30.22
N PRO I 260 11.98 -10.48 29.61
CA PRO I 260 10.72 -10.39 28.86
C PRO I 260 10.81 -10.93 27.43
N ILE I 261 12.02 -11.25 26.98
CA ILE I 261 12.23 -11.77 25.63
C ILE I 261 13.30 -12.85 25.65
N PRO I 262 13.36 -13.69 24.60
CA PRO I 262 14.46 -14.65 24.48
C PRO I 262 15.79 -13.92 24.23
N GLY I 263 16.88 -14.67 24.28
CA GLY I 263 18.19 -14.11 23.96
C GLY I 263 18.81 -13.38 25.13
N ASP I 264 19.94 -12.73 24.85
CA ASP I 264 20.63 -11.94 25.85
C ASP I 264 19.77 -10.73 26.20
N TRP I 265 19.91 -10.26 27.44
CA TRP I 265 19.06 -9.20 27.97
C TRP I 265 19.64 -8.68 29.26
N ASN I 266 19.62 -7.37 29.44
CA ASN I 266 20.04 -6.76 30.69
C ASN I 266 18.87 -6.24 31.47
N GLY I 267 18.58 -6.90 32.59
CA GLY I 267 17.57 -6.38 33.48
C GLY I 267 18.27 -5.99 34.76
N ALA I 268 17.63 -5.14 35.54
CA ALA I 268 18.14 -4.78 36.84
C ALA I 268 17.53 -5.84 37.71
N GLY I 269 16.40 -5.54 38.31
CA GLY I 269 15.68 -6.51 39.09
C GLY I 269 14.53 -5.86 39.82
N ALA I 270 14.38 -6.24 41.08
CA ALA I 270 13.43 -5.60 41.95
C ALA I 270 14.09 -5.42 43.29
N HIS I 271 14.88 -4.37 43.41
CA HIS I 271 15.57 -4.09 44.65
C HIS I 271 14.57 -3.40 45.57
N THR I 272 14.64 -3.73 46.85
CA THR I 272 13.69 -3.22 47.81
C THR I 272 14.43 -2.51 48.91
N ASN I 273 14.13 -1.24 49.11
CA ASN I 273 14.73 -0.54 50.22
C ASN I 273 13.79 -0.65 51.38
N TYR I 274 14.37 -0.76 52.57
CA TYR I 274 13.63 -1.02 53.78
C TYR I 274 14.31 -0.31 54.94
N SER I 275 13.51 0.35 55.77
CA SER I 275 14.04 0.94 57.00
C SER I 275 12.99 0.98 58.10
N THR I 276 13.45 0.80 59.33
CA THR I 276 12.57 0.91 60.48
C THR I 276 12.83 2.19 61.25
N LYS I 277 11.88 2.53 62.11
CA LYS I 277 12.01 3.66 63.02
C LYS I 277 13.34 3.59 63.78
N SER I 278 13.71 2.40 64.23
CA SER I 278 14.97 2.24 64.97
C SER I 278 16.16 2.59 64.10
N MET I 279 16.10 2.18 62.83
CA MET I 279 17.15 2.51 61.86
C MET I 279 17.18 3.98 61.53
N ARG I 280 16.01 4.61 61.54
CA ARG I 280 15.94 6.01 61.15
C ARG I 280 16.35 6.91 62.31
N GLU I 281 16.50 6.34 63.51
CA GLU I 281 16.88 7.14 64.67
C GLU I 281 18.37 7.03 64.93
N ASN I 282 18.78 7.38 66.13
CA ASN I 282 20.19 7.31 66.50
C ASN I 282 20.61 5.94 67.00
N GLY I 283 21.79 5.52 66.56
CA GLY I 283 22.35 4.23 66.87
C GLY I 283 22.18 3.34 65.67
N GLY I 284 21.10 3.61 64.91
CA GLY I 284 20.77 2.97 63.66
C GLY I 284 21.73 1.96 63.05
N TYR I 285 23.03 2.29 63.08
CA TYR I 285 24.10 1.42 62.61
C TYR I 285 23.95 -0.04 63.00
N GLU I 286 23.58 -0.26 64.26
CA GLU I 286 23.48 -1.60 64.82
C GLU I 286 22.28 -2.39 64.33
N ILE I 287 21.13 -1.73 64.27
CA ILE I 287 19.91 -2.37 63.82
C ILE I 287 20.05 -2.80 62.37
N ILE I 288 20.68 -1.95 61.55
CA ILE I 288 20.90 -2.26 60.15
C ILE I 288 21.82 -3.46 60.01
N LYS I 289 22.90 -3.48 60.80
CA LYS I 289 23.86 -4.56 60.73
C LYS I 289 23.26 -5.93 61.07
N LYS I 290 22.48 -5.98 62.15
CA LYS I 290 21.84 -7.22 62.56
C LYS I 290 20.74 -7.70 61.61
N ALA I 291 19.96 -6.75 61.09
CA ALA I 291 18.93 -7.05 60.08
C ALA I 291 19.51 -7.70 58.84
N ILE I 292 20.62 -7.15 58.37
CA ILE I 292 21.34 -7.70 57.23
C ILE I 292 21.80 -9.14 57.46
N GLU I 293 22.31 -9.41 58.64
CA GLU I 293 22.77 -10.74 59.01
C GLU I 293 21.62 -11.74 58.96
N LYS I 294 20.48 -11.37 59.52
CA LYS I 294 19.30 -12.23 59.53
C LYS I 294 18.78 -12.52 58.11
N LEU I 295 18.77 -11.50 57.25
CA LEU I 295 18.29 -11.68 55.88
C LEU I 295 19.10 -12.73 55.13
N GLY I 296 20.41 -12.71 55.31
CA GLY I 296 21.31 -13.65 54.65
C GLY I 296 21.13 -15.10 55.06
N LEU I 297 20.89 -15.33 56.34
CA LEU I 297 20.70 -16.69 56.84
C LEU I 297 19.45 -17.33 56.21
N ARG I 298 18.51 -16.50 55.77
CA ARG I 298 17.26 -17.00 55.19
C ARG I 298 17.27 -16.86 53.66
N SER I 336 22.69 -9.99 47.82
CA SER I 336 21.27 -9.85 48.12
C SER I 336 20.98 -8.71 49.08
N VAL I 337 21.97 -8.35 49.90
CA VAL I 337 21.77 -7.29 50.88
C VAL I 337 22.94 -6.30 50.91
N ARG I 338 22.62 -5.01 50.88
CA ARG I 338 23.62 -3.95 50.79
C ARG I 338 23.19 -2.85 51.75
N VAL I 339 24.12 -2.02 52.25
CA VAL I 339 23.73 -0.90 53.09
C VAL I 339 23.54 0.36 52.24
N TYR I 350 18.95 2.91 56.34
CA TYR I 350 18.21 1.86 55.66
C TYR I 350 19.13 0.87 54.98
N PHE I 351 18.55 -0.15 54.34
CA PHE I 351 19.33 -1.07 53.50
C PHE I 351 18.56 -1.59 52.29
N GLU I 352 19.29 -2.03 51.26
CA GLU I 352 18.66 -2.41 49.99
C GLU I 352 18.62 -3.93 49.83
N ASP I 353 17.48 -4.45 49.42
CA ASP I 353 17.35 -5.88 49.15
C ASP I 353 16.96 -6.07 47.68
N MET I 360 7.63 -10.79 41.05
CA MET I 360 7.20 -11.13 42.40
C MET I 360 6.08 -10.22 42.91
N ASP I 361 5.36 -10.72 43.90
CA ASP I 361 4.30 -9.97 44.55
C ASP I 361 4.91 -9.12 45.66
N PRO I 362 4.80 -7.79 45.54
CA PRO I 362 5.33 -6.84 46.52
C PRO I 362 4.86 -7.09 47.97
N TYR I 363 3.67 -7.65 48.15
CA TYR I 363 3.19 -8.01 49.47
C TYR I 363 4.10 -9.06 50.10
N VAL I 364 4.51 -10.04 49.29
CA VAL I 364 5.37 -11.11 49.77
C VAL I 364 6.76 -10.58 50.12
N VAL I 365 7.39 -9.89 49.16
CA VAL I 365 8.72 -9.34 49.35
C VAL I 365 8.77 -8.41 50.57
N THR I 366 7.85 -7.44 50.65
CA THR I 366 7.91 -6.47 51.74
C THR I 366 7.69 -7.12 53.12
N SER I 367 6.67 -7.96 53.22
CA SER I 367 6.32 -8.56 54.51
C SER I 367 7.37 -9.57 54.93
N MET I 368 7.98 -10.27 53.96
CA MET I 368 9.06 -11.21 54.28
C MET I 368 10.27 -10.52 54.88
N ILE I 369 10.61 -9.33 54.39
CA ILE I 369 11.71 -8.58 54.96
C ILE I 369 11.43 -8.15 56.41
N ALA I 370 10.21 -7.68 56.67
CA ALA I 370 9.84 -7.24 58.02
C ALA I 370 9.90 -8.40 59.01
N GLU I 371 9.34 -9.55 58.61
CA GLU I 371 9.28 -10.71 59.48
C GLU I 371 10.68 -11.17 59.84
N THR I 372 11.54 -11.27 58.84
CA THR I 372 12.89 -11.74 59.05
C THR I 372 13.67 -10.94 60.06
N THR I 373 13.46 -9.62 60.00
CA THR I 373 14.25 -8.71 60.79
C THR I 373 13.60 -8.34 62.12
N LEU I 374 12.32 -8.65 62.25
CA LEU I 374 11.58 -8.25 63.44
C LEU I 374 10.83 -9.38 64.16
N LEU I 375 10.50 -10.47 63.47
CA LEU I 375 9.67 -11.49 64.11
C LEU I 375 10.33 -12.86 64.21
N TRP I 376 11.19 -13.19 63.25
CA TRP I 376 11.85 -14.49 63.23
C TRP I 376 12.96 -14.53 64.28
N LYS I 377 13.10 -15.67 64.96
CA LYS I 377 14.14 -15.81 65.99
C LYS I 377 15.01 -17.01 65.68
N PRO I 378 16.27 -16.76 65.27
CA PRO I 378 17.15 -17.89 64.94
C PRO I 378 17.60 -18.63 66.20
N MET J 23 -2.68 9.27 21.43
CA MET J 23 -4.09 9.55 21.69
C MET J 23 -4.22 10.88 22.45
N SER J 24 -5.43 11.43 22.46
CA SER J 24 -5.73 12.59 23.27
C SER J 24 -5.84 12.23 24.75
N LEU J 25 -6.18 10.98 25.04
CA LEU J 25 -6.22 10.49 26.41
C LEU J 25 -4.83 10.56 27.00
N LEU J 26 -3.83 10.29 26.15
CA LEU J 26 -2.46 10.29 26.61
C LEU J 26 -1.95 11.68 26.95
N SER J 27 -2.18 12.64 26.05
CA SER J 27 -1.66 13.97 26.28
C SER J 27 -2.35 14.64 27.49
N ASP J 28 -3.57 14.23 27.80
CA ASP J 28 -4.25 14.74 28.99
C ASP J 28 -3.48 14.36 30.24
N LEU J 29 -3.05 13.10 30.31
CA LEU J 29 -2.27 12.62 31.45
C LEU J 29 -0.91 13.31 31.50
N ILE J 30 -0.27 13.45 30.35
CA ILE J 30 1.03 14.09 30.27
C ILE J 30 0.98 15.55 30.74
N ASN J 31 -0.15 16.20 30.46
CA ASN J 31 -0.36 17.63 30.77
C ASN J 31 -1.10 17.92 32.08
N LEU J 32 -1.27 16.91 32.94
CA LEU J 32 -1.90 17.17 34.22
C LEU J 32 -1.18 18.26 35.01
N ASN J 33 -1.99 19.15 35.58
CA ASN J 33 -1.49 20.18 36.47
C ASN J 33 -1.42 19.61 37.89
N LEU J 34 -0.22 19.23 38.33
CA LEU J 34 -0.04 18.61 39.63
C LEU J 34 -0.35 19.56 40.77
N SER J 35 -0.30 20.87 40.53
CA SER J 35 -0.64 21.85 41.57
C SER J 35 -2.08 21.66 42.05
N GLU J 36 -2.91 21.01 41.23
CA GLU J 36 -4.30 20.79 41.65
C GLU J 36 -4.44 19.62 42.63
N SER J 37 -3.42 18.78 42.73
CA SER J 37 -3.54 17.59 43.56
C SER J 37 -2.56 17.53 44.73
N SER J 38 -1.47 18.30 44.67
CA SER J 38 -0.49 18.28 45.76
C SER J 38 0.48 19.45 45.64
N GLU J 39 1.54 19.41 46.46
CA GLU J 39 2.58 20.45 46.44
C GLU J 39 3.89 19.89 45.82
N LYS J 40 3.88 18.61 45.51
CA LYS J 40 5.04 17.95 44.95
C LYS J 40 5.39 18.44 43.55
N ILE J 41 6.69 18.48 43.28
CA ILE J 41 7.16 18.80 41.96
C ILE J 41 8.06 17.69 41.45
N ILE J 42 8.27 17.66 40.14
CA ILE J 42 9.17 16.72 39.50
C ILE J 42 10.39 17.47 39.01
N ALA J 43 11.57 16.93 39.29
CA ALA J 43 12.80 17.56 38.87
C ALA J 43 13.55 16.64 37.92
N GLU J 44 13.81 17.11 36.69
CA GLU J 44 14.58 16.33 35.72
C GLU J 44 16.08 16.66 35.83
N TYR J 45 16.87 15.76 36.42
CA TYR J 45 18.31 15.98 36.57
C TYR J 45 19.01 15.62 35.26
N ILE J 46 19.77 16.57 34.73
CA ILE J 46 20.39 16.45 33.43
C ILE J 46 21.92 16.46 33.55
N TRP J 47 22.59 15.60 32.80
CA TRP J 47 24.05 15.59 32.80
C TRP J 47 24.63 15.20 31.43
N VAL J 48 25.91 15.53 31.25
CA VAL J 48 26.67 15.17 30.05
C VAL J 48 27.37 13.82 30.28
N GLY J 49 27.14 12.89 29.35
CA GLY J 49 27.66 11.52 29.42
C GLY J 49 29.09 11.38 28.97
N GLY J 50 29.54 10.13 28.82
CA GLY J 50 30.92 9.81 28.52
C GLY J 50 31.47 10.19 27.15
N SER J 51 30.61 10.52 26.21
CA SER J 51 31.13 10.91 24.90
C SER J 51 31.40 12.42 24.90
N GLY J 52 31.02 13.11 25.96
CA GLY J 52 31.18 14.55 26.04
C GLY J 52 30.13 15.34 25.28
N MET J 53 29.29 14.67 24.51
CA MET J 53 28.22 15.33 23.76
C MET J 53 26.82 14.74 23.98
N ASP J 54 26.73 13.59 24.66
CA ASP J 54 25.45 12.93 24.90
C ASP J 54 24.80 13.35 26.22
N LEU J 55 23.65 14.03 26.14
CA LEU J 55 22.92 14.42 27.32
C LEU J 55 22.12 13.26 27.86
N ARG J 56 22.10 13.11 29.18
CA ARG J 56 21.31 12.09 29.82
C ARG J 56 20.44 12.75 30.88
N SER J 57 19.33 12.11 31.22
CA SER J 57 18.52 12.60 32.34
C SER J 57 17.57 11.57 32.94
N LYS J 58 17.09 11.87 34.13
CA LYS J 58 16.05 11.09 34.76
C LYS J 58 15.39 12.02 35.78
N ALA J 59 14.23 11.63 36.29
CA ALA J 59 13.42 12.55 37.09
C ALA J 59 13.06 11.99 38.45
N ARG J 60 12.95 12.88 39.44
CA ARG J 60 12.55 12.51 40.79
C ARG J 60 11.51 13.47 41.39
N THR J 61 10.80 12.98 42.39
CA THR J 61 9.77 13.77 43.06
C THR J 61 10.37 14.50 44.25
N LEU J 62 10.11 15.80 44.37
CA LEU J 62 10.52 16.62 45.52
C LEU J 62 9.29 17.15 46.22
N PRO J 63 9.39 17.39 47.54
CA PRO J 63 8.25 17.80 48.37
C PRO J 63 7.63 19.14 47.96
N GLY J 64 8.42 20.05 47.44
CA GLY J 64 7.88 21.37 47.12
C GLY J 64 8.72 22.16 46.14
N PRO J 65 8.24 23.34 45.73
CA PRO J 65 8.96 24.15 44.74
C PRO J 65 10.37 24.54 45.21
N VAL J 66 11.29 24.62 44.25
CA VAL J 66 12.67 24.98 44.53
C VAL J 66 13.18 25.90 43.43
N SER J 67 13.84 26.98 43.82
CA SER J 67 14.48 27.89 42.86
C SER J 67 16.00 27.95 43.12
N ASP J 68 16.44 27.57 44.31
CA ASP J 68 17.87 27.65 44.65
C ASP J 68 18.52 26.28 44.45
N PRO J 69 19.44 26.16 43.47
CA PRO J 69 20.07 24.87 43.13
C PRO J 69 20.75 24.25 44.34
N SER J 70 21.27 25.10 45.22
CA SER J 70 22.02 24.62 46.37
C SER J 70 21.10 23.95 47.37
N LYS J 71 19.80 24.07 47.15
CA LYS J 71 18.83 23.44 48.06
C LYS J 71 18.34 22.08 47.55
N LEU J 72 18.76 21.72 46.35
CA LEU J 72 18.41 20.43 45.78
C LEU J 72 19.30 19.32 46.31
N PRO J 73 18.72 18.13 46.57
CA PRO J 73 19.58 17.03 47.00
C PRO J 73 20.42 16.52 45.85
N LYS J 74 21.62 16.04 46.15
CA LYS J 74 22.46 15.39 45.17
C LYS J 74 21.81 14.08 44.79
N TRP J 75 22.20 13.52 43.66
CA TRP J 75 21.62 12.25 43.21
C TRP J 75 22.73 11.37 42.66
N ASN J 76 22.38 10.26 42.00
CA ASN J 76 23.41 9.39 41.43
C ASN J 76 22.94 8.54 40.27
N TYR J 77 23.88 7.92 39.56
CA TYR J 77 23.53 6.99 38.51
C TYR J 77 24.64 5.98 38.25
N ASP J 78 24.35 4.99 37.41
CA ASP J 78 25.32 3.96 37.06
C ASP J 78 26.17 4.44 35.89
N GLY J 79 27.39 4.89 36.20
CA GLY J 79 28.28 5.42 35.19
C GLY J 79 28.76 4.37 34.20
N SER J 80 28.64 3.10 34.54
CA SER J 80 29.05 2.07 33.60
C SER J 80 28.00 1.92 32.49
N SER J 81 26.87 2.60 32.62
CA SER J 81 25.84 2.56 31.60
C SER J 81 25.92 3.77 30.67
N THR J 82 26.77 4.72 31.04
CA THR J 82 26.97 5.93 30.26
C THR J 82 28.46 6.14 29.94
N ASN J 83 29.23 5.07 30.01
CA ASN J 83 30.68 5.11 29.72
C ASN J 83 31.43 6.10 30.62
N GLN J 84 31.12 6.10 31.91
CA GLN J 84 31.70 7.07 32.84
C GLN J 84 32.24 6.48 34.13
N ALA J 85 32.18 5.17 34.26
CA ALA J 85 32.81 4.50 35.38
C ALA J 85 33.15 3.07 34.99
N PRO J 86 34.43 2.82 34.69
CA PRO J 86 35.02 1.55 34.26
C PRO J 86 35.31 0.62 35.44
N GLY J 87 35.90 1.18 36.50
CA GLY J 87 36.40 0.42 37.63
C GLY J 87 35.34 -0.26 38.48
N GLN J 88 35.79 -0.89 39.55
CA GLN J 88 34.94 -1.69 40.42
C GLN J 88 33.77 -0.94 41.06
N ASP J 89 33.85 0.38 41.09
CA ASP J 89 32.75 1.18 41.63
C ASP J 89 32.16 2.06 40.53
N SER J 90 31.02 1.63 40.01
CA SER J 90 30.42 2.30 38.87
C SER J 90 29.56 3.50 39.27
N GLU J 91 29.35 3.71 40.56
CA GLU J 91 28.47 4.81 41.01
C GLU J 91 29.05 6.18 40.68
N VAL J 92 28.20 7.06 40.14
CA VAL J 92 28.61 8.41 39.81
C VAL J 92 27.67 9.39 40.51
N ILE J 93 28.18 10.49 41.06
CA ILE J 93 27.35 11.43 41.81
C ILE J 93 26.89 12.64 40.98
N LEU J 94 25.63 13.02 41.12
CA LEU J 94 25.09 14.19 40.44
C LEU J 94 24.99 15.36 41.42
N TYR J 95 25.66 16.46 41.09
CA TYR J 95 25.55 17.73 41.84
C TYR J 95 24.68 18.70 41.05
N PRO J 96 23.50 19.04 41.56
CA PRO J 96 22.68 20.09 40.95
C PRO J 96 23.41 21.42 40.88
N GLN J 97 23.37 22.10 39.74
CA GLN J 97 24.07 23.38 39.56
C GLN J 97 23.19 24.53 39.02
N ALA J 98 22.19 24.21 38.21
CA ALA J 98 21.32 25.25 37.65
C ALA J 98 19.90 24.77 37.42
N ILE J 99 18.94 25.65 37.73
CA ILE J 99 17.53 25.35 37.60
C ILE J 99 16.88 26.17 36.48
N PHE J 100 16.02 25.50 35.71
CA PHE J 100 15.19 26.14 34.71
C PHE J 100 13.78 25.57 34.86
N LYS J 101 12.77 26.28 34.39
CA LYS J 101 11.43 25.70 34.37
C LYS J 101 11.31 24.61 33.28
N ASP J 102 10.57 23.55 33.59
CA ASP J 102 10.43 22.44 32.65
C ASP J 102 9.28 22.73 31.68
N PRO J 103 9.61 22.94 30.40
CA PRO J 103 8.56 23.31 29.43
C PRO J 103 7.70 22.13 29.02
N PHE J 104 8.15 20.90 29.29
CA PHE J 104 7.38 19.72 28.93
C PHE J 104 6.38 19.37 30.04
N ARG J 105 6.85 19.34 31.28
CA ARG J 105 5.95 19.02 32.40
C ARG J 105 5.15 20.21 32.89
N GLN J 106 5.65 21.42 32.58
CA GLN J 106 4.97 22.68 32.92
C GLN J 106 4.82 22.86 34.43
N GLY J 107 3.98 23.81 34.84
CA GLY J 107 3.73 24.07 36.25
C GLY J 107 4.99 24.39 37.04
N ASN J 108 5.12 23.81 38.23
CA ASN J 108 6.31 24.06 39.05
C ASN J 108 7.40 23.01 38.88
N ASN J 109 7.27 22.17 37.84
CA ASN J 109 8.26 21.15 37.59
C ASN J 109 9.48 21.78 36.95
N ILE J 110 10.67 21.21 37.17
CA ILE J 110 11.90 21.93 36.79
C ILE J 110 12.91 21.08 36.06
N LEU J 111 13.79 21.74 35.32
CA LEU J 111 14.96 21.08 34.78
C LEU J 111 16.12 21.44 35.68
N VAL J 112 17.02 20.49 35.91
CA VAL J 112 18.18 20.72 36.75
C VAL J 112 19.47 20.32 36.02
N ILE J 113 20.27 21.30 35.61
CA ILE J 113 21.58 20.96 35.03
C ILE J 113 22.53 20.60 36.15
N CYS J 114 23.09 19.38 36.08
CA CYS J 114 24.06 18.91 37.08
C CYS J 114 25.42 18.72 36.43
N ASP J 115 26.46 18.68 37.26
CA ASP J 115 27.76 18.16 36.83
C ASP J 115 28.12 16.95 37.66
N VAL J 116 29.20 16.28 37.29
CA VAL J 116 29.31 14.89 37.69
C VAL J 116 30.63 14.54 38.41
N TYR J 117 30.55 13.72 39.45
CA TYR J 117 31.68 13.46 40.37
C TYR J 117 31.83 11.99 40.80
N THR J 118 33.02 11.62 41.24
CA THR J 118 33.20 10.34 41.91
C THR J 118 32.56 10.41 43.29
N PRO J 119 32.22 9.25 43.85
CA PRO J 119 31.72 9.24 45.24
C PRO J 119 32.68 9.93 46.21
N ALA J 120 33.97 9.89 45.93
CA ALA J 120 34.97 10.50 46.80
C ALA J 120 34.97 12.03 46.67
N GLY J 121 34.40 12.55 45.58
CA GLY J 121 34.25 13.98 45.44
C GLY J 121 35.09 14.61 44.35
N GLU J 122 35.69 13.78 43.49
CA GLU J 122 36.49 14.28 42.39
C GLU J 122 35.68 14.44 41.11
N PRO J 123 35.91 15.55 40.40
CA PRO J 123 35.22 15.70 39.12
C PRO J 123 35.66 14.61 38.14
N LEU J 124 34.72 14.04 37.38
CA LEU J 124 35.09 13.07 36.36
C LEU J 124 35.81 13.80 35.24
N PRO J 125 36.66 13.06 34.47
CA PRO J 125 37.35 13.66 33.33
C PRO J 125 36.38 14.31 32.36
N THR J 126 35.17 13.76 32.23
CA THR J 126 34.17 14.33 31.30
C THR J 126 33.35 15.47 31.92
N ASN J 127 33.60 15.80 33.17
CA ASN J 127 32.98 16.97 33.78
C ASN J 127 33.82 18.19 33.45
N LYS J 128 33.32 19.04 32.55
CA LYS J 128 34.04 20.26 32.17
C LYS J 128 33.57 21.47 32.95
N ARG J 129 32.43 21.37 33.61
CA ARG J 129 31.91 22.50 34.36
C ARG J 129 32.84 22.84 35.53
N TYR J 130 33.43 21.82 36.13
CA TYR J 130 34.24 22.02 37.35
C TYR J 130 35.37 23.04 37.20
N ASN J 131 36.26 22.83 36.23
CA ASN J 131 37.37 23.75 36.02
C ASN J 131 36.88 25.12 35.52
N ALA J 132 35.84 25.12 34.70
CA ALA J 132 35.22 26.36 34.24
C ALA J 132 34.69 27.18 35.42
N ALA J 133 34.10 26.49 36.38
CA ALA J 133 33.54 27.13 37.55
C ALA J 133 34.63 27.80 38.38
N LYS J 134 35.79 27.14 38.46
CA LYS J 134 36.92 27.72 39.20
C LYS J 134 37.35 29.03 38.56
N ILE J 135 37.40 29.04 37.23
CA ILE J 135 37.77 30.25 36.51
C ILE J 135 36.76 31.39 36.73
N PHE J 136 35.47 31.09 36.60
CA PHE J 136 34.44 32.11 36.80
C PHE J 136 34.29 32.53 38.26
N SER J 137 34.78 31.70 39.19
CA SER J 137 34.79 31.98 40.63
C SER J 137 35.97 32.83 41.04
N HIS J 138 37.00 32.87 40.19
CA HIS J 138 38.19 33.67 40.50
C HIS J 138 37.75 35.11 40.64
N PRO J 139 38.15 35.76 41.74
CA PRO J 139 37.72 37.14 42.05
C PRO J 139 38.00 38.12 40.93
N ASP J 140 39.09 37.93 40.20
CA ASP J 140 39.43 38.87 39.15
C ASP J 140 38.53 38.69 37.93
N VAL J 141 38.00 37.48 37.76
CA VAL J 141 37.07 37.18 36.68
C VAL J 141 35.67 37.59 37.10
N ALA J 142 35.30 37.21 38.31
CA ALA J 142 33.98 37.51 38.86
C ALA J 142 33.71 39.01 38.85
N ALA J 143 34.74 39.80 39.13
CA ALA J 143 34.61 41.25 39.18
C ALA J 143 34.36 41.82 37.79
N GLU J 144 34.78 41.09 36.76
CA GLU J 144 34.65 41.59 35.40
C GLU J 144 33.31 41.26 34.75
N VAL J 145 32.47 40.46 35.44
CA VAL J 145 31.13 40.09 34.96
C VAL J 145 31.13 39.72 33.49
N PRO J 146 31.81 38.62 33.14
CA PRO J 146 31.88 38.27 31.72
C PRO J 146 30.53 37.91 31.11
N TRP J 147 30.20 38.52 29.96
CA TRP J 147 29.01 38.17 29.20
C TRP J 147 29.37 37.37 27.95
N TYR J 148 28.54 36.40 27.61
CA TYR J 148 28.75 35.52 26.46
C TYR J 148 27.52 35.54 25.58
N GLY J 149 27.76 35.47 24.28
CA GLY J 149 26.69 35.27 23.32
C GLY J 149 27.11 34.08 22.51
N ILE J 150 26.33 33.02 22.56
CA ILE J 150 26.72 31.79 21.88
C ILE J 150 25.77 31.43 20.75
N GLU J 151 26.34 31.06 19.60
CA GLU J 151 25.58 30.61 18.44
C GLU J 151 25.64 29.09 18.33
N GLN J 152 24.49 28.44 18.37
CA GLN J 152 24.46 27.00 18.24
C GLN J 152 23.82 26.61 16.88
N GLU J 153 24.63 26.11 15.97
CA GLU J 153 24.12 25.60 14.70
C GLU J 153 23.63 24.18 14.94
N TYR J 154 22.63 23.71 14.18
CA TYR J 154 22.22 22.30 14.26
C TYR J 154 21.54 21.81 12.97
N THR J 155 21.46 20.50 12.79
CA THR J 155 20.82 19.93 11.60
C THR J 155 19.75 18.93 12.02
N LEU J 156 18.60 19.01 11.38
CA LEU J 156 17.51 18.07 11.63
C LEU J 156 17.60 16.94 10.59
N LEU J 157 17.67 15.70 11.07
CA LEU J 157 17.92 14.57 10.18
C LEU J 157 16.76 13.58 10.19
N GLN J 158 16.40 13.09 9.01
CA GLN J 158 15.43 12.03 8.86
C GLN J 158 15.88 10.85 9.69
N LYS J 159 14.98 10.32 10.51
CA LYS J 159 15.33 9.22 11.41
C LYS J 159 15.82 7.98 10.66
N ASP J 160 15.15 7.63 9.57
CA ASP J 160 15.49 6.41 8.88
C ASP J 160 16.72 6.54 7.97
N THR J 161 16.87 7.67 7.28
CA THR J 161 17.94 7.79 6.30
C THR J 161 19.18 8.48 6.82
N ASN J 162 18.99 9.27 7.88
CA ASN J 162 20.06 10.09 8.43
C ASN J 162 20.58 11.16 7.49
N TRP J 163 19.77 11.55 6.51
CA TRP J 163 20.07 12.73 5.70
C TRP J 163 19.14 13.86 6.19
N PRO J 164 19.53 15.13 5.96
CA PRO J 164 18.74 16.26 6.49
C PRO J 164 17.32 16.32 5.95
N LEU J 165 16.39 16.85 6.74
CA LEU J 165 15.05 17.14 6.26
C LEU J 165 15.16 18.01 5.01
N GLY J 166 14.38 17.68 3.97
CA GLY J 166 14.38 18.46 2.74
C GLY J 166 15.61 18.32 1.85
N TRP J 167 16.50 17.39 2.19
CA TRP J 167 17.68 17.12 1.36
C TRP J 167 17.18 16.76 -0.05
N PRO J 168 17.68 17.47 -1.07
CA PRO J 168 17.22 17.33 -2.46
C PRO J 168 17.77 16.06 -3.12
N ILE J 169 16.98 15.44 -3.98
CA ILE J 169 17.39 14.23 -4.67
C ILE J 169 18.81 14.28 -5.26
N GLY J 170 19.22 15.43 -5.76
CA GLY J 170 20.52 15.53 -6.39
C GLY J 170 21.69 15.69 -5.45
N GLY J 171 21.40 15.87 -4.16
CA GLY J 171 22.44 15.89 -3.16
C GLY J 171 22.83 17.33 -2.84
N TYR J 172 24.06 17.49 -2.37
CA TYR J 172 24.60 18.78 -1.95
C TYR J 172 24.30 19.92 -2.95
N PRO J 173 23.48 20.89 -2.52
CA PRO J 173 22.94 21.98 -3.35
C PRO J 173 23.86 23.19 -3.57
N GLY J 174 24.86 23.38 -2.71
CA GLY J 174 25.76 24.51 -2.86
C GLY J 174 25.48 25.56 -1.80
N PRO J 175 26.36 26.57 -1.70
CA PRO J 175 26.29 27.61 -0.65
C PRO J 175 25.27 28.72 -0.96
N GLN J 176 24.74 28.72 -2.17
CA GLN J 176 23.81 29.76 -2.60
C GLN J 176 22.47 29.12 -2.91
N GLY J 177 21.50 29.34 -2.05
CA GLY J 177 20.21 28.68 -2.19
C GLY J 177 19.06 29.37 -1.50
N PRO J 178 17.89 28.73 -1.52
CA PRO J 178 16.64 29.29 -1.01
C PRO J 178 16.37 28.91 0.45
N TYR J 179 17.26 28.15 1.07
CA TYR J 179 17.00 27.63 2.42
C TYR J 179 17.31 28.65 3.54
N TYR J 180 18.39 29.39 3.37
CA TYR J 180 18.84 30.38 4.34
C TYR J 180 17.73 31.39 4.61
N CYS J 181 17.25 31.44 5.86
CA CYS J 181 16.17 32.36 6.23
C CYS J 181 14.96 32.28 5.32
N GLY J 182 14.75 31.11 4.73
CA GLY J 182 13.72 30.93 3.73
C GLY J 182 12.33 30.71 4.31
N ILE J 183 11.31 30.83 3.47
CA ILE J 183 9.95 30.49 3.88
C ILE J 183 9.30 29.61 2.82
N GLY J 184 8.34 28.78 3.21
CA GLY J 184 7.67 27.95 2.22
C GLY J 184 7.96 26.47 2.38
N ALA J 185 6.99 25.66 1.97
CA ALA J 185 7.09 24.21 2.13
C ALA J 185 8.32 23.63 1.45
N ASP J 186 8.80 24.27 0.38
CA ASP J 186 9.98 23.78 -0.34
C ASP J 186 11.30 24.39 0.13
N LYS J 187 11.28 25.18 1.18
CA LYS J 187 12.50 25.87 1.58
C LYS J 187 12.82 25.73 3.07
N ALA J 188 11.83 25.90 3.94
CA ALA J 188 12.06 25.80 5.37
C ALA J 188 11.65 24.41 5.83
N TYR J 189 12.60 23.60 6.26
CA TYR J 189 12.27 22.26 6.74
C TYR J 189 12.50 22.15 8.25
N GLY J 190 11.43 21.86 8.98
CA GLY J 190 11.49 21.66 10.41
C GLY J 190 11.16 22.86 11.29
N ARG J 191 10.51 23.89 10.75
CA ARG J 191 10.24 25.11 11.53
C ARG J 191 9.42 24.89 12.83
N ASP J 192 8.52 23.91 12.81
CA ASP J 192 7.71 23.60 13.98
C ASP J 192 8.59 23.26 15.18
N ILE J 193 9.63 22.46 14.95
CA ILE J 193 10.60 22.15 16.00
C ILE J 193 11.33 23.41 16.46
N VAL J 194 11.79 24.20 15.51
CA VAL J 194 12.54 25.40 15.79
C VAL J 194 11.71 26.42 16.60
N ASP J 195 10.46 26.66 16.20
CA ASP J 195 9.58 27.59 16.93
C ASP J 195 9.16 27.05 18.29
N ALA J 196 8.97 25.73 18.40
CA ALA J 196 8.67 25.11 19.69
C ALA J 196 9.81 25.36 20.66
N HIS J 197 11.03 25.17 20.13
CA HIS J 197 12.25 25.31 20.92
C HIS J 197 12.48 26.73 21.40
N TYR J 198 12.26 27.70 20.52
CA TYR J 198 12.41 29.11 20.85
C TYR J 198 11.54 29.46 22.07
N LYS J 199 10.24 29.13 21.98
CA LYS J 199 9.33 29.38 23.09
C LYS J 199 9.63 28.54 24.34
N ALA J 200 10.00 27.28 24.15
CA ALA J 200 10.34 26.39 25.25
C ALA J 200 11.53 26.94 26.04
N CYS J 201 12.53 27.43 25.32
CA CYS J 201 13.70 28.04 25.94
C CYS J 201 13.37 29.34 26.69
N LEU J 202 12.54 30.19 26.09
CA LEU J 202 12.12 31.41 26.80
C LEU J 202 11.34 31.05 28.06
N TYR J 203 10.41 30.12 27.93
CA TYR J 203 9.62 29.68 29.06
C TYR J 203 10.50 29.16 30.19
N ALA J 204 11.55 28.43 29.82
CA ALA J 204 12.41 27.76 30.79
C ALA J 204 13.30 28.71 31.59
N GLY J 205 13.57 29.87 31.01
CA GLY J 205 14.44 30.86 31.63
C GLY J 205 15.79 30.99 30.95
N ILE J 206 15.90 30.43 29.75
CA ILE J 206 17.11 30.57 28.97
C ILE J 206 17.07 31.91 28.18
N ASN J 207 18.20 32.62 28.15
CA ASN J 207 18.27 33.88 27.42
C ASN J 207 18.45 33.67 25.91
N ILE J 208 17.52 32.98 25.29
CA ILE J 208 17.61 32.76 23.85
C ILE J 208 17.28 34.08 23.14
N SER J 209 18.18 34.52 22.29
CA SER J 209 18.08 35.86 21.75
C SER J 209 17.65 35.88 20.29
N GLY J 210 17.60 34.71 19.64
CA GLY J 210 17.14 34.65 18.26
C GLY J 210 17.33 33.31 17.58
N ILE J 211 16.78 33.17 16.37
CA ILE J 211 16.91 31.93 15.59
C ILE J 211 16.98 32.26 14.10
N ASN J 212 17.52 31.35 13.30
CA ASN J 212 17.44 31.52 11.85
C ASN J 212 17.63 30.22 11.09
N GLY J 213 16.95 30.08 9.96
CA GLY J 213 17.24 28.99 9.03
C GLY J 213 18.60 29.18 8.38
N GLU J 214 19.36 28.09 8.30
CA GLU J 214 20.71 28.18 7.74
C GLU J 214 20.79 27.71 6.28
N VAL J 215 21.99 27.70 5.74
CA VAL J 215 22.25 27.51 4.31
C VAL J 215 21.81 26.16 3.77
N MET J 216 21.95 25.11 4.57
CA MET J 216 21.54 23.77 4.19
C MET J 216 20.11 23.51 4.60
N PRO J 217 19.40 22.68 3.83
CA PRO J 217 18.05 22.26 4.19
C PRO J 217 18.10 21.54 5.54
N GLY J 218 17.10 21.76 6.38
CA GLY J 218 17.04 21.09 7.68
C GLY J 218 18.06 21.63 8.67
N GLN J 219 18.82 22.65 8.27
CA GLN J 219 19.85 23.24 9.11
C GLN J 219 19.39 24.59 9.67
N TRP J 220 19.60 24.78 10.95
CA TRP J 220 19.12 25.96 11.64
C TRP J 220 20.14 26.45 12.66
N GLU J 221 19.89 27.63 13.23
CA GLU J 221 20.72 28.13 14.31
C GLU J 221 19.89 28.86 15.35
N PHE J 222 20.27 28.73 16.63
CA PHE J 222 19.75 29.62 17.66
C PHE J 222 20.90 30.33 18.39
N GLN J 223 20.62 31.52 18.92
CA GLN J 223 21.62 32.28 19.65
C GLN J 223 21.18 32.44 21.11
N VAL J 224 22.14 32.35 22.03
CA VAL J 224 21.80 32.55 23.45
C VAL J 224 22.68 33.63 24.06
N GLY J 225 22.06 34.56 24.80
CA GLY J 225 22.81 35.62 25.45
C GLY J 225 22.21 37.01 25.38
N PRO J 226 22.79 37.97 26.14
CA PRO J 226 23.96 37.77 27.02
C PRO J 226 23.70 36.89 28.24
N SER J 227 24.69 36.04 28.53
CA SER J 227 24.61 35.16 29.68
C SER J 227 25.88 35.33 30.50
N VAL J 228 25.71 35.42 31.81
CA VAL J 228 26.82 35.72 32.71
C VAL J 228 27.67 34.52 33.10
N GLY J 229 28.98 34.61 32.85
CA GLY J 229 29.93 33.65 33.37
C GLY J 229 29.56 32.21 33.12
N ILE J 230 29.48 31.45 34.21
CA ILE J 230 29.24 30.01 34.20
C ILE J 230 27.86 29.67 33.67
N SER J 231 26.95 30.64 33.72
CA SER J 231 25.59 30.41 33.22
C SER J 231 25.49 30.31 31.70
N ALA J 232 26.46 30.84 30.97
CA ALA J 232 26.40 30.67 29.52
C ALA J 232 26.39 29.18 29.20
N GLY J 233 27.33 28.45 29.81
CA GLY J 233 27.44 27.02 29.57
C GLY J 233 26.25 26.23 30.08
N ASP J 234 25.78 26.57 31.27
CA ASP J 234 24.59 25.93 31.83
C ASP J 234 23.40 26.13 30.89
N GLU J 235 23.25 27.35 30.38
CA GLU J 235 22.13 27.67 29.50
C GLU J 235 22.25 26.93 28.14
N ILE J 236 23.45 26.89 27.57
CA ILE J 236 23.61 26.24 26.27
C ILE J 236 23.28 24.78 26.42
N TRP J 237 23.77 24.15 27.49
CA TRP J 237 23.44 22.74 27.72
C TRP J 237 21.94 22.52 27.94
N ALA J 238 21.28 23.41 28.67
CA ALA J 238 19.83 23.28 28.85
C ALA J 238 19.09 23.41 27.50
N ALA J 239 19.57 24.31 26.66
CA ALA J 239 18.99 24.54 25.34
C ALA J 239 19.14 23.32 24.41
N ARG J 240 20.31 22.69 24.45
CA ARG J 240 20.54 21.47 23.69
C ARG J 240 19.61 20.36 24.18
N TYR J 241 19.46 20.30 25.50
CA TYR J 241 18.57 19.31 26.10
C TYR J 241 17.14 19.49 25.60
N ILE J 242 16.65 20.72 25.71
CA ILE J 242 15.29 21.04 25.30
C ILE J 242 15.08 20.75 23.81
N LEU J 243 16.06 21.12 22.97
CA LEU J 243 15.92 20.86 21.53
C LEU J 243 15.80 19.36 21.27
N GLU J 244 16.64 18.55 21.91
CA GLU J 244 16.63 17.13 21.58
C GLU J 244 15.40 16.43 22.15
N ARG J 245 14.85 16.95 23.24
CA ARG J 245 13.57 16.45 23.72
C ARG J 245 12.48 16.77 22.69
N ILE J 246 12.60 17.92 22.03
CA ILE J 246 11.59 18.30 21.04
C ILE J 246 11.69 17.49 19.74
N THR J 247 12.91 17.23 19.27
CA THR J 247 13.09 16.39 18.10
C THR J 247 12.63 14.97 18.38
N GLU J 248 12.81 14.54 19.63
CA GLU J 248 12.29 13.25 20.06
C GLU J 248 10.78 13.21 19.88
N ILE J 249 10.09 14.26 20.32
CA ILE J 249 8.64 14.36 20.13
C ILE J 249 8.31 14.32 18.64
N ALA J 250 9.08 15.04 17.82
CA ALA J 250 8.78 15.11 16.38
C ALA J 250 9.20 13.87 15.60
N GLY J 251 9.95 12.96 16.22
CA GLY J 251 10.42 11.77 15.53
C GLY J 251 11.53 12.06 14.52
N VAL J 252 12.37 13.04 14.84
CA VAL J 252 13.45 13.49 14.00
C VAL J 252 14.75 13.36 14.81
N VAL J 253 15.88 13.13 14.14
CA VAL J 253 17.18 13.08 14.85
C VAL J 253 17.84 14.46 14.74
N VAL J 254 18.57 14.86 15.78
CA VAL J 254 19.31 16.14 15.72
C VAL J 254 20.82 15.92 15.84
N SER J 255 21.59 16.70 15.08
CA SER J 255 23.05 16.71 15.19
C SER J 255 23.60 18.12 15.42
N PHE J 256 24.53 18.25 16.36
CA PHE J 256 25.22 19.51 16.60
C PHE J 256 26.61 19.45 15.98
N ASP J 257 26.87 18.38 15.25
CA ASP J 257 28.15 18.21 14.60
C ASP J 257 28.22 19.16 13.41
N PRO J 258 29.30 19.94 13.29
CA PRO J 258 29.55 20.84 12.16
C PRO J 258 29.55 20.12 10.80
N LYS J 259 29.81 18.82 10.84
CA LYS J 259 29.83 18.01 9.63
C LYS J 259 28.97 16.77 9.86
N PRO J 260 27.65 16.94 9.77
CA PRO J 260 26.73 15.88 10.19
C PRO J 260 26.48 14.79 9.16
N ILE J 261 26.93 14.99 7.93
CA ILE J 261 26.74 13.99 6.89
C ILE J 261 28.00 13.90 6.06
N PRO J 262 28.17 12.77 5.33
CA PRO J 262 29.30 12.70 4.41
C PRO J 262 29.12 13.65 3.24
N GLY J 263 30.19 13.85 2.47
CA GLY J 263 30.10 14.68 1.28
C GLY J 263 30.25 16.15 1.60
N ASP J 264 30.04 17.00 0.60
CA ASP J 264 30.12 18.44 0.76
C ASP J 264 29.04 18.93 1.70
N TRP J 265 29.34 20.02 2.41
CA TRP J 265 28.45 20.55 3.42
C TRP J 265 28.96 21.93 3.85
N ASN J 266 28.02 22.85 4.04
CA ASN J 266 28.31 24.17 4.58
C ASN J 266 27.83 24.25 6.03
N GLY J 267 28.76 24.36 6.96
CA GLY J 267 28.35 24.63 8.31
C GLY J 267 28.91 26.00 8.62
N ALA J 268 28.35 26.67 9.62
CA ALA J 268 28.91 27.93 10.05
C ALA J 268 29.89 27.52 11.14
N GLY J 269 29.46 27.59 12.39
CA GLY J 269 30.29 27.14 13.48
C GLY J 269 29.69 27.50 14.82
N ALA J 270 30.55 27.94 15.73
CA ALA J 270 30.09 28.46 17.00
C ALA J 270 30.90 29.66 17.41
N HIS J 271 30.53 30.83 16.91
CA HIS J 271 31.23 32.04 17.34
C HIS J 271 30.72 32.40 18.72
N THR J 272 31.61 32.92 19.53
CA THR J 272 31.28 33.26 20.90
C THR J 272 31.59 34.73 21.06
N ASN J 273 30.59 35.51 21.43
CA ASN J 273 30.77 36.91 21.69
C ASN J 273 31.06 37.07 23.18
N TYR J 274 31.92 38.02 23.52
CA TYR J 274 32.44 38.11 24.87
C TYR J 274 32.67 39.56 25.26
N SER J 275 32.22 39.93 26.46
CA SER J 275 32.54 41.25 26.96
C SER J 275 32.63 41.26 28.47
N THR J 276 33.52 42.10 28.97
CA THR J 276 33.70 42.29 30.38
C THR J 276 33.08 43.60 30.80
N LYS J 277 32.87 43.75 32.10
CA LYS J 277 32.36 44.99 32.69
C LYS J 277 33.15 46.22 32.20
N SER J 278 34.46 46.08 32.16
CA SER J 278 35.36 47.15 31.72
C SER J 278 35.18 47.52 30.26
N MET J 279 34.94 46.51 29.42
CA MET J 279 34.73 46.75 28.00
C MET J 279 33.45 47.54 27.80
N ARG J 280 32.47 47.30 28.66
CA ARG J 280 31.16 47.93 28.51
C ARG J 280 31.08 49.36 29.03
N GLU J 281 32.12 49.82 29.74
CA GLU J 281 32.10 51.18 30.28
C GLU J 281 32.95 52.11 29.41
N ASN J 282 33.34 53.26 29.96
CA ASN J 282 34.15 54.21 29.19
C ASN J 282 35.64 53.90 29.27
N GLY J 283 36.35 53.87 28.14
CA GLY J 283 35.73 53.79 26.83
C GLY J 283 35.63 52.32 26.43
N GLY J 284 36.52 51.50 27.00
CA GLY J 284 36.51 50.07 26.78
C GLY J 284 37.28 49.60 25.56
N TYR J 285 37.21 50.39 24.49
CA TYR J 285 37.93 50.12 23.24
C TYR J 285 39.37 49.66 23.49
N GLU J 286 39.99 50.23 24.52
CA GLU J 286 41.37 49.91 24.88
C GLU J 286 41.43 48.52 25.50
N ILE J 287 40.45 48.21 26.34
CA ILE J 287 40.34 46.91 26.97
C ILE J 287 40.11 45.85 25.88
N ILE J 288 39.30 46.20 24.89
CA ILE J 288 39.00 45.32 23.76
C ILE J 288 40.27 45.02 22.98
N LYS J 289 41.08 46.06 22.77
CA LYS J 289 42.33 45.93 22.04
C LYS J 289 43.28 44.91 22.68
N LYS J 290 43.49 45.03 23.98
CA LYS J 290 44.36 44.10 24.70
C LYS J 290 43.82 42.67 24.77
N ALA J 291 42.53 42.55 25.00
CA ALA J 291 41.89 41.23 25.04
C ALA J 291 42.11 40.49 23.73
N ILE J 292 41.90 41.20 22.63
CA ILE J 292 42.13 40.63 21.31
C ILE J 292 43.57 40.17 21.12
N GLU J 293 44.52 40.98 21.57
CA GLU J 293 45.93 40.58 21.50
C GLU J 293 46.23 39.32 22.29
N LYS J 294 45.74 39.23 23.52
CA LYS J 294 46.01 38.03 24.31
C LYS J 294 45.39 36.79 23.67
N LEU J 295 44.18 36.91 23.13
CA LEU J 295 43.54 35.80 22.44
C LEU J 295 44.37 35.33 21.25
N GLY J 296 44.92 36.29 20.50
CA GLY J 296 45.73 35.95 19.34
C GLY J 296 47.00 35.25 19.76
N LEU J 297 47.61 35.73 20.85
CA LEU J 297 48.84 35.18 21.36
C LEU J 297 48.74 33.74 21.89
N ARG J 298 47.58 33.38 22.41
CA ARG J 298 47.41 32.09 23.11
C ARG J 298 46.66 31.05 22.30
N GLY J 349 32.10 48.05 23.09
CA GLY J 349 30.97 47.14 23.19
C GLY J 349 31.40 45.77 23.63
N TYR J 350 31.59 44.87 22.67
CA TYR J 350 32.00 43.50 22.94
C TYR J 350 32.86 42.99 21.79
N PHE J 351 33.28 41.72 21.83
CA PHE J 351 33.95 41.16 20.66
C PHE J 351 33.69 39.67 20.39
N GLU J 352 33.91 39.25 19.15
CA GLU J 352 33.56 37.92 18.66
C GLU J 352 34.78 37.01 18.54
N ASP J 353 34.63 35.77 18.99
CA ASP J 353 35.70 34.78 18.95
C ASP J 353 35.36 33.62 18.01
N ARG J 354 36.26 33.39 17.07
CA ARG J 354 36.00 32.53 15.93
C ARG J 354 36.51 31.10 16.15
N ASN J 359 30.61 21.41 17.82
CA ASN J 359 30.20 20.50 18.86
C ASN J 359 30.97 20.64 20.19
N MET J 360 31.80 21.68 20.29
CA MET J 360 32.62 21.85 21.48
C MET J 360 31.78 22.11 22.73
N ASP J 361 32.40 21.88 23.88
CA ASP J 361 31.76 22.11 25.16
C ASP J 361 31.86 23.58 25.54
N PRO J 362 30.71 24.25 25.63
CA PRO J 362 30.62 25.68 25.98
C PRO J 362 31.30 26.05 27.29
N TYR J 363 31.35 25.13 28.25
CA TYR J 363 32.06 25.40 29.50
C TYR J 363 33.54 25.66 29.24
N VAL J 364 34.11 24.87 28.34
CA VAL J 364 35.51 25.01 27.99
C VAL J 364 35.76 26.32 27.24
N VAL J 365 35.00 26.52 26.15
CA VAL J 365 35.16 27.68 25.28
C VAL J 365 35.04 29.01 26.03
N THR J 366 33.96 29.16 26.78
CA THR J 366 33.72 30.43 27.46
C THR J 366 34.78 30.69 28.56
N SER J 367 35.08 29.67 29.35
CA SER J 367 36.00 29.88 30.49
C SER J 367 37.42 30.16 30.00
N MET J 368 37.80 29.53 28.89
CA MET J 368 39.12 29.75 28.32
C MET J 368 39.27 31.18 27.86
N ILE J 369 38.19 31.76 27.34
CA ILE J 369 38.21 33.14 26.94
C ILE J 369 38.40 34.06 28.16
N ALA J 370 37.67 33.77 29.23
CA ALA J 370 37.81 34.57 30.46
C ALA J 370 39.22 34.44 31.02
N GLU J 371 39.72 33.22 31.08
CA GLU J 371 41.05 32.98 31.62
C GLU J 371 42.14 33.68 30.81
N THR J 372 42.10 33.52 29.48
CA THR J 372 43.13 34.10 28.62
C THR J 372 43.23 35.62 28.76
N THR J 373 42.08 36.28 28.92
CA THR J 373 42.07 37.74 28.94
C THR J 373 42.11 38.35 30.33
N LEU J 374 41.90 37.55 31.37
CA LEU J 374 41.83 38.12 32.73
C LEU J 374 42.82 37.53 33.73
N LEU J 375 43.29 36.30 33.50
CA LEU J 375 44.12 35.61 34.49
C LEU J 375 45.52 35.29 33.98
N TRP J 376 45.63 35.03 32.69
CA TRP J 376 46.88 34.61 32.08
C TRP J 376 47.93 35.72 32.05
N LYS J 377 49.19 35.34 32.27
CA LYS J 377 50.28 36.31 32.29
C LYS J 377 51.32 35.86 31.28
N PRO J 378 51.46 36.61 30.17
CA PRO J 378 52.38 36.23 29.09
C PRO J 378 53.86 36.40 29.45
#